data_6HZ9
#
_entry.id   6HZ9
#
_cell.length_a   1
_cell.length_b   1
_cell.length_c   1
_cell.angle_alpha   90
_cell.angle_beta   90
_cell.angle_gamma   90
#
_symmetry.space_group_name_H-M   'P 1'
#
loop_
_entity.id
_entity.type
_entity.pdbx_description
1 polymer '5-methylcytosine-specific restriction enzyme B'
2 polymer 'Protein McrC'
3 non-polymer 'PHOSPHOAMINOPHOSPHONIC ACID-GUANYLATE ESTER'
4 non-polymer 'MAGNESIUM ION'
5 non-polymer "GUANOSINE-5'-DIPHOSPHATE"
#
loop_
_entity_poly.entity_id
_entity_poly.type
_entity_poly.pdbx_seq_one_letter_code
_entity_poly.pdbx_strand_id
1 'polypeptide(L)'
;MSKTESYCLEDALNDLFIPETTIETILKRLTIKKNIILQGPPGVGKTFVARRLAYLLTGEKAPQRVNMVQFHQSYSYEDF
IQGYRPNGVGFRRKDGIFYNFCQQAKEQPEKKYIFIIDEINRANLSKVFGEVMMLMEHDKRGENWSVPLTYSENDEERFY
VPENVYIIGLMNTADRSLAVVDYALRRRFSFIDIEPGFDTPQFRNFLLNKKAEPSFVESLCQKMNELNQEISKEATILGK
GFRIGHSYFCCGLEDGTSPDTQWLNEIVMTDIAPLLEEYFFDDPYKQQKWTNKLLGDSSGSHHHHHH
;
A,B,C,D,E,F,G,H,I,J,K,L
2 'polypeptide(L)'
;MEQPVIPVRNIYYMLTYAWGYLQEIKQANLEAIPGNNLLDILGYVLNKGVLQLSRRGLELDYNPNTEIIPGIKGRIEFAK
TIRGFHLNHGKTVSTFDMLNEDTLANRIIKSTLAILIKHEKLNSTIRDEARSLYRKLPGISTLHLTPQHFSYLNGGKNTR
YYKFVISVCKFIVNNSIPGQNKGHYRFYDFERNEKEMSLLYQKFLYEFCRRELTSANTTRSYLKWDASSISDQSLNLLPR
METDITIRSSEKILIVDAKYYKSIFSRRMGTEKFHSQNLYQLMNYLWSLKPENGENIGGLLIYPHVDTAVKHRYKINGFD
IGLCTVNLGQEWPCIHQELLDIFDEYLK
;
M,N
#
loop_
_chem_comp.id
_chem_comp.type
_chem_comp.name
_chem_comp.formula
GDP RNA linking GUANOSINE-5'-DIPHOSPHATE 'C10 H15 N5 O11 P2'
GNP non-polymer 'PHOSPHOAMINOPHOSPHONIC ACID-GUANYLATE ESTER' 'C10 H17 N6 O13 P3'
MG non-polymer 'MAGNESIUM ION' 'Mg 2'
#
# COMPACT_ATOMS: atom_id res chain seq x y z
N TYR A 7 -43.54 20.60 -40.62
CA TYR A 7 -42.11 20.40 -40.58
C TYR A 7 -41.81 18.96 -40.17
N CYS A 8 -41.62 18.10 -41.17
CA CYS A 8 -41.44 16.68 -40.90
C CYS A 8 -40.08 16.39 -40.29
N LEU A 9 -40.05 15.43 -39.36
CA LEU A 9 -38.80 14.98 -38.79
C LEU A 9 -37.90 14.36 -39.86
N GLU A 10 -38.51 13.71 -40.85
CA GLU A 10 -37.74 12.97 -41.86
C GLU A 10 -36.76 13.89 -42.59
N ASP A 11 -37.20 15.09 -42.95
CA ASP A 11 -36.27 16.08 -43.49
C ASP A 11 -35.23 16.42 -42.43
N ALA A 12 -35.68 16.55 -41.19
CA ALA A 12 -34.80 17.00 -40.11
C ALA A 12 -33.76 15.95 -39.77
N LEU A 13 -34.20 14.71 -39.54
CA LEU A 13 -33.40 13.70 -38.86
C LEU A 13 -32.69 12.71 -39.78
N ASN A 14 -33.11 12.59 -41.04
CA ASN A 14 -32.49 11.61 -41.92
C ASN A 14 -31.02 11.93 -42.18
N ASP A 15 -30.75 13.14 -42.66
CA ASP A 15 -29.37 13.54 -42.95
C ASP A 15 -28.46 13.48 -41.74
N LEU A 16 -28.99 13.72 -40.55
CA LEU A 16 -28.16 13.90 -39.38
C LEU A 16 -27.37 12.66 -39.00
N PHE A 17 -26.18 12.89 -38.46
CA PHE A 17 -25.31 11.84 -37.97
C PHE A 17 -25.64 11.46 -36.53
N ILE A 18 -26.33 12.32 -35.81
CA ILE A 18 -26.57 12.14 -34.37
C ILE A 18 -27.58 11.02 -34.17
N PRO A 19 -27.48 10.21 -33.10
CA PRO A 19 -28.54 9.25 -32.81
C PRO A 19 -29.86 9.96 -32.53
N GLU A 20 -30.95 9.34 -32.98
CA GLU A 20 -32.28 9.87 -32.67
C GLU A 20 -32.58 9.89 -31.18
N THR A 21 -31.83 9.12 -30.38
CA THR A 21 -32.08 9.10 -28.94
C THR A 21 -31.76 10.45 -28.32
N THR A 22 -30.60 11.00 -28.65
CA THR A 22 -30.13 12.19 -27.95
C THR A 22 -30.95 13.42 -28.34
N ILE A 23 -31.31 13.53 -29.62
CA ILE A 23 -32.15 14.65 -30.05
C ILE A 23 -33.50 14.61 -29.36
N GLU A 24 -34.05 13.40 -29.18
CA GLU A 24 -35.30 13.29 -28.46
C GLU A 24 -35.12 13.71 -27.01
N THR A 25 -34.04 13.23 -26.39
CA THR A 25 -33.72 13.64 -25.04
C THR A 25 -33.57 15.15 -24.97
N ILE A 26 -32.95 15.73 -25.99
CA ILE A 26 -32.83 17.17 -26.08
C ILE A 26 -34.20 17.82 -26.19
N LEU A 27 -35.10 17.23 -26.97
CA LEU A 27 -36.42 17.81 -27.14
C LEU A 27 -37.21 17.75 -25.85
N LYS A 28 -36.97 16.73 -25.04
CA LYS A 28 -37.64 16.61 -23.75
C LYS A 28 -37.32 17.79 -22.87
N ARG A 29 -36.04 17.96 -22.56
CA ARG A 29 -35.61 18.97 -21.62
C ARG A 29 -35.91 20.37 -22.12
N LEU A 30 -35.95 20.53 -23.44
CA LEU A 30 -36.16 21.85 -24.02
C LEU A 30 -37.57 22.34 -23.77
N THR A 31 -38.55 21.46 -23.90
CA THR A 31 -39.91 21.83 -23.50
C THR A 31 -39.97 22.01 -21.99
N ILE A 32 -39.20 21.21 -21.26
CA ILE A 32 -39.25 21.22 -19.81
C ILE A 32 -38.64 22.51 -19.27
N LYS A 33 -37.37 22.74 -19.59
CA LYS A 33 -36.58 23.78 -18.96
C LYS A 33 -36.41 25.02 -19.83
N LYS A 34 -36.41 24.88 -21.15
CA LYS A 34 -36.39 26.00 -22.08
C LYS A 34 -35.07 26.75 -22.12
N ASN A 35 -34.08 26.36 -21.32
CA ASN A 35 -32.76 26.97 -21.32
C ASN A 35 -31.76 25.84 -21.46
N ILE A 36 -31.13 25.74 -22.62
CA ILE A 36 -30.35 24.58 -22.98
C ILE A 36 -29.04 25.03 -23.60
N ILE A 37 -27.99 24.24 -23.36
CA ILE A 37 -26.68 24.47 -23.96
C ILE A 37 -26.17 23.19 -24.60
N LEU A 38 -25.75 23.29 -25.85
CA LEU A 38 -25.09 22.21 -26.56
C LEU A 38 -23.58 22.39 -26.46
N GLN A 39 -22.92 21.44 -25.80
CA GLN A 39 -21.51 21.53 -25.46
C GLN A 39 -20.73 20.50 -26.28
N GLY A 40 -20.05 20.95 -27.33
CA GLY A 40 -19.19 20.06 -28.09
C GLY A 40 -18.17 20.77 -28.95
N PRO A 41 -17.16 20.04 -29.42
CA PRO A 41 -16.12 20.67 -30.24
C PRO A 41 -16.68 21.17 -31.56
N PRO A 42 -15.97 22.06 -32.22
CA PRO A 42 -16.46 22.62 -33.49
C PRO A 42 -16.43 21.60 -34.61
N GLY A 43 -17.44 21.64 -35.45
CA GLY A 43 -17.54 20.76 -36.58
C GLY A 43 -18.37 19.52 -36.37
N VAL A 44 -19.26 19.53 -35.39
CA VAL A 44 -20.18 18.43 -35.13
C VAL A 44 -21.62 18.85 -35.37
N GLY A 45 -21.83 20.01 -35.99
CA GLY A 45 -23.17 20.42 -36.38
C GLY A 45 -23.96 21.06 -35.28
N LYS A 46 -23.31 21.60 -34.26
CA LYS A 46 -24.03 22.28 -33.19
C LYS A 46 -24.85 23.43 -33.77
N THR A 47 -24.21 24.25 -34.59
CA THR A 47 -24.93 25.31 -35.27
C THR A 47 -25.89 24.72 -36.29
N PHE A 48 -25.54 23.57 -36.86
CA PHE A 48 -26.34 22.96 -37.90
C PHE A 48 -27.68 22.47 -37.37
N VAL A 49 -27.67 21.75 -36.24
CA VAL A 49 -28.89 21.17 -35.72
C VAL A 49 -29.85 22.25 -35.25
N ALA A 50 -29.34 23.29 -34.60
CA ALA A 50 -30.18 24.21 -33.85
C ALA A 50 -31.18 24.92 -34.75
N ARG A 51 -30.76 25.24 -35.98
CA ARG A 51 -31.70 25.85 -36.90
C ARG A 51 -32.83 24.89 -37.24
N ARG A 52 -32.50 23.61 -37.38
CA ARG A 52 -33.54 22.62 -37.62
C ARG A 52 -34.40 22.42 -36.39
N LEU A 53 -33.76 22.37 -35.22
CA LEU A 53 -34.48 22.07 -33.99
C LEU A 53 -35.57 23.09 -33.71
N ALA A 54 -35.32 24.35 -34.02
CA ALA A 54 -36.33 25.37 -33.79
C ALA A 54 -37.57 25.09 -34.61
N TYR A 55 -37.37 24.72 -35.87
CA TYR A 55 -38.49 24.42 -36.75
C TYR A 55 -39.17 23.11 -36.37
N LEU A 56 -38.44 22.18 -35.75
CA LEU A 56 -39.07 20.98 -35.22
C LEU A 56 -40.15 21.32 -34.21
N LEU A 57 -39.78 22.11 -33.21
CA LEU A 57 -40.69 22.41 -32.12
C LEU A 57 -41.90 23.18 -32.61
N THR A 58 -41.67 24.24 -33.39
CA THR A 58 -42.79 24.96 -33.95
C THR A 58 -43.58 24.10 -34.93
N GLY A 59 -42.92 23.14 -35.58
CA GLY A 59 -43.58 22.34 -36.58
C GLY A 59 -43.65 23.00 -37.93
N GLU A 60 -43.00 24.14 -38.10
CA GLU A 60 -43.07 24.92 -39.33
C GLU A 60 -41.73 25.59 -39.55
N LYS A 61 -41.47 25.95 -40.81
CA LYS A 61 -40.32 26.75 -41.18
C LYS A 61 -40.77 28.20 -41.11
N ALA A 62 -40.51 28.86 -39.99
CA ALA A 62 -40.88 30.25 -39.80
C ALA A 62 -39.66 31.04 -39.33
N PRO A 63 -39.20 32.06 -40.05
CA PRO A 63 -38.08 32.85 -39.54
C PRO A 63 -38.47 33.76 -38.39
N GLN A 64 -39.69 34.29 -38.42
CA GLN A 64 -40.09 35.28 -37.41
C GLN A 64 -40.02 34.70 -36.01
N ARG A 65 -40.47 33.46 -35.83
CA ARG A 65 -40.53 32.83 -34.52
C ARG A 65 -39.17 32.35 -34.03
N VAL A 66 -38.14 32.37 -34.87
CA VAL A 66 -36.84 31.81 -34.55
C VAL A 66 -35.79 32.89 -34.76
N ASN A 67 -34.92 33.08 -33.76
CA ASN A 67 -33.87 34.07 -33.85
C ASN A 67 -32.51 33.48 -33.48
N MET A 68 -31.50 33.91 -34.21
CA MET A 68 -30.13 33.43 -34.12
C MET A 68 -29.18 34.58 -33.90
N VAL A 69 -28.22 34.38 -32.99
CA VAL A 69 -27.16 35.34 -32.76
C VAL A 69 -25.91 34.61 -32.33
N GLN A 70 -24.77 35.27 -32.51
CA GLN A 70 -23.48 34.81 -31.99
C GLN A 70 -22.94 35.87 -31.06
N PHE A 71 -22.54 35.45 -29.86
CA PHE A 71 -22.01 36.34 -28.86
C PHE A 71 -20.51 36.57 -29.05
N HIS A 72 -20.09 37.76 -28.66
CA HIS A 72 -18.69 38.15 -28.68
C HIS A 72 -18.52 39.28 -27.69
N GLN A 73 -17.26 39.66 -27.47
CA GLN A 73 -16.94 40.58 -26.39
C GLN A 73 -17.64 41.92 -26.53
N SER A 74 -17.82 42.39 -27.76
CA SER A 74 -18.49 43.67 -27.96
C SER A 74 -19.98 43.60 -27.66
N TYR A 75 -20.58 42.42 -27.72
CA TYR A 75 -22.00 42.29 -27.43
C TYR A 75 -22.27 42.67 -25.98
N SER A 76 -23.33 43.45 -25.78
CA SER A 76 -23.60 44.02 -24.47
C SER A 76 -25.10 44.12 -24.21
N TYR A 77 -25.42 44.45 -22.96
CA TYR A 77 -26.79 44.64 -22.54
C TYR A 77 -27.48 45.69 -23.39
N GLU A 78 -26.79 46.79 -23.66
CA GLU A 78 -27.42 47.95 -24.26
C GLU A 78 -27.88 47.67 -25.68
N ASP A 79 -27.27 46.70 -26.34
CA ASP A 79 -27.68 46.27 -27.67
C ASP A 79 -28.61 45.08 -27.58
N PHE A 80 -28.31 44.17 -26.67
CA PHE A 80 -29.10 42.97 -26.50
C PHE A 80 -30.50 43.29 -26.05
N ILE A 81 -30.61 44.02 -24.94
CA ILE A 81 -31.89 44.23 -24.26
C ILE A 81 -32.44 45.63 -24.51
N GLN A 82 -31.79 46.64 -23.94
CA GLN A 82 -32.22 48.01 -24.12
C GLN A 82 -31.08 48.92 -23.75
N GLY A 83 -31.06 50.09 -24.38
CA GLY A 83 -29.97 51.02 -24.18
C GLY A 83 -30.20 52.24 -25.04
N TYR A 84 -29.29 53.19 -24.91
CA TYR A 84 -29.39 54.48 -25.58
C TYR A 84 -28.39 54.56 -26.73
N ARG A 85 -28.89 54.95 -27.90
CA ARG A 85 -28.10 55.11 -29.09
C ARG A 85 -27.98 56.59 -29.43
N PRO A 86 -26.81 57.09 -29.82
CA PRO A 86 -26.72 58.52 -30.13
C PRO A 86 -27.53 58.88 -31.36
N ASN A 87 -28.17 60.03 -31.27
CA ASN A 87 -28.66 60.77 -32.42
C ASN A 87 -27.49 61.63 -32.87
N GLY A 88 -27.73 62.65 -33.69
CA GLY A 88 -26.66 63.55 -34.07
C GLY A 88 -25.94 64.13 -32.86
N VAL A 89 -26.68 64.43 -31.80
CA VAL A 89 -26.10 64.79 -30.51
C VAL A 89 -26.79 63.98 -29.42
N GLY A 90 -28.12 63.98 -29.42
CA GLY A 90 -28.87 63.43 -28.31
C GLY A 90 -28.80 61.92 -28.26
N PHE A 91 -29.22 61.37 -27.12
CA PHE A 91 -29.22 59.93 -26.88
C PHE A 91 -30.66 59.44 -26.87
N ARG A 92 -30.97 58.49 -27.75
CA ARG A 92 -32.31 57.92 -27.85
C ARG A 92 -32.29 56.48 -27.37
N ARG A 93 -33.27 56.10 -26.57
CA ARG A 93 -33.39 54.71 -26.18
C ARG A 93 -33.84 53.87 -27.36
N LYS A 94 -33.39 52.61 -27.37
CA LYS A 94 -33.71 51.68 -28.45
C LYS A 94 -34.01 50.32 -27.87
N ASP A 95 -35.12 49.74 -28.31
CA ASP A 95 -35.44 48.37 -27.92
C ASP A 95 -34.39 47.43 -28.50
N GLY A 96 -33.82 46.60 -27.64
CA GLY A 96 -32.85 45.63 -28.09
C GLY A 96 -33.53 44.41 -28.68
N ILE A 97 -32.68 43.47 -29.08
CA ILE A 97 -33.16 42.27 -29.78
C ILE A 97 -34.11 41.49 -28.89
N PHE A 98 -33.63 41.06 -27.74
CA PHE A 98 -34.40 40.15 -26.90
C PHE A 98 -35.70 40.79 -26.46
N TYR A 99 -35.66 42.09 -26.16
CA TYR A 99 -36.88 42.82 -25.85
C TYR A 99 -37.82 42.83 -27.04
N ASN A 100 -37.29 43.17 -28.21
CA ASN A 100 -38.11 43.16 -29.41
C ASN A 100 -38.56 41.76 -29.74
N PHE A 101 -37.69 40.78 -29.50
CA PHE A 101 -37.99 39.41 -29.87
C PHE A 101 -39.11 38.84 -29.00
N CYS A 102 -39.02 39.05 -27.69
CA CYS A 102 -40.03 38.52 -26.77
C CYS A 102 -41.39 39.14 -27.03
N GLN A 103 -41.44 40.45 -27.29
CA GLN A 103 -42.70 41.12 -27.57
C GLN A 103 -43.45 40.46 -28.72
N GLN A 104 -42.74 39.94 -29.71
CA GLN A 104 -43.40 39.12 -30.71
C GLN A 104 -43.97 37.87 -30.07
N ALA A 105 -43.20 37.25 -29.18
CA ALA A 105 -43.66 36.03 -28.53
C ALA A 105 -44.83 36.31 -27.60
N LYS A 106 -44.90 37.52 -27.05
CA LYS A 106 -46.00 37.86 -26.17
C LYS A 106 -47.33 37.81 -26.92
N GLU A 107 -47.30 38.17 -28.20
CA GLU A 107 -48.52 38.20 -29.00
C GLU A 107 -49.12 36.81 -29.13
N GLN A 108 -48.28 35.80 -29.38
CA GLN A 108 -48.71 34.43 -29.65
C GLN A 108 -48.13 33.50 -28.58
N PRO A 109 -48.82 33.33 -27.45
CA PRO A 109 -48.24 32.50 -26.39
C PRO A 109 -48.20 31.04 -26.76
N GLU A 110 -49.15 30.57 -27.55
CA GLU A 110 -49.18 29.15 -27.90
C GLU A 110 -47.99 28.75 -28.76
N LYS A 111 -47.64 29.58 -29.74
CA LYS A 111 -46.57 29.21 -30.65
C LYS A 111 -45.23 29.32 -29.98
N LYS A 112 -44.39 28.32 -30.20
CA LYS A 112 -43.08 28.31 -29.59
C LYS A 112 -42.16 29.28 -30.30
N TYR A 113 -41.34 29.98 -29.53
CA TYR A 113 -40.36 30.94 -30.02
C TYR A 113 -38.98 30.51 -29.56
N ILE A 114 -37.99 30.71 -30.43
CA ILE A 114 -36.67 30.15 -30.23
C ILE A 114 -35.62 31.25 -30.36
N PHE A 115 -34.68 31.29 -29.41
CA PHE A 115 -33.56 32.21 -29.42
C PHE A 115 -32.27 31.42 -29.31
N ILE A 116 -31.38 31.58 -30.29
CA ILE A 116 -30.17 30.78 -30.43
C ILE A 116 -28.97 31.69 -30.27
N ILE A 117 -28.08 31.32 -29.35
CA ILE A 117 -26.91 32.11 -29.01
C ILE A 117 -25.68 31.23 -29.19
N ASP A 118 -24.94 31.47 -30.26
CA ASP A 118 -23.70 30.77 -30.50
C ASP A 118 -22.52 31.51 -29.87
N GLU A 119 -21.50 30.74 -29.52
CA GLU A 119 -20.27 31.28 -28.96
C GLU A 119 -20.56 32.11 -27.70
N ILE A 120 -21.32 31.49 -26.80
CA ILE A 120 -21.82 32.23 -25.66
C ILE A 120 -20.72 32.51 -24.65
N ASN A 121 -19.75 31.60 -24.50
CA ASN A 121 -18.74 31.75 -23.46
C ASN A 121 -17.87 32.98 -23.67
N ARG A 122 -17.81 33.50 -24.88
CA ARG A 122 -16.85 34.55 -25.21
C ARG A 122 -17.15 35.81 -24.42
N ALA A 123 -18.43 36.12 -24.25
CA ALA A 123 -18.89 37.25 -23.47
C ALA A 123 -19.52 36.75 -22.18
N ASN A 124 -19.32 37.52 -21.12
CA ASN A 124 -20.02 37.24 -19.85
C ASN A 124 -21.51 37.49 -19.98
N LEU A 125 -22.29 36.51 -19.52
CA LEU A 125 -23.74 36.63 -19.62
C LEU A 125 -24.25 37.77 -18.77
N SER A 126 -23.65 37.95 -17.59
CA SER A 126 -24.12 38.97 -16.66
C SER A 126 -24.00 40.35 -17.25
N LYS A 127 -22.92 40.59 -17.99
CA LYS A 127 -22.72 41.90 -18.60
C LYS A 127 -23.81 42.19 -19.60
N VAL A 128 -24.24 41.16 -20.32
CA VAL A 128 -25.25 41.31 -21.35
C VAL A 128 -26.63 41.12 -20.74
N PHE A 129 -26.90 39.91 -20.24
CA PHE A 129 -28.22 39.61 -19.70
C PHE A 129 -28.46 40.37 -18.42
N GLY A 130 -27.64 40.12 -17.40
CA GLY A 130 -27.72 40.90 -16.19
C GLY A 130 -28.95 40.62 -15.35
N GLU A 131 -29.73 41.68 -15.18
CA GLU A 131 -30.95 41.63 -14.37
C GLU A 131 -31.91 40.57 -14.88
N VAL A 132 -31.94 40.33 -16.20
CA VAL A 132 -32.93 39.47 -16.79
C VAL A 132 -32.69 37.99 -16.51
N MET A 133 -31.51 37.65 -16.01
CA MET A 133 -31.23 36.26 -15.66
C MET A 133 -32.20 35.75 -14.59
N MET A 134 -32.75 36.64 -13.79
CA MET A 134 -33.80 36.26 -12.85
C MET A 134 -35.03 35.77 -13.60
N LEU A 135 -35.48 36.53 -14.59
CA LEU A 135 -36.66 36.14 -15.34
C LEU A 135 -36.39 34.95 -16.24
N MET A 136 -35.16 34.87 -16.76
CA MET A 136 -34.84 33.88 -17.79
C MET A 136 -35.04 32.46 -17.30
N GLU A 137 -34.84 32.20 -16.01
CA GLU A 137 -34.97 30.84 -15.49
C GLU A 137 -36.38 30.32 -15.71
N HIS A 138 -36.50 28.99 -15.80
CA HIS A 138 -37.74 28.39 -16.27
C HIS A 138 -38.88 28.56 -15.27
N ASP A 139 -38.60 28.45 -13.98
CA ASP A 139 -39.68 28.53 -13.01
C ASP A 139 -40.21 29.95 -12.88
N LYS A 140 -39.31 30.93 -12.86
CA LYS A 140 -39.68 32.33 -12.63
C LYS A 140 -39.91 33.04 -13.96
N ARG A 141 -40.94 32.60 -14.66
CA ARG A 141 -41.38 33.22 -15.89
C ARG A 141 -42.83 33.64 -15.79
N GLY A 142 -43.22 34.58 -16.65
CA GLY A 142 -44.56 35.09 -16.69
C GLY A 142 -44.69 36.42 -15.97
N GLU A 143 -45.80 37.10 -16.24
CA GLU A 143 -46.01 38.47 -15.79
C GLU A 143 -46.02 38.57 -14.27
N ASN A 144 -46.22 37.45 -13.58
CA ASN A 144 -46.20 37.46 -12.12
C ASN A 144 -44.87 37.97 -11.59
N TRP A 145 -43.77 37.67 -12.30
CA TRP A 145 -42.43 38.00 -11.86
C TRP A 145 -41.89 39.27 -12.55
N SER A 146 -42.77 40.10 -13.09
CA SER A 146 -42.35 41.26 -13.86
C SER A 146 -41.49 42.22 -13.04
N VAL A 147 -40.55 42.87 -13.73
CA VAL A 147 -39.58 43.76 -13.10
C VAL A 147 -39.47 45.02 -13.96
N PRO A 148 -39.21 46.20 -13.38
CA PRO A 148 -38.89 47.36 -14.22
C PRO A 148 -37.40 47.42 -14.52
N LEU A 149 -37.09 47.86 -15.73
CA LEU A 149 -35.75 47.73 -16.26
C LEU A 149 -34.80 48.78 -15.68
N THR A 150 -33.52 48.53 -15.90
CA THR A 150 -32.48 49.48 -15.52
C THR A 150 -32.72 50.81 -16.22
N TYR A 151 -33.06 50.75 -17.50
CA TYR A 151 -33.25 51.92 -18.34
C TYR A 151 -34.72 52.31 -18.48
N SER A 152 -35.62 51.67 -17.76
CA SER A 152 -37.01 52.03 -17.85
C SER A 152 -37.19 53.44 -17.29
N GLU A 153 -37.94 54.26 -18.02
CA GLU A 153 -38.16 55.63 -17.57
C GLU A 153 -38.92 55.65 -16.26
N ASN A 154 -39.87 54.73 -16.09
CA ASN A 154 -40.67 54.63 -14.89
C ASN A 154 -40.78 53.16 -14.46
N ASP A 155 -41.11 52.96 -13.19
CA ASP A 155 -41.36 51.61 -12.69
C ASP A 155 -42.55 50.97 -13.36
N GLU A 156 -43.45 51.77 -13.96
CA GLU A 156 -44.64 51.22 -14.59
C GLU A 156 -44.26 50.30 -15.74
N GLU A 157 -43.37 50.76 -16.62
CA GLU A 157 -42.92 49.91 -17.71
C GLU A 157 -42.14 48.73 -17.15
N ARG A 158 -42.56 47.53 -17.55
CA ARG A 158 -42.03 46.30 -16.99
C ARG A 158 -41.86 45.27 -18.09
N PHE A 159 -40.95 44.33 -17.83
CA PHE A 159 -40.60 43.29 -18.79
C PHE A 159 -40.61 41.96 -18.05
N TYR A 160 -41.30 40.98 -18.61
CA TYR A 160 -41.27 39.62 -18.11
C TYR A 160 -41.03 38.68 -19.28
N VAL A 161 -40.18 37.69 -19.07
CA VAL A 161 -39.88 36.68 -20.06
C VAL A 161 -41.10 35.77 -20.23
N PRO A 162 -41.80 35.78 -21.37
CA PRO A 162 -42.93 34.87 -21.50
C PRO A 162 -42.46 33.43 -21.54
N GLU A 163 -43.34 32.52 -21.10
CA GLU A 163 -42.95 31.13 -20.99
C GLU A 163 -42.66 30.50 -22.35
N ASN A 164 -43.27 31.02 -23.41
CA ASN A 164 -43.19 30.33 -24.70
C ASN A 164 -41.78 30.34 -25.28
N VAL A 165 -40.99 31.37 -24.98
CA VAL A 165 -39.67 31.46 -25.59
C VAL A 165 -38.77 30.37 -25.01
N TYR A 166 -38.00 29.74 -25.89
CA TYR A 166 -36.94 28.82 -25.49
C TYR A 166 -35.59 29.37 -25.92
N ILE A 167 -34.60 29.14 -25.07
CA ILE A 167 -33.28 29.73 -25.22
C ILE A 167 -32.29 28.60 -25.47
N ILE A 168 -31.48 28.76 -26.52
CA ILE A 168 -30.50 27.77 -26.93
C ILE A 168 -29.12 28.41 -26.95
N GLY A 169 -28.15 27.72 -26.37
CA GLY A 169 -26.78 28.20 -26.32
C GLY A 169 -25.78 27.24 -26.90
N LEU A 170 -24.97 27.70 -27.85
CA LEU A 170 -24.02 26.83 -28.54
C LEU A 170 -22.63 27.21 -28.05
N MET A 171 -22.03 26.29 -27.31
CA MET A 171 -20.75 26.50 -26.65
C MET A 171 -19.78 25.42 -27.11
N ASN A 172 -18.56 25.82 -27.42
CA ASN A 172 -17.53 24.91 -27.90
C ASN A 172 -16.48 24.72 -26.81
N THR A 173 -16.20 23.45 -26.50
CA THR A 173 -15.19 23.10 -25.52
C THR A 173 -13.87 22.85 -26.23
N ALA A 174 -13.34 23.94 -26.78
CA ALA A 174 -12.09 23.91 -27.52
C ALA A 174 -11.02 24.83 -26.97
N ASP A 175 -11.29 25.57 -25.91
CA ASP A 175 -10.37 26.58 -25.43
C ASP A 175 -10.08 26.35 -23.96
N ARG A 176 -8.88 26.78 -23.56
CA ARG A 176 -8.39 26.54 -22.22
C ARG A 176 -9.13 27.37 -21.19
N SER A 177 -9.53 28.58 -21.56
CA SER A 177 -10.22 29.46 -20.62
C SER A 177 -11.55 28.87 -20.18
N LEU A 178 -12.22 28.14 -21.07
CA LEU A 178 -13.55 27.62 -20.76
C LEU A 178 -13.53 26.47 -19.75
N ALA A 179 -12.35 26.01 -19.34
CA ALA A 179 -12.29 25.04 -18.25
C ALA A 179 -12.96 25.58 -16.99
N VAL A 180 -12.78 26.87 -16.73
CA VAL A 180 -13.49 27.54 -15.63
C VAL A 180 -14.77 28.11 -16.23
N VAL A 181 -15.77 27.25 -16.32
CA VAL A 181 -17.05 27.66 -16.88
C VAL A 181 -17.68 28.72 -16.00
N ASP A 182 -18.37 29.66 -16.65
CA ASP A 182 -18.99 30.76 -15.92
C ASP A 182 -20.08 30.26 -14.99
N TYR A 183 -20.12 30.85 -13.80
CA TYR A 183 -21.11 30.51 -12.79
C TYR A 183 -22.52 30.84 -13.25
N ALA A 184 -22.66 31.90 -14.06
CA ALA A 184 -23.99 32.33 -14.46
C ALA A 184 -24.68 31.26 -15.29
N LEU A 185 -23.92 30.57 -16.14
CA LEU A 185 -24.51 29.61 -17.05
C LEU A 185 -25.02 28.38 -16.32
N ARG A 186 -24.21 27.86 -15.41
CA ARG A 186 -24.40 26.51 -14.88
C ARG A 186 -25.73 26.36 -14.16
N ARG A 187 -26.13 27.38 -13.41
CA ARG A 187 -27.37 27.31 -12.66
C ARG A 187 -28.56 27.25 -13.61
N ARG A 188 -28.53 28.10 -14.62
CA ARG A 188 -29.68 28.40 -15.44
C ARG A 188 -29.81 27.53 -16.69
N PHE A 189 -28.69 27.03 -17.22
CA PHE A 189 -28.70 26.18 -18.41
C PHE A 189 -28.41 24.73 -18.09
N SER A 190 -28.91 23.86 -18.96
CA SER A 190 -28.68 22.42 -18.88
C SER A 190 -27.72 22.03 -19.99
N PHE A 191 -26.51 21.63 -19.60
CA PHE A 191 -25.50 21.27 -20.58
C PHE A 191 -25.83 19.91 -21.17
N ILE A 192 -25.63 19.77 -22.47
CA ILE A 192 -25.69 18.48 -23.13
C ILE A 192 -24.47 18.32 -24.04
N ASP A 193 -23.89 17.13 -24.01
CA ASP A 193 -22.69 16.83 -24.79
C ASP A 193 -23.07 16.24 -26.14
N ILE A 194 -22.41 16.74 -27.17
CA ILE A 194 -22.56 16.24 -28.53
C ILE A 194 -21.33 15.42 -28.87
N GLU A 195 -21.56 14.18 -29.27
CA GLU A 195 -20.48 13.29 -29.59
C GLU A 195 -19.86 13.67 -30.93
N PRO A 196 -18.64 13.22 -31.19
CA PRO A 196 -18.06 13.44 -32.53
C PRO A 196 -18.87 12.77 -33.62
N GLY A 197 -19.40 11.59 -33.34
CA GLY A 197 -20.35 10.95 -34.24
C GLY A 197 -19.72 10.38 -35.49
N PHE A 198 -18.49 9.87 -35.37
CA PHE A 198 -17.89 9.11 -36.45
C PHE A 198 -18.48 7.71 -36.53
N ASP A 199 -18.50 6.99 -35.40
CA ASP A 199 -19.00 5.62 -35.37
C ASP A 199 -20.53 5.65 -35.31
N THR A 200 -21.11 6.07 -36.41
CA THR A 200 -22.55 6.17 -36.58
C THR A 200 -22.95 5.61 -37.94
N PRO A 201 -24.15 5.06 -38.07
CA PRO A 201 -24.54 4.53 -39.38
C PRO A 201 -24.73 5.62 -40.41
N GLN A 202 -25.33 6.73 -40.00
CA GLN A 202 -25.78 7.73 -40.98
C GLN A 202 -24.59 8.48 -41.55
N PHE A 203 -23.58 8.73 -40.74
CA PHE A 203 -22.36 9.35 -41.26
C PHE A 203 -21.71 8.44 -42.28
N ARG A 204 -21.66 7.14 -41.99
CA ARG A 204 -21.14 6.17 -42.95
C ARG A 204 -22.02 6.14 -44.18
N ASN A 205 -23.34 5.99 -43.96
CA ASN A 205 -24.29 5.90 -45.06
C ASN A 205 -24.27 7.15 -45.92
N PHE A 206 -23.95 8.30 -45.33
CA PHE A 206 -23.81 9.52 -46.11
C PHE A 206 -22.71 9.35 -47.14
N LEU A 207 -21.60 8.74 -46.75
CA LEU A 207 -20.50 8.52 -47.66
C LEU A 207 -20.84 7.44 -48.68
N LEU A 208 -21.46 6.36 -48.21
CA LEU A 208 -21.78 5.24 -49.09
C LEU A 208 -22.67 5.67 -50.23
N ASN A 209 -23.64 6.55 -49.94
CA ASN A 209 -24.45 7.12 -51.01
C ASN A 209 -23.58 7.92 -51.96
N LYS A 210 -22.52 8.52 -51.44
CA LYS A 210 -21.58 9.30 -52.26
C LYS A 210 -20.42 8.45 -52.74
N LYS A 211 -20.74 7.27 -53.29
CA LYS A 211 -19.81 6.45 -54.07
C LYS A 211 -18.53 6.15 -53.30
N ALA A 212 -18.71 5.55 -52.12
CA ALA A 212 -17.62 5.27 -51.21
C ALA A 212 -17.50 3.77 -50.93
N GLU A 213 -16.26 3.30 -50.89
CA GLU A 213 -16.02 1.92 -50.53
C GLU A 213 -16.30 1.72 -49.04
N PRO A 214 -16.98 0.63 -48.64
CA PRO A 214 -17.21 0.44 -47.20
C PRO A 214 -15.95 0.26 -46.38
N SER A 215 -14.98 -0.50 -46.89
CA SER A 215 -13.78 -0.78 -46.10
C SER A 215 -12.97 0.49 -45.88
N PHE A 216 -12.86 1.33 -46.92
CA PHE A 216 -12.16 2.59 -46.78
C PHE A 216 -12.88 3.47 -45.78
N VAL A 217 -14.20 3.44 -45.81
CA VAL A 217 -15.00 4.16 -44.82
C VAL A 217 -14.80 3.55 -43.44
N GLU A 218 -14.91 2.24 -43.33
CA GLU A 218 -14.81 1.59 -42.04
C GLU A 218 -13.40 1.67 -41.49
N SER A 219 -12.41 1.58 -42.37
CA SER A 219 -11.02 1.72 -41.95
C SER A 219 -10.77 3.09 -41.34
N LEU A 220 -11.35 4.12 -41.95
CA LEU A 220 -11.14 5.49 -41.47
C LEU A 220 -11.68 5.68 -40.06
N CYS A 221 -12.91 5.21 -39.82
CA CYS A 221 -13.59 5.49 -38.56
C CYS A 221 -12.83 4.96 -37.36
N GLN A 222 -12.22 3.77 -37.49
CA GLN A 222 -11.50 3.22 -36.36
C GLN A 222 -10.33 4.10 -35.97
N LYS A 223 -9.64 4.65 -36.95
CA LYS A 223 -8.52 5.54 -36.67
C LYS A 223 -9.03 6.83 -36.04
N MET A 224 -10.08 7.41 -36.60
CA MET A 224 -10.64 8.62 -36.02
C MET A 224 -11.17 8.33 -34.62
N ASN A 225 -11.90 7.21 -34.48
CA ASN A 225 -12.34 6.77 -33.17
C ASN A 225 -11.15 6.49 -32.27
N GLU A 226 -10.09 5.94 -32.84
CA GLU A 226 -8.88 5.71 -32.07
C GLU A 226 -8.22 7.03 -31.67
N LEU A 227 -8.14 7.98 -32.60
CA LEU A 227 -7.43 9.22 -32.31
C LEU A 227 -8.12 10.01 -31.22
N ASN A 228 -9.42 10.24 -31.38
CA ASN A 228 -10.17 11.03 -30.41
C ASN A 228 -10.08 10.41 -29.03
N GLN A 229 -9.98 9.08 -28.95
CA GLN A 229 -9.79 8.42 -27.67
C GLN A 229 -8.47 8.82 -27.05
N GLU A 230 -7.43 8.95 -27.87
CA GLU A 230 -6.13 9.34 -27.34
C GLU A 230 -6.18 10.76 -26.79
N ILE A 231 -6.90 11.65 -27.48
CA ILE A 231 -6.98 13.04 -27.02
C ILE A 231 -7.72 13.10 -25.71
N SER A 232 -8.84 12.40 -25.61
CA SER A 232 -9.67 12.47 -24.42
C SER A 232 -8.93 11.91 -23.20
N LYS A 233 -7.98 10.99 -23.43
CA LYS A 233 -7.23 10.44 -22.31
C LYS A 233 -6.48 11.52 -21.58
N GLU A 234 -5.97 12.50 -22.31
CA GLU A 234 -5.34 13.63 -21.66
C GLU A 234 -6.40 14.50 -21.00
N ALA A 235 -5.99 15.19 -19.95
CA ALA A 235 -6.84 16.14 -19.24
C ALA A 235 -6.13 17.47 -19.06
N THR A 236 -4.80 17.44 -19.03
CA THR A 236 -4.04 18.64 -18.70
C THR A 236 -4.12 19.64 -19.84
N ILE A 237 -3.83 19.22 -21.06
CA ILE A 237 -3.79 20.10 -22.22
C ILE A 237 -5.08 20.01 -23.03
N LEU A 238 -5.49 18.79 -23.35
CA LEU A 238 -6.63 18.54 -24.22
C LEU A 238 -7.57 17.61 -23.50
N GLY A 239 -8.78 18.09 -23.22
CA GLY A 239 -9.80 17.27 -22.62
C GLY A 239 -10.55 16.48 -23.67
N LYS A 240 -11.60 15.82 -23.21
CA LYS A 240 -12.46 15.10 -24.13
C LYS A 240 -13.14 16.05 -25.09
N GLY A 241 -13.43 17.28 -24.64
CA GLY A 241 -14.15 18.24 -25.45
C GLY A 241 -13.37 18.76 -26.64
N PHE A 242 -12.05 18.57 -26.66
CA PHE A 242 -11.23 19.06 -27.76
C PHE A 242 -11.27 18.16 -28.99
N ARG A 243 -11.80 16.95 -28.87
CA ARG A 243 -11.63 15.93 -29.90
C ARG A 243 -12.28 16.34 -31.21
N ILE A 244 -11.83 15.70 -32.29
CA ILE A 244 -12.18 16.08 -33.64
C ILE A 244 -13.67 15.90 -33.90
N GLY A 245 -14.23 16.84 -34.66
CA GLY A 245 -15.61 16.73 -35.12
C GLY A 245 -15.70 16.06 -36.48
N HIS A 246 -16.94 15.84 -36.93
CA HIS A 246 -17.20 15.01 -38.10
C HIS A 246 -17.45 15.81 -39.38
N SER A 247 -17.16 17.10 -39.39
CA SER A 247 -17.58 17.95 -40.50
C SER A 247 -16.48 18.30 -41.48
N TYR A 248 -15.23 17.99 -41.16
CA TYR A 248 -14.18 18.18 -42.15
C TYR A 248 -14.45 17.31 -43.36
N PHE A 249 -14.94 16.10 -43.11
CA PHE A 249 -15.16 15.11 -44.14
C PHE A 249 -16.47 15.33 -44.88
N CYS A 250 -17.47 15.88 -44.18
CA CYS A 250 -18.75 16.14 -44.81
C CYS A 250 -18.61 17.07 -46.01
N CYS A 251 -17.93 18.18 -45.81
CA CYS A 251 -17.87 19.20 -46.83
C CYS A 251 -16.91 18.79 -47.94
N GLY A 252 -17.06 19.43 -49.09
CA GLY A 252 -16.16 19.24 -50.22
C GLY A 252 -16.56 18.15 -51.19
N LEU A 253 -17.67 17.47 -50.98
CA LEU A 253 -18.16 16.43 -51.88
C LEU A 253 -19.32 16.92 -52.73
N GLU A 254 -19.61 18.23 -52.71
CA GLU A 254 -20.76 18.75 -53.43
C GLU A 254 -20.64 18.51 -54.93
N ASP A 255 -19.41 18.46 -55.45
CA ASP A 255 -19.22 18.14 -56.86
C ASP A 255 -19.69 16.73 -57.17
N GLY A 256 -19.55 15.81 -56.22
CA GLY A 256 -19.76 14.39 -56.45
C GLY A 256 -18.47 13.59 -56.49
N THR A 257 -17.32 14.23 -56.29
CA THR A 257 -16.05 13.54 -56.31
C THR A 257 -16.00 12.49 -55.21
N SER A 258 -15.65 11.27 -55.58
CA SER A 258 -15.76 10.17 -54.66
C SER A 258 -14.74 10.31 -53.53
N PRO A 259 -15.09 9.93 -52.30
CA PRO A 259 -14.08 9.90 -51.24
C PRO A 259 -13.03 8.82 -51.50
N ASP A 260 -11.80 9.16 -51.19
CA ASP A 260 -10.67 8.27 -51.35
C ASP A 260 -9.52 8.83 -50.53
N THR A 261 -8.39 8.11 -50.54
CA THR A 261 -7.22 8.60 -49.84
C THR A 261 -6.73 9.90 -50.44
N GLN A 262 -6.93 10.09 -51.75
CA GLN A 262 -6.56 11.33 -52.39
C GLN A 262 -7.33 12.51 -51.80
N TRP A 263 -8.65 12.39 -51.75
CA TRP A 263 -9.47 13.42 -51.13
C TRP A 263 -9.16 13.53 -49.65
N LEU A 264 -9.01 12.40 -48.98
CA LEU A 264 -8.76 12.42 -47.55
C LEU A 264 -7.41 13.05 -47.22
N ASN A 265 -6.41 12.78 -48.05
CA ASN A 265 -5.06 13.27 -47.77
C ASN A 265 -5.03 14.78 -47.81
N GLU A 266 -5.83 15.38 -48.70
CA GLU A 266 -5.94 16.83 -48.74
C GLU A 266 -6.38 17.37 -47.39
N ILE A 267 -7.37 16.72 -46.78
CA ILE A 267 -7.90 17.20 -45.52
C ILE A 267 -6.86 17.06 -44.42
N VAL A 268 -6.14 15.95 -44.43
CA VAL A 268 -5.17 15.68 -43.38
C VAL A 268 -4.08 16.73 -43.38
N MET A 269 -3.49 16.97 -44.54
CA MET A 269 -2.37 17.89 -44.62
C MET A 269 -2.79 19.33 -44.42
N THR A 270 -3.96 19.69 -44.93
CA THR A 270 -4.34 21.09 -45.02
C THR A 270 -5.18 21.58 -43.85
N ASP A 271 -5.76 20.66 -43.08
CA ASP A 271 -6.53 21.02 -41.88
C ASP A 271 -5.96 20.36 -40.64
N ILE A 272 -5.84 19.03 -40.66
CA ILE A 272 -5.62 18.27 -39.45
C ILE A 272 -4.14 18.19 -39.10
N ALA A 273 -3.27 18.29 -40.09
CA ALA A 273 -1.84 18.19 -39.81
C ALA A 273 -1.36 19.34 -38.96
N PRO A 274 -1.60 20.60 -39.30
CA PRO A 274 -1.11 21.68 -38.43
C PRO A 274 -1.85 21.75 -37.11
N LEU A 275 -3.11 21.38 -37.07
CA LEU A 275 -3.81 21.33 -35.78
C LEU A 275 -3.09 20.42 -34.82
N LEU A 276 -2.60 19.30 -35.32
CA LEU A 276 -1.89 18.37 -34.46
C LEU A 276 -0.58 18.97 -33.99
N GLU A 277 0.04 19.82 -34.80
CA GLU A 277 1.23 20.51 -34.34
C GLU A 277 0.91 21.38 -33.15
N GLU A 278 -0.25 22.04 -33.19
CA GLU A 278 -0.66 22.85 -32.07
C GLU A 278 -0.98 21.98 -30.87
N TYR A 279 -1.65 20.85 -31.10
CA TYR A 279 -1.95 19.92 -30.02
C TYR A 279 -0.66 19.31 -29.48
N PHE A 280 0.07 18.62 -30.34
CA PHE A 280 1.30 17.92 -29.93
C PHE A 280 2.53 18.76 -30.26
N PHE A 281 2.57 19.94 -29.64
CA PHE A 281 3.76 20.75 -29.73
C PHE A 281 4.90 20.08 -28.99
N ASP A 282 4.61 19.57 -27.80
CA ASP A 282 5.63 19.00 -26.92
C ASP A 282 6.39 17.84 -27.57
N ASP A 283 5.67 16.99 -28.32
CA ASP A 283 6.24 15.81 -28.95
C ASP A 283 5.99 15.90 -30.45
N PRO A 284 6.86 16.57 -31.19
CA PRO A 284 6.68 16.58 -32.66
C PRO A 284 6.67 15.20 -33.26
N TYR A 285 7.44 14.28 -32.71
CA TYR A 285 7.45 12.93 -33.24
C TYR A 285 6.07 12.30 -33.11
N LYS A 286 5.34 12.66 -32.06
CA LYS A 286 3.96 12.22 -31.92
C LYS A 286 3.10 12.68 -33.09
N GLN A 287 3.42 13.84 -33.65
CA GLN A 287 2.73 14.27 -34.86
C GLN A 287 3.03 13.28 -35.98
N GLN A 288 4.32 12.95 -36.13
CA GLN A 288 4.74 12.02 -37.17
C GLN A 288 4.07 10.67 -37.00
N LYS A 289 3.88 10.26 -35.75
CA LYS A 289 3.27 8.98 -35.48
C LYS A 289 1.88 8.88 -36.08
N TRP A 290 1.07 9.90 -35.85
CA TRP A 290 -0.31 9.86 -36.30
C TRP A 290 -0.43 10.21 -37.77
N THR A 291 0.28 11.24 -38.20
CA THR A 291 0.18 11.68 -39.58
C THR A 291 0.55 10.55 -40.54
N ASN A 292 1.62 9.82 -40.20
CA ASN A 292 1.97 8.65 -40.98
C ASN A 292 0.94 7.55 -40.82
N LYS A 293 0.38 7.41 -39.62
CA LYS A 293 -0.63 6.39 -39.37
C LYS A 293 -1.86 6.60 -40.23
N LEU A 294 -2.30 7.84 -40.37
CA LEU A 294 -3.52 8.13 -41.09
C LEU A 294 -3.36 7.92 -42.58
N LEU A 295 -2.21 8.31 -43.12
CA LEU A 295 -1.97 8.17 -44.54
C LEU A 295 -1.96 6.70 -44.95
N GLY A 296 -1.35 5.84 -44.13
CA GLY A 296 -1.29 4.42 -44.41
C GLY A 296 -2.64 3.76 -44.54
N TYR B 7 -4.85 37.64 -67.81
CA TYR B 7 -3.92 37.13 -66.82
C TYR B 7 -4.13 35.64 -66.61
N CYS B 8 -3.04 34.94 -66.28
CA CYS B 8 -3.06 33.49 -66.14
C CYS B 8 -1.91 33.06 -65.24
N LEU B 9 -1.92 31.76 -64.90
CA LEU B 9 -0.92 31.20 -64.00
C LEU B 9 0.48 31.42 -64.53
N GLU B 10 0.65 31.34 -65.85
CA GLU B 10 1.97 31.52 -66.45
C GLU B 10 2.53 32.88 -66.11
N ASP B 11 1.66 33.90 -66.09
CA ASP B 11 2.12 35.23 -65.75
C ASP B 11 2.58 35.30 -64.30
N ALA B 12 1.77 34.75 -63.38
CA ALA B 12 2.09 34.82 -61.96
C ALA B 12 3.31 33.99 -61.63
N LEU B 13 3.36 32.74 -62.11
CA LEU B 13 4.41 31.83 -61.69
C LEU B 13 5.72 32.04 -62.43
N ASN B 14 5.83 33.13 -63.20
CA ASN B 14 7.08 33.45 -63.88
C ASN B 14 8.19 33.70 -62.87
N ASP B 15 7.92 34.55 -61.87
CA ASP B 15 8.92 34.97 -60.90
C ASP B 15 8.81 34.26 -59.56
N LEU B 16 7.68 33.64 -59.27
CA LEU B 16 7.48 33.01 -57.97
C LEU B 16 8.38 31.80 -57.83
N PHE B 17 8.93 31.63 -56.64
CA PHE B 17 9.82 30.53 -56.32
C PHE B 17 9.08 29.30 -55.83
N ILE B 18 7.76 29.37 -55.71
CA ILE B 18 6.97 28.26 -55.18
C ILE B 18 6.73 27.21 -56.26
N PRO B 19 6.67 25.92 -55.93
CA PRO B 19 6.20 24.95 -56.93
C PRO B 19 4.76 25.22 -57.31
N GLU B 20 4.39 24.82 -58.52
CA GLU B 20 2.99 24.84 -58.93
C GLU B 20 2.13 23.97 -58.02
N THR B 21 2.73 22.94 -57.40
CA THR B 21 1.99 21.95 -56.64
C THR B 21 1.10 22.58 -55.59
N THR B 22 1.67 23.45 -54.76
CA THR B 22 0.88 24.13 -53.75
C THR B 22 -0.11 25.08 -54.40
N ILE B 23 0.31 25.71 -55.50
CA ILE B 23 -0.47 26.77 -56.11
C ILE B 23 -1.82 26.24 -56.57
N GLU B 24 -1.84 25.04 -57.14
CA GLU B 24 -3.12 24.42 -57.46
C GLU B 24 -3.84 23.94 -56.22
N THR B 25 -3.10 23.39 -55.27
CA THR B 25 -3.69 22.98 -54.00
C THR B 25 -4.36 24.16 -53.31
N ILE B 26 -3.75 25.33 -53.45
CA ILE B 26 -4.30 26.53 -52.84
C ILE B 26 -5.67 26.83 -53.43
N LEU B 27 -5.76 26.84 -54.75
CA LEU B 27 -7.02 27.18 -55.39
C LEU B 27 -8.06 26.10 -55.14
N LYS B 28 -7.61 24.85 -54.98
CA LYS B 28 -8.53 23.75 -54.70
C LYS B 28 -9.23 23.93 -53.36
N ARG B 29 -8.46 24.21 -52.32
CA ARG B 29 -9.06 24.39 -51.00
C ARG B 29 -9.86 25.67 -50.96
N LEU B 30 -9.39 26.69 -51.66
CA LEU B 30 -10.06 27.97 -51.64
C LEU B 30 -11.44 27.87 -52.25
N THR B 31 -11.53 27.25 -53.42
CA THR B 31 -12.78 27.27 -54.15
C THR B 31 -13.86 26.49 -53.42
N ILE B 32 -13.45 25.45 -52.68
CA ILE B 32 -14.38 24.68 -51.89
C ILE B 32 -14.68 25.38 -50.56
N LYS B 33 -13.66 25.97 -49.93
CA LYS B 33 -13.75 26.42 -48.56
C LYS B 33 -13.95 27.91 -48.40
N LYS B 34 -13.34 28.70 -49.28
CA LYS B 34 -13.50 30.15 -49.43
C LYS B 34 -12.73 30.94 -48.38
N ASN B 35 -12.17 30.31 -47.35
CA ASN B 35 -11.34 31.00 -46.37
C ASN B 35 -10.15 30.11 -46.07
N ILE B 36 -8.94 30.65 -46.23
CA ILE B 36 -7.71 29.91 -46.02
C ILE B 36 -6.68 30.80 -45.34
N ILE B 37 -5.65 30.17 -44.82
CA ILE B 37 -4.52 30.85 -44.21
C ILE B 37 -3.22 30.23 -44.70
N LEU B 38 -2.25 31.08 -45.02
CA LEU B 38 -0.89 30.67 -45.35
C LEU B 38 0.03 30.97 -44.19
N GLN B 39 0.54 29.92 -43.56
CA GLN B 39 1.43 30.04 -42.42
C GLN B 39 2.85 29.71 -42.86
N GLY B 40 3.76 30.67 -42.71
CA GLY B 40 5.16 30.43 -42.93
C GLY B 40 6.03 31.50 -42.29
N PRO B 41 7.33 31.25 -42.14
CA PRO B 41 8.21 32.26 -41.60
C PRO B 41 8.29 33.46 -42.51
N PRO B 42 8.76 34.60 -42.00
CA PRO B 42 8.85 35.79 -42.84
C PRO B 42 9.92 35.67 -43.90
N GLY B 43 9.62 36.22 -45.07
CA GLY B 43 10.56 36.24 -46.16
C GLY B 43 10.35 35.16 -47.19
N VAL B 44 9.19 34.50 -47.18
CA VAL B 44 8.87 33.44 -48.10
C VAL B 44 7.83 33.87 -49.11
N GLY B 45 7.60 35.17 -49.24
CA GLY B 45 6.70 35.66 -50.26
C GLY B 45 5.25 35.58 -49.89
N LYS B 46 4.93 35.46 -48.61
CA LYS B 46 3.53 35.41 -48.21
C LYS B 46 2.81 36.67 -48.65
N THR B 47 3.40 37.81 -48.34
CA THR B 47 2.87 39.05 -48.85
C THR B 47 2.99 39.10 -50.36
N PHE B 48 4.04 38.48 -50.89
CA PHE B 48 4.34 38.56 -52.31
C PHE B 48 3.31 37.82 -53.16
N VAL B 49 2.96 36.60 -52.77
CA VAL B 49 1.99 35.83 -53.55
C VAL B 49 0.62 36.47 -53.50
N ALA B 50 0.28 37.09 -52.36
CA ALA B 50 -1.10 37.40 -52.05
C ALA B 50 -1.74 38.32 -53.07
N ARG B 51 -1.00 39.34 -53.52
CA ARG B 51 -1.55 40.23 -54.54
C ARG B 51 -1.68 39.52 -55.88
N ARG B 52 -0.77 38.59 -56.18
CA ARG B 52 -0.85 37.85 -57.43
C ARG B 52 -2.01 36.86 -57.40
N LEU B 53 -2.22 36.21 -56.25
CA LEU B 53 -3.29 35.23 -56.14
C LEU B 53 -4.64 35.85 -56.44
N ALA B 54 -4.83 37.09 -56.00
CA ALA B 54 -6.12 37.75 -56.15
C ALA B 54 -6.53 37.88 -57.61
N TYR B 55 -5.57 38.16 -58.47
CA TYR B 55 -5.86 38.37 -59.89
C TYR B 55 -6.15 37.07 -60.61
N LEU B 56 -5.67 35.95 -60.09
CA LEU B 56 -5.92 34.67 -60.72
C LEU B 56 -7.39 34.34 -60.72
N LEU B 57 -8.01 34.39 -59.55
CA LEU B 57 -9.36 33.87 -59.40
C LEU B 57 -10.35 34.74 -60.15
N THR B 58 -10.22 36.06 -60.01
CA THR B 58 -10.97 36.97 -60.87
C THR B 58 -10.60 36.77 -62.34
N GLY B 59 -9.38 36.28 -62.61
CA GLY B 59 -8.92 36.08 -63.96
C GLY B 59 -8.37 37.31 -64.62
N GLU B 60 -8.30 38.43 -63.89
CA GLU B 60 -7.90 39.72 -64.41
C GLU B 60 -7.13 40.44 -63.33
N LYS B 61 -6.33 41.41 -63.75
CA LYS B 61 -5.55 42.23 -62.82
C LYS B 61 -6.40 43.44 -62.50
N ALA B 62 -7.27 43.29 -61.50
CA ALA B 62 -8.15 44.34 -61.03
C ALA B 62 -7.95 44.59 -59.55
N PRO B 63 -7.76 45.83 -59.10
CA PRO B 63 -7.60 46.08 -57.65
C PRO B 63 -8.93 46.29 -56.95
N GLN B 64 -9.92 46.74 -57.71
CA GLN B 64 -11.18 47.19 -57.12
C GLN B 64 -11.89 46.05 -56.42
N ARG B 65 -11.89 44.87 -57.03
CA ARG B 65 -12.50 43.70 -56.44
C ARG B 65 -11.69 43.15 -55.28
N VAL B 66 -10.49 43.65 -55.04
CA VAL B 66 -9.59 43.15 -54.02
C VAL B 66 -9.44 44.19 -52.93
N ASN B 67 -9.26 43.75 -51.69
CA ASN B 67 -8.95 44.64 -50.59
C ASN B 67 -7.88 44.02 -49.71
N MET B 68 -6.93 44.86 -49.30
CA MET B 68 -5.76 44.44 -48.56
C MET B 68 -5.66 45.25 -47.27
N VAL B 69 -5.44 44.54 -46.16
CA VAL B 69 -5.29 45.16 -44.85
C VAL B 69 -4.32 44.36 -44.01
N GLN B 70 -3.97 44.93 -42.86
CA GLN B 70 -3.15 44.26 -41.86
C GLN B 70 -3.79 44.40 -40.48
N PHE B 71 -3.78 43.31 -39.73
CA PHE B 71 -4.24 43.29 -38.34
C PHE B 71 -3.05 43.52 -37.44
N HIS B 72 -3.14 44.55 -36.60
CA HIS B 72 -1.98 45.06 -35.86
C HIS B 72 -2.17 44.96 -34.36
N GLN B 73 -2.99 44.03 -33.88
CA GLN B 73 -3.27 43.90 -32.45
C GLN B 73 -3.93 45.13 -31.86
N SER B 74 -4.50 46.01 -32.69
CA SER B 74 -5.36 47.08 -32.20
C SER B 74 -6.58 47.28 -33.09
N TYR B 75 -6.80 46.39 -34.06
CA TYR B 75 -8.01 46.44 -34.85
C TYR B 75 -9.18 46.01 -33.98
N SER B 76 -10.36 46.51 -34.29
CA SER B 76 -11.56 46.17 -33.53
C SER B 76 -12.75 45.98 -34.45
N TYR B 77 -13.76 45.33 -33.88
CA TYR B 77 -15.05 45.18 -34.53
C TYR B 77 -15.59 46.52 -35.00
N GLU B 78 -15.36 47.55 -34.19
CA GLU B 78 -15.74 48.91 -34.54
C GLU B 78 -14.96 49.42 -35.74
N ASP B 79 -13.77 48.88 -35.96
CA ASP B 79 -12.94 49.28 -37.09
C ASP B 79 -13.28 48.45 -38.31
N PHE B 80 -13.48 47.16 -38.08
CA PHE B 80 -13.73 46.25 -39.18
C PHE B 80 -15.15 46.40 -39.71
N ILE B 81 -16.12 46.48 -38.80
CA ILE B 81 -17.52 46.26 -39.16
C ILE B 81 -18.44 47.44 -38.90
N GLN B 82 -18.70 47.74 -37.64
CA GLN B 82 -19.64 48.79 -37.26
C GLN B 82 -19.20 49.45 -35.98
N GLY B 83 -19.13 50.78 -35.99
CA GLY B 83 -18.75 51.49 -34.79
C GLY B 83 -19.24 52.92 -34.86
N TYR B 84 -19.07 53.61 -33.74
CA TYR B 84 -19.48 54.99 -33.59
C TYR B 84 -18.25 55.89 -33.65
N ARG B 85 -18.32 56.90 -34.53
CA ARG B 85 -17.24 57.83 -34.74
C ARG B 85 -17.72 59.25 -34.41
N PRO B 86 -16.88 60.10 -33.86
CA PRO B 86 -17.28 61.50 -33.70
C PRO B 86 -17.53 62.14 -35.06
N ASN B 87 -18.67 62.82 -35.16
CA ASN B 87 -18.91 63.83 -36.16
C ASN B 87 -18.43 65.15 -35.57
N GLY B 88 -18.85 66.28 -36.13
CA GLY B 88 -18.32 67.56 -35.71
C GLY B 88 -18.51 67.82 -34.23
N VAL B 89 -19.72 67.59 -33.72
CA VAL B 89 -20.05 67.84 -32.31
C VAL B 89 -20.49 66.55 -31.64
N GLY B 90 -21.10 65.65 -32.40
CA GLY B 90 -21.69 64.46 -31.84
C GLY B 90 -21.36 63.24 -32.67
N PHE B 91 -21.50 62.09 -32.05
CA PHE B 91 -21.11 60.85 -32.70
C PHE B 91 -22.09 60.44 -33.79
N ARG B 92 -21.61 59.59 -34.68
CA ARG B 92 -22.41 58.97 -35.72
C ARG B 92 -21.96 57.53 -35.84
N ARG B 93 -22.80 56.71 -36.46
CA ARG B 93 -22.46 55.33 -36.74
C ARG B 93 -21.80 55.26 -38.11
N LYS B 94 -20.69 54.53 -38.19
CA LYS B 94 -19.95 54.39 -39.44
C LYS B 94 -19.87 52.91 -39.78
N ASP B 95 -20.27 52.57 -41.00
CA ASP B 95 -20.12 51.21 -41.49
C ASP B 95 -18.64 50.94 -41.75
N GLY B 96 -18.15 49.83 -41.23
CA GLY B 96 -16.76 49.49 -41.34
C GLY B 96 -16.37 49.15 -42.76
N ILE B 97 -15.11 48.77 -42.90
CA ILE B 97 -14.54 48.54 -44.22
C ILE B 97 -15.02 47.21 -44.77
N PHE B 98 -15.04 46.18 -43.92
CA PHE B 98 -15.47 44.87 -44.36
C PHE B 98 -16.93 44.91 -44.75
N TYR B 99 -17.75 45.54 -43.89
CA TYR B 99 -19.14 45.78 -44.25
C TYR B 99 -19.20 46.62 -45.51
N ASN B 100 -18.32 47.61 -45.64
CA ASN B 100 -18.25 48.37 -46.87
C ASN B 100 -17.81 47.46 -48.02
N PHE B 101 -16.94 46.52 -47.73
CA PHE B 101 -16.41 45.65 -48.78
C PHE B 101 -17.46 44.67 -49.27
N CYS B 102 -18.17 44.04 -48.33
CA CYS B 102 -19.15 43.03 -48.70
C CYS B 102 -20.25 43.62 -49.57
N GLN B 103 -20.64 44.86 -49.30
CA GLN B 103 -21.65 45.52 -50.12
C GLN B 103 -21.18 45.63 -51.57
N GLN B 104 -19.89 45.93 -51.76
CA GLN B 104 -19.35 45.95 -53.10
C GLN B 104 -19.37 44.57 -53.73
N ALA B 105 -19.05 43.54 -52.94
CA ALA B 105 -19.00 42.19 -53.49
C ALA B 105 -20.37 41.74 -53.95
N LYS B 106 -21.40 42.07 -53.18
CA LYS B 106 -22.75 41.73 -53.56
C LYS B 106 -23.34 42.70 -54.56
N GLU B 107 -22.58 43.73 -54.95
CA GLU B 107 -23.03 44.61 -56.01
C GLU B 107 -23.15 43.83 -57.31
N GLN B 108 -22.20 42.95 -57.56
CA GLN B 108 -22.25 41.98 -58.64
C GLN B 108 -21.78 40.64 -58.09
N PRO B 109 -22.62 39.61 -58.03
CA PRO B 109 -22.14 38.33 -57.49
C PRO B 109 -21.19 37.61 -58.42
N GLU B 110 -21.27 37.95 -59.71
CA GLU B 110 -20.55 37.19 -60.73
C GLU B 110 -19.04 37.25 -60.51
N LYS B 111 -18.51 38.44 -60.32
CA LYS B 111 -17.08 38.63 -60.22
C LYS B 111 -16.62 38.48 -58.77
N LYS B 112 -15.59 37.68 -58.55
CA LYS B 112 -15.15 37.34 -57.21
C LYS B 112 -14.44 38.52 -56.56
N TYR B 113 -14.62 38.61 -55.23
CA TYR B 113 -14.03 39.67 -54.42
C TYR B 113 -13.19 39.04 -53.32
N ILE B 114 -12.01 39.62 -53.11
CA ILE B 114 -11.01 39.05 -52.20
C ILE B 114 -10.66 40.07 -51.12
N PHE B 115 -10.56 39.60 -49.89
CA PHE B 115 -10.13 40.42 -48.76
C PHE B 115 -8.86 39.82 -48.18
N ILE B 116 -7.81 40.63 -48.09
CA ILE B 116 -6.46 40.17 -47.74
C ILE B 116 -6.04 40.83 -46.44
N ILE B 117 -5.61 40.00 -45.49
CA ILE B 117 -5.30 40.43 -44.12
C ILE B 117 -3.88 39.98 -43.80
N ASP B 118 -2.97 40.94 -43.68
CA ASP B 118 -1.61 40.63 -43.25
C ASP B 118 -1.51 40.55 -41.73
N GLU B 119 -0.64 39.66 -41.28
CA GLU B 119 -0.38 39.46 -39.85
C GLU B 119 -1.67 39.28 -39.06
N ILE B 120 -2.54 38.44 -39.60
CA ILE B 120 -3.84 38.22 -38.98
C ILE B 120 -3.70 37.66 -37.57
N ASN B 121 -2.64 36.89 -37.33
CA ASN B 121 -2.52 36.21 -36.03
C ASN B 121 -2.42 37.19 -34.87
N ARG B 122 -1.91 38.40 -35.12
CA ARG B 122 -1.73 39.36 -34.04
C ARG B 122 -3.05 39.63 -33.31
N ALA B 123 -4.00 40.22 -34.03
CA ALA B 123 -5.22 40.68 -33.42
C ALA B 123 -6.03 39.53 -32.84
N ASN B 124 -6.85 39.86 -31.84
CA ASN B 124 -7.78 38.91 -31.25
C ASN B 124 -8.98 38.80 -32.18
N LEU B 125 -8.94 37.77 -33.02
CA LEU B 125 -9.88 37.68 -34.13
C LEU B 125 -11.30 37.52 -33.64
N SER B 126 -11.47 36.84 -32.52
CA SER B 126 -12.79 36.68 -31.93
C SER B 126 -13.41 38.02 -31.61
N LYS B 127 -12.60 38.98 -31.16
CA LYS B 127 -13.11 40.30 -30.84
C LYS B 127 -13.51 41.06 -32.08
N VAL B 128 -12.68 41.02 -33.10
CA VAL B 128 -12.91 41.86 -34.26
C VAL B 128 -14.09 41.37 -35.06
N PHE B 129 -14.06 40.09 -35.45
CA PHE B 129 -15.09 39.60 -36.36
C PHE B 129 -16.40 39.44 -35.64
N GLY B 130 -16.38 38.85 -34.45
CA GLY B 130 -17.59 38.71 -33.67
C GLY B 130 -18.60 37.82 -34.36
N GLU B 131 -19.67 38.47 -34.83
CA GLU B 131 -20.78 37.76 -35.47
C GLU B 131 -20.30 37.05 -36.73
N VAL B 132 -19.34 37.63 -37.44
CA VAL B 132 -18.92 37.12 -38.73
C VAL B 132 -18.22 35.78 -38.62
N MET B 133 -17.66 35.46 -37.45
CA MET B 133 -16.86 34.25 -37.30
C MET B 133 -17.63 33.01 -37.72
N MET B 134 -18.93 32.99 -37.47
CA MET B 134 -19.79 31.97 -38.04
C MET B 134 -20.05 32.24 -39.51
N LEU B 135 -20.37 33.49 -39.85
CA LEU B 135 -20.92 33.79 -41.16
C LEU B 135 -19.92 33.61 -42.29
N MET B 136 -18.63 33.67 -41.99
CA MET B 136 -17.63 33.64 -43.04
C MET B 136 -17.61 32.30 -43.77
N GLU B 137 -17.95 31.23 -43.08
CA GLU B 137 -17.81 29.90 -43.66
C GLU B 137 -18.68 29.74 -44.89
N HIS B 138 -18.20 28.88 -45.80
CA HIS B 138 -18.81 28.71 -47.11
C HIS B 138 -20.28 28.34 -47.04
N ASP B 139 -20.62 27.37 -46.19
CA ASP B 139 -21.99 26.87 -46.15
C ASP B 139 -22.96 27.95 -45.70
N LYS B 140 -22.64 28.66 -44.64
CA LYS B 140 -23.54 29.63 -44.04
C LYS B 140 -23.32 31.01 -44.66
N ARG B 141 -23.64 31.08 -45.94
CA ARG B 141 -23.56 32.32 -46.69
C ARG B 141 -24.86 32.58 -47.43
N GLY B 142 -25.07 33.84 -47.77
CA GLY B 142 -26.27 34.25 -48.47
C GLY B 142 -27.38 34.68 -47.54
N GLU B 143 -28.49 35.04 -48.16
CA GLU B 143 -29.59 35.65 -47.42
C GLU B 143 -30.23 34.70 -46.44
N ASN B 144 -30.11 33.39 -46.67
CA ASN B 144 -30.71 32.42 -45.77
C ASN B 144 -30.18 32.59 -44.35
N TRP B 145 -28.90 32.90 -44.24
CA TRP B 145 -28.23 33.04 -42.96
C TRP B 145 -28.00 34.50 -42.59
N SER B 146 -28.85 35.40 -43.09
CA SER B 146 -28.81 36.79 -42.69
C SER B 146 -29.02 36.91 -41.18
N VAL B 147 -28.23 37.77 -40.55
CA VAL B 147 -28.27 37.97 -39.10
C VAL B 147 -28.21 39.47 -38.88
N PRO B 148 -28.89 40.03 -37.88
CA PRO B 148 -28.77 41.47 -37.65
C PRO B 148 -27.57 41.80 -36.79
N LEU B 149 -26.90 42.88 -37.15
CA LEU B 149 -25.66 43.24 -36.49
C LEU B 149 -25.94 43.91 -35.14
N THR B 150 -24.86 44.14 -34.40
CA THR B 150 -24.98 44.74 -33.08
C THR B 150 -25.52 46.15 -33.15
N TYR B 151 -24.83 47.03 -33.88
CA TYR B 151 -25.20 48.43 -33.97
C TYR B 151 -26.14 48.71 -35.13
N SER B 152 -26.84 47.69 -35.62
CA SER B 152 -27.81 47.90 -36.66
C SER B 152 -29.00 48.66 -36.08
N GLU B 153 -29.75 49.31 -36.96
CA GLU B 153 -30.93 50.03 -36.53
C GLU B 153 -31.98 49.05 -36.02
N ASN B 154 -32.89 49.58 -35.19
CA ASN B 154 -33.98 48.76 -34.64
C ASN B 154 -34.79 48.13 -35.76
N ASP B 155 -35.03 48.87 -36.85
CA ASP B 155 -35.59 48.28 -38.04
C ASP B 155 -34.64 47.20 -38.54
N GLU B 156 -35.19 46.03 -38.84
CA GLU B 156 -34.36 44.87 -39.13
C GLU B 156 -33.52 45.12 -40.38
N GLU B 157 -32.21 45.16 -40.19
CA GLU B 157 -31.24 45.28 -41.26
C GLU B 157 -30.15 44.27 -40.96
N ARG B 158 -29.88 43.39 -41.92
CA ARG B 158 -29.07 42.21 -41.69
C ARG B 158 -27.91 42.17 -42.66
N PHE B 159 -26.84 41.52 -42.21
CA PHE B 159 -25.56 41.48 -42.91
C PHE B 159 -25.20 40.02 -43.17
N TYR B 160 -25.09 39.65 -44.44
CA TYR B 160 -24.77 38.29 -44.85
C TYR B 160 -23.60 38.30 -45.82
N VAL B 161 -22.72 37.32 -45.66
CA VAL B 161 -21.54 37.18 -46.50
C VAL B 161 -21.95 36.73 -47.90
N PRO B 162 -21.60 37.45 -48.96
CA PRO B 162 -21.89 36.94 -50.30
C PRO B 162 -21.04 35.72 -50.60
N GLU B 163 -21.56 34.87 -51.48
CA GLU B 163 -20.84 33.64 -51.82
C GLU B 163 -19.53 33.93 -52.52
N ASN B 164 -19.49 34.99 -53.34
CA ASN B 164 -18.33 35.24 -54.18
C ASN B 164 -17.12 35.63 -53.34
N VAL B 165 -17.33 36.08 -52.11
CA VAL B 165 -16.25 36.60 -51.30
C VAL B 165 -15.30 35.47 -50.92
N TYR B 166 -14.00 35.75 -51.00
CA TYR B 166 -12.97 34.88 -50.48
C TYR B 166 -12.06 35.64 -49.53
N ILE B 167 -11.70 34.99 -48.43
CA ILE B 167 -10.89 35.58 -47.37
C ILE B 167 -9.57 34.83 -47.29
N ILE B 168 -8.48 35.58 -47.11
CA ILE B 168 -7.15 35.03 -47.02
C ILE B 168 -6.46 35.61 -45.80
N GLY B 169 -5.80 34.74 -45.03
CA GLY B 169 -5.11 35.14 -43.82
C GLY B 169 -3.64 34.80 -43.90
N LEU B 170 -2.83 35.60 -43.21
CA LEU B 170 -1.37 35.58 -43.35
C LEU B 170 -0.72 35.65 -41.98
N MET B 171 -0.50 34.48 -41.38
CA MET B 171 0.03 34.35 -40.03
C MET B 171 1.46 33.86 -40.10
N ASN B 172 2.39 34.66 -39.60
CA ASN B 172 3.77 34.21 -39.54
C ASN B 172 3.91 33.19 -38.42
N THR B 173 4.92 32.33 -38.56
CA THR B 173 5.12 31.21 -37.66
C THR B 173 6.23 31.44 -36.65
N ALA B 174 6.73 32.68 -36.56
CA ALA B 174 7.85 32.95 -35.67
C ALA B 174 7.38 33.17 -34.24
N ASP B 175 6.53 34.17 -34.04
CA ASP B 175 6.05 34.50 -32.71
C ASP B 175 5.09 33.41 -32.23
N ARG B 176 5.53 32.64 -31.24
CA ARG B 176 4.72 31.52 -30.77
C ARG B 176 3.49 32.01 -30.02
N SER B 177 3.68 33.00 -29.14
CA SER B 177 2.57 33.57 -28.39
C SER B 177 1.44 34.00 -29.31
N LEU B 178 1.79 34.74 -30.36
CA LEU B 178 0.81 35.18 -31.35
C LEU B 178 0.54 34.04 -32.33
N ALA B 179 -0.14 33.02 -31.82
CA ALA B 179 -0.53 31.86 -32.59
C ALA B 179 -2.01 31.61 -32.31
N VAL B 180 -2.70 31.08 -33.32
CA VAL B 180 -4.15 30.93 -33.23
C VAL B 180 -4.46 29.76 -32.29
N VAL B 181 -5.09 30.08 -31.17
CA VAL B 181 -5.61 29.10 -30.23
C VAL B 181 -7.14 29.11 -30.21
N ASP B 182 -7.77 29.82 -31.14
CA ASP B 182 -9.22 29.86 -31.25
C ASP B 182 -9.61 28.75 -32.20
N TYR B 183 -9.70 27.55 -31.65
CA TYR B 183 -9.91 26.37 -32.47
C TYR B 183 -11.26 26.41 -33.17
N ALA B 184 -12.22 27.13 -32.58
CA ALA B 184 -13.48 27.37 -33.27
C ALA B 184 -13.27 28.15 -34.54
N LEU B 185 -12.31 29.07 -34.53
CA LEU B 185 -12.06 29.91 -35.68
C LEU B 185 -11.20 29.17 -36.69
N ARG B 186 -10.28 28.35 -36.20
CA ARG B 186 -9.40 27.54 -37.03
C ARG B 186 -10.14 26.51 -37.85
N ARG B 187 -11.42 26.25 -37.56
CA ARG B 187 -12.22 25.34 -38.38
C ARG B 187 -12.76 26.03 -39.61
N ARG B 188 -13.00 27.34 -39.54
CA ARG B 188 -13.45 28.06 -40.72
C ARG B 188 -12.36 28.08 -41.79
N PHE B 189 -11.10 28.12 -41.36
CA PHE B 189 -9.97 28.29 -42.25
C PHE B 189 -9.26 26.98 -42.53
N SER B 190 -8.59 26.95 -43.68
CA SER B 190 -7.70 25.86 -44.06
C SER B 190 -6.28 26.40 -44.14
N PHE B 191 -5.36 25.68 -43.50
CA PHE B 191 -4.00 26.14 -43.23
C PHE B 191 -3.02 25.48 -44.19
N ILE B 192 -2.27 26.29 -44.91
CA ILE B 192 -1.36 25.82 -45.96
C ILE B 192 0.06 26.18 -45.55
N ASP B 193 0.86 25.17 -45.21
CA ASP B 193 2.26 25.39 -44.91
C ASP B 193 3.03 25.72 -46.19
N ILE B 194 3.96 26.65 -46.08
CA ILE B 194 4.87 27.00 -47.16
C ILE B 194 6.29 26.79 -46.67
N GLU B 195 7.08 26.13 -47.49
CA GLU B 195 8.46 25.85 -47.16
C GLU B 195 9.36 27.01 -47.59
N PRO B 196 10.61 27.03 -47.13
CA PRO B 196 11.50 28.15 -47.49
C PRO B 196 11.75 28.34 -48.97
N GLY B 197 11.79 27.26 -49.75
CA GLY B 197 12.01 27.37 -51.17
C GLY B 197 13.45 27.31 -51.61
N PHE B 198 14.35 26.77 -50.79
CA PHE B 198 15.77 26.73 -51.15
C PHE B 198 16.00 25.73 -52.28
N ASP B 199 15.51 24.50 -52.10
CA ASP B 199 15.84 23.43 -53.02
C ASP B 199 15.32 23.68 -54.42
N THR B 200 14.26 24.50 -54.55
CA THR B 200 13.54 24.59 -55.81
C THR B 200 14.45 25.10 -56.92
N PRO B 201 14.33 24.59 -58.14
CA PRO B 201 15.13 25.14 -59.22
C PRO B 201 14.68 26.54 -59.60
N GLN B 202 13.39 26.82 -59.45
CA GLN B 202 12.86 28.12 -59.86
C GLN B 202 13.52 29.24 -59.06
N PHE B 203 13.89 28.96 -57.81
CA PHE B 203 14.76 29.85 -57.08
C PHE B 203 16.17 29.84 -57.65
N ARG B 204 16.68 28.65 -57.96
CA ARG B 204 18.06 28.55 -58.42
C ARG B 204 18.22 29.26 -59.75
N ASN B 205 17.29 29.02 -60.67
CA ASN B 205 17.32 29.68 -61.97
C ASN B 205 17.33 31.19 -61.82
N PHE B 206 16.63 31.70 -60.80
CA PHE B 206 16.57 33.14 -60.60
C PHE B 206 17.96 33.71 -60.31
N LEU B 207 18.78 32.96 -59.58
CA LEU B 207 20.15 33.39 -59.35
C LEU B 207 21.02 33.17 -60.58
N LEU B 208 20.94 31.98 -61.18
CA LEU B 208 21.77 31.67 -62.34
C LEU B 208 21.47 32.61 -63.49
N ASN B 209 20.20 32.91 -63.71
CA ASN B 209 19.86 33.92 -64.71
C ASN B 209 20.50 35.24 -64.36
N LYS B 210 20.62 35.54 -63.07
CA LYS B 210 21.29 36.73 -62.58
C LYS B 210 22.75 36.49 -62.27
N LYS B 211 23.47 35.96 -63.27
CA LYS B 211 24.92 35.98 -63.31
C LYS B 211 25.55 35.27 -62.11
N ALA B 212 25.14 34.02 -61.89
CA ALA B 212 25.56 33.25 -60.73
C ALA B 212 26.19 31.93 -61.15
N GLU B 213 27.15 31.49 -60.34
CA GLU B 213 27.80 30.21 -60.55
C GLU B 213 26.91 29.07 -60.05
N PRO B 214 26.78 27.97 -60.80
CA PRO B 214 26.00 26.85 -60.27
C PRO B 214 26.59 26.25 -59.01
N SER B 215 27.91 26.28 -58.86
CA SER B 215 28.53 25.75 -57.66
C SER B 215 28.17 26.61 -56.45
N PHE B 216 28.30 27.92 -56.61
CA PHE B 216 27.99 28.85 -55.51
C PHE B 216 26.52 28.78 -55.17
N VAL B 217 25.66 28.70 -56.19
CA VAL B 217 24.23 28.51 -55.97
C VAL B 217 23.99 27.16 -55.29
N GLU B 218 24.50 26.08 -55.88
CA GLU B 218 24.28 24.76 -55.31
C GLU B 218 24.93 24.61 -53.95
N SER B 219 26.05 25.29 -53.71
CA SER B 219 26.63 25.29 -52.38
C SER B 219 25.72 26.00 -51.38
N LEU B 220 25.11 27.12 -51.80
CA LEU B 220 24.27 27.90 -50.91
C LEU B 220 23.10 27.08 -50.40
N CYS B 221 22.37 26.44 -51.30
CA CYS B 221 21.21 25.66 -50.92
C CYS B 221 21.59 24.51 -50.01
N GLN B 222 22.77 23.95 -50.21
CA GLN B 222 23.22 22.83 -49.39
C GLN B 222 23.38 23.28 -47.94
N LYS B 223 23.99 24.44 -47.73
CA LYS B 223 24.25 24.90 -46.37
C LYS B 223 22.97 25.32 -45.68
N MET B 224 22.11 26.05 -46.38
CA MET B 224 20.87 26.54 -45.76
C MET B 224 20.02 25.36 -45.34
N ASN B 225 19.91 24.36 -46.23
CA ASN B 225 19.11 23.18 -45.93
C ASN B 225 19.67 22.43 -44.73
N GLU B 226 21.00 22.43 -44.56
CA GLU B 226 21.58 21.84 -43.37
C GLU B 226 21.14 22.60 -42.13
N LEU B 227 21.12 23.92 -42.24
CA LEU B 227 20.80 24.75 -41.11
C LEU B 227 19.35 24.59 -40.69
N ASN B 228 18.44 24.61 -41.66
CA ASN B 228 17.02 24.50 -41.34
C ASN B 228 16.69 23.16 -40.72
N GLN B 229 17.43 22.11 -41.08
CA GLN B 229 17.26 20.85 -40.38
C GLN B 229 17.62 21.02 -38.91
N GLU B 230 18.75 21.65 -38.65
CA GLU B 230 19.16 21.91 -37.27
C GLU B 230 18.15 22.83 -36.59
N ILE B 231 17.59 23.78 -37.33
CA ILE B 231 16.51 24.58 -36.78
C ILE B 231 15.31 23.69 -36.55
N SER B 232 15.00 22.85 -37.54
CA SER B 232 13.86 21.95 -37.43
C SER B 232 14.11 20.88 -36.37
N LYS B 233 15.37 20.60 -36.07
CA LYS B 233 15.68 19.57 -35.08
C LYS B 233 15.03 19.90 -33.75
N GLU B 234 15.22 21.13 -33.28
CA GLU B 234 14.64 21.54 -32.01
C GLU B 234 13.17 21.84 -32.17
N ALA B 235 12.46 21.68 -31.06
CA ALA B 235 11.10 22.16 -30.89
C ALA B 235 10.93 22.88 -29.56
N THR B 236 11.91 22.80 -28.67
CA THR B 236 11.79 23.42 -27.36
C THR B 236 11.62 24.93 -27.50
N ILE B 237 12.52 25.54 -28.27
CA ILE B 237 12.56 26.99 -28.43
C ILE B 237 12.34 27.29 -29.90
N LEU B 238 13.21 26.74 -30.73
CA LEU B 238 13.23 26.99 -32.16
C LEU B 238 12.61 25.79 -32.86
N GLY B 239 11.39 25.96 -33.36
CA GLY B 239 10.68 24.89 -34.03
C GLY B 239 10.99 24.85 -35.52
N LYS B 240 10.19 24.04 -36.22
CA LYS B 240 10.30 23.97 -37.68
C LYS B 240 9.99 25.31 -38.32
N GLY B 241 9.00 26.03 -37.79
CA GLY B 241 8.52 27.22 -38.47
C GLY B 241 9.54 28.33 -38.52
N PHE B 242 10.47 28.33 -37.57
CA PHE B 242 11.45 29.39 -37.47
C PHE B 242 12.43 29.40 -38.62
N ARG B 243 12.47 28.33 -39.41
CA ARG B 243 13.52 28.13 -40.40
C ARG B 243 13.56 29.29 -41.39
N ILE B 244 14.76 29.57 -41.89
CA ILE B 244 15.06 30.84 -42.54
C ILE B 244 14.39 30.92 -43.91
N GLY B 245 13.89 32.11 -44.23
CA GLY B 245 13.30 32.36 -45.53
C GLY B 245 14.33 32.73 -46.57
N HIS B 246 13.87 32.76 -47.82
CA HIS B 246 14.72 33.07 -48.95
C HIS B 246 14.69 34.53 -49.37
N SER B 247 13.95 35.37 -48.66
CA SER B 247 13.79 36.75 -49.09
C SER B 247 15.09 37.52 -49.01
N TYR B 248 15.93 37.14 -48.05
CA TYR B 248 17.18 37.86 -47.82
C TYR B 248 18.02 37.84 -49.08
N PHE B 249 18.09 36.68 -49.69
CA PHE B 249 18.91 36.50 -50.86
C PHE B 249 18.26 37.09 -52.10
N CYS B 250 16.94 37.17 -52.11
CA CYS B 250 16.21 37.59 -53.31
C CYS B 250 16.65 38.98 -53.77
N CYS B 251 16.65 39.93 -52.86
CA CYS B 251 16.70 41.34 -53.23
C CYS B 251 18.10 41.91 -53.05
N GLY B 252 18.30 43.09 -53.63
CA GLY B 252 19.53 43.83 -53.55
C GLY B 252 20.49 43.64 -54.70
N LEU B 253 20.14 42.81 -55.67
CA LEU B 253 20.99 42.56 -56.83
C LEU B 253 20.50 43.29 -58.07
N GLU B 254 19.53 44.20 -57.92
CA GLU B 254 18.96 44.86 -59.08
C GLU B 254 19.99 45.73 -59.78
N ASP B 255 20.91 46.32 -59.02
CA ASP B 255 21.92 47.21 -59.60
C ASP B 255 22.80 46.50 -60.61
N GLY B 256 22.92 45.18 -60.53
CA GLY B 256 23.86 44.41 -61.32
C GLY B 256 24.92 43.70 -60.50
N THR B 257 24.92 43.84 -59.19
CA THR B 257 25.87 43.13 -58.35
C THR B 257 25.67 41.63 -58.47
N SER B 258 26.69 40.96 -58.96
CA SER B 258 26.61 39.51 -59.09
C SER B 258 26.76 38.86 -57.71
N PRO B 259 26.13 37.71 -57.49
CA PRO B 259 26.22 37.05 -56.19
C PRO B 259 27.57 36.39 -56.01
N ASP B 260 28.21 36.70 -54.89
CA ASP B 260 29.50 36.12 -54.56
C ASP B 260 29.68 36.11 -53.06
N THR B 261 30.79 35.52 -52.61
CA THR B 261 31.04 35.42 -51.17
C THR B 261 31.15 36.78 -50.52
N GLN B 262 31.61 37.80 -51.27
CA GLN B 262 31.65 39.16 -50.75
C GLN B 262 30.25 39.63 -50.39
N TRP B 263 29.33 39.54 -51.35
CA TRP B 263 27.95 39.91 -51.12
C TRP B 263 27.33 39.00 -50.08
N LEU B 264 27.56 37.71 -50.20
CA LEU B 264 27.05 36.77 -49.21
C LEU B 264 27.61 37.06 -47.84
N ASN B 265 28.88 37.44 -47.77
CA ASN B 265 29.50 37.76 -46.49
C ASN B 265 28.83 38.98 -45.86
N GLU B 266 28.47 39.96 -46.69
CA GLU B 266 27.76 41.12 -46.18
C GLU B 266 26.43 40.72 -45.58
N ILE B 267 25.73 39.79 -46.24
CA ILE B 267 24.44 39.33 -45.74
C ILE B 267 24.60 38.65 -44.39
N VAL B 268 25.59 37.78 -44.28
CA VAL B 268 25.69 36.93 -43.10
C VAL B 268 26.02 37.76 -41.89
N MET B 269 27.01 38.65 -42.02
CA MET B 269 27.40 39.49 -40.90
C MET B 269 26.28 40.43 -40.52
N THR B 270 25.60 40.98 -41.52
CA THR B 270 24.72 42.10 -41.26
C THR B 270 23.36 41.66 -40.74
N ASP B 271 22.75 40.67 -41.37
CA ASP B 271 21.37 40.28 -41.04
C ASP B 271 21.29 38.97 -40.28
N ILE B 272 21.83 37.89 -40.85
CA ILE B 272 21.65 36.57 -40.26
C ILE B 272 22.41 36.45 -38.95
N ALA B 273 23.59 37.03 -38.88
CA ALA B 273 24.43 36.84 -37.69
C ALA B 273 23.77 37.42 -36.45
N PRO B 274 23.15 38.60 -36.53
CA PRO B 274 22.31 39.03 -35.40
C PRO B 274 21.20 38.05 -35.07
N LEU B 275 20.53 37.52 -36.10
CA LEU B 275 19.41 36.62 -35.84
C LEU B 275 19.87 35.39 -35.09
N LEU B 276 21.04 34.88 -35.45
CA LEU B 276 21.50 33.63 -34.87
C LEU B 276 21.77 33.78 -33.38
N GLU B 277 22.49 34.83 -33.02
CA GLU B 277 22.80 35.05 -31.62
C GLU B 277 21.53 35.35 -30.84
N GLU B 278 20.57 36.00 -31.49
CA GLU B 278 19.26 36.19 -30.90
C GLU B 278 18.53 34.85 -30.82
N TYR B 279 18.73 34.00 -31.83
CA TYR B 279 18.06 32.71 -31.87
C TYR B 279 18.56 31.79 -30.76
N PHE B 280 19.87 31.67 -30.62
CA PHE B 280 20.43 30.67 -29.71
C PHE B 280 20.58 31.18 -28.28
N PHE B 281 21.44 32.18 -28.10
CA PHE B 281 21.64 32.82 -26.81
C PHE B 281 21.98 31.79 -25.72
N ASP B 282 22.70 30.73 -26.10
CA ASP B 282 23.22 29.75 -25.16
C ASP B 282 24.72 29.59 -25.25
N ASP B 283 25.26 29.37 -26.44
CA ASP B 283 26.69 29.25 -26.66
C ASP B 283 27.07 30.05 -27.91
N PRO B 284 28.10 30.89 -27.86
CA PRO B 284 28.58 31.50 -29.11
C PRO B 284 29.13 30.48 -30.08
N TYR B 285 29.65 29.35 -29.60
CA TYR B 285 30.29 28.37 -30.49
C TYR B 285 29.34 27.96 -31.60
N LYS B 286 28.09 27.71 -31.24
CA LYS B 286 27.08 27.43 -32.25
C LYS B 286 26.90 28.61 -33.17
N GLN B 287 26.99 29.82 -32.62
CA GLN B 287 26.92 31.02 -33.45
C GLN B 287 28.15 31.11 -34.33
N GLN B 288 29.33 30.92 -33.73
CA GLN B 288 30.57 30.98 -34.49
C GLN B 288 30.62 29.86 -35.51
N LYS B 289 30.06 28.71 -35.17
CA LYS B 289 30.10 27.55 -36.05
C LYS B 289 29.40 27.84 -37.37
N TRP B 290 28.11 28.11 -37.29
CA TRP B 290 27.29 28.16 -38.49
C TRP B 290 27.60 29.38 -39.33
N THR B 291 27.96 30.50 -38.69
CA THR B 291 28.35 31.68 -39.44
C THR B 291 29.58 31.39 -40.29
N ASN B 292 30.58 30.77 -39.68
CA ASN B 292 31.80 30.44 -40.39
C ASN B 292 31.52 29.41 -41.47
N LYS B 293 30.57 28.52 -41.22
CA LYS B 293 30.20 27.51 -42.22
C LYS B 293 29.68 28.19 -43.47
N LEU B 294 28.79 29.17 -43.32
CA LEU B 294 28.27 29.88 -44.47
C LEU B 294 29.37 30.68 -45.14
N LEU B 295 30.23 31.30 -44.34
CA LEU B 295 31.30 32.10 -44.88
C LEU B 295 32.36 31.24 -45.57
N GLY B 296 32.70 30.10 -44.97
CA GLY B 296 33.67 29.20 -45.55
C GLY B 296 33.07 28.22 -46.54
N TYR C 7 27.17 70.35 -45.85
CA TYR C 7 27.87 69.43 -44.96
C TYR C 7 28.80 68.53 -45.74
N CYS C 8 29.78 67.94 -45.02
CA CYS C 8 30.75 67.04 -45.61
C CYS C 8 30.99 65.87 -44.66
N LEU C 9 31.55 64.80 -45.22
CA LEU C 9 31.77 63.59 -44.45
C LEU C 9 32.79 63.81 -43.34
N GLU C 10 33.88 64.52 -43.65
CA GLU C 10 35.01 64.57 -42.73
C GLU C 10 34.67 65.33 -41.46
N ASP C 11 33.67 66.23 -41.52
CA ASP C 11 33.26 66.96 -40.32
C ASP C 11 32.82 66.01 -39.22
N ALA C 12 32.07 64.97 -39.59
CA ALA C 12 31.62 64.01 -38.60
C ALA C 12 32.77 63.15 -38.07
N LEU C 13 33.61 62.67 -38.97
CA LEU C 13 34.60 61.67 -38.64
C LEU C 13 35.68 62.18 -37.69
N ASN C 14 35.83 63.50 -37.57
CA ASN C 14 36.92 64.05 -36.76
C ASN C 14 36.83 63.61 -35.31
N ASP C 15 35.63 63.69 -34.74
CA ASP C 15 35.41 63.39 -33.33
C ASP C 15 34.89 61.98 -33.11
N LEU C 16 34.70 61.20 -34.17
CA LEU C 16 34.07 59.90 -34.06
C LEU C 16 35.10 58.81 -33.80
N PHE C 17 34.85 58.02 -32.77
CA PHE C 17 35.75 56.95 -32.38
C PHE C 17 35.52 55.68 -33.19
N ILE C 18 34.34 55.51 -33.75
CA ILE C 18 34.05 54.29 -34.53
C ILE C 18 34.86 54.30 -35.82
N PRO C 19 35.32 53.16 -36.33
CA PRO C 19 36.01 53.18 -37.61
C PRO C 19 35.08 53.60 -38.74
N GLU C 20 35.69 54.13 -39.80
CA GLU C 20 34.93 54.44 -41.00
C GLU C 20 34.44 53.18 -41.69
N THR C 21 35.16 52.07 -41.54
CA THR C 21 34.77 50.81 -42.17
C THR C 21 33.37 50.41 -41.78
N THR C 22 33.06 50.53 -40.49
CA THR C 22 31.71 50.28 -40.03
C THR C 22 30.76 51.32 -40.61
N ILE C 23 31.20 52.58 -40.67
CA ILE C 23 30.37 53.66 -41.16
C ILE C 23 30.04 53.45 -42.64
N GLU C 24 31.03 53.01 -43.41
CA GLU C 24 30.79 52.73 -44.82
C GLU C 24 29.83 51.57 -45.00
N THR C 25 29.98 50.53 -44.16
CA THR C 25 29.05 49.43 -44.16
C THR C 25 27.64 49.92 -43.87
N ILE C 26 27.53 50.89 -42.98
CA ILE C 26 26.23 51.36 -42.52
C ILE C 26 25.48 52.07 -43.64
N LEU C 27 26.12 53.05 -44.28
CA LEU C 27 25.42 53.81 -45.29
C LEU C 27 25.12 52.97 -46.51
N LYS C 28 25.94 51.95 -46.75
CA LYS C 28 25.67 51.02 -47.84
C LYS C 28 24.35 50.30 -47.62
N ARG C 29 24.17 49.75 -46.42
CA ARG C 29 22.92 49.06 -46.11
C ARG C 29 21.75 50.02 -46.14
N LEU C 30 21.92 51.18 -45.49
CA LEU C 30 20.80 52.08 -45.31
C LEU C 30 20.27 52.59 -46.63
N THR C 31 21.17 52.81 -47.60
CA THR C 31 20.72 53.21 -48.92
C THR C 31 19.92 52.10 -49.56
N ILE C 32 20.26 50.85 -49.24
CA ILE C 32 19.60 49.68 -49.80
C ILE C 32 18.34 49.38 -49.00
N LYS C 33 18.53 49.05 -47.73
CA LYS C 33 17.45 48.51 -46.91
C LYS C 33 16.41 49.56 -46.56
N LYS C 34 16.84 50.79 -46.26
CA LYS C 34 15.99 51.89 -45.81
C LYS C 34 15.48 51.69 -44.37
N ASN C 35 15.81 50.57 -43.72
CA ASN C 35 15.47 50.31 -42.33
C ASN C 35 16.68 49.64 -41.72
N ILE C 36 17.13 50.17 -40.59
CA ILE C 36 18.32 49.65 -39.92
C ILE C 36 18.14 49.72 -38.41
N ILE C 37 18.90 48.89 -37.71
CA ILE C 37 18.93 48.90 -36.25
C ILE C 37 20.37 48.87 -35.77
N LEU C 38 20.71 49.83 -34.92
CA LEU C 38 22.05 49.95 -34.34
C LEU C 38 21.98 49.50 -32.90
N GLN C 39 22.69 48.42 -32.58
CA GLN C 39 22.64 47.82 -31.26
C GLN C 39 24.01 47.82 -30.60
N GLY C 40 24.06 48.33 -29.36
CA GLY C 40 25.25 48.29 -28.55
C GLY C 40 24.96 48.67 -27.12
N PRO C 41 25.96 48.63 -26.24
CA PRO C 41 25.76 49.12 -24.88
C PRO C 41 25.54 50.62 -24.86
N PRO C 42 25.03 51.14 -23.74
CA PRO C 42 24.93 52.60 -23.58
C PRO C 42 26.29 53.23 -23.47
N GLY C 43 26.43 54.41 -24.06
CA GLY C 43 27.63 55.19 -23.93
C GLY C 43 28.60 55.01 -25.06
N VAL C 44 28.12 54.65 -26.24
CA VAL C 44 28.95 54.38 -27.40
C VAL C 44 28.56 55.26 -28.58
N GLY C 45 27.70 56.25 -28.35
CA GLY C 45 27.43 57.23 -29.36
C GLY C 45 26.38 56.87 -30.36
N LYS C 46 25.46 55.95 -30.02
CA LYS C 46 24.36 55.66 -30.94
C LYS C 46 23.57 56.93 -31.18
N THR C 47 23.17 57.60 -30.11
CA THR C 47 22.51 58.88 -30.25
C THR C 47 23.46 59.90 -30.89
N PHE C 48 24.76 59.76 -30.60
CA PHE C 48 25.75 60.70 -31.11
C PHE C 48 25.87 60.59 -32.63
N VAL C 49 26.05 59.39 -33.14
CA VAL C 49 26.27 59.21 -34.58
C VAL C 49 25.02 59.59 -35.35
N ALA C 50 23.85 59.27 -34.80
CA ALA C 50 22.63 59.24 -35.58
C ALA C 50 22.30 60.60 -36.16
N ARG C 51 22.46 61.66 -35.36
CA ARG C 51 22.21 62.99 -35.89
C ARG C 51 23.25 63.35 -36.92
N ARG C 52 24.48 62.92 -36.71
CA ARG C 52 25.52 63.13 -37.71
C ARG C 52 25.19 62.38 -38.99
N LEU C 53 24.81 61.11 -38.85
CA LEU C 53 24.65 60.22 -39.99
C LEU C 53 23.60 60.70 -40.96
N ALA C 54 22.53 61.31 -40.46
CA ALA C 54 21.45 61.75 -41.33
C ALA C 54 21.94 62.78 -42.33
N TYR C 55 22.71 63.75 -41.85
CA TYR C 55 23.19 64.81 -42.72
C TYR C 55 24.21 64.27 -43.71
N LEU C 56 24.90 63.18 -43.35
CA LEU C 56 25.76 62.49 -44.32
C LEU C 56 24.93 61.91 -45.44
N LEU C 57 23.88 61.17 -45.09
CA LEU C 57 23.10 60.48 -46.10
C LEU C 57 22.43 61.45 -47.04
N THR C 58 21.84 62.51 -46.49
CA THR C 58 21.34 63.59 -47.32
C THR C 58 22.49 64.33 -47.99
N GLY C 59 23.64 64.39 -47.32
CA GLY C 59 24.76 65.14 -47.82
C GLY C 59 24.69 66.61 -47.47
N GLU C 60 23.58 67.08 -46.91
CA GLU C 60 23.38 68.47 -46.54
C GLU C 60 22.77 68.50 -45.16
N LYS C 61 23.18 69.50 -44.36
CA LYS C 61 22.77 69.57 -42.97
C LYS C 61 21.40 70.25 -42.89
N ALA C 62 20.37 69.47 -43.21
CA ALA C 62 18.98 69.93 -43.14
C ALA C 62 18.29 69.21 -41.98
N PRO C 63 18.03 69.87 -40.85
CA PRO C 63 17.30 69.19 -39.77
C PRO C 63 15.81 69.09 -40.00
N GLN C 64 15.23 69.97 -40.81
CA GLN C 64 13.79 69.91 -41.07
C GLN C 64 13.42 68.57 -41.68
N ARG C 65 14.31 68.01 -42.49
CA ARG C 65 14.10 66.70 -43.09
C ARG C 65 14.38 65.57 -42.11
N VAL C 66 14.85 65.91 -40.92
CA VAL C 66 15.20 64.93 -39.89
C VAL C 66 14.16 65.02 -38.78
N ASN C 67 13.68 63.86 -38.35
CA ASN C 67 12.80 63.76 -37.20
C ASN C 67 13.40 62.77 -36.22
N MET C 68 13.48 63.17 -34.96
CA MET C 68 14.11 62.38 -33.92
C MET C 68 13.15 62.22 -32.75
N VAL C 69 12.91 60.98 -32.35
CA VAL C 69 11.97 60.67 -31.27
C VAL C 69 12.52 59.55 -30.40
N GLN C 70 12.03 59.52 -29.16
CA GLN C 70 12.31 58.44 -28.22
C GLN C 70 10.99 57.76 -27.87
N PHE C 71 10.90 56.48 -28.19
CA PHE C 71 9.75 55.69 -27.80
C PHE C 71 9.77 55.35 -26.32
N HIS C 72 8.62 54.91 -25.83
CA HIS C 72 8.47 54.41 -24.47
C HIS C 72 7.12 53.75 -24.35
N GLN C 73 6.87 53.13 -23.19
CA GLN C 73 5.65 52.37 -22.97
C GLN C 73 4.40 53.17 -23.29
N SER C 74 4.39 54.45 -22.96
CA SER C 74 3.22 55.29 -23.21
C SER C 74 3.30 55.91 -24.59
N TYR C 75 3.35 55.04 -25.58
CA TYR C 75 3.36 55.44 -26.98
C TYR C 75 2.61 54.39 -27.77
N SER C 76 1.73 54.84 -28.67
CA SER C 76 0.88 53.93 -29.41
C SER C 76 0.67 54.40 -30.84
N TYR C 77 0.09 53.48 -31.62
CA TYR C 77 -0.32 53.75 -32.99
C TYR C 77 -1.15 55.03 -33.09
N GLU C 78 -1.93 55.32 -32.05
CA GLU C 78 -2.74 56.53 -32.03
C GLU C 78 -1.87 57.77 -32.00
N ASP C 79 -0.78 57.73 -31.27
CA ASP C 79 0.13 58.86 -31.23
C ASP C 79 1.01 58.89 -32.46
N PHE C 80 1.52 57.74 -32.85
CA PHE C 80 2.49 57.65 -33.93
C PHE C 80 1.84 57.94 -35.28
N ILE C 81 0.80 57.17 -35.61
CA ILE C 81 0.25 57.16 -36.96
C ILE C 81 -1.06 57.92 -37.06
N GLN C 82 -2.11 57.39 -36.44
CA GLN C 82 -3.42 58.01 -36.53
C GLN C 82 -4.27 57.58 -35.35
N GLY C 83 -5.13 58.48 -34.92
CA GLY C 83 -5.95 58.24 -33.76
C GLY C 83 -6.81 59.45 -33.50
N TYR C 84 -7.85 59.22 -32.71
CA TYR C 84 -8.85 60.23 -32.43
C TYR C 84 -8.53 60.87 -31.09
N ARG C 85 -8.40 62.18 -31.07
CA ARG C 85 -8.00 62.90 -29.88
C ARG C 85 -8.83 64.16 -29.73
N PRO C 86 -8.89 64.74 -28.53
CA PRO C 86 -9.80 65.87 -28.30
C PRO C 86 -9.20 67.18 -28.76
N ASN C 87 -9.89 67.83 -29.69
CA ASN C 87 -9.61 69.23 -29.95
C ASN C 87 -10.09 70.09 -28.79
N GLY C 88 -11.20 69.68 -28.18
CA GLY C 88 -11.91 70.49 -27.21
C GLY C 88 -13.20 69.77 -26.88
N VAL C 89 -14.33 70.47 -27.05
CA VAL C 89 -15.63 69.82 -26.96
C VAL C 89 -15.70 68.63 -27.91
N GLY C 90 -15.17 68.79 -29.12
CA GLY C 90 -15.29 67.80 -30.17
C GLY C 90 -13.97 67.07 -30.38
N PHE C 91 -14.07 65.76 -30.53
CA PHE C 91 -12.92 64.94 -30.87
C PHE C 91 -12.62 65.08 -32.35
N ARG C 92 -11.36 64.87 -32.71
CA ARG C 92 -10.96 64.91 -34.10
C ARG C 92 -9.98 63.79 -34.39
N ARG C 93 -9.88 63.46 -35.67
CA ARG C 93 -8.85 62.55 -36.12
C ARG C 93 -7.55 63.31 -36.23
N LYS C 94 -6.53 62.84 -35.52
CA LYS C 94 -5.25 63.53 -35.44
C LYS C 94 -4.24 62.68 -36.18
N ASP C 95 -3.75 63.17 -37.30
CA ASP C 95 -2.70 62.48 -38.02
C ASP C 95 -1.46 62.47 -37.16
N GLY C 96 -0.95 61.28 -36.87
CA GLY C 96 0.18 61.14 -35.99
C GLY C 96 1.42 61.74 -36.62
N ILE C 97 2.50 61.64 -35.86
CA ILE C 97 3.73 62.34 -36.24
C ILE C 97 4.37 61.69 -37.45
N PHE C 98 4.39 60.37 -37.49
CA PHE C 98 5.02 59.68 -38.60
C PHE C 98 4.24 59.92 -39.89
N TYR C 99 2.92 59.91 -39.79
CA TYR C 99 2.07 60.20 -40.94
C TYR C 99 2.37 61.58 -41.50
N ASN C 100 2.55 62.57 -40.63
CA ASN C 100 2.87 63.91 -41.08
C ASN C 100 4.24 63.94 -41.75
N PHE C 101 5.19 63.19 -41.19
CA PHE C 101 6.53 63.16 -41.72
C PHE C 101 6.54 62.60 -43.13
N CYS C 102 5.76 61.55 -43.35
CA CYS C 102 5.73 60.91 -44.66
C CYS C 102 5.17 61.83 -45.73
N GLN C 103 4.19 62.65 -45.38
CA GLN C 103 3.64 63.59 -46.35
C GLN C 103 4.68 64.63 -46.74
N GLN C 104 5.49 65.08 -45.78
CA GLN C 104 6.53 66.06 -46.08
C GLN C 104 7.52 65.50 -47.09
N ALA C 105 7.94 64.24 -46.90
CA ALA C 105 8.89 63.65 -47.82
C ALA C 105 8.30 63.50 -49.21
N LYS C 106 6.98 63.25 -49.29
CA LYS C 106 6.33 63.13 -50.59
C LYS C 106 6.46 64.41 -51.40
N GLU C 107 6.41 65.55 -50.72
CA GLU C 107 6.48 66.84 -51.40
C GLU C 107 7.77 66.99 -52.18
N GLN C 108 8.86 66.47 -51.63
CA GLN C 108 10.19 66.53 -52.25
C GLN C 108 10.69 65.11 -52.32
N PRO C 109 10.32 64.36 -53.37
CA PRO C 109 10.74 62.95 -53.44
C PRO C 109 12.23 62.79 -53.57
N GLU C 110 12.92 63.77 -54.15
CA GLU C 110 14.34 63.63 -54.40
C GLU C 110 15.11 63.57 -53.09
N LYS C 111 14.82 64.47 -52.18
CA LYS C 111 15.57 64.61 -50.94
C LYS C 111 15.21 63.50 -49.97
N LYS C 112 16.23 62.94 -49.34
CA LYS C 112 16.01 61.88 -48.37
C LYS C 112 15.52 62.49 -47.06
N TYR C 113 14.53 61.85 -46.47
CA TYR C 113 13.95 62.28 -45.20
C TYR C 113 14.13 61.16 -44.19
N ILE C 114 14.55 61.51 -42.99
CA ILE C 114 15.06 60.53 -42.04
C ILE C 114 14.33 60.66 -40.72
N PHE C 115 13.97 59.51 -40.17
CA PHE C 115 13.24 59.40 -38.92
C PHE C 115 14.08 58.58 -37.94
N ILE C 116 14.34 59.16 -36.77
CA ILE C 116 15.28 58.60 -35.81
C ILE C 116 14.53 58.21 -34.55
N ILE C 117 14.61 56.95 -34.17
CA ILE C 117 13.90 56.42 -33.01
C ILE C 117 14.92 55.98 -31.99
N ASP C 118 15.04 56.73 -30.90
CA ASP C 118 15.91 56.35 -29.80
C ASP C 118 15.17 55.44 -28.83
N GLU C 119 15.90 54.46 -28.31
CA GLU C 119 15.35 53.48 -27.37
C GLU C 119 14.10 52.83 -27.94
N ILE C 120 14.22 52.39 -29.20
CA ILE C 120 13.08 51.78 -29.89
C ILE C 120 12.63 50.52 -29.19
N ASN C 121 13.57 49.75 -28.64
CA ASN C 121 13.25 48.44 -28.11
C ASN C 121 12.32 48.50 -26.90
N ARG C 122 12.10 49.68 -26.32
CA ARG C 122 11.23 49.75 -25.16
C ARG C 122 9.78 49.54 -25.56
N ALA C 123 9.24 50.45 -26.35
CA ALA C 123 7.83 50.38 -26.70
C ALA C 123 7.50 49.15 -27.54
N ASN C 124 6.27 48.68 -27.40
CA ASN C 124 5.82 47.55 -28.18
C ASN C 124 5.69 47.88 -29.65
N LEU C 125 6.73 47.58 -30.39
CA LEU C 125 6.80 47.94 -31.80
C LEU C 125 5.70 47.25 -32.57
N SER C 126 5.37 46.03 -32.15
CA SER C 126 4.34 45.25 -32.82
C SER C 126 3.04 46.03 -32.85
N LYS C 127 2.68 46.63 -31.73
CA LYS C 127 1.45 47.40 -31.69
C LYS C 127 1.59 48.73 -32.41
N VAL C 128 2.76 49.35 -32.31
CA VAL C 128 2.90 50.71 -32.80
C VAL C 128 2.95 50.72 -34.32
N PHE C 129 3.82 49.91 -34.91
CA PHE C 129 3.96 49.95 -36.35
C PHE C 129 2.74 49.37 -37.03
N GLY C 130 2.43 48.12 -36.70
CA GLY C 130 1.22 47.51 -37.20
C GLY C 130 1.14 47.49 -38.71
N GLU C 131 0.29 48.38 -39.22
CA GLU C 131 0.10 48.51 -40.66
C GLU C 131 1.43 48.82 -41.33
N VAL C 132 2.26 49.60 -40.65
CA VAL C 132 3.57 49.97 -41.15
C VAL C 132 4.52 48.79 -41.23
N MET C 133 4.30 47.78 -40.37
CA MET C 133 5.26 46.69 -40.25
C MET C 133 5.46 45.98 -41.57
N MET C 134 4.41 45.91 -42.39
CA MET C 134 4.52 45.38 -43.73
C MET C 134 5.03 46.45 -44.68
N LEU C 135 4.49 47.67 -44.55
CA LEU C 135 4.73 48.71 -45.54
C LEU C 135 6.18 49.14 -45.60
N MET C 136 6.86 49.16 -44.46
CA MET C 136 8.16 49.81 -44.37
C MET C 136 9.24 49.14 -45.19
N GLU C 137 9.05 47.89 -45.60
CA GLU C 137 10.12 47.15 -46.24
C GLU C 137 10.49 47.76 -47.59
N HIS C 138 11.76 47.54 -47.95
CA HIS C 138 12.39 48.23 -49.06
C HIS C 138 11.71 47.95 -50.39
N ASP C 139 11.16 46.75 -50.59
CA ASP C 139 10.58 46.39 -51.88
C ASP C 139 9.10 46.70 -51.96
N LYS C 140 8.47 47.09 -50.87
CA LYS C 140 7.03 47.25 -50.79
C LYS C 140 6.61 48.70 -50.69
N ARG C 141 7.54 49.64 -50.84
CA ARG C 141 7.20 51.05 -50.77
C ARG C 141 6.65 51.54 -52.10
N GLY C 142 5.70 52.46 -51.99
CA GLY C 142 5.07 53.06 -53.15
C GLY C 142 3.57 52.85 -53.16
N GLU C 143 2.92 53.57 -54.08
CA GLU C 143 1.47 53.58 -54.12
C GLU C 143 0.90 52.22 -54.51
N ASN C 144 1.67 51.40 -55.21
CA ASN C 144 1.17 50.09 -55.64
C ASN C 144 0.78 49.27 -54.43
N TRP C 145 1.51 49.43 -53.34
CA TRP C 145 1.27 48.72 -52.09
C TRP C 145 0.53 49.60 -51.09
N SER C 146 -0.17 50.63 -51.57
CA SER C 146 -0.92 51.51 -50.68
C SER C 146 -1.97 50.72 -49.93
N VAL C 147 -2.13 51.04 -48.65
CA VAL C 147 -3.04 50.30 -47.77
C VAL C 147 -3.93 51.29 -47.03
N PRO C 148 -5.23 51.01 -46.89
CA PRO C 148 -6.06 51.81 -45.99
C PRO C 148 -5.84 51.44 -44.53
N LEU C 149 -5.88 52.44 -43.67
CA LEU C 149 -5.63 52.26 -42.25
C LEU C 149 -6.88 51.83 -41.51
N THR C 150 -6.70 51.60 -40.20
CA THR C 150 -7.79 51.24 -39.32
C THR C 150 -8.86 52.33 -39.31
N TYR C 151 -8.43 53.57 -39.10
CA TYR C 151 -9.32 54.70 -38.95
C TYR C 151 -9.55 55.45 -40.25
N SER C 152 -9.18 54.86 -41.38
CA SER C 152 -9.42 55.51 -42.65
C SER C 152 -10.91 55.53 -42.95
N GLU C 153 -11.39 56.63 -43.52
CA GLU C 153 -12.81 56.80 -43.74
C GLU C 153 -13.35 55.75 -44.71
N ASN C 154 -12.56 55.41 -45.72
CA ASN C 154 -12.96 54.44 -46.72
C ASN C 154 -11.71 53.73 -47.22
N ASP C 155 -11.93 52.70 -48.05
CA ASP C 155 -10.81 51.97 -48.62
C ASP C 155 -9.91 52.84 -49.47
N GLU C 156 -10.46 53.91 -50.07
CA GLU C 156 -9.66 54.72 -50.98
C GLU C 156 -8.59 55.49 -50.23
N GLU C 157 -8.89 55.96 -49.03
CA GLU C 157 -7.86 56.63 -48.22
C GLU C 157 -6.82 55.59 -47.82
N ARG C 158 -5.61 55.75 -48.33
CA ARG C 158 -4.56 54.76 -48.18
C ARG C 158 -3.24 55.45 -47.92
N PHE C 159 -2.35 54.73 -47.26
CA PHE C 159 -1.05 55.24 -46.84
C PHE C 159 0.04 54.37 -47.43
N TYR C 160 0.99 54.99 -48.13
CA TYR C 160 2.12 54.30 -48.73
C TYR C 160 3.39 55.01 -48.28
N VAL C 161 4.39 54.23 -47.92
CA VAL C 161 5.66 54.83 -47.50
C VAL C 161 6.36 55.39 -48.72
N PRO C 162 6.91 56.61 -48.68
CA PRO C 162 7.73 57.08 -49.79
C PRO C 162 9.05 56.32 -49.87
N GLU C 163 9.59 56.29 -51.08
CA GLU C 163 10.86 55.62 -51.29
C GLU C 163 12.01 56.38 -50.64
N ASN C 164 11.94 57.71 -50.61
CA ASN C 164 13.08 58.48 -50.12
C ASN C 164 13.33 58.25 -48.64
N VAL C 165 12.31 57.82 -47.90
CA VAL C 165 12.42 57.75 -46.45
C VAL C 165 13.45 56.73 -46.04
N TYR C 166 14.24 57.07 -45.02
CA TYR C 166 15.18 56.18 -44.37
C TYR C 166 14.88 56.11 -42.89
N ILE C 167 14.90 54.90 -42.35
CA ILE C 167 14.53 54.63 -40.96
C ILE C 167 15.75 54.16 -40.19
N ILE C 168 15.88 54.66 -38.96
CA ILE C 168 16.99 54.33 -38.07
C ILE C 168 16.42 53.80 -36.77
N GLY C 169 16.96 52.67 -36.33
CA GLY C 169 16.54 52.04 -35.08
C GLY C 169 17.70 52.00 -34.10
N LEU C 170 17.43 52.42 -32.87
CA LEU C 170 18.44 52.50 -31.82
C LEU C 170 17.97 51.73 -30.61
N MET C 171 18.70 50.68 -30.25
CA MET C 171 18.30 49.76 -29.19
C MET C 171 19.52 49.37 -28.39
N ASN C 172 19.46 49.57 -27.08
CA ASN C 172 20.56 49.15 -26.23
C ASN C 172 20.49 47.64 -26.04
N THR C 173 21.66 47.05 -25.83
CA THR C 173 21.80 45.62 -25.64
C THR C 173 21.95 45.23 -24.18
N ALA C 174 21.72 46.17 -23.27
CA ALA C 174 21.94 45.88 -21.86
C ALA C 174 20.87 44.97 -21.29
N ASP C 175 19.63 45.14 -21.73
CA ASP C 175 18.49 44.40 -21.17
C ASP C 175 18.00 43.35 -22.16
N ARG C 176 18.03 42.11 -21.72
CA ARG C 176 17.48 41.03 -22.52
C ARG C 176 15.97 41.04 -22.43
N SER C 177 15.43 41.62 -21.36
CA SER C 177 14.00 41.81 -21.24
C SER C 177 13.46 42.57 -22.44
N LEU C 178 14.02 43.76 -22.69
CA LEU C 178 13.59 44.56 -23.83
C LEU C 178 14.51 44.21 -24.98
N ALA C 179 14.02 43.33 -25.85
CA ALA C 179 14.68 42.98 -27.08
C ALA C 179 13.62 42.79 -28.14
N VAL C 180 14.03 42.92 -29.39
CA VAL C 180 13.12 42.75 -30.51
C VAL C 180 13.06 41.27 -30.82
N VAL C 181 12.18 40.56 -30.11
CA VAL C 181 12.06 39.13 -30.33
C VAL C 181 11.22 38.82 -31.56
N ASP C 182 10.41 39.77 -32.03
CA ASP C 182 9.59 39.54 -33.20
C ASP C 182 10.50 39.40 -34.41
N TYR C 183 10.68 38.16 -34.83
CA TYR C 183 11.67 37.91 -35.86
C TYR C 183 11.21 38.48 -37.18
N ALA C 184 9.90 38.54 -37.39
CA ALA C 184 9.37 39.19 -38.58
C ALA C 184 9.75 40.65 -38.59
N LEU C 185 9.69 41.28 -37.43
CA LEU C 185 10.12 42.66 -37.34
C LEU C 185 11.61 42.77 -37.57
N ARG C 186 12.34 41.72 -37.17
CA ARG C 186 13.79 41.68 -37.36
C ARG C 186 14.16 41.71 -38.82
N ARG C 187 13.32 41.13 -39.69
CA ARG C 187 13.66 41.00 -41.09
C ARG C 187 13.69 42.35 -41.79
N ARG C 188 12.76 43.23 -41.46
CA ARG C 188 12.72 44.54 -42.09
C ARG C 188 13.98 45.33 -41.79
N PHE C 189 14.47 45.24 -40.56
CA PHE C 189 15.62 46.01 -40.11
C PHE C 189 16.92 45.24 -40.33
N SER C 190 17.92 45.96 -40.81
CA SER C 190 19.26 45.43 -40.96
C SER C 190 20.07 45.81 -39.72
N PHE C 191 20.52 44.82 -38.98
CA PHE C 191 21.10 45.01 -37.66
C PHE C 191 22.61 45.12 -37.76
N ILE C 192 23.15 46.25 -37.32
CA ILE C 192 24.60 46.50 -37.34
C ILE C 192 25.04 46.75 -35.91
N ASP C 193 25.82 45.83 -35.38
CA ASP C 193 26.37 45.97 -34.05
C ASP C 193 27.37 47.11 -34.03
N ILE C 194 27.45 47.77 -32.87
CA ILE C 194 28.44 48.81 -32.62
C ILE C 194 29.14 48.44 -31.33
N GLU C 195 30.44 48.60 -31.34
CA GLU C 195 31.31 48.17 -30.27
C GLU C 195 31.87 49.38 -29.51
N PRO C 196 32.37 49.18 -28.29
CA PRO C 196 32.89 50.34 -27.55
C PRO C 196 34.06 51.06 -28.23
N GLY C 197 34.92 50.33 -28.93
CA GLY C 197 36.01 50.97 -29.67
C GLY C 197 37.02 51.71 -28.83
N PHE C 198 37.42 51.15 -27.69
CA PHE C 198 38.49 51.74 -26.91
C PHE C 198 39.79 51.76 -27.70
N ASP C 199 40.18 50.61 -28.25
CA ASP C 199 41.45 50.47 -28.95
C ASP C 199 41.29 51.02 -30.36
N THR C 200 41.20 52.36 -30.42
CA THR C 200 41.07 53.09 -31.66
C THR C 200 42.00 54.28 -31.62
N PRO C 201 42.50 54.74 -32.78
CA PRO C 201 43.31 55.97 -32.75
C PRO C 201 42.51 57.19 -32.36
N GLN C 202 41.31 57.33 -32.92
CA GLN C 202 40.58 58.59 -32.80
C GLN C 202 40.16 58.81 -31.35
N PHE C 203 39.91 57.72 -30.63
CA PHE C 203 39.66 57.85 -29.20
C PHE C 203 40.93 58.33 -28.49
N ARG C 204 42.07 57.76 -28.87
CA ARG C 204 43.34 58.15 -28.25
C ARG C 204 43.75 59.54 -28.67
N ASN C 205 43.59 59.88 -29.95
CA ASN C 205 43.95 61.20 -30.44
C ASN C 205 43.18 62.28 -29.72
N PHE C 206 41.92 62.00 -29.38
CA PHE C 206 41.10 62.95 -28.65
C PHE C 206 41.70 63.23 -27.28
N LEU C 207 42.21 62.20 -26.62
CA LEU C 207 42.82 62.38 -25.31
C LEU C 207 44.15 63.10 -25.41
N LEU C 208 45.02 62.65 -26.32
CA LEU C 208 46.32 63.29 -26.48
C LEU C 208 46.14 64.73 -26.92
N ASN C 209 45.14 64.99 -27.77
CA ASN C 209 44.83 66.36 -28.14
C ASN C 209 44.52 67.17 -26.90
N LYS C 210 43.86 66.55 -25.92
CA LYS C 210 43.62 67.19 -24.64
C LYS C 210 44.68 66.83 -23.61
N LYS C 211 45.93 66.97 -24.04
CA LYS C 211 47.10 66.94 -23.16
C LYS C 211 47.13 65.72 -22.24
N ALA C 212 47.07 64.54 -22.85
CA ALA C 212 47.04 63.28 -22.13
C ALA C 212 48.34 62.53 -22.34
N GLU C 213 48.74 61.76 -21.34
CA GLU C 213 49.98 61.00 -21.45
C GLU C 213 49.78 59.81 -22.38
N PRO C 214 50.65 59.61 -23.38
CA PRO C 214 50.53 58.38 -24.18
C PRO C 214 50.73 57.12 -23.35
N SER C 215 51.56 57.19 -22.30
CA SER C 215 51.74 56.02 -21.44
C SER C 215 50.45 55.69 -20.70
N PHE C 216 49.80 56.72 -20.17
CA PHE C 216 48.57 56.53 -19.43
C PHE C 216 47.47 56.02 -20.36
N VAL C 217 47.46 56.52 -21.59
CA VAL C 217 46.47 56.12 -22.59
C VAL C 217 46.61 54.64 -22.90
N GLU C 218 47.83 54.19 -23.20
CA GLU C 218 48.04 52.79 -23.54
C GLU C 218 47.72 51.89 -22.37
N SER C 219 48.02 52.36 -21.16
CA SER C 219 47.61 51.61 -19.99
C SER C 219 46.09 51.53 -19.92
N LEU C 220 45.43 52.64 -20.25
CA LEU C 220 43.97 52.72 -20.11
C LEU C 220 43.26 51.79 -21.09
N CYS C 221 43.58 51.92 -22.38
CA CYS C 221 42.85 51.17 -23.39
C CYS C 221 43.06 49.67 -23.22
N GLN C 222 44.28 49.27 -22.90
CA GLN C 222 44.56 47.86 -22.70
C GLN C 222 43.72 47.30 -21.56
N LYS C 223 43.54 48.08 -20.51
CA LYS C 223 42.82 47.61 -19.34
C LYS C 223 41.37 47.33 -19.66
N MET C 224 40.70 48.29 -20.28
CA MET C 224 39.28 48.15 -20.56
C MET C 224 39.06 47.06 -21.58
N ASN C 225 39.95 46.97 -22.57
CA ASN C 225 39.87 45.93 -23.57
C ASN C 225 39.87 44.55 -22.93
N GLU C 226 40.70 44.35 -21.92
CA GLU C 226 40.69 43.08 -21.22
C GLU C 226 39.40 42.91 -20.44
N LEU C 227 38.96 43.97 -19.77
CA LEU C 227 37.75 43.89 -18.96
C LEU C 227 36.53 43.66 -19.82
N ASN C 228 36.41 44.41 -20.93
CA ASN C 228 35.27 44.22 -21.81
C ASN C 228 35.25 42.81 -22.37
N GLN C 229 36.42 42.27 -22.67
CA GLN C 229 36.50 40.91 -23.16
C GLN C 229 36.04 39.93 -22.09
N GLU C 230 36.33 40.23 -20.82
CA GLU C 230 35.85 39.40 -19.73
C GLU C 230 34.32 39.43 -19.69
N ILE C 231 33.74 40.59 -20.00
CA ILE C 231 32.28 40.70 -20.01
C ILE C 231 31.69 39.83 -21.11
N SER C 232 32.27 39.88 -22.31
CA SER C 232 31.76 39.10 -23.42
C SER C 232 31.87 37.62 -23.18
N LYS C 233 32.83 37.21 -22.36
CA LYS C 233 33.06 35.78 -22.10
C LYS C 233 31.81 35.12 -21.54
N GLU C 234 31.23 35.72 -20.50
CA GLU C 234 30.12 35.12 -19.76
C GLU C 234 28.80 35.49 -20.46
N ALA C 235 28.67 35.03 -21.71
CA ALA C 235 27.50 35.37 -22.50
C ALA C 235 26.22 34.84 -21.89
N THR C 236 26.30 33.71 -21.18
CA THR C 236 25.14 33.19 -20.47
C THR C 236 24.71 34.19 -19.43
N ILE C 237 25.68 34.74 -18.70
CA ILE C 237 25.38 35.68 -17.64
C ILE C 237 25.20 37.07 -18.23
N LEU C 238 26.23 37.59 -18.88
CA LEU C 238 26.26 38.93 -19.45
C LEU C 238 26.91 38.87 -20.81
N GLY C 239 26.17 39.23 -21.85
CA GLY C 239 26.69 39.22 -23.19
C GLY C 239 27.67 40.34 -23.48
N LYS C 240 28.20 40.27 -24.71
CA LYS C 240 29.09 41.32 -25.19
C LYS C 240 28.40 42.67 -25.22
N GLY C 241 27.08 42.66 -25.40
CA GLY C 241 26.32 43.90 -25.48
C GLY C 241 26.34 44.69 -24.19
N PHE C 242 26.71 44.05 -23.08
CA PHE C 242 26.70 44.67 -21.77
C PHE C 242 27.94 45.51 -21.52
N ARG C 243 29.00 45.29 -22.29
CA ARG C 243 30.31 45.84 -21.98
C ARG C 243 30.30 47.36 -21.99
N ILE C 244 31.25 47.93 -21.24
CA ILE C 244 31.26 49.35 -20.96
C ILE C 244 31.58 50.13 -22.23
N GLY C 245 30.92 51.28 -22.38
CA GLY C 245 31.17 52.19 -23.49
C GLY C 245 32.30 53.15 -23.18
N HIS C 246 32.63 53.97 -24.18
CA HIS C 246 33.72 54.93 -24.03
C HIS C 246 33.26 56.29 -23.51
N SER C 247 31.97 56.49 -23.29
CA SER C 247 31.50 57.83 -22.97
C SER C 247 31.90 58.30 -21.59
N TYR C 248 31.98 57.37 -20.64
CA TYR C 248 32.31 57.74 -19.26
C TYR C 248 33.61 58.53 -19.22
N PHE C 249 34.57 58.10 -20.00
CA PHE C 249 35.85 58.77 -20.06
C PHE C 249 35.81 59.98 -20.97
N CYS C 250 34.92 59.97 -21.97
CA CYS C 250 34.88 61.04 -22.95
C CYS C 250 34.56 62.39 -22.31
N CYS C 251 33.35 62.52 -21.78
CA CYS C 251 32.92 63.82 -21.30
C CYS C 251 33.43 64.05 -19.89
N GLY C 252 33.47 65.33 -19.51
CA GLY C 252 33.96 65.77 -18.22
C GLY C 252 35.30 66.51 -18.26
N LEU C 253 35.96 66.56 -19.42
CA LEU C 253 37.21 67.29 -19.58
C LEU C 253 37.01 68.63 -20.26
N GLU C 254 35.77 69.08 -20.43
CA GLU C 254 35.49 70.28 -21.20
C GLU C 254 36.17 71.51 -20.61
N ASP C 255 36.31 71.57 -19.29
CA ASP C 255 36.97 72.71 -18.66
C ASP C 255 38.44 72.79 -19.08
N GLY C 256 39.09 71.64 -19.26
CA GLY C 256 40.51 71.59 -19.53
C GLY C 256 41.28 70.77 -18.51
N THR C 257 40.58 70.11 -17.59
CA THR C 257 41.25 69.24 -16.63
C THR C 257 41.98 68.14 -17.37
N SER C 258 43.26 67.95 -17.02
CA SER C 258 44.04 66.91 -17.67
C SER C 258 43.62 65.53 -17.16
N PRO C 259 43.64 64.51 -18.01
CA PRO C 259 43.27 63.17 -17.52
C PRO C 259 44.45 62.47 -16.85
N ASP C 260 44.69 62.81 -15.59
CA ASP C 260 45.67 62.08 -14.81
C ASP C 260 45.06 60.79 -14.29
N THR C 261 45.90 59.98 -13.65
CA THR C 261 45.41 58.75 -13.04
C THR C 261 44.41 59.05 -11.94
N GLN C 262 44.58 60.17 -11.24
CA GLN C 262 43.63 60.53 -10.19
C GLN C 262 42.26 60.80 -10.78
N TRP C 263 42.20 61.49 -11.92
CA TRP C 263 40.92 61.80 -12.53
C TRP C 263 40.16 60.53 -12.86
N LEU C 264 40.87 59.54 -13.40
CA LEU C 264 40.25 58.26 -13.69
C LEU C 264 39.81 57.58 -12.40
N ASN C 265 40.65 57.64 -11.37
CA ASN C 265 40.30 56.99 -10.11
C ASN C 265 39.04 57.58 -9.50
N GLU C 266 38.79 58.87 -9.73
CA GLU C 266 37.59 59.49 -9.19
C GLU C 266 36.34 58.94 -9.87
N ILE C 267 36.35 58.87 -11.20
CA ILE C 267 35.16 58.44 -11.93
C ILE C 267 34.85 56.98 -11.65
N VAL C 268 35.88 56.15 -11.55
CA VAL C 268 35.67 54.72 -11.33
C VAL C 268 34.89 54.50 -10.05
N MET C 269 35.28 55.21 -9.00
CA MET C 269 34.58 55.09 -7.74
C MET C 269 33.14 55.56 -7.87
N THR C 270 32.93 56.62 -8.65
CA THR C 270 31.61 57.26 -8.67
C THR C 270 30.64 56.55 -9.60
N ASP C 271 31.12 56.03 -10.74
CA ASP C 271 30.24 55.46 -11.77
C ASP C 271 30.41 53.96 -11.95
N ILE C 272 31.61 53.54 -12.33
CA ILE C 272 31.79 52.16 -12.78
C ILE C 272 31.79 51.21 -11.59
N ALA C 273 32.24 51.69 -10.44
CA ALA C 273 32.31 50.83 -9.27
C ALA C 273 30.95 50.26 -8.90
N PRO C 274 29.90 51.05 -8.68
CA PRO C 274 28.59 50.44 -8.41
C PRO C 274 28.08 49.64 -9.58
N LEU C 275 28.43 50.05 -10.79
CA LEU C 275 28.09 49.27 -11.98
C LEU C 275 28.75 47.91 -11.90
N LEU C 276 30.01 47.89 -11.47
CA LEU C 276 30.71 46.63 -11.31
C LEU C 276 30.07 45.79 -10.23
N GLU C 277 29.60 46.44 -9.17
CA GLU C 277 28.93 45.72 -8.09
C GLU C 277 27.69 45.02 -8.60
N GLU C 278 26.95 45.70 -9.48
CA GLU C 278 25.75 45.10 -10.04
C GLU C 278 26.08 43.96 -10.98
N TYR C 279 27.11 44.14 -11.81
CA TYR C 279 27.49 43.08 -12.74
C TYR C 279 27.90 41.82 -12.00
N PHE C 280 28.53 41.97 -10.84
CA PHE C 280 28.94 40.83 -10.02
C PHE C 280 28.20 40.95 -8.70
N PHE C 281 26.96 40.49 -8.69
CA PHE C 281 26.22 40.47 -7.44
C PHE C 281 26.81 39.43 -6.50
N ASP C 282 27.15 38.26 -7.04
CA ASP C 282 27.61 37.14 -6.22
C ASP C 282 29.07 37.28 -5.82
N ASP C 283 29.91 37.84 -6.71
CA ASP C 283 31.35 37.85 -6.52
C ASP C 283 31.83 39.19 -5.96
N PRO C 284 32.21 39.30 -4.68
CA PRO C 284 32.79 40.56 -4.22
C PRO C 284 34.25 40.67 -4.61
N TYR C 285 34.94 39.52 -4.59
CA TYR C 285 36.35 39.50 -4.97
C TYR C 285 36.54 39.94 -6.42
N LYS C 286 35.65 39.47 -7.30
CA LYS C 286 35.76 39.84 -8.70
C LYS C 286 35.58 41.34 -8.87
N GLN C 287 34.71 41.94 -8.06
CA GLN C 287 34.62 43.39 -8.01
C GLN C 287 35.94 43.97 -7.54
N GLN C 288 36.44 43.42 -6.44
CA GLN C 288 37.70 43.90 -5.87
C GLN C 288 38.84 43.66 -6.83
N LYS C 289 38.80 42.54 -7.55
CA LYS C 289 39.88 42.20 -8.47
C LYS C 289 40.05 43.26 -9.53
N TRP C 290 38.98 43.52 -10.27
CA TRP C 290 39.10 44.39 -11.43
C TRP C 290 39.25 45.83 -11.01
N THR C 291 38.55 46.24 -9.96
CA THR C 291 38.67 47.61 -9.47
C THR C 291 40.10 47.91 -9.06
N ASN C 292 40.69 47.02 -8.29
CA ASN C 292 42.07 47.20 -7.87
C ASN C 292 43.01 47.07 -9.07
N LYS C 293 42.64 46.26 -10.05
CA LYS C 293 43.46 46.10 -11.24
C LYS C 293 43.64 47.41 -11.97
N LEU C 294 42.58 48.23 -12.01
CA LEU C 294 42.64 49.49 -12.74
C LEU C 294 43.62 50.45 -12.09
N LEU C 295 43.57 50.53 -10.77
CA LEU C 295 44.34 51.53 -10.04
C LEU C 295 45.84 51.28 -10.12
N GLY C 296 46.25 50.01 -10.18
CA GLY C 296 47.67 49.66 -10.28
C GLY C 296 48.01 48.98 -11.59
N LEU D 13 25.39 74.01 6.40
CA LEU D 13 26.80 73.72 6.57
C LEU D 13 27.21 73.59 8.03
N ASN D 14 26.25 73.73 8.94
CA ASN D 14 26.49 73.73 10.37
C ASN D 14 25.86 72.55 11.07
N ASP D 15 24.58 72.29 10.79
CA ASP D 15 23.81 71.24 11.43
C ASP D 15 23.87 69.91 10.69
N LEU D 16 24.64 69.82 9.61
CA LEU D 16 24.75 68.60 8.83
C LEU D 16 25.61 67.56 9.52
N PHE D 17 25.12 66.33 9.57
CA PHE D 17 25.85 65.22 10.19
C PHE D 17 26.68 64.41 9.20
N ILE D 18 26.77 64.83 7.93
CA ILE D 18 27.47 64.08 6.90
C ILE D 18 28.82 64.75 6.66
N PRO D 19 29.88 64.03 6.25
CA PRO D 19 31.20 64.67 6.14
C PRO D 19 31.23 65.83 5.16
N GLU D 20 32.11 66.78 5.47
CA GLU D 20 32.29 67.95 4.62
C GLU D 20 32.88 67.57 3.27
N THR D 21 33.68 66.50 3.23
CA THR D 21 34.25 66.06 1.97
C THR D 21 33.15 65.52 1.07
N THR D 22 32.21 64.78 1.64
CA THR D 22 31.16 64.13 0.86
C THR D 22 30.30 65.17 0.15
N ILE D 23 29.92 66.23 0.85
CA ILE D 23 29.16 67.30 0.21
C ILE D 23 30.00 68.03 -0.81
N GLU D 24 31.30 68.15 -0.56
CA GLU D 24 32.17 68.80 -1.54
C GLU D 24 32.25 67.99 -2.83
N THR D 25 32.24 66.66 -2.70
CA THR D 25 32.18 65.80 -3.88
C THR D 25 30.94 66.09 -4.68
N ILE D 26 29.82 66.23 -3.99
CA ILE D 26 28.52 66.29 -4.65
C ILE D 26 28.42 67.56 -5.49
N LEU D 27 28.81 68.69 -4.91
CA LEU D 27 28.66 69.96 -5.62
C LEU D 27 29.50 69.99 -6.87
N LYS D 28 30.68 69.40 -6.81
CA LYS D 28 31.52 69.30 -8.00
C LYS D 28 30.92 68.32 -8.99
N ARG D 29 30.42 67.19 -8.48
CA ARG D 29 29.78 66.21 -9.33
C ARG D 29 28.50 66.76 -9.94
N LEU D 30 27.70 67.44 -9.13
CA LEU D 30 26.40 67.91 -9.57
C LEU D 30 26.53 68.97 -10.64
N THR D 31 27.36 69.98 -10.41
CA THR D 31 27.46 71.07 -11.35
C THR D 31 27.98 70.58 -12.68
N ILE D 32 28.92 69.65 -12.64
CA ILE D 32 29.47 69.08 -13.86
C ILE D 32 28.46 68.16 -14.51
N LYS D 33 28.08 67.09 -13.79
CA LYS D 33 27.30 66.04 -14.40
C LYS D 33 25.83 66.40 -14.54
N LYS D 34 25.30 67.21 -13.62
CA LYS D 34 23.93 67.73 -13.60
C LYS D 34 22.90 66.68 -13.20
N ASN D 35 23.30 65.43 -12.98
CA ASN D 35 22.38 64.39 -12.57
C ASN D 35 23.06 63.49 -11.56
N ILE D 36 22.29 63.09 -10.55
CA ILE D 36 22.79 62.28 -9.45
C ILE D 36 21.68 61.43 -8.88
N ILE D 37 22.09 60.36 -8.22
CA ILE D 37 21.19 59.53 -7.44
C ILE D 37 21.78 59.42 -6.05
N LEU D 38 21.03 59.87 -5.07
CA LEU D 38 21.43 59.83 -3.67
C LEU D 38 20.71 58.68 -3.02
N GLN D 39 21.45 57.61 -2.77
CA GLN D 39 20.89 56.35 -2.32
C GLN D 39 21.34 56.06 -0.91
N GLY D 40 20.39 55.77 -0.03
CA GLY D 40 20.71 55.34 1.30
C GLY D 40 19.49 54.87 2.07
N PRO D 41 19.71 54.31 3.25
CA PRO D 41 18.59 53.84 4.06
C PRO D 41 17.72 54.99 4.52
N PRO D 42 16.51 54.69 4.98
CA PRO D 42 15.67 55.75 5.56
C PRO D 42 16.25 56.25 6.86
N GLY D 43 16.05 57.55 7.10
CA GLY D 43 16.52 58.15 8.33
C GLY D 43 17.90 58.74 8.23
N VAL D 44 18.38 59.00 7.03
CA VAL D 44 19.67 59.63 6.81
C VAL D 44 19.54 61.08 6.35
N GLY D 45 18.33 61.62 6.36
CA GLY D 45 18.12 63.01 5.99
C GLY D 45 18.34 63.29 4.52
N LYS D 46 17.93 62.37 3.64
CA LYS D 46 18.06 62.60 2.22
C LYS D 46 17.30 63.84 1.81
N THR D 47 16.11 64.02 2.38
CA THR D 47 15.29 65.16 2.03
C THR D 47 15.95 66.45 2.52
N PHE D 48 16.41 66.44 3.76
CA PHE D 48 17.02 67.63 4.34
C PHE D 48 18.35 67.94 3.69
N VAL D 49 19.10 66.90 3.32
CA VAL D 49 20.40 67.12 2.69
C VAL D 49 20.23 67.88 1.38
N ALA D 50 19.37 67.37 0.51
CA ALA D 50 19.19 68.00 -0.78
C ALA D 50 18.60 69.39 -0.64
N ARG D 51 17.64 69.54 0.27
CA ARG D 51 17.02 70.84 0.47
C ARG D 51 18.02 71.83 1.01
N ARG D 52 18.84 71.41 1.98
CA ARG D 52 19.94 72.25 2.43
C ARG D 52 20.87 72.54 1.27
N LEU D 53 21.23 71.49 0.54
CA LEU D 53 22.20 71.61 -0.54
C LEU D 53 21.67 72.47 -1.66
N ALA D 54 20.38 72.34 -1.98
CA ALA D 54 19.80 73.07 -3.09
C ALA D 54 19.95 74.57 -2.92
N TYR D 55 19.78 75.05 -1.70
CA TYR D 55 19.90 76.48 -1.45
C TYR D 55 21.34 76.94 -1.59
N LEU D 56 22.29 76.05 -1.32
CA LEU D 56 23.69 76.39 -1.55
C LEU D 56 23.96 76.68 -3.02
N LEU D 57 23.48 75.79 -3.89
CA LEU D 57 23.79 75.93 -5.31
C LEU D 57 23.17 77.19 -5.88
N THR D 58 21.92 77.47 -5.50
CA THR D 58 21.34 78.77 -5.83
C THR D 58 22.09 79.89 -5.10
N GLY D 59 22.56 79.62 -3.89
CA GLY D 59 23.20 80.61 -3.07
C GLY D 59 22.23 81.40 -2.22
N GLU D 60 20.93 81.29 -2.48
CA GLU D 60 19.89 82.01 -1.76
C GLU D 60 18.82 81.03 -1.35
N LYS D 61 18.14 81.34 -0.26
CA LYS D 61 17.07 80.50 0.26
C LYS D 61 15.80 80.81 -0.52
N ALA D 62 15.72 80.23 -1.71
CA ALA D 62 14.59 80.41 -2.62
C ALA D 62 13.81 79.10 -2.71
N PRO D 63 12.60 79.00 -2.15
CA PRO D 63 11.85 77.74 -2.28
C PRO D 63 11.05 77.62 -3.57
N GLN D 64 10.70 78.74 -4.21
CA GLN D 64 9.87 78.67 -5.41
C GLN D 64 10.61 77.96 -6.53
N ARG D 65 11.92 78.15 -6.61
CA ARG D 65 12.70 77.45 -7.63
C ARG D 65 12.67 75.96 -7.37
N VAL D 66 12.69 75.56 -6.12
CA VAL D 66 12.82 74.17 -5.72
C VAL D 66 11.43 73.53 -5.67
N ASN D 67 11.30 72.38 -6.32
CA ASN D 67 10.09 71.59 -6.26
C ASN D 67 10.47 70.15 -6.00
N MET D 68 9.70 69.50 -5.14
CA MET D 68 9.93 68.14 -4.72
C MET D 68 8.68 67.31 -5.00
N VAL D 69 8.90 66.06 -5.40
CA VAL D 69 7.83 65.09 -5.54
C VAL D 69 8.33 63.76 -5.03
N GLN D 70 7.37 62.90 -4.68
CA GLN D 70 7.65 61.57 -4.17
C GLN D 70 6.93 60.61 -5.10
N PHE D 71 7.70 59.97 -5.98
CA PHE D 71 7.15 59.01 -6.92
C PHE D 71 6.54 57.82 -6.22
N HIS D 72 5.70 57.11 -6.98
CA HIS D 72 4.98 55.95 -6.50
C HIS D 72 4.56 55.16 -7.72
N GLN D 73 4.34 53.86 -7.51
CA GLN D 73 4.17 52.92 -8.61
C GLN D 73 3.11 53.39 -9.61
N SER D 74 2.07 54.06 -9.12
CA SER D 74 1.03 54.54 -10.00
C SER D 74 1.38 55.86 -10.67
N TYR D 75 2.46 56.50 -10.28
CA TYR D 75 2.86 57.72 -10.94
C TYR D 75 3.17 57.42 -12.40
N SER D 76 2.81 58.34 -13.27
CA SER D 76 2.89 58.08 -14.70
C SER D 76 3.31 59.30 -15.48
N TYR D 77 3.69 59.02 -16.72
CA TYR D 77 4.07 60.01 -17.71
C TYR D 77 2.96 61.05 -17.89
N GLU D 78 1.72 60.64 -17.62
CA GLU D 78 0.59 61.57 -17.62
C GLU D 78 0.81 62.68 -16.61
N ASP D 79 1.34 62.32 -15.45
CA ASP D 79 1.50 63.27 -14.35
C ASP D 79 2.73 64.14 -14.54
N PHE D 80 3.85 63.52 -14.89
CA PHE D 80 5.12 64.22 -14.87
C PHE D 80 5.20 65.29 -15.94
N ILE D 81 5.08 64.90 -17.20
CA ILE D 81 5.41 65.76 -18.32
C ILE D 81 4.19 66.33 -19.01
N GLN D 82 3.46 65.46 -19.70
CA GLN D 82 2.28 65.83 -20.46
C GLN D 82 1.19 64.83 -20.16
N GLY D 83 0.00 65.13 -20.64
CA GLY D 83 -1.12 64.23 -20.49
C GLY D 83 -2.41 64.89 -20.92
N TYR D 84 -3.37 64.08 -21.33
CA TYR D 84 -4.70 64.57 -21.68
C TYR D 84 -5.57 64.37 -20.46
N ARG D 85 -6.13 65.46 -19.95
CA ARG D 85 -6.88 65.41 -18.71
C ARG D 85 -8.01 66.43 -18.77
N PRO D 86 -9.04 66.26 -17.94
CA PRO D 86 -10.26 67.02 -18.15
C PRO D 86 -10.24 68.40 -17.53
N ASN D 87 -10.72 69.38 -18.31
CA ASN D 87 -11.12 70.66 -17.78
C ASN D 87 -12.61 70.57 -17.46
N GLY D 88 -13.20 71.68 -17.05
CA GLY D 88 -14.63 71.69 -16.79
C GLY D 88 -15.44 71.39 -18.03
N VAL D 89 -14.98 71.90 -19.18
CA VAL D 89 -15.74 71.74 -20.42
C VAL D 89 -15.55 70.33 -20.96
N GLY D 90 -14.34 69.80 -20.84
CA GLY D 90 -14.00 68.54 -21.48
C GLY D 90 -12.53 68.25 -21.32
N PHE D 91 -12.01 67.44 -22.22
CA PHE D 91 -10.61 67.05 -22.16
C PHE D 91 -9.72 67.98 -22.98
N ARG D 92 -8.50 68.15 -22.49
CA ARG D 92 -7.49 68.98 -23.10
C ARG D 92 -6.14 68.39 -22.72
N ARG D 93 -5.09 68.90 -23.37
CA ARG D 93 -3.75 68.45 -23.08
C ARG D 93 -3.17 69.28 -21.95
N LYS D 94 -2.82 68.61 -20.86
CA LYS D 94 -2.42 69.25 -19.62
C LYS D 94 -0.94 69.01 -19.40
N ASP D 95 -0.18 70.09 -19.34
CA ASP D 95 1.26 70.00 -19.12
C ASP D 95 1.54 69.60 -17.70
N GLY D 96 2.21 68.48 -17.52
CA GLY D 96 2.62 68.05 -16.21
C GLY D 96 3.65 69.00 -15.63
N ILE D 97 3.98 68.76 -14.36
CA ILE D 97 4.79 69.69 -13.58
C ILE D 97 6.13 69.95 -14.24
N PHE D 98 6.79 68.89 -14.70
CA PHE D 98 8.15 69.03 -15.21
C PHE D 98 8.18 69.88 -16.47
N TYR D 99 7.21 69.68 -17.36
CA TYR D 99 7.04 70.60 -18.48
C TYR D 99 6.73 71.99 -17.97
N ASN D 100 5.92 72.08 -16.94
CA ASN D 100 5.59 73.37 -16.35
C ASN D 100 6.80 73.96 -15.65
N PHE D 101 7.57 73.11 -14.99
CA PHE D 101 8.71 73.57 -14.21
C PHE D 101 9.85 73.99 -15.10
N CYS D 102 10.15 73.17 -16.11
CA CYS D 102 11.24 73.48 -17.00
C CYS D 102 10.99 74.76 -17.79
N GLN D 103 9.73 74.99 -18.17
CA GLN D 103 9.39 76.26 -18.80
C GLN D 103 9.63 77.43 -17.86
N GLN D 104 9.30 77.24 -16.58
CA GLN D 104 9.50 78.31 -15.61
C GLN D 104 10.98 78.64 -15.45
N ALA D 105 11.82 77.61 -15.38
CA ALA D 105 13.25 77.83 -15.31
C ALA D 105 13.79 78.33 -16.63
N LYS D 106 13.23 77.86 -17.74
CA LYS D 106 13.61 78.36 -19.06
C LYS D 106 13.34 79.85 -19.18
N GLU D 107 12.34 80.34 -18.44
CA GLU D 107 12.02 81.76 -18.45
C GLU D 107 13.19 82.57 -17.93
N GLN D 108 13.90 82.05 -16.93
CA GLN D 108 15.04 82.72 -16.31
C GLN D 108 16.27 81.83 -16.48
N PRO D 109 17.08 82.03 -17.53
CA PRO D 109 18.17 81.09 -17.75
C PRO D 109 19.26 81.16 -16.71
N GLU D 110 19.50 82.36 -16.16
CA GLU D 110 20.68 82.61 -15.35
C GLU D 110 20.66 81.78 -14.07
N LYS D 111 19.53 81.80 -13.37
CA LYS D 111 19.45 81.12 -12.09
C LYS D 111 19.28 79.63 -12.27
N LYS D 112 19.64 78.90 -11.23
CA LYS D 112 19.68 77.45 -11.24
C LYS D 112 18.41 76.93 -10.59
N TYR D 113 17.63 76.16 -11.33
CA TYR D 113 16.36 75.62 -10.87
C TYR D 113 16.51 74.11 -10.67
N ILE D 114 15.86 73.61 -9.61
CA ILE D 114 16.10 72.26 -9.13
C ILE D 114 14.81 71.47 -9.06
N PHE D 115 14.92 70.18 -9.34
CA PHE D 115 13.80 69.25 -9.31
C PHE D 115 14.20 68.03 -8.50
N ILE D 116 13.42 67.74 -7.46
CA ILE D 116 13.73 66.71 -6.49
C ILE D 116 12.69 65.60 -6.59
N ILE D 117 13.16 64.36 -6.67
CA ILE D 117 12.29 63.19 -6.84
C ILE D 117 12.58 62.20 -5.73
N ASP D 118 11.63 62.07 -4.81
CA ASP D 118 11.72 61.14 -3.69
C ASP D 118 11.06 59.81 -4.01
N GLU D 119 11.51 58.77 -3.32
CA GLU D 119 11.00 57.40 -3.48
C GLU D 119 11.01 57.02 -4.95
N ILE D 120 12.08 57.42 -5.62
CA ILE D 120 12.21 57.26 -7.06
C ILE D 120 12.17 55.79 -7.45
N ASN D 121 12.64 54.91 -6.57
CA ASN D 121 12.74 53.49 -6.90
C ASN D 121 11.38 52.90 -7.20
N ARG D 122 10.31 53.45 -6.62
CA ARG D 122 9.00 52.83 -6.74
C ARG D 122 8.53 52.79 -8.18
N ALA D 123 8.60 53.92 -8.87
CA ALA D 123 8.05 53.99 -10.21
C ALA D 123 8.99 53.37 -11.23
N ASN D 124 8.40 53.00 -12.38
CA ASN D 124 9.21 52.48 -13.48
C ASN D 124 9.82 53.70 -14.12
N LEU D 125 11.03 54.00 -13.67
CA LEU D 125 11.67 55.27 -13.97
C LEU D 125 11.75 55.53 -15.47
N SER D 126 12.01 54.48 -16.24
CA SER D 126 12.00 54.61 -17.70
C SER D 126 10.66 55.12 -18.19
N LYS D 127 9.58 54.55 -17.66
CA LYS D 127 8.24 54.92 -18.10
C LYS D 127 7.98 56.38 -17.83
N VAL D 128 8.31 56.85 -16.64
CA VAL D 128 7.98 58.22 -16.24
C VAL D 128 8.73 59.20 -17.13
N PHE D 129 10.05 59.07 -17.17
CA PHE D 129 10.87 60.05 -17.88
C PHE D 129 10.55 60.06 -19.36
N GLY D 130 10.48 58.88 -19.96
CA GLY D 130 10.17 58.78 -21.37
C GLY D 130 11.18 59.51 -22.23
N GLU D 131 10.72 60.60 -22.86
CA GLU D 131 11.57 61.31 -23.81
C GLU D 131 12.81 61.86 -23.13
N VAL D 132 12.67 62.37 -21.91
CA VAL D 132 13.76 63.08 -21.25
C VAL D 132 14.84 62.15 -20.74
N MET D 133 14.58 60.84 -20.77
CA MET D 133 15.59 59.89 -20.37
C MET D 133 16.83 59.98 -21.24
N MET D 134 16.68 60.45 -22.46
CA MET D 134 17.78 60.80 -23.32
C MET D 134 18.19 62.25 -23.12
N LEU D 135 17.19 63.13 -23.02
CA LEU D 135 17.45 64.57 -23.05
C LEU D 135 18.14 65.04 -21.79
N MET D 136 17.91 64.37 -20.66
CA MET D 136 18.38 64.86 -19.38
C MET D 136 19.90 64.97 -19.28
N GLU D 137 20.64 64.23 -20.09
CA GLU D 137 22.09 64.31 -20.02
C GLU D 137 22.58 65.69 -20.38
N HIS D 138 23.67 66.10 -19.72
CA HIS D 138 24.12 67.48 -19.73
C HIS D 138 24.46 67.95 -21.14
N ASP D 139 25.09 67.10 -21.93
CA ASP D 139 25.46 67.52 -23.29
C ASP D 139 24.22 67.70 -24.16
N LYS D 140 23.22 66.83 -24.00
CA LYS D 140 22.03 66.88 -24.85
C LYS D 140 20.96 67.76 -24.21
N ARG D 141 21.36 68.99 -23.93
CA ARG D 141 20.47 70.01 -23.41
C ARG D 141 20.55 71.23 -24.29
N GLY D 142 19.44 71.56 -24.92
CA GLY D 142 19.37 72.72 -25.78
C GLY D 142 18.40 72.50 -26.91
N GLU D 143 18.19 73.57 -27.67
CA GLU D 143 17.22 73.55 -28.76
C GLU D 143 17.62 72.54 -29.82
N ASN D 144 18.93 72.29 -29.98
CA ASN D 144 19.37 71.32 -30.97
C ASN D 144 18.84 69.94 -30.61
N TRP D 145 18.76 69.65 -29.33
CA TRP D 145 18.34 68.36 -28.85
C TRP D 145 16.83 68.28 -28.59
N SER D 146 16.10 69.33 -28.95
CA SER D 146 14.66 69.32 -28.73
C SER D 146 14.02 68.24 -29.59
N VAL D 147 12.93 67.69 -29.08
CA VAL D 147 12.18 66.67 -29.81
C VAL D 147 10.69 66.99 -29.68
N PRO D 148 9.86 66.65 -30.66
CA PRO D 148 8.43 66.74 -30.43
C PRO D 148 8.01 65.65 -29.46
N LEU D 149 7.09 66.00 -28.58
CA LEU D 149 6.70 65.09 -27.52
C LEU D 149 5.77 64.02 -28.04
N THR D 150 5.48 63.05 -27.17
CA THR D 150 4.59 61.97 -27.56
C THR D 150 3.23 62.52 -27.95
N TYR D 151 2.67 63.33 -27.08
CA TYR D 151 1.34 63.89 -27.26
C TYR D 151 1.37 65.23 -27.95
N SER D 152 2.52 65.64 -28.47
CA SER D 152 2.59 66.93 -29.16
C SER D 152 1.77 66.86 -30.43
N GLU D 153 0.88 67.85 -30.60
CA GLU D 153 0.00 67.87 -31.76
C GLU D 153 0.79 68.01 -33.04
N ASN D 154 1.89 68.76 -32.99
CA ASN D 154 2.67 69.12 -34.16
C ASN D 154 4.12 68.67 -34.00
N ASP D 155 4.72 68.25 -35.12
CA ASP D 155 6.11 67.84 -35.08
C ASP D 155 7.04 68.99 -34.76
N GLU D 156 6.69 70.20 -35.17
CA GLU D 156 7.58 71.34 -35.00
C GLU D 156 7.70 71.73 -33.53
N GLU D 157 6.62 71.59 -32.76
CA GLU D 157 6.66 71.97 -31.35
C GLU D 157 7.43 70.91 -30.58
N ARG D 158 8.47 71.33 -29.87
CA ARG D 158 9.39 70.43 -29.19
C ARG D 158 9.68 70.92 -27.79
N PHE D 159 10.33 70.03 -27.04
CA PHE D 159 10.69 70.25 -25.65
C PHE D 159 12.16 69.94 -25.49
N TYR D 160 12.90 70.86 -24.85
CA TYR D 160 14.32 70.64 -24.59
C TYR D 160 14.64 71.09 -23.18
N VAL D 161 15.45 70.30 -22.50
CA VAL D 161 15.86 70.65 -21.14
C VAL D 161 16.77 71.87 -21.21
N PRO D 162 16.58 72.89 -20.37
CA PRO D 162 17.58 73.96 -20.30
C PRO D 162 18.80 73.55 -19.47
N GLU D 163 19.90 74.26 -19.72
CA GLU D 163 21.15 73.93 -19.04
C GLU D 163 21.09 74.24 -17.55
N ASN D 164 20.30 75.24 -17.14
CA ASN D 164 20.31 75.64 -15.74
C ASN D 164 19.73 74.54 -14.85
N VAL D 165 18.81 73.74 -15.40
CA VAL D 165 18.17 72.70 -14.61
C VAL D 165 19.20 71.73 -14.08
N TYR D 166 19.07 71.36 -12.81
CA TYR D 166 19.84 70.30 -12.20
C TYR D 166 18.88 69.38 -11.47
N ILE D 167 19.17 68.08 -11.51
CA ILE D 167 18.24 67.05 -11.06
C ILE D 167 18.84 66.25 -9.92
N ILE D 168 18.02 65.98 -8.90
CA ILE D 168 18.42 65.23 -7.72
C ILE D 168 17.46 64.06 -7.54
N GLY D 169 18.02 62.87 -7.33
CA GLY D 169 17.23 61.68 -7.07
C GLY D 169 17.51 61.07 -5.71
N LEU D 170 16.45 60.83 -4.94
CA LEU D 170 16.57 60.27 -3.59
C LEU D 170 16.03 58.86 -3.59
N MET D 171 16.85 57.91 -3.15
CA MET D 171 16.58 56.50 -3.29
C MET D 171 16.69 55.78 -1.96
N ASN D 172 15.67 54.99 -1.64
CA ASN D 172 15.72 54.08 -0.50
C ASN D 172 16.35 52.79 -1.00
N THR D 173 17.44 52.39 -0.36
CA THR D 173 18.19 51.21 -0.75
C THR D 173 17.73 49.93 -0.08
N ALA D 174 16.71 49.99 0.76
CA ALA D 174 16.30 48.84 1.53
C ALA D 174 15.16 48.05 0.89
N ASP D 175 14.62 48.54 -0.24
CA ASP D 175 13.55 47.84 -0.96
C ASP D 175 14.01 47.67 -2.39
N ARG D 176 14.80 46.64 -2.62
CA ARG D 176 15.17 46.24 -3.96
C ARG D 176 14.04 45.46 -4.60
N SER D 177 13.74 45.81 -5.84
CA SER D 177 12.73 45.13 -6.63
C SER D 177 13.46 44.45 -7.78
N LEU D 178 13.43 43.13 -7.77
CA LEU D 178 14.10 42.35 -8.80
C LEU D 178 13.17 42.19 -10.00
N ALA D 179 12.82 43.34 -10.55
CA ALA D 179 11.87 43.46 -11.65
C ALA D 179 12.53 44.09 -12.86
N VAL D 180 13.16 45.25 -12.68
CA VAL D 180 13.75 46.01 -13.77
C VAL D 180 15.08 46.55 -13.29
N VAL D 181 16.13 46.26 -14.04
CA VAL D 181 17.42 46.90 -13.87
C VAL D 181 17.70 47.69 -15.14
N ASP D 182 18.03 48.96 -14.97
CA ASP D 182 18.45 49.81 -16.07
C ASP D 182 19.85 50.29 -15.75
N TYR D 183 20.79 49.85 -16.57
CA TYR D 183 22.15 50.34 -16.51
C TYR D 183 22.36 51.54 -17.42
N ALA D 184 21.37 51.89 -18.25
CA ALA D 184 21.49 53.06 -19.10
C ALA D 184 21.20 54.31 -18.32
N LEU D 185 20.16 54.26 -17.50
CA LEU D 185 19.88 55.36 -16.60
C LEU D 185 21.05 55.59 -15.66
N ARG D 186 21.70 54.50 -15.25
CA ARG D 186 22.90 54.60 -14.43
C ARG D 186 23.98 55.42 -15.14
N ARG D 187 23.96 55.43 -16.47
CA ARG D 187 24.89 56.27 -17.21
C ARG D 187 24.51 57.74 -17.05
N ARG D 188 23.22 58.02 -16.98
CA ARG D 188 22.79 59.40 -16.80
C ARG D 188 23.09 59.91 -15.41
N PHE D 189 22.90 59.05 -14.41
CA PHE D 189 22.96 59.45 -13.01
C PHE D 189 24.27 59.01 -12.38
N SER D 190 24.89 59.92 -11.64
CA SER D 190 26.07 59.58 -10.85
C SER D 190 25.60 59.20 -9.44
N PHE D 191 25.84 57.95 -9.07
CA PHE D 191 25.29 57.39 -7.84
C PHE D 191 26.19 57.75 -6.67
N ILE D 192 25.58 58.28 -5.61
CA ILE D 192 26.31 58.70 -4.43
C ILE D 192 25.67 58.06 -3.22
N ASP D 193 26.44 57.25 -2.51
CA ASP D 193 25.96 56.62 -1.30
C ASP D 193 26.03 57.60 -0.13
N ILE D 194 25.18 57.36 0.86
CA ILE D 194 25.19 58.15 2.09
C ILE D 194 25.14 57.19 3.27
N GLU D 195 26.10 57.32 4.13
CA GLU D 195 26.20 56.56 5.36
C GLU D 195 25.42 57.27 6.46
N PRO D 196 24.97 56.56 7.50
CA PRO D 196 24.20 57.25 8.55
C PRO D 196 24.98 58.36 9.25
N GLY D 197 26.25 58.16 9.53
CA GLY D 197 27.06 59.20 10.14
C GLY D 197 27.02 59.21 11.66
N PHE D 198 26.78 58.08 12.30
CA PHE D 198 26.84 58.03 13.75
C PHE D 198 28.22 58.42 14.25
N ASP D 199 29.26 57.94 13.58
CA ASP D 199 30.63 58.20 14.01
C ASP D 199 30.97 59.68 13.94
N THR D 200 30.29 60.43 13.07
CA THR D 200 30.69 61.79 12.78
C THR D 200 30.57 62.65 14.04
N PRO D 201 31.49 63.59 14.27
CA PRO D 201 31.30 64.50 15.41
C PRO D 201 30.06 65.34 15.29
N GLN D 202 29.71 65.78 14.08
CA GLN D 202 28.58 66.70 13.91
C GLN D 202 27.30 66.09 14.46
N PHE D 203 27.14 64.78 14.30
CA PHE D 203 26.03 64.09 14.96
C PHE D 203 26.20 64.11 16.46
N ARG D 204 27.43 63.91 16.93
CA ARG D 204 27.70 63.90 18.36
C ARG D 204 27.63 65.31 18.95
N ASN D 205 28.17 66.28 18.22
CA ASN D 205 28.20 67.66 18.69
C ASN D 205 26.80 68.21 18.87
N PHE D 206 25.88 67.80 17.99
CA PHE D 206 24.48 68.19 18.11
C PHE D 206 23.92 67.75 19.45
N LEU D 207 24.21 66.51 19.85
CA LEU D 207 23.67 65.98 21.10
C LEU D 207 24.40 66.53 22.32
N LEU D 208 25.73 66.66 22.24
CA LEU D 208 26.47 67.20 23.37
C LEU D 208 26.17 68.68 23.58
N ASN D 209 25.75 69.36 22.51
CA ASN D 209 25.18 70.70 22.63
C ASN D 209 23.68 70.65 22.92
N LYS D 210 23.17 69.48 23.31
CA LYS D 210 21.80 69.29 23.76
C LYS D 210 21.80 68.62 25.15
N LYS D 211 22.90 68.78 25.89
CA LYS D 211 22.99 68.34 27.28
C LYS D 211 22.92 66.82 27.40
N ALA D 212 23.57 66.13 26.46
CA ALA D 212 23.77 64.70 26.57
C ALA D 212 24.99 64.39 27.42
N GLU D 213 25.05 63.17 27.94
CA GLU D 213 26.26 62.74 28.63
C GLU D 213 27.35 62.43 27.61
N PRO D 214 28.62 62.70 27.92
CA PRO D 214 29.67 62.34 26.95
C PRO D 214 29.72 60.86 26.65
N SER D 215 29.57 60.04 27.70
CA SER D 215 29.61 58.59 27.50
C SER D 215 28.37 58.11 26.77
N PHE D 216 27.23 58.73 27.05
CA PHE D 216 25.96 58.29 26.49
C PHE D 216 26.00 58.37 24.98
N VAL D 217 26.58 59.45 24.45
CA VAL D 217 26.81 59.56 23.01
C VAL D 217 27.80 58.50 22.55
N GLU D 218 28.90 58.37 23.28
CA GLU D 218 29.93 57.40 22.92
C GLU D 218 29.38 55.98 23.02
N SER D 219 28.51 55.74 23.99
CA SER D 219 27.93 54.42 24.16
C SER D 219 27.03 54.08 22.99
N LEU D 220 26.29 55.08 22.48
CA LEU D 220 25.35 54.84 21.40
C LEU D 220 26.06 54.42 20.12
N CYS D 221 27.14 55.14 19.78
CA CYS D 221 27.87 54.84 18.55
C CYS D 221 28.40 53.41 18.57
N GLN D 222 28.88 52.95 19.72
CA GLN D 222 29.29 51.57 19.84
C GLN D 222 28.12 50.64 19.62
N LYS D 223 26.96 50.99 20.21
CA LYS D 223 25.79 50.14 20.10
C LYS D 223 25.30 50.06 18.65
N MET D 224 25.20 51.21 17.98
CA MET D 224 24.67 51.22 16.63
C MET D 224 25.63 50.55 15.66
N ASN D 225 26.93 50.80 15.83
CA ASN D 225 27.91 50.26 14.90
C ASN D 225 27.92 48.74 14.90
N GLU D 226 27.86 48.15 16.09
CA GLU D 226 27.83 46.69 16.17
C GLU D 226 26.62 46.12 15.44
N LEU D 227 25.48 46.79 15.56
CA LEU D 227 24.29 46.37 14.82
C LEU D 227 24.45 46.64 13.33
N ASN D 228 24.93 47.82 12.98
CA ASN D 228 25.02 48.20 11.57
C ASN D 228 25.99 47.30 10.84
N GLN D 229 27.11 46.97 11.48
CA GLN D 229 28.12 46.11 10.86
C GLN D 229 27.57 44.72 10.60
N GLU D 230 26.74 44.22 11.51
CA GLU D 230 26.13 42.91 11.30
C GLU D 230 25.21 42.94 10.09
N ILE D 231 24.53 44.06 9.88
CA ILE D 231 23.62 44.19 8.74
C ILE D 231 24.40 44.09 7.44
N SER D 232 25.55 44.74 7.40
CA SER D 232 26.41 44.70 6.22
C SER D 232 27.23 43.42 6.15
N LYS D 233 27.08 42.52 7.12
CA LYS D 233 27.89 41.30 7.12
C LYS D 233 27.53 40.45 5.92
N GLU D 234 26.24 40.26 5.69
CA GLU D 234 25.73 39.41 4.61
C GLU D 234 25.27 40.33 3.49
N ALA D 235 26.18 40.61 2.55
CA ALA D 235 25.89 41.56 1.49
C ALA D 235 24.72 41.12 0.63
N THR D 236 24.53 39.80 0.49
CA THR D 236 23.49 39.27 -0.38
C THR D 236 22.12 39.62 0.16
N ILE D 237 21.89 39.34 1.43
CA ILE D 237 20.58 39.54 2.04
C ILE D 237 20.34 41.02 2.28
N LEU D 238 21.30 41.67 2.92
CA LEU D 238 21.22 43.06 3.34
C LEU D 238 22.52 43.73 2.97
N GLY D 239 22.58 45.04 3.14
CA GLY D 239 23.82 45.73 2.91
C GLY D 239 23.98 46.96 3.76
N LYS D 240 25.01 47.74 3.47
CA LYS D 240 25.14 49.06 4.08
C LYS D 240 23.96 49.94 3.72
N GLY D 241 23.33 49.68 2.58
CA GLY D 241 22.13 50.40 2.22
C GLY D 241 20.99 50.11 3.16
N PHE D 242 20.97 48.91 3.77
CA PHE D 242 19.90 48.54 4.67
C PHE D 242 20.06 49.13 6.06
N ARG D 243 21.30 49.30 6.52
CA ARG D 243 21.58 49.64 7.91
C ARG D 243 20.85 50.90 8.37
N ILE D 244 20.73 51.06 9.68
CA ILE D 244 19.82 52.06 10.24
C ILE D 244 20.39 53.45 10.08
N GLY D 245 19.50 54.41 9.79
CA GLY D 245 19.85 55.81 9.76
C GLY D 245 19.72 56.46 11.12
N HIS D 246 20.21 57.71 11.20
CA HIS D 246 20.28 58.42 12.46
C HIS D 246 19.10 59.34 12.73
N SER D 247 18.36 59.74 11.70
CA SER D 247 17.46 60.89 11.79
C SER D 247 16.41 60.74 12.87
N TYR D 248 16.07 59.51 13.24
CA TYR D 248 15.07 59.30 14.28
C TYR D 248 15.47 60.00 15.57
N PHE D 249 16.78 60.07 15.82
CA PHE D 249 17.27 60.69 17.04
C PHE D 249 17.14 62.21 17.00
N CYS D 250 17.24 62.79 15.80
CA CYS D 250 17.14 64.25 15.67
C CYS D 250 15.80 64.74 16.20
N CYS D 251 14.73 64.09 15.77
CA CYS D 251 13.40 64.52 16.13
C CYS D 251 13.05 64.13 17.56
N GLY D 252 12.24 64.97 18.20
CA GLY D 252 11.63 64.67 19.47
C GLY D 252 12.35 65.18 20.70
N LEU D 253 13.54 65.76 20.56
CA LEU D 253 14.27 66.31 21.70
C LEU D 253 14.37 67.83 21.66
N GLU D 254 13.82 68.48 20.63
CA GLU D 254 13.80 69.93 20.58
C GLU D 254 12.67 70.52 21.42
N ASP D 255 11.78 69.68 21.96
CA ASP D 255 10.78 70.16 22.89
C ASP D 255 11.44 70.73 24.15
N GLY D 256 12.56 70.13 24.57
CA GLY D 256 13.26 70.53 25.77
C GLY D 256 13.74 69.35 26.61
N THR D 257 13.39 68.13 26.21
CA THR D 257 13.83 66.93 26.91
C THR D 257 15.21 66.52 26.43
N SER D 258 16.20 66.66 27.29
CA SER D 258 17.54 66.25 26.92
C SER D 258 17.62 64.73 26.88
N PRO D 259 18.64 64.17 26.22
CA PRO D 259 18.73 62.71 26.10
C PRO D 259 18.83 62.00 27.43
N ASP D 260 18.27 60.79 27.45
CA ASP D 260 18.39 59.92 28.60
C ASP D 260 18.19 58.49 28.13
N THR D 261 18.59 57.54 28.98
CA THR D 261 18.46 56.13 28.63
C THR D 261 17.01 55.74 28.39
N GLN D 262 16.09 56.37 29.11
CA GLN D 262 14.68 56.10 28.89
C GLN D 262 14.26 56.52 27.50
N TRP D 263 14.73 57.68 27.05
CA TRP D 263 14.39 58.18 25.73
C TRP D 263 14.88 57.23 24.66
N LEU D 264 16.09 56.69 24.84
CA LEU D 264 16.59 55.67 23.94
C LEU D 264 15.66 54.47 23.93
N ASN D 265 15.21 54.05 25.10
CA ASN D 265 14.39 52.85 25.22
C ASN D 265 13.07 53.02 24.47
N GLU D 266 12.54 54.24 24.41
CA GLU D 266 11.32 54.49 23.67
C GLU D 266 11.50 54.24 22.18
N ILE D 267 12.57 54.81 21.61
CA ILE D 267 12.76 54.78 20.17
C ILE D 267 12.97 53.35 19.68
N VAL D 268 13.66 52.54 20.48
CA VAL D 268 13.95 51.17 20.09
C VAL D 268 12.66 50.41 19.85
N MET D 269 11.75 50.48 20.82
CA MET D 269 10.44 49.83 20.66
C MET D 269 9.58 50.58 19.65
N THR D 270 9.68 51.92 19.63
CA THR D 270 8.78 52.71 18.80
C THR D 270 9.05 52.48 17.31
N ASP D 271 10.31 52.62 16.91
CA ASP D 271 10.67 52.73 15.51
C ASP D 271 11.42 51.52 14.99
N ILE D 272 12.50 51.15 15.67
CA ILE D 272 13.44 50.19 15.11
C ILE D 272 12.85 48.78 15.13
N ALA D 273 12.04 48.47 16.13
CA ALA D 273 11.55 47.10 16.29
C ALA D 273 10.83 46.55 15.06
N PRO D 274 9.93 47.28 14.40
CA PRO D 274 9.38 46.76 13.14
C PRO D 274 10.45 46.56 12.08
N LEU D 275 11.39 47.50 12.00
CA LEU D 275 12.49 47.39 11.06
C LEU D 275 13.21 46.06 11.22
N LEU D 276 13.51 45.70 12.47
CA LEU D 276 14.12 44.41 12.75
C LEU D 276 13.30 43.27 12.19
N GLU D 277 11.99 43.31 12.46
CA GLU D 277 11.09 42.32 11.89
C GLU D 277 11.20 42.33 10.37
N GLU D 278 11.10 43.52 9.77
CA GLU D 278 11.28 43.66 8.34
C GLU D 278 12.62 43.07 7.91
N TYR D 279 13.69 43.45 8.60
CA TYR D 279 15.02 42.96 8.24
C TYR D 279 15.18 41.49 8.59
N PHE D 280 15.11 41.19 9.88
CA PHE D 280 15.33 39.84 10.39
C PHE D 280 13.97 39.16 10.53
N PHE D 281 13.36 38.94 9.39
CA PHE D 281 12.04 38.34 9.35
C PHE D 281 12.14 36.86 9.71
N ASP D 282 11.12 36.38 10.43
CA ASP D 282 11.06 35.01 10.92
C ASP D 282 12.32 34.61 11.68
N ASP D 283 12.79 35.53 12.55
CA ASP D 283 13.91 35.24 13.46
C ASP D 283 13.76 36.12 14.69
N PRO D 284 12.69 35.93 15.47
CA PRO D 284 12.45 36.79 16.65
C PRO D 284 13.61 36.88 17.61
N TYR D 285 14.30 35.75 17.85
CA TYR D 285 15.39 35.76 18.82
C TYR D 285 16.46 36.75 18.43
N LYS D 286 16.80 36.81 17.14
CA LYS D 286 17.79 37.79 16.69
C LYS D 286 17.26 39.19 16.90
N GLN D 287 15.96 39.39 16.72
CA GLN D 287 15.37 40.68 17.03
C GLN D 287 15.43 40.94 18.52
N GLN D 288 15.01 39.94 19.32
CA GLN D 288 15.04 40.08 20.76
C GLN D 288 16.47 40.26 21.24
N LYS D 289 17.40 39.53 20.64
CA LYS D 289 18.79 39.64 21.01
C LYS D 289 19.30 41.04 20.74
N TRP D 290 19.16 41.49 19.49
CA TRP D 290 19.69 42.78 19.11
C TRP D 290 18.91 43.91 19.77
N THR D 291 17.61 43.73 19.95
CA THR D 291 16.84 44.69 20.73
C THR D 291 17.37 44.79 22.14
N ASN D 292 17.51 43.65 22.81
CA ASN D 292 17.93 43.65 24.21
C ASN D 292 19.36 44.12 24.34
N LYS D 293 20.19 43.88 23.33
CA LYS D 293 21.56 44.33 23.35
C LYS D 293 21.63 45.84 23.54
N LEU D 294 20.76 46.57 22.84
CA LEU D 294 20.79 48.03 22.92
C LEU D 294 20.33 48.52 24.28
N LEU D 295 19.32 47.86 24.85
CA LEU D 295 18.73 48.32 26.10
C LEU D 295 19.71 48.23 27.26
N GLY D 296 20.48 47.15 27.32
CA GLY D 296 21.44 46.93 28.39
C GLY D 296 22.43 48.06 28.57
N ALA E 12 -14.01 58.48 30.70
CA ALA E 12 -13.93 57.68 29.49
C ALA E 12 -12.86 56.61 29.62
N LEU E 13 -11.76 56.97 30.30
CA LEU E 13 -10.67 56.02 30.50
C LEU E 13 -11.18 54.80 31.23
N ASN E 14 -11.96 55.01 32.29
CA ASN E 14 -12.57 53.92 33.01
C ASN E 14 -13.54 53.13 32.12
N ASP E 15 -14.22 53.80 31.19
CA ASP E 15 -15.10 53.10 30.28
C ASP E 15 -14.30 52.27 29.28
N LEU E 16 -13.13 52.74 28.88
CA LEU E 16 -12.27 51.98 28.00
C LEU E 16 -11.61 50.82 28.73
N PHE E 17 -11.51 49.70 28.04
CA PHE E 17 -11.07 48.46 28.66
C PHE E 17 -9.58 48.17 28.48
N ILE E 18 -8.92 48.81 27.51
CA ILE E 18 -7.51 48.57 27.22
C ILE E 18 -6.59 49.17 28.28
N PRO E 19 -5.35 48.71 28.39
CA PRO E 19 -4.41 49.30 29.36
C PRO E 19 -4.28 50.80 29.20
N GLU E 20 -4.33 51.50 30.33
CA GLU E 20 -4.13 52.94 30.33
C GLU E 20 -2.75 53.30 29.79
N THR E 21 -1.76 52.45 30.02
CA THR E 21 -0.41 52.71 29.52
C THR E 21 -0.42 52.82 28.01
N THR E 22 -1.17 51.93 27.35
CA THR E 22 -1.29 52.04 25.91
C THR E 22 -2.04 53.30 25.54
N ILE E 23 -3.06 53.65 26.34
CA ILE E 23 -3.81 54.87 26.08
C ILE E 23 -2.90 56.07 26.24
N GLU E 24 -2.14 56.09 27.33
CA GLU E 24 -1.20 57.17 27.54
C GLU E 24 -0.10 57.14 26.48
N THR E 25 0.34 55.93 26.11
CA THR E 25 1.42 55.79 25.14
C THR E 25 1.01 56.35 23.79
N ILE E 26 -0.23 56.09 23.39
CA ILE E 26 -0.69 56.52 22.07
C ILE E 26 -0.68 58.03 21.95
N LEU E 27 -1.20 58.71 22.96
CA LEU E 27 -1.25 60.17 22.92
C LEU E 27 0.15 60.75 22.85
N LYS E 28 1.11 60.06 23.46
CA LYS E 28 2.49 60.46 23.36
C LYS E 28 2.99 60.34 21.92
N ARG E 29 2.61 59.26 21.24
CA ARG E 29 3.10 59.03 19.88
C ARG E 29 2.43 59.96 18.88
N LEU E 30 1.09 60.01 18.88
CA LEU E 30 0.36 60.71 17.85
C LEU E 30 0.68 62.19 17.86
N THR E 31 0.73 62.78 19.05
CA THR E 31 1.01 64.20 19.20
C THR E 31 2.30 64.55 18.47
N ILE E 32 3.31 63.69 18.57
CA ILE E 32 4.58 63.94 17.93
C ILE E 32 4.54 63.48 16.48
N LYS E 33 4.11 62.24 16.28
CA LYS E 33 4.23 61.62 14.96
C LYS E 33 3.19 62.14 13.99
N LYS E 34 1.98 62.43 14.45
CA LYS E 34 0.87 63.02 13.70
C LYS E 34 0.24 62.04 12.70
N ASN E 35 0.79 60.83 12.52
CA ASN E 35 0.22 59.82 11.66
C ASN E 35 0.31 58.51 12.42
N ILE E 36 -0.79 57.76 12.44
CA ILE E 36 -0.87 56.59 13.30
C ILE E 36 -1.88 55.63 12.73
N ILE E 37 -1.66 54.35 12.99
CA ILE E 37 -2.54 53.29 12.52
C ILE E 37 -2.65 52.23 13.59
N LEU E 38 -3.87 51.77 13.83
CA LEU E 38 -4.17 50.75 14.82
C LEU E 38 -4.56 49.46 14.12
N GLN E 39 -3.81 48.40 14.41
CA GLN E 39 -4.06 47.07 13.85
C GLN E 39 -4.42 46.15 15.02
N GLY E 40 -5.58 45.52 14.94
CA GLY E 40 -6.03 44.65 15.98
C GLY E 40 -7.15 43.73 15.55
N PRO E 41 -7.55 42.81 16.43
CA PRO E 41 -8.61 41.87 16.08
C PRO E 41 -9.93 42.58 15.82
N PRO E 42 -10.84 41.95 15.08
CA PRO E 42 -12.22 42.46 15.02
C PRO E 42 -12.93 42.24 16.34
N GLY E 43 -13.85 43.15 16.64
CA GLY E 43 -14.56 43.07 17.90
C GLY E 43 -13.80 43.68 19.04
N VAL E 44 -12.87 44.59 18.74
CA VAL E 44 -12.07 45.27 19.75
C VAL E 44 -12.57 46.68 20.04
N GLY E 45 -13.58 47.15 19.31
CA GLY E 45 -14.06 48.50 19.52
C GLY E 45 -13.07 49.50 19.01
N LYS E 46 -12.36 49.14 17.94
CA LYS E 46 -11.31 49.99 17.39
C LYS E 46 -11.87 51.35 16.98
N THR E 47 -13.04 51.34 16.34
CA THR E 47 -13.70 52.60 16.00
C THR E 47 -14.14 53.33 17.25
N PHE E 48 -14.77 52.61 18.17
CA PHE E 48 -15.23 53.20 19.41
C PHE E 48 -14.04 53.66 20.25
N VAL E 49 -12.93 52.94 20.13
CA VAL E 49 -11.70 53.32 20.83
C VAL E 49 -11.24 54.69 20.36
N ALA E 50 -11.09 54.85 19.05
CA ALA E 50 -10.51 56.06 18.49
C ALA E 50 -11.37 57.27 18.78
N ARG E 51 -12.69 57.12 18.70
CA ARG E 51 -13.59 58.25 18.91
C ARG E 51 -13.43 58.81 20.31
N ARG E 52 -13.45 57.95 21.32
CA ARG E 52 -13.23 58.41 22.68
C ARG E 52 -11.85 59.01 22.81
N LEU E 53 -10.87 58.41 22.13
CA LEU E 53 -9.53 58.96 22.12
C LEU E 53 -9.48 60.26 21.36
N ALA E 54 -10.27 60.34 20.29
CA ALA E 54 -10.33 61.56 19.51
C ALA E 54 -10.90 62.69 20.36
N TYR E 55 -11.99 62.41 21.07
CA TYR E 55 -12.55 63.39 21.97
C TYR E 55 -11.58 63.70 23.10
N LEU E 56 -10.81 62.71 23.55
CA LEU E 56 -9.86 62.94 24.62
C LEU E 56 -8.78 63.92 24.22
N LEU E 57 -8.22 63.77 23.03
CA LEU E 57 -7.10 64.61 22.65
C LEU E 57 -7.55 66.04 22.42
N THR E 58 -8.69 66.23 21.75
CA THR E 58 -9.22 67.57 21.58
C THR E 58 -9.63 68.17 22.90
N GLY E 59 -10.22 67.37 23.78
CA GLY E 59 -10.62 67.83 25.09
C GLY E 59 -12.01 68.43 25.15
N GLU E 60 -12.69 68.56 24.00
CA GLU E 60 -13.97 69.25 23.92
C GLU E 60 -15.11 68.34 23.51
N LYS E 61 -14.84 67.08 23.19
CA LYS E 61 -15.87 66.14 22.77
C LYS E 61 -16.65 66.73 21.61
N ALA E 62 -15.92 67.15 20.59
CA ALA E 62 -16.51 67.79 19.41
C ALA E 62 -16.65 66.79 18.28
N PRO E 63 -17.85 66.48 17.79
CA PRO E 63 -17.93 65.64 16.59
C PRO E 63 -17.62 66.39 15.31
N GLN E 64 -17.86 67.71 15.27
CA GLN E 64 -17.65 68.46 14.04
C GLN E 64 -16.19 68.41 13.61
N ARG E 65 -15.27 68.55 14.57
CA ARG E 65 -13.85 68.41 14.27
C ARG E 65 -13.57 67.01 13.72
N VAL E 66 -14.34 66.03 14.17
CA VAL E 66 -14.13 64.63 13.84
C VAL E 66 -14.82 64.33 12.51
N ASN E 67 -14.10 63.63 11.64
CA ASN E 67 -14.68 63.09 10.42
C ASN E 67 -14.13 61.69 10.20
N MET E 68 -14.99 60.79 9.73
CA MET E 68 -14.70 59.37 9.60
C MET E 68 -14.90 58.90 8.17
N VAL E 69 -14.01 58.01 7.72
CA VAL E 69 -14.10 57.43 6.39
C VAL E 69 -13.74 55.95 6.49
N GLN E 70 -14.42 55.14 5.68
CA GLN E 70 -14.15 53.71 5.56
C GLN E 70 -13.72 53.44 4.13
N PHE E 71 -12.51 52.90 3.97
CA PHE E 71 -11.94 52.63 2.65
C PHE E 71 -12.42 51.32 2.06
N HIS E 72 -12.31 51.24 0.74
CA HIS E 72 -12.53 50.02 0.00
C HIS E 72 -11.75 50.10 -1.28
N GLN E 73 -11.70 48.97 -1.98
CA GLN E 73 -10.80 48.81 -3.11
C GLN E 73 -11.12 49.79 -4.23
N SER E 74 -12.40 50.12 -4.40
CA SER E 74 -12.79 51.08 -5.42
C SER E 74 -12.46 52.51 -5.02
N TYR E 75 -12.36 52.77 -3.72
CA TYR E 75 -12.17 54.12 -3.22
C TYR E 75 -10.95 54.78 -3.86
N SER E 76 -11.15 56.01 -4.34
CA SER E 76 -10.15 56.67 -5.17
C SER E 76 -10.05 58.15 -4.83
N TYR E 77 -9.10 58.77 -5.53
CA TYR E 77 -8.75 60.17 -5.34
C TYR E 77 -9.97 61.07 -5.53
N GLU E 78 -10.88 60.69 -6.44
CA GLU E 78 -12.08 61.47 -6.65
C GLU E 78 -13.02 61.38 -5.48
N ASP E 79 -13.08 60.21 -4.85
CA ASP E 79 -13.93 60.07 -3.68
C ASP E 79 -13.32 60.81 -2.51
N PHE E 80 -12.03 60.58 -2.29
CA PHE E 80 -11.35 61.12 -1.12
C PHE E 80 -11.11 62.61 -1.25
N ILE E 81 -10.44 63.02 -2.33
CA ILE E 81 -9.87 64.36 -2.42
C ILE E 81 -10.66 65.33 -3.28
N GLN E 82 -10.64 65.09 -4.59
CA GLN E 82 -11.33 65.96 -5.52
C GLN E 82 -11.57 65.21 -6.82
N GLY E 83 -12.63 65.62 -7.49
CA GLY E 83 -13.04 64.96 -8.71
C GLY E 83 -14.11 65.78 -9.39
N TYR E 84 -14.43 65.38 -10.60
CA TYR E 84 -15.43 66.06 -11.41
C TYR E 84 -16.68 65.19 -11.41
N ARG E 85 -17.79 65.78 -11.00
CA ARG E 85 -19.06 65.10 -10.91
C ARG E 85 -20.03 65.73 -11.89
N PRO E 86 -20.96 64.98 -12.44
CA PRO E 86 -21.83 65.55 -13.47
C PRO E 86 -22.76 66.58 -12.88
N ASN E 87 -22.92 67.67 -13.61
CA ASN E 87 -23.94 68.65 -13.28
C ASN E 87 -25.25 68.18 -13.91
N GLY E 88 -26.27 69.04 -13.90
CA GLY E 88 -27.41 68.80 -14.76
C GLY E 88 -26.99 68.84 -16.22
N VAL E 89 -26.15 69.82 -16.57
CA VAL E 89 -25.54 69.92 -17.88
C VAL E 89 -24.06 70.22 -17.67
N GLY E 90 -23.21 69.48 -18.36
CA GLY E 90 -21.80 69.68 -18.15
C GLY E 90 -21.42 69.10 -16.79
N PHE E 91 -20.26 69.52 -16.30
CA PHE E 91 -19.75 69.00 -15.04
C PHE E 91 -18.91 70.06 -14.37
N ARG E 92 -18.75 69.87 -13.07
CA ARG E 92 -18.10 70.82 -12.17
C ARG E 92 -17.02 70.11 -11.38
N ARG E 93 -16.01 70.85 -10.94
CA ARG E 93 -15.07 70.28 -9.99
C ARG E 93 -15.77 70.20 -8.64
N LYS E 94 -15.64 69.05 -8.01
CA LYS E 94 -16.43 68.69 -6.83
C LYS E 94 -15.49 68.36 -5.70
N ASP E 95 -15.52 69.17 -4.65
CA ASP E 95 -14.60 69.01 -3.54
C ASP E 95 -14.87 67.71 -2.81
N GLY E 96 -13.81 66.98 -2.48
CA GLY E 96 -13.92 65.76 -1.74
C GLY E 96 -13.94 66.01 -0.25
N ILE E 97 -13.86 64.91 0.50
CA ILE E 97 -13.98 64.98 1.95
C ILE E 97 -12.75 65.65 2.55
N PHE E 98 -11.59 65.15 2.20
CA PHE E 98 -10.35 65.57 2.84
C PHE E 98 -10.01 67.00 2.46
N TYR E 99 -10.29 67.38 1.22
CA TYR E 99 -10.10 68.76 0.81
C TYR E 99 -11.02 69.68 1.60
N ASN E 100 -12.28 69.31 1.73
CA ASN E 100 -13.21 70.11 2.50
C ASN E 100 -12.85 70.08 3.98
N PHE E 101 -12.45 68.92 4.47
CA PHE E 101 -12.23 68.74 5.91
C PHE E 101 -11.08 69.61 6.40
N CYS E 102 -9.95 69.59 5.70
CA CYS E 102 -8.78 70.32 6.16
C CYS E 102 -8.99 71.82 6.08
N GLN E 103 -9.60 72.30 5.00
CA GLN E 103 -9.91 73.72 4.90
C GLN E 103 -10.80 74.17 6.03
N GLN E 104 -11.66 73.28 6.53
CA GLN E 104 -12.39 73.58 7.75
C GLN E 104 -11.42 73.70 8.92
N ALA E 105 -10.44 72.81 8.97
CA ALA E 105 -9.44 72.85 10.02
C ALA E 105 -8.44 73.99 9.83
N LYS E 106 -8.25 74.43 8.59
CA LYS E 106 -7.30 75.51 8.32
C LYS E 106 -7.69 76.78 9.04
N GLU E 107 -8.99 77.05 9.17
CA GLU E 107 -9.44 78.25 9.85
C GLU E 107 -9.01 78.25 11.31
N GLN E 108 -9.09 77.09 11.95
CA GLN E 108 -8.80 76.92 13.38
C GLN E 108 -7.46 76.21 13.51
N PRO E 109 -6.33 76.94 13.49
CA PRO E 109 -5.04 76.26 13.62
C PRO E 109 -4.83 75.62 14.97
N GLU E 110 -5.27 76.28 16.03
CA GLU E 110 -5.09 75.74 17.37
C GLU E 110 -5.84 74.42 17.54
N LYS E 111 -6.99 74.31 16.88
CA LYS E 111 -7.92 73.23 17.14
C LYS E 111 -7.44 71.98 16.43
N LYS E 112 -7.27 70.91 17.20
CA LYS E 112 -6.85 69.64 16.63
C LYS E 112 -8.01 69.01 15.86
N TYR E 113 -7.74 68.55 14.64
CA TYR E 113 -8.74 67.89 13.81
C TYR E 113 -8.24 66.52 13.44
N ILE E 114 -9.15 65.55 13.49
CA ILE E 114 -8.81 64.13 13.39
C ILE E 114 -9.55 63.54 12.21
N PHE E 115 -8.94 62.54 11.59
CA PHE E 115 -9.51 61.85 10.44
C PHE E 115 -9.39 60.35 10.65
N ILE E 116 -10.49 59.64 10.43
CA ILE E 116 -10.58 58.21 10.70
C ILE E 116 -10.72 57.48 9.37
N ILE E 117 -9.79 56.57 9.11
CA ILE E 117 -9.77 55.79 7.87
C ILE E 117 -9.92 54.34 8.27
N ASP E 118 -11.14 53.81 8.12
CA ASP E 118 -11.39 52.41 8.44
C ASP E 118 -11.09 51.51 7.26
N GLU E 119 -10.57 50.33 7.58
CA GLU E 119 -10.23 49.32 6.59
C GLU E 119 -9.29 49.90 5.54
N ILE E 120 -8.28 50.60 6.04
CA ILE E 120 -7.39 51.35 5.18
C ILE E 120 -6.57 50.43 4.29
N ASN E 121 -6.21 49.25 4.81
CA ASN E 121 -5.29 48.38 4.09
C ASN E 121 -5.88 47.85 2.80
N ARG E 122 -7.20 47.87 2.66
CA ARG E 122 -7.82 47.32 1.46
C ARG E 122 -7.49 48.18 0.24
N ALA E 123 -7.58 49.49 0.38
CA ALA E 123 -7.40 50.39 -0.74
C ALA E 123 -5.92 50.71 -0.95
N ASN E 124 -5.61 51.16 -2.15
CA ASN E 124 -4.26 51.62 -2.49
C ASN E 124 -4.11 53.08 -2.09
N LEU E 125 -3.32 53.32 -1.06
CA LEU E 125 -3.12 54.68 -0.54
C LEU E 125 -2.61 55.61 -1.63
N SER E 126 -1.64 55.15 -2.41
CA SER E 126 -1.04 55.97 -3.46
C SER E 126 -2.08 56.42 -4.47
N LYS E 127 -2.86 55.46 -4.99
CA LYS E 127 -3.88 55.80 -5.98
C LYS E 127 -4.83 56.83 -5.43
N VAL E 128 -5.21 56.67 -4.16
CA VAL E 128 -6.15 57.60 -3.55
C VAL E 128 -5.47 58.92 -3.30
N PHE E 129 -4.45 58.92 -2.45
CA PHE E 129 -3.80 60.16 -2.06
C PHE E 129 -3.07 60.77 -3.24
N GLY E 130 -2.17 60.02 -3.84
CA GLY E 130 -1.45 60.55 -4.97
C GLY E 130 -0.44 61.54 -4.50
N GLU E 131 -0.53 62.74 -5.07
CA GLU E 131 0.33 63.86 -4.71
C GLU E 131 0.42 64.03 -3.20
N VAL E 132 -0.73 64.06 -2.54
CA VAL E 132 -0.82 64.44 -1.15
C VAL E 132 -0.19 63.42 -0.21
N MET E 133 0.08 62.21 -0.70
CA MET E 133 0.55 61.14 0.18
C MET E 133 1.83 61.51 0.90
N MET E 134 2.66 62.35 0.29
CA MET E 134 3.83 62.85 0.99
C MET E 134 3.45 64.01 1.93
N LEU E 135 2.52 64.85 1.51
CA LEU E 135 2.17 66.03 2.32
C LEU E 135 1.59 65.67 3.67
N MET E 136 1.05 64.47 3.82
CA MET E 136 0.51 64.06 5.11
C MET E 136 1.58 63.60 6.07
N GLU E 137 2.78 63.35 5.57
CA GLU E 137 3.92 63.08 6.43
C GLU E 137 4.26 64.30 7.28
N HIS E 138 4.36 64.07 8.59
CA HIS E 138 4.42 65.13 9.59
C HIS E 138 5.52 66.14 9.34
N ASP E 139 6.64 65.68 8.79
CA ASP E 139 7.76 66.58 8.55
C ASP E 139 7.39 67.68 7.57
N LYS E 140 6.59 67.35 6.56
CA LYS E 140 6.22 68.27 5.49
C LYS E 140 4.77 68.68 5.72
N ARG E 141 4.60 69.77 6.48
CA ARG E 141 3.28 70.31 6.76
C ARG E 141 3.31 71.82 6.69
N GLY E 142 2.18 72.38 6.30
CA GLY E 142 1.99 73.81 6.24
C GLY E 142 2.19 74.34 4.83
N GLU E 143 2.13 75.67 4.75
CA GLU E 143 2.10 76.33 3.44
C GLU E 143 3.41 76.12 2.69
N ASN E 144 4.50 75.87 3.42
CA ASN E 144 5.80 75.72 2.78
C ASN E 144 5.78 74.58 1.78
N TRP E 145 5.04 73.52 2.09
CA TRP E 145 4.99 72.32 1.26
C TRP E 145 3.75 72.29 0.37
N SER E 146 3.20 73.47 0.07
CA SER E 146 2.01 73.58 -0.76
C SER E 146 2.29 73.08 -2.18
N VAL E 147 1.32 72.36 -2.74
CA VAL E 147 1.42 71.87 -4.12
C VAL E 147 0.10 72.10 -4.85
N PRO E 148 0.12 72.47 -6.13
CA PRO E 148 -1.14 72.53 -6.88
C PRO E 148 -1.62 71.13 -7.22
N LEU E 149 -2.93 70.94 -7.17
CA LEU E 149 -3.49 69.62 -7.38
C LEU E 149 -3.53 69.26 -8.85
N THR E 150 -3.81 67.99 -9.10
CA THR E 150 -3.87 67.48 -10.46
C THR E 150 -4.94 68.21 -11.24
N TYR E 151 -6.09 68.41 -10.63
CA TYR E 151 -7.23 69.05 -11.27
C TYR E 151 -7.28 70.54 -11.00
N SER E 152 -6.31 71.08 -10.25
CA SER E 152 -6.25 72.52 -9.98
C SER E 152 -5.61 73.16 -11.19
N GLU E 153 -6.46 73.58 -12.13
CA GLU E 153 -5.97 74.08 -13.42
C GLU E 153 -5.06 75.28 -13.24
N ASN E 154 -5.46 76.22 -12.39
CA ASN E 154 -4.67 77.39 -12.09
C ASN E 154 -3.71 77.11 -10.93
N ASP E 155 -2.68 77.95 -10.82
CA ASP E 155 -1.74 77.91 -9.71
C ASP E 155 -2.11 78.87 -8.60
N GLU E 156 -3.34 79.42 -8.62
CA GLU E 156 -3.72 80.40 -7.62
C GLU E 156 -3.76 79.77 -6.23
N GLU E 157 -4.22 78.53 -6.14
CA GLU E 157 -4.37 77.82 -4.88
C GLU E 157 -3.65 76.50 -4.93
N ARG E 158 -2.94 76.22 -3.85
CA ARG E 158 -2.21 74.98 -3.66
C ARG E 158 -2.74 74.34 -2.38
N PHE E 159 -2.62 73.04 -2.30
CA PHE E 159 -3.22 72.28 -1.21
C PHE E 159 -2.11 71.87 -0.24
N TYR E 160 -2.27 72.27 1.01
CA TYR E 160 -1.34 71.89 2.06
C TYR E 160 -2.13 71.45 3.27
N VAL E 161 -1.73 70.36 3.88
CA VAL E 161 -2.34 69.95 5.14
C VAL E 161 -1.72 70.77 6.27
N PRO E 162 -2.51 71.50 7.06
CA PRO E 162 -1.91 72.24 8.16
C PRO E 162 -1.53 71.32 9.31
N GLU E 163 -0.77 71.88 10.25
CA GLU E 163 -0.18 71.09 11.32
C GLU E 163 -1.22 70.45 12.20
N ASN E 164 -2.38 71.09 12.34
CA ASN E 164 -3.39 70.64 13.30
C ASN E 164 -3.87 69.23 13.02
N VAL E 165 -3.79 68.78 11.77
CA VAL E 165 -4.41 67.53 11.37
C VAL E 165 -3.68 66.35 12.01
N TYR E 166 -4.47 65.38 12.45
CA TYR E 166 -3.98 64.09 12.90
C TYR E 166 -4.77 63.04 12.15
N ILE E 167 -4.10 61.97 11.73
CA ILE E 167 -4.72 60.93 10.90
C ILE E 167 -4.59 59.60 11.62
N ILE E 168 -5.73 58.95 11.83
CA ILE E 168 -5.81 57.65 12.45
C ILE E 168 -6.31 56.67 11.42
N GLY E 169 -5.68 55.51 11.36
CA GLY E 169 -6.06 54.45 10.45
C GLY E 169 -6.44 53.22 11.23
N LEU E 170 -7.59 52.65 10.92
CA LEU E 170 -8.06 51.45 11.59
C LEU E 170 -7.87 50.28 10.65
N MET E 171 -7.00 49.37 11.05
CA MET E 171 -6.67 48.18 10.31
C MET E 171 -6.99 47.02 11.22
N ASN E 172 -7.20 45.85 10.64
CA ASN E 172 -7.55 44.67 11.39
C ASN E 172 -6.66 43.50 11.01
N THR E 173 -6.24 42.77 12.04
CA THR E 173 -5.38 41.61 11.90
C THR E 173 -6.19 40.33 11.72
N ALA E 174 -7.44 40.46 11.31
CA ALA E 174 -8.32 39.30 11.26
C ALA E 174 -7.92 38.32 10.17
N ASP E 175 -7.52 38.83 9.01
CA ASP E 175 -7.50 38.03 7.80
C ASP E 175 -6.12 37.44 7.54
N ARG E 176 -6.08 36.12 7.40
CA ARG E 176 -4.86 35.45 6.95
C ARG E 176 -4.58 35.70 5.48
N SER E 177 -5.62 36.00 4.68
CA SER E 177 -5.40 36.29 3.27
C SER E 177 -4.51 37.51 3.09
N LEU E 178 -4.57 38.45 4.03
CA LEU E 178 -3.75 39.65 3.94
C LEU E 178 -2.28 39.26 3.94
N ALA E 179 -1.55 39.81 2.98
CA ALA E 179 -0.11 39.61 2.87
C ALA E 179 0.58 40.72 3.67
N VAL E 180 1.88 40.91 3.45
CA VAL E 180 2.60 41.93 4.17
C VAL E 180 2.07 43.30 3.79
N VAL E 181 2.00 44.18 4.79
CA VAL E 181 1.45 45.52 4.58
C VAL E 181 2.24 46.25 3.51
N ASP E 182 1.55 47.16 2.82
CA ASP E 182 2.17 47.96 1.80
C ASP E 182 3.30 48.80 2.40
N TYR E 183 4.38 48.93 1.62
CA TYR E 183 5.56 49.65 2.08
C TYR E 183 5.25 51.11 2.42
N ALA E 184 4.33 51.70 1.67
CA ALA E 184 3.93 53.09 1.90
C ALA E 184 3.48 53.30 3.32
N LEU E 185 2.63 52.39 3.81
CA LEU E 185 2.05 52.51 5.13
C LEU E 185 3.14 52.51 6.20
N ARG E 186 4.03 51.53 6.13
CA ARG E 186 5.05 51.30 7.15
C ARG E 186 5.87 52.54 7.39
N ARG E 187 6.18 53.27 6.33
CA ARG E 187 7.04 54.44 6.44
C ARG E 187 6.42 55.51 7.32
N ARG E 188 5.20 55.93 6.99
CA ARG E 188 4.62 57.11 7.58
C ARG E 188 3.83 56.85 8.85
N PHE E 189 3.58 55.58 9.19
CA PHE E 189 2.69 55.23 10.28
C PHE E 189 3.41 54.37 11.31
N SER E 190 3.04 54.57 12.56
CA SER E 190 3.52 53.75 13.67
C SER E 190 2.46 52.69 13.95
N PHE E 191 2.86 51.43 13.88
CA PHE E 191 1.92 50.33 13.92
C PHE E 191 1.72 49.91 15.37
N ILE E 192 0.46 49.80 15.76
CA ILE E 192 0.08 49.55 17.15
C ILE E 192 -0.79 48.31 17.24
N ASP E 193 -0.46 47.45 18.18
CA ASP E 193 -1.23 46.24 18.46
C ASP E 193 -2.08 46.49 19.70
N ILE E 194 -3.37 46.22 19.58
CA ILE E 194 -4.33 46.45 20.66
C ILE E 194 -4.74 45.10 21.23
N GLU E 195 -4.69 45.00 22.54
CA GLU E 195 -5.05 43.77 23.22
C GLU E 195 -6.57 43.61 23.30
N PRO E 196 -7.07 42.38 23.40
CA PRO E 196 -8.52 42.21 23.60
C PRO E 196 -9.03 42.82 24.89
N GLY E 197 -8.23 42.75 25.96
CA GLY E 197 -8.57 43.39 27.21
C GLY E 197 -9.38 42.54 28.16
N PHE E 198 -9.38 41.22 27.99
CA PHE E 198 -10.08 40.35 28.93
C PHE E 198 -9.46 40.47 30.31
N ASP E 199 -8.13 40.39 30.37
CA ASP E 199 -7.43 40.41 31.64
C ASP E 199 -7.62 41.72 32.38
N THR E 200 -7.96 42.80 31.67
CA THR E 200 -7.94 44.11 32.29
C THR E 200 -9.01 44.18 33.40
N PRO E 201 -8.71 44.83 34.53
CA PRO E 201 -9.77 45.00 35.53
C PRO E 201 -10.90 45.90 35.06
N GLN E 202 -10.60 46.87 34.21
CA GLN E 202 -11.61 47.82 33.76
C GLN E 202 -12.72 47.09 33.00
N PHE E 203 -12.36 46.02 32.32
CA PHE E 203 -13.37 45.18 31.68
C PHE E 203 -14.07 44.30 32.71
N ARG E 204 -13.33 43.86 33.73
CA ARG E 204 -13.91 43.06 34.80
C ARG E 204 -14.84 43.90 35.65
N ASN E 205 -14.49 45.17 35.86
CA ASN E 205 -15.37 46.10 36.54
C ASN E 205 -16.54 46.51 35.66
N PHE E 206 -16.45 46.25 34.36
CA PHE E 206 -17.56 46.49 33.46
C PHE E 206 -18.60 45.37 33.50
N LEU E 207 -18.25 44.22 34.09
CA LEU E 207 -19.21 43.14 34.32
C LEU E 207 -19.63 43.05 35.77
N LEU E 208 -18.73 43.34 36.70
CA LEU E 208 -19.10 43.32 38.11
C LEU E 208 -20.00 44.48 38.46
N ASN E 209 -19.87 45.59 37.73
CA ASN E 209 -20.82 46.68 37.89
C ASN E 209 -22.22 46.24 37.46
N LYS E 210 -22.31 45.23 36.59
CA LYS E 210 -23.58 44.64 36.20
C LYS E 210 -23.99 43.46 37.05
N LYS E 211 -23.51 43.40 38.30
CA LYS E 211 -23.91 42.38 39.25
C LYS E 211 -23.47 41.00 38.80
N ALA E 212 -22.39 40.93 38.03
CA ALA E 212 -21.87 39.65 37.60
C ALA E 212 -21.21 38.92 38.76
N GLU E 213 -21.27 37.60 38.72
CA GLU E 213 -20.57 36.82 39.72
C GLU E 213 -19.05 36.94 39.55
N PRO E 214 -18.30 37.16 40.63
CA PRO E 214 -16.83 37.15 40.50
C PRO E 214 -16.30 35.85 39.95
N SER E 215 -16.90 34.72 40.35
CA SER E 215 -16.52 33.43 39.78
C SER E 215 -16.85 33.42 38.30
N PHE E 216 -18.06 33.86 37.94
CA PHE E 216 -18.46 33.93 36.55
C PHE E 216 -17.56 34.89 35.79
N VAL E 217 -17.19 36.01 36.43
CA VAL E 217 -16.31 36.98 35.79
C VAL E 217 -14.91 36.40 35.61
N GLU E 218 -14.33 35.89 36.69
CA GLU E 218 -12.95 35.41 36.65
C GLU E 218 -12.83 34.17 35.75
N SER E 219 -13.83 33.29 35.78
CA SER E 219 -13.75 32.06 34.98
C SER E 219 -13.64 32.37 33.50
N LEU E 220 -14.47 33.31 33.02
CA LEU E 220 -14.57 33.75 31.64
C LEU E 220 -13.26 34.36 31.19
N CYS E 221 -12.64 35.17 32.04
CA CYS E 221 -11.34 35.72 31.74
C CYS E 221 -10.32 34.62 31.50
N GLN E 222 -10.33 33.60 32.37
CA GLN E 222 -9.42 32.47 32.21
C GLN E 222 -9.79 31.66 30.98
N LYS E 223 -11.08 31.54 30.69
CA LYS E 223 -11.66 30.71 29.64
C LYS E 223 -11.24 31.18 28.27
N MET E 224 -11.41 32.48 28.01
CA MET E 224 -11.05 33.17 26.79
C MET E 224 -9.54 33.23 26.63
N ASN E 225 -8.84 33.48 27.74
CA ASN E 225 -7.39 33.50 27.71
C ASN E 225 -6.84 32.16 27.27
N GLU E 226 -7.51 31.08 27.68
CA GLU E 226 -7.06 29.74 27.28
C GLU E 226 -7.11 29.59 25.77
N LEU E 227 -8.16 30.13 25.15
CA LEU E 227 -8.39 30.18 23.71
C LEU E 227 -7.44 31.17 23.05
N ASN E 228 -7.30 32.36 23.64
CA ASN E 228 -6.48 33.41 23.05
C ASN E 228 -5.04 32.94 22.92
N GLN E 229 -4.57 32.13 23.85
CA GLN E 229 -3.25 31.54 23.75
C GLN E 229 -3.20 30.50 22.63
N GLU E 230 -4.25 29.70 22.49
CA GLU E 230 -4.21 28.61 21.52
C GLU E 230 -4.25 29.12 20.08
N ILE E 231 -5.08 30.13 19.81
CA ILE E 231 -5.25 30.78 18.51
C ILE E 231 -3.96 31.46 18.08
N SER E 232 -3.24 32.07 19.01
CA SER E 232 -1.93 32.64 18.71
C SER E 232 -0.81 31.61 18.81
N LYS E 233 -1.09 30.43 19.38
CA LYS E 233 -0.07 29.39 19.45
C LYS E 233 0.34 28.92 18.06
N GLU E 234 -0.61 28.94 17.13
CA GLU E 234 -0.30 28.57 15.75
C GLU E 234 0.77 29.52 15.21
N ALA E 235 1.78 28.93 14.57
CA ALA E 235 2.94 29.72 14.19
C ALA E 235 2.62 30.66 13.03
N THR E 236 2.09 30.13 11.94
CA THR E 236 2.00 30.85 10.67
C THR E 236 0.59 31.35 10.41
N ILE E 237 -0.37 30.43 10.44
CA ILE E 237 -1.69 30.70 9.89
C ILE E 237 -2.47 31.64 10.80
N LEU E 238 -2.40 31.41 12.11
CA LEU E 238 -3.16 32.18 13.09
C LEU E 238 -2.17 32.74 14.10
N GLY E 239 -1.99 34.07 14.10
CA GLY E 239 -1.06 34.73 14.97
C GLY E 239 -1.73 35.39 16.17
N LYS E 240 -0.96 36.25 16.83
CA LYS E 240 -1.50 37.02 17.95
C LYS E 240 -2.63 37.93 17.52
N GLY E 241 -2.55 38.50 16.33
CA GLY E 241 -3.56 39.45 15.90
C GLY E 241 -4.93 38.83 15.74
N PHE E 242 -4.99 37.52 15.57
CA PHE E 242 -6.25 36.83 15.31
C PHE E 242 -7.16 36.80 16.53
N ARG E 243 -6.60 36.89 17.73
CA ARG E 243 -7.30 36.47 18.94
C ARG E 243 -8.50 37.37 19.22
N ILE E 244 -9.53 36.76 19.84
CA ILE E 244 -10.86 37.35 19.89
C ILE E 244 -10.86 38.59 20.78
N GLY E 245 -11.67 39.59 20.38
CA GLY E 245 -11.88 40.80 21.15
C GLY E 245 -13.11 40.73 22.05
N HIS E 246 -13.33 41.83 22.79
CA HIS E 246 -14.36 41.87 23.82
C HIS E 246 -15.68 42.52 23.39
N SER E 247 -15.73 43.12 22.19
CA SER E 247 -16.89 43.96 21.83
C SER E 247 -18.18 43.17 21.81
N TYR E 248 -18.11 41.87 21.50
CA TYR E 248 -19.32 41.05 21.48
C TYR E 248 -19.93 40.97 22.86
N PHE E 249 -19.09 41.03 23.90
CA PHE E 249 -19.55 40.87 25.27
C PHE E 249 -20.26 42.12 25.76
N CYS E 250 -19.84 43.30 25.30
CA CYS E 250 -20.48 44.54 25.72
C CYS E 250 -21.96 44.55 25.40
N CYS E 251 -22.29 44.46 24.13
CA CYS E 251 -23.66 44.65 23.67
C CYS E 251 -24.60 43.54 24.13
N GLY E 252 -25.48 43.87 25.08
CA GLY E 252 -26.52 42.98 25.57
C GLY E 252 -26.62 42.89 27.08
N LEU E 253 -25.76 43.62 27.81
CA LEU E 253 -25.72 43.56 29.27
C LEU E 253 -26.25 44.82 29.93
N GLU E 254 -25.83 45.99 29.46
CA GLU E 254 -26.29 47.26 30.02
C GLU E 254 -27.54 47.76 29.33
N ASP E 255 -28.03 47.05 28.32
CA ASP E 255 -29.33 47.36 27.73
C ASP E 255 -30.45 47.21 28.76
N GLY E 256 -30.27 46.34 29.75
CA GLY E 256 -31.27 46.09 30.77
C GLY E 256 -31.36 44.64 31.23
N THR E 257 -30.54 43.77 30.66
CA THR E 257 -30.55 42.34 30.97
C THR E 257 -29.25 41.96 31.66
N SER E 258 -29.35 41.28 32.79
CA SER E 258 -28.20 41.00 33.63
C SER E 258 -27.35 39.88 33.04
N PRO E 259 -26.06 39.81 33.41
CA PRO E 259 -25.21 38.72 32.92
C PRO E 259 -25.64 37.38 33.47
N ASP E 260 -25.45 36.35 32.66
CA ASP E 260 -25.71 34.98 33.09
C ASP E 260 -25.00 34.05 32.13
N THR E 261 -24.81 32.80 32.56
CA THR E 261 -24.12 31.84 31.71
C THR E 261 -24.94 31.55 30.45
N GLN E 262 -26.27 31.52 30.60
CA GLN E 262 -27.12 31.31 29.43
C GLN E 262 -26.98 32.46 28.45
N TRP E 263 -26.82 33.68 28.96
CA TRP E 263 -26.58 34.82 28.10
C TRP E 263 -25.27 34.63 27.34
N LEU E 264 -24.24 34.16 28.05
CA LEU E 264 -22.98 33.83 27.41
C LEU E 264 -23.16 32.70 26.41
N ASN E 265 -23.94 31.67 26.79
CA ASN E 265 -24.14 30.50 25.94
C ASN E 265 -24.65 30.90 24.56
N GLU E 266 -25.55 31.88 24.51
CA GLU E 266 -25.99 32.37 23.21
C GLU E 266 -24.84 33.01 22.46
N ILE E 267 -24.00 33.76 23.17
CA ILE E 267 -22.93 34.52 22.53
C ILE E 267 -21.91 33.57 21.93
N VAL E 268 -21.68 32.43 22.58
CA VAL E 268 -20.75 31.42 22.07
C VAL E 268 -21.19 30.96 20.70
N MET E 269 -22.48 30.64 20.57
CA MET E 269 -23.02 30.19 19.30
C MET E 269 -23.04 31.32 18.28
N THR E 270 -23.34 32.53 18.74
CA THR E 270 -23.60 33.64 17.83
C THR E 270 -22.36 34.03 17.04
N ASP E 271 -21.27 34.32 17.73
CA ASP E 271 -20.10 34.95 17.12
C ASP E 271 -18.86 34.06 17.20
N ILE E 272 -18.55 33.56 18.39
CA ILE E 272 -17.30 32.82 18.57
C ILE E 272 -17.36 31.51 17.81
N ALA E 273 -18.52 30.85 17.83
CA ALA E 273 -18.65 29.56 17.16
C ALA E 273 -18.44 29.66 15.67
N PRO E 274 -19.10 30.57 14.93
CA PRO E 274 -18.74 30.70 13.51
C PRO E 274 -17.33 31.21 13.32
N LEU E 275 -16.89 32.14 14.16
CA LEU E 275 -15.53 32.65 14.06
C LEU E 275 -14.53 31.54 14.29
N LEU E 276 -14.81 30.68 15.27
CA LEU E 276 -13.96 29.53 15.53
C LEU E 276 -13.90 28.61 14.33
N GLU E 277 -15.03 28.46 13.64
CA GLU E 277 -15.05 27.66 12.42
C GLU E 277 -14.19 28.31 11.35
N GLU E 278 -14.31 29.63 11.23
CA GLU E 278 -13.67 30.47 10.22
C GLU E 278 -12.16 30.42 10.35
N TYR E 279 -11.64 30.49 11.57
CA TYR E 279 -10.20 30.51 11.75
C TYR E 279 -9.58 29.18 11.35
N PHE E 280 -10.09 28.08 11.92
CA PHE E 280 -9.54 26.78 11.59
C PHE E 280 -9.98 26.33 10.21
N PHE E 281 -11.28 26.18 10.00
CA PHE E 281 -11.85 25.77 8.71
C PHE E 281 -11.33 24.39 8.27
N ASP E 282 -10.78 23.61 9.20
CA ASP E 282 -10.25 22.28 8.93
C ASP E 282 -10.94 21.22 9.76
N ASP E 283 -10.94 21.37 11.08
CA ASP E 283 -11.38 20.35 12.02
C ASP E 283 -12.65 20.79 12.74
N PRO E 284 -13.81 20.15 12.53
CA PRO E 284 -14.97 20.52 13.36
C PRO E 284 -14.82 20.08 14.80
N TYR E 285 -14.16 18.95 15.06
CA TYR E 285 -13.94 18.54 16.44
C TYR E 285 -13.14 19.56 17.22
N LYS E 286 -12.08 20.08 16.62
CA LYS E 286 -11.27 21.08 17.28
C LYS E 286 -12.11 22.32 17.58
N GLN E 287 -13.03 22.65 16.66
CA GLN E 287 -14.01 23.68 16.93
C GLN E 287 -14.97 23.24 18.03
N GLN E 288 -15.49 22.02 17.90
CA GLN E 288 -16.48 21.52 18.85
C GLN E 288 -15.88 21.39 20.24
N LYS E 289 -14.64 20.91 20.31
CA LYS E 289 -13.94 20.78 21.59
C LYS E 289 -13.84 22.15 22.25
N TRP E 290 -13.42 23.15 21.49
CA TRP E 290 -13.29 24.49 22.03
C TRP E 290 -14.66 25.09 22.33
N THR E 291 -15.62 24.95 21.41
CA THR E 291 -16.96 25.48 21.66
C THR E 291 -17.59 24.81 22.86
N ASN E 292 -17.46 23.50 22.96
CA ASN E 292 -17.97 22.78 24.12
C ASN E 292 -17.24 23.24 25.38
N LYS E 293 -15.93 23.46 25.26
CA LYS E 293 -15.15 23.93 26.41
C LYS E 293 -15.67 25.26 26.91
N LEU E 294 -16.02 26.16 25.98
CA LEU E 294 -16.48 27.48 26.37
C LEU E 294 -17.77 27.40 27.16
N LEU E 295 -18.69 26.56 26.70
CA LEU E 295 -20.03 26.52 27.26
C LEU E 295 -20.03 25.97 28.68
N GLY E 296 -19.28 24.92 28.93
CA GLY E 296 -19.24 24.32 30.26
C GLY E 296 -18.81 22.86 30.26
N ALA F 12 -47.29 33.28 7.39
CA ALA F 12 -46.29 32.76 6.47
C ALA F 12 -45.56 31.54 7.04
N LEU F 13 -46.13 30.91 8.07
CA LEU F 13 -45.60 29.66 8.64
C LEU F 13 -46.77 28.70 8.68
N ASN F 14 -46.96 28.00 7.57
CA ASN F 14 -47.94 26.92 7.46
C ASN F 14 -47.30 25.59 7.10
N ASP F 15 -46.32 25.59 6.19
CA ASP F 15 -45.59 24.36 5.88
C ASP F 15 -44.19 24.77 5.39
N LEU F 16 -43.24 24.82 6.33
CA LEU F 16 -41.84 25.08 6.03
C LEU F 16 -41.02 23.87 6.46
N PHE F 17 -40.25 23.33 5.51
CA PHE F 17 -39.57 22.06 5.73
C PHE F 17 -38.39 22.19 6.69
N ILE F 18 -37.84 23.39 6.85
CA ILE F 18 -36.65 23.64 7.65
C ILE F 18 -36.99 23.49 9.14
N PRO F 19 -36.08 23.02 9.99
CA PRO F 19 -36.43 22.86 11.41
C PRO F 19 -36.77 24.17 12.11
N GLU F 20 -37.53 24.02 13.20
CA GLU F 20 -37.97 25.15 14.00
C GLU F 20 -36.81 25.86 14.67
N THR F 21 -35.71 25.16 14.92
CA THR F 21 -34.58 25.73 15.63
C THR F 21 -33.99 26.92 14.90
N THR F 22 -33.68 26.75 13.62
CA THR F 22 -33.02 27.80 12.85
C THR F 22 -33.91 29.03 12.72
N ILE F 23 -35.18 28.82 12.39
CA ILE F 23 -36.09 29.93 12.17
C ILE F 23 -36.29 30.75 13.44
N GLU F 24 -36.22 30.09 14.60
CA GLU F 24 -36.24 30.83 15.85
C GLU F 24 -34.88 31.47 16.12
N THR F 25 -33.80 30.76 15.81
CA THR F 25 -32.46 31.29 16.01
C THR F 25 -32.23 32.52 15.14
N ILE F 26 -32.65 32.44 13.89
CA ILE F 26 -32.43 33.53 12.96
C ILE F 26 -33.16 34.78 13.41
N LEU F 27 -34.40 34.61 13.88
CA LEU F 27 -35.17 35.75 14.36
C LEU F 27 -34.47 36.40 15.52
N LYS F 28 -33.82 35.60 16.36
CA LYS F 28 -32.92 36.15 17.37
C LYS F 28 -31.71 36.82 16.71
N ARG F 29 -31.15 36.18 15.69
CA ARG F 29 -29.95 36.70 15.06
C ARG F 29 -30.23 37.98 14.30
N LEU F 30 -31.37 38.03 13.59
CA LEU F 30 -31.64 39.16 12.73
C LEU F 30 -31.98 40.39 13.55
N THR F 31 -32.72 40.20 14.64
CA THR F 31 -33.03 41.30 15.53
C THR F 31 -31.77 41.86 16.18
N ILE F 32 -30.68 41.09 16.18
CA ILE F 32 -29.41 41.49 16.77
C ILE F 32 -28.49 41.99 15.67
N LYS F 33 -28.16 41.10 14.73
CA LYS F 33 -27.15 41.39 13.74
C LYS F 33 -27.70 42.25 12.62
N LYS F 34 -28.94 42.01 12.22
CA LYS F 34 -29.67 42.75 11.19
C LYS F 34 -29.15 42.48 9.78
N ASN F 35 -28.10 41.66 9.61
CA ASN F 35 -27.49 41.42 8.30
C ASN F 35 -27.04 39.96 8.28
N ILE F 36 -27.89 39.09 7.72
CA ILE F 36 -27.66 37.65 7.70
C ILE F 36 -27.47 37.16 6.27
N ILE F 37 -26.61 36.17 6.11
CA ILE F 37 -26.39 35.47 4.85
C ILE F 37 -26.84 34.03 5.01
N LEU F 38 -27.66 33.57 4.06
CA LEU F 38 -28.10 32.18 4.02
C LEU F 38 -27.26 31.45 2.97
N GLN F 39 -26.46 30.51 3.45
CA GLN F 39 -25.67 29.66 2.57
C GLN F 39 -26.54 28.48 2.15
N GLY F 40 -25.98 27.49 1.46
CA GLY F 40 -26.64 26.21 1.28
C GLY F 40 -26.86 25.79 -0.16
N PRO F 41 -27.27 24.55 -0.37
CA PRO F 41 -27.46 24.04 -1.73
C PRO F 41 -28.64 24.72 -2.41
N PRO F 42 -28.64 24.81 -3.75
CA PRO F 42 -29.85 25.28 -4.43
C PRO F 42 -30.96 24.25 -4.32
N GLY F 43 -32.19 24.73 -4.25
CA GLY F 43 -33.33 23.85 -4.13
C GLY F 43 -33.75 23.55 -2.72
N VAL F 44 -33.40 24.42 -1.77
CA VAL F 44 -33.88 24.37 -0.40
C VAL F 44 -34.80 25.54 -0.09
N GLY F 45 -35.26 26.25 -1.12
CA GLY F 45 -36.14 27.39 -0.91
C GLY F 45 -35.48 28.51 -0.18
N LYS F 46 -34.24 28.84 -0.55
CA LYS F 46 -33.52 29.93 0.10
C LYS F 46 -34.32 31.23 0.01
N THR F 47 -34.91 31.50 -1.15
CA THR F 47 -35.85 32.62 -1.22
C THR F 47 -37.09 32.32 -0.40
N PHE F 48 -37.57 31.09 -0.46
CA PHE F 48 -38.83 30.74 0.17
C PHE F 48 -38.74 30.86 1.68
N VAL F 49 -37.71 30.27 2.27
CA VAL F 49 -37.53 30.37 3.71
C VAL F 49 -37.35 31.82 4.10
N ALA F 50 -36.57 32.56 3.30
CA ALA F 50 -36.35 33.98 3.56
C ALA F 50 -37.61 34.80 3.29
N ARG F 51 -38.32 34.47 2.22
CA ARG F 51 -39.51 35.24 1.85
C ARG F 51 -40.57 35.15 2.93
N ARG F 52 -40.82 33.94 3.43
CA ARG F 52 -41.78 33.79 4.52
C ARG F 52 -41.28 34.47 5.77
N LEU F 53 -39.99 34.33 6.04
CA LEU F 53 -39.38 34.95 7.21
C LEU F 53 -39.59 36.45 7.23
N ALA F 54 -39.56 37.05 6.04
CA ALA F 54 -39.77 38.50 5.94
C ALA F 54 -41.12 38.88 6.53
N TYR F 55 -42.15 38.11 6.22
CA TYR F 55 -43.48 38.38 6.77
C TYR F 55 -43.52 38.14 8.27
N LEU F 56 -42.77 37.14 8.75
CA LEU F 56 -42.77 36.84 10.18
C LEU F 56 -42.29 38.02 11.01
N LEU F 57 -41.20 38.66 10.58
CA LEU F 57 -40.60 39.70 11.39
C LEU F 57 -41.55 40.87 11.58
N THR F 58 -42.27 41.25 10.54
CA THR F 58 -43.32 42.24 10.68
C THR F 58 -44.52 41.65 11.41
N GLY F 59 -44.79 40.37 11.22
CA GLY F 59 -45.97 39.75 11.74
C GLY F 59 -47.19 39.90 10.86
N GLU F 60 -47.03 40.55 9.71
CA GLU F 60 -48.10 40.78 8.75
C GLU F 60 -47.61 40.26 7.41
N LYS F 61 -48.48 39.53 6.72
CA LYS F 61 -48.12 38.93 5.43
C LYS F 61 -48.38 39.95 4.34
N ALA F 62 -47.55 41.02 4.36
CA ALA F 62 -47.67 42.16 3.47
C ALA F 62 -46.43 42.26 2.57
N PRO F 63 -46.59 42.38 1.26
CA PRO F 63 -45.40 42.39 0.40
C PRO F 63 -44.66 43.71 0.43
N GLN F 64 -45.36 44.81 0.72
CA GLN F 64 -44.87 46.15 0.42
C GLN F 64 -43.56 46.44 1.15
N ARG F 65 -43.49 46.08 2.42
CA ARG F 65 -42.30 46.34 3.20
C ARG F 65 -41.10 45.57 2.67
N VAL F 66 -41.36 44.45 2.01
CA VAL F 66 -40.33 43.54 1.55
C VAL F 66 -40.00 43.87 0.10
N ASN F 67 -38.72 43.87 -0.23
CA ASN F 67 -38.26 44.01 -1.60
C ASN F 67 -37.07 43.09 -1.79
N MET F 68 -36.95 42.54 -3.00
CA MET F 68 -35.98 41.50 -3.30
C MET F 68 -35.27 41.83 -4.60
N VAL F 69 -33.94 41.64 -4.59
CA VAL F 69 -33.10 41.90 -5.76
C VAL F 69 -32.07 40.80 -5.93
N GLN F 70 -31.74 40.53 -7.19
CA GLN F 70 -30.73 39.55 -7.55
C GLN F 70 -29.50 40.30 -8.05
N PHE F 71 -28.38 40.11 -7.38
CA PHE F 71 -27.13 40.74 -7.78
C PHE F 71 -26.43 39.95 -8.86
N HIS F 72 -25.75 40.66 -9.74
CA HIS F 72 -24.86 40.07 -10.72
C HIS F 72 -23.61 40.92 -10.79
N GLN F 73 -22.60 40.36 -11.47
CA GLN F 73 -21.26 40.94 -11.45
C GLN F 73 -21.25 42.37 -11.96
N SER F 74 -22.09 42.65 -12.95
CA SER F 74 -22.17 43.99 -13.52
C SER F 74 -23.15 44.89 -12.81
N TYR F 75 -23.74 44.43 -11.69
CA TYR F 75 -24.59 45.32 -10.91
C TYR F 75 -23.72 46.40 -10.28
N SER F 76 -24.22 47.63 -10.30
CA SER F 76 -23.42 48.80 -9.95
C SER F 76 -24.15 49.67 -8.94
N TYR F 77 -23.36 50.62 -8.42
CA TYR F 77 -23.85 51.63 -7.51
C TYR F 77 -25.00 52.42 -8.13
N GLU F 78 -24.92 52.67 -9.44
CA GLU F 78 -25.93 53.49 -10.11
C GLU F 78 -27.26 52.77 -10.17
N ASP F 79 -27.24 51.48 -10.46
CA ASP F 79 -28.48 50.72 -10.49
C ASP F 79 -29.00 50.58 -9.07
N PHE F 80 -28.08 50.37 -8.14
CA PHE F 80 -28.44 50.13 -6.76
C PHE F 80 -28.93 51.40 -6.07
N ILE F 81 -28.24 52.52 -6.28
CA ILE F 81 -28.41 53.68 -5.42
C ILE F 81 -28.83 54.94 -6.16
N GLN F 82 -27.92 55.53 -6.92
CA GLN F 82 -28.18 56.76 -7.66
C GLN F 82 -27.36 56.79 -8.92
N GLY F 83 -27.99 57.18 -10.02
CA GLY F 83 -27.31 57.28 -11.29
C GLY F 83 -27.92 58.39 -12.10
N TYR F 84 -27.26 58.70 -13.21
CA TYR F 84 -27.65 59.78 -14.11
C TYR F 84 -27.99 59.14 -15.43
N ARG F 85 -29.20 58.67 -15.53
CA ARG F 85 -29.72 58.19 -16.80
C ARG F 85 -30.29 59.36 -17.58
N PRO F 86 -30.26 59.30 -18.91
CA PRO F 86 -30.74 60.44 -19.68
C PRO F 86 -32.26 60.47 -19.79
N ASN F 87 -32.80 61.68 -19.70
CA ASN F 87 -34.16 61.96 -20.12
C ASN F 87 -34.09 62.42 -21.57
N GLY F 88 -35.16 63.04 -22.06
CA GLY F 88 -35.24 63.38 -23.46
C GLY F 88 -34.09 64.25 -23.96
N VAL F 89 -33.67 65.23 -23.14
CA VAL F 89 -32.67 66.22 -23.55
C VAL F 89 -31.35 66.02 -22.79
N GLY F 90 -31.41 66.05 -21.46
CA GLY F 90 -30.21 66.07 -20.65
C GLY F 90 -30.31 65.06 -19.53
N PHE F 91 -29.17 64.78 -18.94
CA PHE F 91 -29.11 63.73 -17.95
C PHE F 91 -29.80 64.15 -16.66
N ARG F 92 -30.44 63.17 -16.03
CA ARG F 92 -31.27 63.35 -14.86
C ARG F 92 -30.86 62.36 -13.80
N ARG F 93 -30.73 62.81 -12.56
CA ARG F 93 -30.41 61.87 -11.49
C ARG F 93 -31.59 60.94 -11.31
N LYS F 94 -31.29 59.67 -11.13
CA LYS F 94 -32.29 58.62 -11.01
C LYS F 94 -32.05 57.84 -9.73
N ASP F 95 -33.08 57.76 -8.90
CA ASP F 95 -32.99 57.02 -7.66
C ASP F 95 -32.81 55.54 -7.93
N GLY F 96 -32.10 54.88 -7.03
CA GLY F 96 -31.90 53.45 -7.12
C GLY F 96 -33.02 52.71 -6.46
N ILE F 97 -32.71 51.50 -6.02
CA ILE F 97 -33.68 50.64 -5.35
C ILE F 97 -33.55 50.89 -3.86
N PHE F 98 -32.34 50.67 -3.36
CA PHE F 98 -32.08 50.80 -1.92
C PHE F 98 -32.36 52.22 -1.46
N TYR F 99 -31.92 53.20 -2.23
CA TYR F 99 -32.19 54.60 -1.94
C TYR F 99 -33.69 54.85 -1.80
N ASN F 100 -34.44 54.43 -2.82
CA ASN F 100 -35.89 54.55 -2.78
C ASN F 100 -36.49 53.73 -1.64
N PHE F 101 -36.03 52.48 -1.51
CA PHE F 101 -36.53 51.55 -0.50
C PHE F 101 -36.55 52.15 0.90
N CYS F 102 -35.50 52.88 1.27
CA CYS F 102 -35.40 53.39 2.63
C CYS F 102 -36.43 54.49 2.89
N GLN F 103 -36.77 55.27 1.87
CA GLN F 103 -37.71 56.36 2.03
C GLN F 103 -39.06 55.87 2.56
N GLN F 104 -39.50 54.68 2.13
CA GLN F 104 -40.72 54.12 2.69
C GLN F 104 -40.54 53.79 4.17
N ALA F 105 -39.40 53.18 4.52
CA ALA F 105 -39.17 52.76 5.89
C ALA F 105 -39.09 53.95 6.83
N LYS F 106 -38.61 55.10 6.34
CA LYS F 106 -38.54 56.29 7.18
C LYS F 106 -39.92 56.73 7.64
N GLU F 107 -40.93 56.50 6.81
CA GLU F 107 -42.30 56.87 7.17
C GLU F 107 -42.78 56.08 8.37
N GLN F 108 -42.45 54.79 8.44
CA GLN F 108 -42.98 53.86 9.45
C GLN F 108 -41.79 53.32 10.24
N PRO F 109 -41.17 54.14 11.08
CA PRO F 109 -40.00 53.65 11.83
C PRO F 109 -40.32 52.53 12.78
N GLU F 110 -41.54 52.50 13.33
CA GLU F 110 -41.92 51.40 14.20
C GLU F 110 -41.91 50.09 13.44
N LYS F 111 -42.34 50.12 12.19
CA LYS F 111 -42.42 48.91 11.39
C LYS F 111 -41.05 48.51 10.88
N LYS F 112 -40.97 47.27 10.44
CA LYS F 112 -39.74 46.66 9.97
C LYS F 112 -39.82 46.47 8.47
N TYR F 113 -38.83 47.03 7.77
CA TYR F 113 -38.68 46.88 6.33
C TYR F 113 -37.43 46.06 6.09
N ILE F 114 -37.50 45.18 5.08
CA ILE F 114 -36.49 44.15 4.89
C ILE F 114 -36.11 44.13 3.42
N PHE F 115 -34.80 44.03 3.16
CA PHE F 115 -34.23 44.08 1.82
C PHE F 115 -33.56 42.74 1.57
N ILE F 116 -33.98 42.06 0.51
CA ILE F 116 -33.47 40.74 0.16
C ILE F 116 -32.54 40.89 -1.04
N ILE F 117 -31.35 40.35 -0.92
CA ILE F 117 -30.30 40.47 -1.92
C ILE F 117 -29.89 39.06 -2.31
N ASP F 118 -30.36 38.59 -3.46
CA ASP F 118 -30.03 37.25 -3.91
C ASP F 118 -28.69 37.24 -4.64
N GLU F 119 -27.93 36.16 -4.40
CA GLU F 119 -26.64 35.95 -5.04
C GLU F 119 -25.73 37.15 -4.84
N ILE F 120 -25.67 37.57 -3.58
CA ILE F 120 -24.86 38.72 -3.20
C ILE F 120 -23.37 38.42 -3.36
N ASN F 121 -22.98 37.16 -3.16
CA ASN F 121 -21.56 36.80 -3.20
C ASN F 121 -20.97 37.08 -4.57
N ARG F 122 -21.78 36.97 -5.62
CA ARG F 122 -21.25 37.04 -6.97
C ARG F 122 -20.67 38.42 -7.27
N ALA F 123 -21.44 39.46 -7.02
CA ALA F 123 -21.00 40.81 -7.32
C ALA F 123 -20.05 41.31 -6.24
N ASN F 124 -19.33 42.37 -6.58
CA ASN F 124 -18.53 43.08 -5.59
C ASN F 124 -19.43 44.04 -4.82
N LEU F 125 -19.49 43.83 -3.52
CA LEU F 125 -20.33 44.66 -2.68
C LEU F 125 -19.81 46.08 -2.65
N SER F 126 -18.50 46.24 -2.65
CA SER F 126 -17.88 47.54 -2.42
C SER F 126 -18.20 48.51 -3.53
N LYS F 127 -18.03 48.08 -4.78
CA LYS F 127 -18.32 48.96 -5.91
C LYS F 127 -19.76 49.40 -5.91
N VAL F 128 -20.65 48.53 -5.49
CA VAL F 128 -22.08 48.85 -5.48
C VAL F 128 -22.41 49.70 -4.27
N PHE F 129 -22.15 49.16 -3.08
CA PHE F 129 -22.52 49.87 -1.86
C PHE F 129 -21.64 51.11 -1.69
N GLY F 130 -20.34 50.96 -1.88
CA GLY F 130 -19.47 52.12 -1.82
C GLY F 130 -19.43 52.73 -0.45
N GLU F 131 -19.79 54.02 -0.41
CA GLU F 131 -19.79 54.78 0.83
C GLU F 131 -20.67 54.15 1.88
N VAL F 132 -21.82 53.62 1.47
CA VAL F 132 -22.86 53.26 2.43
C VAL F 132 -22.56 51.99 3.19
N MET F 133 -21.57 51.21 2.74
CA MET F 133 -21.31 49.94 3.39
C MET F 133 -20.89 50.13 4.84
N MET F 134 -20.31 51.29 5.14
CA MET F 134 -20.06 51.63 6.53
C MET F 134 -21.37 51.75 7.29
N LEU F 135 -22.38 52.34 6.66
CA LEU F 135 -23.62 52.66 7.35
C LEU F 135 -24.47 51.42 7.58
N MET F 136 -24.57 50.56 6.56
CA MET F 136 -25.54 49.48 6.56
C MET F 136 -25.38 48.49 7.70
N GLU F 137 -24.21 48.42 8.33
CA GLU F 137 -24.08 47.54 9.48
C GLU F 137 -24.90 48.09 10.65
N HIS F 138 -25.37 47.18 11.50
CA HIS F 138 -26.41 47.48 12.47
C HIS F 138 -26.04 48.63 13.40
N ASP F 139 -24.79 48.68 13.84
CA ASP F 139 -24.37 49.70 14.79
C ASP F 139 -24.52 51.10 14.21
N LYS F 140 -23.83 51.38 13.11
CA LYS F 140 -23.79 52.73 12.53
C LYS F 140 -25.09 53.02 11.78
N ARG F 141 -26.17 53.15 12.56
CA ARG F 141 -27.49 53.44 12.04
C ARG F 141 -28.09 54.61 12.80
N GLY F 142 -28.99 55.32 12.12
CA GLY F 142 -29.65 56.49 12.67
C GLY F 142 -29.14 57.78 12.07
N GLU F 143 -29.73 58.88 12.54
CA GLU F 143 -29.48 60.18 11.94
C GLU F 143 -28.03 60.60 12.12
N ASN F 144 -27.41 60.24 13.24
CA ASN F 144 -26.05 60.66 13.52
C ASN F 144 -25.09 60.17 12.44
N TRP F 145 -25.33 58.98 11.90
CA TRP F 145 -24.43 58.40 10.92
C TRP F 145 -24.75 58.81 9.49
N SER F 146 -25.56 59.86 9.32
CA SER F 146 -25.90 60.35 7.99
C SER F 146 -24.66 60.89 7.29
N VAL F 147 -24.53 60.55 6.01
CA VAL F 147 -23.37 60.95 5.22
C VAL F 147 -23.85 61.54 3.90
N PRO F 148 -23.15 62.52 3.31
CA PRO F 148 -23.54 62.98 1.99
C PRO F 148 -23.15 61.96 0.92
N LEU F 149 -24.06 61.74 -0.02
CA LEU F 149 -23.81 60.76 -1.07
C LEU F 149 -22.89 61.32 -2.14
N THR F 150 -22.41 60.41 -2.97
CA THR F 150 -21.41 60.74 -3.98
C THR F 150 -21.95 61.76 -4.98
N TYR F 151 -23.19 61.56 -5.41
CA TYR F 151 -23.79 62.40 -6.45
C TYR F 151 -24.52 63.60 -5.92
N SER F 152 -24.52 63.82 -4.61
CA SER F 152 -25.29 64.92 -4.06
C SER F 152 -24.68 66.24 -4.46
N GLU F 153 -25.47 67.06 -5.15
CA GLU F 153 -25.02 68.41 -5.51
C GLU F 153 -24.90 69.27 -4.27
N ASN F 154 -25.79 69.06 -3.31
CA ASN F 154 -25.83 69.80 -2.06
C ASN F 154 -25.37 68.88 -0.94
N ASP F 155 -24.43 69.36 -0.12
CA ASP F 155 -23.94 68.54 0.97
C ASP F 155 -25.00 68.29 2.03
N GLU F 156 -25.95 69.21 2.20
CA GLU F 156 -26.87 69.14 3.33
C GLU F 156 -27.74 67.89 3.23
N GLU F 157 -28.16 67.54 2.03
CA GLU F 157 -28.92 66.31 1.85
C GLU F 157 -28.03 65.11 2.14
N ARG F 158 -28.51 64.23 3.01
CA ARG F 158 -27.77 63.06 3.45
C ARG F 158 -28.68 61.84 3.45
N PHE F 159 -28.03 60.68 3.52
CA PHE F 159 -28.68 59.38 3.51
C PHE F 159 -28.25 58.68 4.78
N TYR F 160 -29.23 58.25 5.58
CA TYR F 160 -28.96 57.56 6.83
C TYR F 160 -29.76 56.27 6.83
N VAL F 161 -29.09 55.17 7.15
CA VAL F 161 -29.72 53.86 7.24
C VAL F 161 -30.59 53.80 8.50
N PRO F 162 -31.91 53.64 8.39
CA PRO F 162 -32.72 53.52 9.61
C PRO F 162 -32.52 52.15 10.25
N GLU F 163 -32.81 52.11 11.55
CA GLU F 163 -32.63 50.86 12.29
C GLU F 163 -33.60 49.80 11.82
N ASN F 164 -34.78 50.21 11.35
CA ASN F 164 -35.79 49.27 10.89
C ASN F 164 -35.28 48.35 9.79
N VAL F 165 -34.33 48.81 8.98
CA VAL F 165 -33.90 48.04 7.83
C VAL F 165 -33.17 46.79 8.28
N TYR F 166 -33.51 45.66 7.65
CA TYR F 166 -32.85 44.38 7.84
C TYR F 166 -32.49 43.82 6.46
N ILE F 167 -31.28 43.28 6.34
CA ILE F 167 -30.77 42.78 5.06
C ILE F 167 -30.63 41.28 5.15
N ILE F 168 -31.14 40.59 4.13
CA ILE F 168 -31.06 39.14 4.00
C ILE F 168 -30.34 38.83 2.70
N GLY F 169 -29.35 37.95 2.78
CA GLY F 169 -28.54 37.58 1.64
C GLY F 169 -28.55 36.07 1.42
N LEU F 170 -28.60 35.67 0.16
CA LEU F 170 -28.55 34.26 -0.22
C LEU F 170 -27.24 33.98 -0.95
N MET F 171 -26.56 32.94 -0.49
CA MET F 171 -25.31 32.50 -1.08
C MET F 171 -25.46 31.04 -1.42
N ASN F 172 -25.05 30.66 -2.62
CA ASN F 172 -25.16 29.29 -3.10
C ASN F 172 -23.83 28.58 -2.86
N THR F 173 -23.88 27.53 -2.05
CA THR F 173 -22.68 26.77 -1.76
C THR F 173 -22.25 25.91 -2.94
N ALA F 174 -23.19 25.55 -3.82
CA ALA F 174 -22.95 24.46 -4.77
C ALA F 174 -21.79 24.76 -5.72
N ASP F 175 -21.55 26.01 -6.06
CA ASP F 175 -20.58 26.45 -7.07
C ASP F 175 -19.15 26.12 -6.66
N ARG F 176 -18.45 25.37 -7.52
CA ARG F 176 -17.03 25.09 -7.32
C ARG F 176 -16.17 26.31 -7.60
N SER F 177 -16.58 27.16 -8.55
CA SER F 177 -15.81 28.36 -8.90
C SER F 177 -15.56 29.22 -7.68
N LEU F 178 -16.43 29.12 -6.69
CA LEU F 178 -16.22 29.86 -5.46
C LEU F 178 -14.87 29.50 -4.86
N ALA F 179 -14.12 30.54 -4.53
CA ALA F 179 -12.81 30.40 -3.90
C ALA F 179 -12.73 31.10 -2.56
N VAL F 180 -13.06 32.40 -2.50
CA VAL F 180 -12.86 33.20 -1.31
C VAL F 180 -14.12 34.02 -1.07
N VAL F 181 -14.58 34.01 0.18
CA VAL F 181 -15.69 34.88 0.55
C VAL F 181 -15.21 36.31 0.52
N ASP F 182 -16.08 37.23 0.16
CA ASP F 182 -15.70 38.63 0.15
C ASP F 182 -15.32 39.07 1.56
N TYR F 183 -14.16 39.70 1.66
CA TYR F 183 -13.67 40.19 2.94
C TYR F 183 -14.64 41.20 3.53
N ALA F 184 -15.07 42.15 2.71
CA ALA F 184 -15.97 43.20 3.17
C ALA F 184 -17.27 42.60 3.69
N LEU F 185 -17.68 41.48 3.11
CA LEU F 185 -18.92 40.82 3.50
C LEU F 185 -18.79 40.14 4.86
N ARG F 186 -17.70 39.42 5.07
CA ARG F 186 -17.59 38.58 6.26
C ARG F 186 -17.51 39.41 7.52
N ARG F 187 -16.90 40.59 7.43
CA ARG F 187 -16.73 41.44 8.60
C ARG F 187 -18.06 41.79 9.24
N ARG F 188 -19.09 41.98 8.41
CA ARG F 188 -20.38 42.50 8.87
C ARG F 188 -21.41 41.38 9.02
N PHE F 189 -21.53 40.54 8.02
CA PHE F 189 -22.58 39.55 7.95
C PHE F 189 -22.31 38.30 8.78
N SER F 190 -23.39 37.68 9.22
CA SER F 190 -23.36 36.40 9.90
C SER F 190 -23.72 35.31 8.91
N PHE F 191 -22.73 34.52 8.51
CA PHE F 191 -23.01 33.42 7.61
C PHE F 191 -23.86 32.39 8.32
N ILE F 192 -24.83 31.83 7.59
CA ILE F 192 -25.73 30.82 8.11
C ILE F 192 -25.80 29.69 7.10
N ASP F 193 -25.69 28.46 7.59
CA ASP F 193 -25.71 27.27 6.75
C ASP F 193 -27.09 26.64 6.81
N ILE F 194 -27.66 26.38 5.63
CA ILE F 194 -28.96 25.74 5.50
C ILE F 194 -28.70 24.29 5.10
N GLU F 195 -29.14 23.37 5.94
CA GLU F 195 -29.01 21.98 5.60
C GLU F 195 -30.10 21.64 4.58
N PRO F 196 -29.95 20.56 3.82
CA PRO F 196 -31.04 20.16 2.92
C PRO F 196 -32.33 19.86 3.65
N GLY F 197 -32.24 19.37 4.89
CA GLY F 197 -33.42 19.07 5.69
C GLY F 197 -34.34 18.06 5.01
N PHE F 198 -33.77 17.11 4.29
CA PHE F 198 -34.58 16.11 3.61
C PHE F 198 -35.27 15.20 4.62
N ASP F 199 -34.66 14.98 5.77
CA ASP F 199 -35.22 14.14 6.84
C ASP F 199 -35.72 15.04 7.95
N THR F 200 -37.00 15.40 7.86
CA THR F 200 -37.64 16.22 8.87
C THR F 200 -39.11 15.82 8.93
N PRO F 201 -39.79 16.10 10.05
CA PRO F 201 -41.21 15.72 10.14
C PRO F 201 -42.09 16.47 9.16
N GLN F 202 -41.90 17.79 9.12
CA GLN F 202 -42.83 18.64 8.36
C GLN F 202 -42.74 18.33 6.86
N PHE F 203 -41.54 18.06 6.36
CA PHE F 203 -41.40 17.65 4.96
C PHE F 203 -42.10 16.32 4.70
N ARG F 204 -41.92 15.36 5.61
CA ARG F 204 -42.59 14.07 5.47
C ARG F 204 -44.10 14.23 5.61
N ASN F 205 -44.52 14.96 6.64
CA ASN F 205 -45.95 15.17 6.87
C ASN F 205 -46.61 15.83 5.67
N PHE F 206 -45.89 16.70 4.98
CA PHE F 206 -46.41 17.27 3.74
C PHE F 206 -46.66 16.17 2.71
N LEU F 207 -45.69 15.29 2.53
CA LEU F 207 -45.86 14.23 1.54
C LEU F 207 -46.89 13.21 1.99
N LEU F 208 -46.98 12.95 3.30
CA LEU F 208 -47.98 12.01 3.80
C LEU F 208 -49.38 12.52 3.53
N ASN F 209 -49.61 13.82 3.70
CA ASN F 209 -50.92 14.40 3.35
C ASN F 209 -51.21 14.18 1.88
N LYS F 210 -50.19 14.30 1.04
CA LYS F 210 -50.28 13.90 -0.35
C LYS F 210 -50.29 12.37 -0.44
N LYS F 211 -50.69 11.87 -1.61
CA LYS F 211 -50.89 10.44 -1.76
C LYS F 211 -49.54 9.71 -1.81
N ALA F 212 -48.84 9.67 -0.68
CA ALA F 212 -47.55 8.99 -0.57
C ALA F 212 -47.61 8.00 0.58
N GLU F 213 -47.29 6.75 0.29
CA GLU F 213 -47.28 5.73 1.33
C GLU F 213 -46.03 5.90 2.20
N PRO F 214 -46.08 5.43 3.45
CA PRO F 214 -44.89 5.56 4.32
C PRO F 214 -43.63 4.92 3.76
N SER F 215 -43.75 3.81 3.03
CA SER F 215 -42.55 3.17 2.48
C SER F 215 -41.88 4.07 1.47
N PHE F 216 -42.66 4.74 0.64
CA PHE F 216 -42.10 5.66 -0.35
C PHE F 216 -41.39 6.81 0.36
N VAL F 217 -41.95 7.29 1.46
CA VAL F 217 -41.29 8.31 2.28
C VAL F 217 -40.00 7.76 2.85
N GLU F 218 -40.07 6.60 3.51
CA GLU F 218 -38.90 6.01 4.15
C GLU F 218 -37.84 5.68 3.12
N SER F 219 -38.23 5.13 1.98
CA SER F 219 -37.30 4.92 0.88
C SER F 219 -36.72 6.24 0.41
N LEU F 220 -37.59 7.24 0.22
CA LEU F 220 -37.16 8.52 -0.33
C LEU F 220 -36.22 9.26 0.60
N CYS F 221 -36.60 9.38 1.87
CA CYS F 221 -35.74 10.08 2.83
C CYS F 221 -34.42 9.34 3.03
N GLN F 222 -34.48 8.01 3.09
CA GLN F 222 -33.28 7.22 3.31
C GLN F 222 -32.30 7.38 2.16
N LYS F 223 -32.79 7.23 0.93
CA LYS F 223 -31.88 7.19 -0.22
C LYS F 223 -31.21 8.54 -0.45
N MET F 224 -31.97 9.62 -0.34
CA MET F 224 -31.39 10.94 -0.54
C MET F 224 -30.41 11.28 0.57
N ASN F 225 -30.70 10.82 1.80
CA ASN F 225 -29.75 10.98 2.89
C ASN F 225 -28.44 10.30 2.56
N GLU F 226 -28.51 9.08 2.02
CA GLU F 226 -27.29 8.36 1.66
C GLU F 226 -26.51 9.13 0.60
N LEU F 227 -27.23 9.74 -0.33
CA LEU F 227 -26.59 10.53 -1.36
C LEU F 227 -25.99 11.81 -0.79
N ASN F 228 -26.78 12.52 0.03
CA ASN F 228 -26.30 13.77 0.62
C ASN F 228 -25.10 13.53 1.51
N GLN F 229 -25.12 12.43 2.27
CA GLN F 229 -23.99 12.10 3.14
C GLN F 229 -22.71 11.91 2.34
N GLU F 230 -22.82 11.33 1.16
CA GLU F 230 -21.63 11.06 0.35
C GLU F 230 -20.92 12.36 -0.02
N ILE F 231 -21.70 13.35 -0.44
CA ILE F 231 -21.10 14.61 -0.88
C ILE F 231 -20.54 15.36 0.31
N SER F 232 -21.27 15.36 1.43
CA SER F 232 -20.78 16.00 2.63
C SER F 232 -19.53 15.30 3.16
N LYS F 233 -19.41 13.99 2.93
CA LYS F 233 -18.23 13.25 3.38
C LYS F 233 -16.95 13.78 2.75
N GLU F 234 -16.99 14.01 1.45
CA GLU F 234 -15.80 14.43 0.71
C GLU F 234 -15.68 15.94 0.85
N ALA F 235 -15.30 16.36 2.06
CA ALA F 235 -15.42 17.76 2.45
C ALA F 235 -14.46 18.65 1.64
N THR F 236 -13.19 18.27 1.57
CA THR F 236 -12.23 19.12 0.86
C THR F 236 -12.50 19.09 -0.63
N ILE F 237 -12.84 17.92 -1.18
CA ILE F 237 -13.13 17.83 -2.60
C ILE F 237 -14.40 18.60 -2.90
N LEU F 238 -15.42 18.44 -2.05
CA LEU F 238 -16.73 19.05 -2.26
C LEU F 238 -17.30 19.56 -0.96
N GLY F 239 -17.90 20.73 -1.01
CA GLY F 239 -18.50 21.31 0.18
C GLY F 239 -19.69 20.50 0.65
N LYS F 240 -20.05 20.71 1.93
CA LYS F 240 -21.27 20.09 2.44
C LYS F 240 -22.50 20.61 1.72
N GLY F 241 -22.52 21.92 1.42
CA GLY F 241 -23.64 22.54 0.75
C GLY F 241 -23.85 22.10 -0.68
N PHE F 242 -22.93 21.32 -1.23
CA PHE F 242 -23.14 20.71 -2.53
C PHE F 242 -24.30 19.71 -2.50
N ARG F 243 -24.57 19.09 -1.36
CA ARG F 243 -25.57 18.02 -1.28
C ARG F 243 -26.94 18.52 -1.70
N ILE F 244 -27.69 17.66 -2.39
CA ILE F 244 -28.92 18.07 -3.07
C ILE F 244 -29.96 18.54 -2.06
N GLY F 245 -30.75 19.53 -2.46
CA GLY F 245 -31.84 20.04 -1.65
C GLY F 245 -33.12 19.24 -1.87
N HIS F 246 -34.25 19.88 -1.57
CA HIS F 246 -35.55 19.22 -1.61
C HIS F 246 -36.61 19.91 -2.45
N SER F 247 -36.32 21.07 -3.03
CA SER F 247 -37.39 21.88 -3.62
C SER F 247 -38.05 21.20 -4.81
N TYR F 248 -37.33 20.33 -5.51
CA TYR F 248 -37.93 19.67 -6.67
C TYR F 248 -39.10 18.83 -6.24
N PHE F 249 -38.95 18.14 -5.11
CA PHE F 249 -39.97 17.26 -4.61
C PHE F 249 -41.18 18.05 -4.11
N CYS F 250 -40.94 19.26 -3.60
CA CYS F 250 -42.04 20.14 -3.24
C CYS F 250 -42.88 20.51 -4.45
N CYS F 251 -42.28 21.23 -5.40
CA CYS F 251 -43.02 21.73 -6.54
C CYS F 251 -43.34 20.61 -7.53
N GLY F 252 -44.32 20.88 -8.40
CA GLY F 252 -44.74 19.96 -9.41
C GLY F 252 -45.92 19.08 -9.05
N LEU F 253 -46.31 19.06 -7.77
CA LEU F 253 -47.46 18.28 -7.29
C LEU F 253 -48.66 19.15 -6.98
N GLU F 254 -48.67 20.40 -7.46
CA GLU F 254 -49.78 21.30 -7.16
C GLU F 254 -51.10 20.78 -7.72
N ASP F 255 -51.04 20.01 -8.82
CA ASP F 255 -52.24 19.50 -9.48
C ASP F 255 -52.93 18.38 -8.70
N GLY F 256 -52.39 17.96 -7.55
CA GLY F 256 -52.92 16.83 -6.83
C GLY F 256 -52.36 15.50 -7.25
N THR F 257 -51.31 15.48 -8.07
CA THR F 257 -50.70 14.24 -8.51
C THR F 257 -50.17 13.45 -7.33
N SER F 258 -50.37 12.14 -7.37
CA SER F 258 -49.82 11.27 -6.34
C SER F 258 -48.32 11.13 -6.50
N PRO F 259 -47.52 11.29 -5.43
CA PRO F 259 -46.09 10.99 -5.55
C PRO F 259 -45.83 9.50 -5.40
N ASP F 260 -45.22 8.91 -6.42
CA ASP F 260 -44.88 7.50 -6.43
C ASP F 260 -43.58 7.33 -7.18
N THR F 261 -43.05 6.09 -7.14
CA THR F 261 -41.76 5.83 -7.78
C THR F 261 -41.82 6.14 -9.27
N GLN F 262 -42.98 5.96 -9.90
CA GLN F 262 -43.14 6.32 -11.30
C GLN F 262 -42.92 7.82 -11.48
N TRP F 263 -43.53 8.63 -10.63
CA TRP F 263 -43.30 10.07 -10.69
C TRP F 263 -41.87 10.41 -10.33
N LEU F 264 -41.29 9.66 -9.39
CA LEU F 264 -39.99 10.00 -8.85
C LEU F 264 -38.91 9.96 -9.92
N ASN F 265 -38.90 8.89 -10.73
CA ASN F 265 -37.77 8.64 -11.62
C ASN F 265 -37.56 9.75 -12.63
N GLU F 266 -38.61 10.47 -13.00
CA GLU F 266 -38.44 11.58 -13.93
C GLU F 266 -37.60 12.68 -13.31
N ILE F 267 -37.95 13.10 -12.09
CA ILE F 267 -37.18 14.15 -11.41
C ILE F 267 -35.77 13.64 -11.15
N VAL F 268 -35.62 12.35 -10.84
CA VAL F 268 -34.30 11.77 -10.65
C VAL F 268 -33.46 11.96 -11.91
N MET F 269 -33.97 11.50 -13.04
CA MET F 269 -33.20 11.53 -14.27
C MET F 269 -33.17 12.92 -14.89
N THR F 270 -34.26 13.67 -14.80
CA THR F 270 -34.35 14.95 -15.50
C THR F 270 -33.59 16.06 -14.79
N ASP F 271 -33.77 16.20 -13.48
CA ASP F 271 -33.30 17.34 -12.73
C ASP F 271 -32.04 17.04 -11.93
N ILE F 272 -32.01 15.89 -11.25
CA ILE F 272 -30.88 15.55 -10.41
C ILE F 272 -29.71 15.05 -11.24
N ALA F 273 -29.98 14.33 -12.33
CA ALA F 273 -28.90 13.73 -13.12
C ALA F 273 -27.93 14.76 -13.67
N PRO F 274 -28.37 15.86 -14.29
CA PRO F 274 -27.39 16.89 -14.69
C PRO F 274 -26.63 17.46 -13.52
N LEU F 275 -27.28 17.55 -12.36
CA LEU F 275 -26.58 18.00 -11.17
C LEU F 275 -25.48 17.04 -10.79
N LEU F 276 -25.75 15.74 -10.87
CA LEU F 276 -24.71 14.75 -10.67
C LEU F 276 -23.64 14.89 -11.75
N GLU F 277 -24.07 15.19 -12.97
CA GLU F 277 -23.11 15.42 -14.04
C GLU F 277 -22.21 16.61 -13.72
N GLU F 278 -22.81 17.68 -13.18
CA GLU F 278 -22.02 18.85 -12.82
C GLU F 278 -21.11 18.57 -11.64
N TYR F 279 -21.64 17.93 -10.60
CA TYR F 279 -20.84 17.65 -9.41
C TYR F 279 -19.78 16.62 -9.70
N PHE F 280 -20.18 15.54 -10.36
CA PHE F 280 -19.29 14.43 -10.70
C PHE F 280 -18.94 14.53 -12.17
N PHE F 281 -17.80 15.17 -12.41
CA PHE F 281 -17.23 15.36 -13.74
C PHE F 281 -16.13 14.35 -14.04
N ASP F 282 -15.82 13.46 -13.09
CA ASP F 282 -14.72 12.52 -13.21
C ASP F 282 -15.17 11.16 -13.70
N ASP F 283 -16.16 10.56 -13.04
CA ASP F 283 -16.51 9.16 -13.26
C ASP F 283 -18.02 9.05 -13.50
N PRO F 284 -18.47 8.66 -14.71
CA PRO F 284 -19.90 8.35 -14.86
C PRO F 284 -20.29 7.07 -14.14
N TYR F 285 -19.36 6.11 -14.03
CA TYR F 285 -19.62 4.89 -13.27
C TYR F 285 -20.04 5.22 -11.85
N LYS F 286 -19.39 6.23 -11.25
CA LYS F 286 -19.80 6.69 -9.93
C LYS F 286 -21.22 7.25 -9.97
N GLN F 287 -21.52 8.05 -11.00
CA GLN F 287 -22.88 8.54 -11.16
C GLN F 287 -23.82 7.38 -11.43
N GLN F 288 -23.42 6.48 -12.31
CA GLN F 288 -24.22 5.31 -12.61
C GLN F 288 -24.40 4.47 -11.36
N LYS F 289 -23.36 4.40 -10.55
CA LYS F 289 -23.46 3.72 -9.26
C LYS F 289 -24.52 4.41 -8.40
N TRP F 290 -24.48 5.74 -8.34
CA TRP F 290 -25.37 6.45 -7.42
C TRP F 290 -26.76 6.70 -8.00
N THR F 291 -26.88 6.88 -9.31
CA THR F 291 -28.20 7.05 -9.92
C THR F 291 -29.02 5.77 -9.84
N ASN F 292 -28.37 4.61 -9.99
CA ASN F 292 -29.09 3.35 -9.99
C ASN F 292 -29.75 3.09 -8.64
N LYS F 293 -29.02 3.38 -7.56
CA LYS F 293 -29.51 3.11 -6.21
C LYS F 293 -30.78 3.88 -5.91
N LEU F 294 -30.92 5.06 -6.51
CA LEU F 294 -32.06 5.93 -6.23
C LEU F 294 -33.39 5.24 -6.51
N LEU F 295 -33.48 4.55 -7.65
CA LEU F 295 -34.71 3.90 -8.06
C LEU F 295 -34.70 2.39 -7.87
N GLY F 296 -33.61 1.71 -8.22
CA GLY F 296 -33.55 0.27 -8.10
C GLY F 296 -33.08 -0.21 -6.74
N GLN G 3 18.86 -1.13 1.14
CA GLN G 3 17.93 -0.23 0.45
C GLN G 3 18.69 0.93 -0.19
N PRO G 4 19.57 0.62 -1.15
CA PRO G 4 20.45 1.64 -1.71
C PRO G 4 19.86 2.32 -2.94
N VAL G 5 20.16 3.61 -3.07
CA VAL G 5 19.77 4.41 -4.21
C VAL G 5 20.97 5.27 -4.60
N ILE G 6 20.83 5.94 -5.72
CA ILE G 6 21.95 6.74 -6.25
C ILE G 6 22.15 7.96 -5.35
N PRO G 7 23.38 8.45 -5.18
CA PRO G 7 23.54 9.73 -4.48
C PRO G 7 22.79 10.84 -5.21
N VAL G 8 22.18 11.69 -4.40
CA VAL G 8 21.11 12.55 -4.87
C VAL G 8 21.64 13.62 -5.81
N ARG G 9 22.89 14.05 -5.61
CA ARG G 9 23.45 15.13 -6.40
C ARG G 9 23.50 14.76 -7.88
N ASN G 10 23.87 13.52 -8.18
CA ASN G 10 24.08 13.15 -9.57
C ASN G 10 22.76 13.09 -10.33
N ILE G 11 21.66 12.83 -9.62
CA ILE G 11 20.35 12.72 -10.28
C ILE G 11 20.01 14.04 -10.96
N TYR G 12 20.43 15.15 -10.36
CA TYR G 12 20.13 16.46 -10.91
C TYR G 12 20.72 16.60 -12.30
N TYR G 13 21.89 16.01 -12.52
CA TYR G 13 22.49 16.06 -13.85
C TYR G 13 21.62 15.34 -14.86
N MET G 14 21.02 14.23 -14.44
CA MET G 14 20.17 13.47 -15.34
C MET G 14 18.91 14.25 -15.69
N LEU G 15 18.37 14.96 -14.72
CA LEU G 15 17.21 15.81 -14.96
C LEU G 15 17.53 16.91 -15.95
N THR G 16 18.75 17.43 -15.88
CA THR G 16 19.14 18.53 -16.75
C THR G 16 19.10 18.10 -18.21
N TYR G 17 19.70 16.95 -18.50
CA TYR G 17 19.63 16.42 -19.85
C TYR G 17 18.20 16.06 -20.22
N ALA G 18 17.43 15.57 -19.26
CA ALA G 18 16.05 15.23 -19.53
C ALA G 18 15.25 16.48 -19.91
N TRP G 19 15.52 17.59 -19.23
CA TRP G 19 14.87 18.83 -19.55
C TRP G 19 15.55 19.58 -20.70
N GLY G 20 16.69 19.10 -21.16
CA GLY G 20 17.42 19.77 -22.24
C GLY G 20 17.85 21.18 -21.93
N TYR G 21 18.31 21.43 -20.71
CA TYR G 21 18.76 22.76 -20.29
C TYR G 21 17.72 23.83 -20.55
N ALA G 28 26.97 24.96 -13.29
CA ALA G 28 26.55 25.22 -11.92
C ALA G 28 27.34 24.36 -10.94
N ASN G 29 27.47 24.85 -9.71
CA ASN G 29 28.26 24.21 -8.67
C ASN G 29 27.34 23.62 -7.62
N LEU G 30 27.39 22.29 -7.46
CA LEU G 30 26.73 21.60 -6.38
C LEU G 30 27.70 21.15 -5.30
N GLU G 31 28.99 21.36 -5.50
CA GLU G 31 29.97 20.97 -4.49
C GLU G 31 29.79 21.78 -3.22
N ALA G 32 29.41 23.05 -3.37
CA ALA G 32 29.33 23.94 -2.22
C ALA G 32 28.23 23.53 -1.27
N ILE G 33 27.07 23.15 -1.78
CA ILE G 33 25.91 22.93 -0.92
C ILE G 33 26.17 21.71 -0.03
N PRO G 34 25.84 21.74 1.26
CA PRO G 34 26.08 20.56 2.10
C PRO G 34 24.89 19.63 2.27
N GLY G 35 23.74 19.95 1.70
CA GLY G 35 22.55 19.18 1.92
C GLY G 35 22.45 18.00 0.98
N ASN G 36 22.56 16.79 1.53
CA ASN G 36 22.54 15.60 0.70
C ASN G 36 21.19 15.42 0.03
N ASN G 37 20.10 15.75 0.73
CA ASN G 37 18.78 15.52 0.18
C ASN G 37 18.53 16.43 -1.00
N LEU G 38 17.56 16.03 -1.83
CA LEU G 38 17.39 16.65 -3.14
C LEU G 38 16.90 18.07 -3.03
N LEU G 39 15.93 18.30 -2.13
CA LEU G 39 15.24 19.59 -2.09
C LEU G 39 16.18 20.74 -1.78
N ASP G 40 17.21 20.49 -0.98
CA ASP G 40 18.25 21.49 -0.78
C ASP G 40 18.91 21.82 -2.11
N ILE G 41 19.17 20.80 -2.92
CA ILE G 41 19.83 21.00 -4.20
C ILE G 41 18.95 21.82 -5.13
N LEU G 42 17.70 21.39 -5.26
CA LEU G 42 16.84 21.96 -6.29
C LEU G 42 16.46 23.39 -5.94
N GLY G 43 16.17 23.65 -4.68
CA GLY G 43 15.81 24.99 -4.28
C GLY G 43 16.97 25.97 -4.44
N TYR G 44 18.19 25.50 -4.18
CA TYR G 44 19.34 26.40 -4.26
C TYR G 44 19.52 26.93 -5.67
N VAL G 45 19.33 26.06 -6.66
CA VAL G 45 19.44 26.51 -8.04
C VAL G 45 18.31 27.46 -8.36
N LEU G 46 17.10 27.10 -7.96
CA LEU G 46 15.95 27.96 -8.22
C LEU G 46 16.15 29.30 -7.52
N ASN G 47 16.53 29.25 -6.25
CA ASN G 47 16.79 30.46 -5.49
C ASN G 47 17.90 31.27 -6.13
N LYS G 48 18.94 30.59 -6.58
CA LYS G 48 20.03 31.23 -7.30
C LYS G 48 19.65 31.57 -8.73
N GLY G 49 18.83 30.72 -9.35
CA GLY G 49 18.53 30.91 -10.76
C GLY G 49 17.73 32.16 -11.00
N VAL G 50 16.75 32.42 -10.13
CA VAL G 50 15.98 33.65 -10.23
C VAL G 50 16.91 34.84 -10.10
N LEU G 51 17.88 34.73 -9.21
CA LEU G 51 18.82 35.80 -9.02
C LEU G 51 19.66 36.01 -10.27
N GLN G 52 19.95 34.93 -10.99
CA GLN G 52 20.66 35.08 -12.25
C GLN G 52 19.79 35.82 -13.26
N LEU G 53 18.49 35.49 -13.29
CA LEU G 53 17.58 36.12 -14.22
C LEU G 53 17.43 37.59 -13.90
N SER G 54 17.18 37.89 -12.62
CA SER G 54 16.94 39.25 -12.20
C SER G 54 18.10 40.17 -12.53
N ARG G 55 19.33 39.64 -12.52
CA ARG G 55 20.48 40.43 -12.91
C ARG G 55 20.30 40.94 -14.34
N ARG G 56 19.93 40.04 -15.25
CA ARG G 56 19.67 40.47 -16.62
C ARG G 56 18.37 41.23 -16.72
N GLY G 57 17.35 40.77 -15.99
CA GLY G 57 16.04 41.40 -15.99
C GLY G 57 14.97 40.39 -16.29
N LEU G 58 13.88 40.41 -15.53
CA LEU G 58 12.83 39.44 -15.72
C LEU G 58 11.93 39.82 -16.89
N GLU G 59 11.19 38.84 -17.37
CA GLU G 59 10.38 39.03 -18.57
C GLU G 59 9.23 39.99 -18.30
N LEU G 60 9.03 40.93 -19.20
CA LEU G 60 7.92 41.88 -19.17
C LEU G 60 7.11 41.78 -20.45
N ASP G 61 5.87 41.36 -20.32
CA ASP G 61 4.96 41.16 -21.43
C ASP G 61 3.92 42.27 -21.44
N TYR G 62 3.75 42.91 -22.59
CA TYR G 62 2.77 43.97 -22.73
C TYR G 62 1.38 43.40 -22.49
N ASN G 63 0.79 43.79 -21.37
CA ASN G 63 -0.53 43.31 -21.00
C ASN G 63 -1.54 44.39 -21.33
N PRO G 64 -2.50 44.17 -22.23
CA PRO G 64 -3.46 45.24 -22.53
C PRO G 64 -4.36 45.46 -21.34
N ASN G 65 -4.67 46.73 -21.10
CA ASN G 65 -5.53 47.14 -20.00
C ASN G 65 -6.60 48.05 -20.56
N THR G 66 -7.85 47.65 -20.37
CA THR G 66 -9.00 48.45 -20.75
C THR G 66 -9.80 48.76 -19.49
N GLU G 67 -9.82 50.03 -19.11
CA GLU G 67 -10.37 50.44 -17.84
C GLU G 67 -10.93 51.85 -17.94
N ILE G 68 -11.54 52.28 -16.85
CA ILE G 68 -12.23 53.56 -16.75
C ILE G 68 -11.26 54.51 -16.06
N ILE G 69 -10.81 55.53 -16.77
CA ILE G 69 -9.78 56.43 -16.26
C ILE G 69 -10.23 57.87 -16.48
N PRO G 70 -9.62 58.82 -15.77
CA PRO G 70 -9.94 60.23 -15.99
C PRO G 70 -9.06 60.85 -17.07
N GLY G 71 -9.16 60.32 -18.28
CA GLY G 71 -8.42 60.89 -19.38
C GLY G 71 -8.17 59.87 -20.47
N ILE G 72 -7.48 60.35 -21.49
CA ILE G 72 -7.17 59.57 -22.67
C ILE G 72 -5.85 58.85 -22.44
N LYS G 73 -5.88 57.52 -22.49
CA LYS G 73 -4.67 56.72 -22.44
C LYS G 73 -4.78 55.63 -23.50
N GLY G 74 -3.86 55.65 -24.44
CA GLY G 74 -3.90 54.68 -25.52
C GLY G 74 -5.10 54.95 -26.40
N ARG G 75 -5.92 53.92 -26.60
CA ARG G 75 -7.02 53.96 -27.54
C ARG G 75 -8.31 53.99 -26.74
N ILE G 76 -9.13 55.00 -26.97
CA ILE G 76 -10.46 55.03 -26.33
C ILE G 76 -11.40 54.16 -27.14
N GLU G 77 -12.16 53.33 -26.43
CA GLU G 77 -13.22 52.54 -27.05
C GLU G 77 -14.50 53.36 -26.95
N PHE G 78 -14.93 53.90 -28.08
CA PHE G 78 -16.04 54.84 -28.08
C PHE G 78 -17.29 54.18 -27.55
N ALA G 79 -17.48 52.91 -27.86
CA ALA G 79 -18.72 52.23 -27.52
C ALA G 79 -18.91 52.13 -26.02
N LYS G 80 -17.92 51.57 -25.32
CA LYS G 80 -18.08 51.37 -23.88
C LYS G 80 -18.26 52.67 -23.13
N THR G 81 -17.68 53.76 -23.64
CA THR G 81 -17.81 55.04 -22.97
C THR G 81 -19.21 55.60 -23.09
N ILE G 82 -19.75 55.60 -24.30
CA ILE G 82 -21.06 56.21 -24.52
C ILE G 82 -22.14 55.38 -23.85
N ARG G 83 -21.97 54.06 -23.86
CA ARG G 83 -22.97 53.20 -23.25
C ARG G 83 -23.01 53.41 -21.75
N GLY G 84 -21.85 53.64 -21.15
CA GLY G 84 -21.75 53.93 -19.73
C GLY G 84 -21.81 55.39 -19.37
N PHE G 85 -21.88 56.27 -20.38
CA PHE G 85 -22.07 57.70 -20.15
C PHE G 85 -20.96 58.28 -19.28
N HIS G 86 -19.75 57.76 -19.46
CA HIS G 86 -18.64 58.19 -18.63
C HIS G 86 -18.18 59.60 -18.95
N LEU G 87 -18.57 60.12 -20.13
CA LEU G 87 -18.22 61.48 -20.48
C LEU G 87 -18.76 62.47 -19.47
N ASN G 88 -19.94 62.19 -18.95
CA ASN G 88 -20.62 63.16 -18.09
C ASN G 88 -19.85 63.37 -16.80
N HIS G 89 -19.30 62.30 -16.24
CA HIS G 89 -18.41 62.42 -15.09
C HIS G 89 -16.95 62.36 -15.52
N GLY G 90 -16.67 62.88 -16.71
CA GLY G 90 -15.30 63.11 -17.14
C GLY G 90 -14.42 61.88 -17.15
N LYS G 91 -14.93 60.77 -17.67
CA LYS G 91 -14.20 59.52 -17.68
C LYS G 91 -14.37 58.85 -19.03
N THR G 92 -13.42 57.99 -19.36
CA THR G 92 -13.43 57.29 -20.63
C THR G 92 -13.04 55.84 -20.42
N VAL G 93 -13.51 54.99 -21.31
CA VAL G 93 -13.12 53.60 -21.35
C VAL G 93 -12.05 53.49 -22.42
N SER G 94 -10.82 53.29 -21.99
CA SER G 94 -9.68 53.35 -22.89
C SER G 94 -8.77 52.15 -22.71
N THR G 95 -8.21 51.72 -23.82
CA THR G 95 -7.32 50.57 -23.88
C THR G 95 -5.89 51.04 -24.04
N PHE G 96 -5.03 50.47 -23.21
CA PHE G 96 -3.61 50.76 -23.24
C PHE G 96 -2.88 49.56 -22.70
N ASP G 97 -1.58 49.51 -22.95
CA ASP G 97 -0.78 48.31 -22.76
C ASP G 97 0.24 48.59 -21.67
N MET G 98 -0.16 48.35 -20.43
CA MET G 98 0.77 48.46 -19.33
C MET G 98 1.70 47.27 -19.36
N LEU G 99 2.96 47.51 -19.03
CA LEU G 99 4.00 46.50 -19.11
C LEU G 99 4.31 46.04 -17.69
N ASN G 100 3.98 44.79 -17.40
CA ASN G 100 4.09 44.23 -16.07
C ASN G 100 4.89 42.95 -16.09
N GLU G 101 5.23 42.50 -14.89
CA GLU G 101 5.85 41.20 -14.66
C GLU G 101 4.89 40.19 -14.07
N ASP G 102 3.58 40.45 -14.13
CA ASP G 102 2.60 39.61 -13.46
C ASP G 102 2.12 38.45 -14.33
N THR G 103 2.85 38.13 -15.39
CA THR G 103 2.49 37.05 -16.29
C THR G 103 2.55 35.70 -15.59
N LEU G 104 1.96 34.71 -16.27
CA LEU G 104 1.91 33.35 -15.76
C LEU G 104 3.29 32.82 -15.42
N ALA G 105 4.27 33.10 -16.26
CA ALA G 105 5.60 32.58 -16.06
C ALA G 105 6.18 33.07 -14.73
N ASN G 106 5.98 34.34 -14.44
CA ASN G 106 6.55 34.90 -13.24
C ASN G 106 5.72 34.53 -12.02
N ARG G 107 4.41 34.44 -12.21
CA ARG G 107 3.51 34.04 -11.13
C ARG G 107 3.82 32.64 -10.64
N ILE G 108 4.18 31.74 -11.54
CA ILE G 108 4.46 30.36 -11.16
C ILE G 108 5.66 30.30 -10.23
N ILE G 109 6.67 31.10 -10.53
CA ILE G 109 7.88 31.09 -9.72
C ILE G 109 7.56 31.55 -8.30
N LYS G 110 6.78 32.61 -8.18
CA LYS G 110 6.55 33.20 -6.88
C LYS G 110 5.71 32.30 -5.99
N SER G 111 4.65 31.72 -6.56
CA SER G 111 3.83 30.82 -5.77
C SER G 111 4.63 29.59 -5.36
N THR G 112 5.52 29.14 -6.24
CA THR G 112 6.36 27.99 -5.93
C THR G 112 7.25 28.28 -4.73
N LEU G 113 7.71 29.52 -4.62
CA LEU G 113 8.57 29.89 -3.51
C LEU G 113 7.86 29.73 -2.18
N ALA G 114 6.56 30.00 -2.15
CA ALA G 114 5.80 29.73 -0.94
C ALA G 114 5.83 28.25 -0.60
N ILE G 115 5.66 27.41 -1.61
CA ILE G 115 5.71 25.96 -1.41
C ILE G 115 7.08 25.57 -0.89
N LEU G 116 8.12 26.13 -1.49
CA LEU G 116 9.48 25.82 -1.10
C LEU G 116 9.75 26.20 0.34
N ILE G 117 9.29 27.37 0.76
CA ILE G 117 9.45 27.79 2.14
C ILE G 117 8.64 26.89 3.06
N LYS G 118 7.42 26.58 2.65
CA LYS G 118 6.53 25.78 3.47
C LYS G 118 7.01 24.35 3.67
N HIS G 119 7.98 23.89 2.89
CA HIS G 119 8.44 22.51 3.03
C HIS G 119 9.04 22.27 4.40
N GLU G 120 8.58 21.20 5.03
CA GLU G 120 8.91 20.92 6.42
C GLU G 120 10.38 20.57 6.59
N LYS G 121 10.94 19.78 5.68
CA LYS G 121 12.32 19.30 5.77
C LYS G 121 13.13 20.07 4.74
N LEU G 122 13.92 21.04 5.22
CA LEU G 122 14.67 21.90 4.33
C LEU G 122 15.80 22.59 5.09
N ASN G 123 16.85 22.91 4.36
CA ASN G 123 17.96 23.64 4.93
C ASN G 123 17.48 25.01 5.39
N SER G 124 18.06 25.47 6.50
CA SER G 124 17.64 26.75 7.07
C SER G 124 18.00 27.90 6.16
N THR G 125 19.20 27.87 5.59
CA THR G 125 19.67 28.97 4.75
C THR G 125 18.81 29.12 3.51
N ILE G 126 18.43 27.99 2.92
CA ILE G 126 17.65 28.01 1.71
C ILE G 126 16.30 28.63 1.99
N ARG G 127 15.68 28.24 3.11
CA ARG G 127 14.38 28.77 3.48
C ARG G 127 14.45 30.27 3.74
N ASP G 128 15.54 30.72 4.35
CA ASP G 128 15.67 32.14 4.67
C ASP G 128 15.84 32.97 3.41
N GLU G 129 16.74 32.56 2.52
CA GLU G 129 17.01 33.36 1.32
C GLU G 129 15.78 33.43 0.42
N ALA G 130 15.03 32.35 0.33
CA ALA G 130 13.86 32.36 -0.54
C ALA G 130 12.82 33.33 -0.02
N ARG G 131 12.66 33.37 1.30
CA ARG G 131 11.71 34.28 1.92
C ARG G 131 12.05 35.71 1.59
N SER G 132 13.34 36.01 1.46
CA SER G 132 13.74 37.33 1.01
C SER G 132 13.21 37.62 -0.38
N LEU G 133 13.46 36.69 -1.30
CA LEU G 133 13.07 36.88 -2.69
C LEU G 133 11.57 37.00 -2.83
N TYR G 134 10.84 36.20 -2.05
CA TYR G 134 9.38 36.25 -2.06
C TYR G 134 8.90 37.66 -1.77
N ARG G 135 9.56 38.33 -0.84
CA ARG G 135 9.25 39.72 -0.55
C ARG G 135 9.71 40.62 -1.67
N LYS G 136 10.82 40.26 -2.33
CA LYS G 136 11.40 41.12 -3.35
C LYS G 136 10.53 41.23 -4.61
N LEU G 137 9.45 40.47 -4.72
CA LEU G 137 8.53 40.54 -5.86
C LEU G 137 7.16 41.00 -5.38
N PRO G 138 7.00 42.27 -5.05
CA PRO G 138 5.71 42.70 -4.50
C PRO G 138 4.59 42.73 -5.53
N GLY G 139 4.88 43.13 -6.77
CA GLY G 139 3.82 43.31 -7.75
C GLY G 139 3.12 42.03 -8.12
N ILE G 140 3.85 40.92 -8.16
CA ILE G 140 3.32 39.65 -8.63
C ILE G 140 2.27 39.11 -7.68
N SER G 141 1.29 38.41 -8.26
CA SER G 141 0.17 37.83 -7.54
C SER G 141 0.41 36.35 -7.32
N THR G 142 0.25 35.90 -6.07
CA THR G 142 0.35 34.49 -5.76
C THR G 142 -0.78 33.70 -6.42
N LEU G 143 -0.52 32.43 -6.68
CA LEU G 143 -1.46 31.56 -7.35
C LEU G 143 -1.38 30.15 -6.78
N HIS G 144 -2.44 29.39 -7.01
CA HIS G 144 -2.54 27.98 -6.61
C HIS G 144 -2.20 27.12 -7.82
N LEU G 145 -1.04 26.48 -7.75
CA LEU G 145 -0.42 25.88 -8.93
C LEU G 145 -1.05 24.56 -9.31
N THR G 146 -1.20 24.36 -10.61
CA THR G 146 -1.67 23.12 -11.20
C THR G 146 -0.87 22.86 -12.44
N PRO G 147 -0.85 21.62 -12.93
CA PRO G 147 -0.25 21.36 -14.24
C PRO G 147 -0.93 22.11 -15.35
N GLN G 148 -2.22 22.41 -15.19
CA GLN G 148 -2.96 23.13 -16.22
C GLN G 148 -2.31 24.48 -16.47
N HIS G 149 -1.77 25.09 -15.43
CA HIS G 149 -1.04 26.33 -15.59
C HIS G 149 0.21 26.10 -16.41
N PHE G 150 0.97 25.08 -16.03
CA PHE G 150 2.17 24.71 -16.77
C PHE G 150 1.81 24.26 -18.18
N SER G 151 0.63 23.63 -18.32
CA SER G 151 0.17 23.21 -19.63
C SER G 151 0.01 24.38 -20.57
N TYR G 152 -0.50 25.50 -20.06
CA TYR G 152 -0.69 26.66 -20.92
C TYR G 152 0.64 27.23 -21.37
N LEU G 153 1.69 26.96 -20.61
CA LEU G 153 2.99 27.55 -20.87
C LEU G 153 3.81 26.71 -21.84
N ASN G 154 3.20 25.74 -22.50
CA ASN G 154 3.92 24.97 -23.52
C ASN G 154 4.35 25.83 -24.69
N GLY G 155 3.78 27.03 -24.85
CA GLY G 155 4.23 27.92 -25.90
C GLY G 155 5.70 28.25 -25.78
N GLY G 156 6.18 28.43 -24.55
CA GLY G 156 7.59 28.65 -24.33
C GLY G 156 8.10 29.92 -24.99
N LYS G 157 7.30 30.99 -24.95
CA LYS G 157 7.75 32.26 -25.51
C LYS G 157 8.97 32.78 -24.78
N ASN G 158 9.08 32.48 -23.49
CA ASN G 158 10.19 32.93 -22.68
C ASN G 158 11.50 32.32 -23.19
N THR G 159 12.59 32.77 -22.59
CA THR G 159 13.91 32.35 -23.02
C THR G 159 14.15 30.88 -22.69
N ARG G 160 15.26 30.38 -23.22
CA ARG G 160 15.70 29.03 -22.90
C ARG G 160 16.02 28.90 -21.43
N TYR G 161 16.49 29.97 -20.82
CA TYR G 161 16.83 29.93 -19.41
C TYR G 161 15.57 29.82 -18.58
N TYR G 162 14.53 30.58 -18.96
CA TYR G 162 13.27 30.52 -18.24
C TYR G 162 12.69 29.11 -18.30
N LYS G 163 12.76 28.48 -19.48
CA LYS G 163 12.13 27.19 -19.65
C LYS G 163 12.79 26.13 -18.78
N PHE G 164 14.07 26.31 -18.46
CA PHE G 164 14.76 25.36 -17.60
C PHE G 164 14.26 25.48 -16.18
N VAL G 165 14.25 26.70 -15.65
CA VAL G 165 13.85 26.93 -14.28
C VAL G 165 12.37 26.60 -14.10
N ILE G 166 11.58 26.81 -15.14
CA ILE G 166 10.16 26.49 -15.05
C ILE G 166 9.97 24.99 -14.87
N SER G 167 10.76 24.19 -15.58
CA SER G 167 10.65 22.75 -15.47
C SER G 167 10.93 22.31 -14.04
N VAL G 168 11.81 23.01 -13.36
CA VAL G 168 12.10 22.71 -11.96
C VAL G 168 10.83 22.84 -11.13
N CYS G 169 10.09 23.93 -11.34
CA CYS G 169 8.86 24.13 -10.59
C CYS G 169 7.86 23.01 -10.83
N LYS G 170 7.87 22.44 -12.04
CA LYS G 170 6.99 21.33 -12.34
C LYS G 170 7.34 20.12 -11.50
N PHE G 171 8.63 19.88 -11.30
CA PHE G 171 9.06 18.73 -10.52
C PHE G 171 8.64 18.90 -9.08
N ILE G 172 8.83 20.11 -8.56
CA ILE G 172 8.51 20.39 -7.16
C ILE G 172 7.02 20.24 -6.91
N VAL G 173 6.21 20.85 -7.78
CA VAL G 173 4.77 20.91 -7.55
C VAL G 173 4.19 19.51 -7.51
N ASN G 174 4.52 18.70 -8.51
CA ASN G 174 3.98 17.36 -8.57
C ASN G 174 4.59 16.51 -7.46
N ASN G 175 5.86 16.72 -7.16
CA ASN G 175 6.55 15.99 -6.09
C ASN G 175 6.62 16.85 -4.83
N SER G 176 5.45 17.28 -4.39
CA SER G 176 5.27 17.94 -3.11
C SER G 176 4.10 17.30 -2.39
N ILE G 177 4.32 16.93 -1.13
CA ILE G 177 3.31 16.23 -0.35
C ILE G 177 3.11 16.98 0.96
N PRO G 178 1.88 17.25 1.40
CA PRO G 178 1.72 17.82 2.73
C PRO G 178 2.14 16.82 3.79
N GLY G 179 2.77 17.33 4.85
CA GLY G 179 3.34 16.47 5.86
C GLY G 179 2.65 16.55 7.20
N GLN G 180 3.39 16.91 8.25
CA GLN G 180 2.83 16.91 9.59
C GLN G 180 1.73 17.95 9.72
N ASN G 181 1.91 19.10 9.06
CA ASN G 181 1.05 20.25 9.25
C ASN G 181 0.14 20.38 8.03
N LYS G 182 -0.99 21.04 8.26
CA LYS G 182 -1.92 21.28 7.16
C LYS G 182 -1.33 22.25 6.16
N GLY G 183 -0.65 23.28 6.64
CA GLY G 183 -0.08 24.29 5.78
C GLY G 183 1.19 23.84 5.10
N HIS G 184 2.12 23.29 5.87
CA HIS G 184 3.46 23.04 5.35
C HIS G 184 3.45 21.87 4.38
N TYR G 185 4.59 21.69 3.71
CA TYR G 185 4.77 20.67 2.69
C TYR G 185 5.87 19.70 3.08
N ARG G 186 5.88 18.57 2.39
CA ARG G 186 6.88 17.53 2.56
C ARG G 186 7.21 16.96 1.19
N PHE G 187 8.49 16.76 0.96
CA PHE G 187 8.95 16.35 -0.36
C PHE G 187 8.68 14.88 -0.62
N TYR G 188 8.42 14.56 -1.88
CA TYR G 188 8.23 13.19 -2.30
C TYR G 188 9.53 12.41 -2.23
N ASP G 189 9.42 11.13 -1.88
CA ASP G 189 10.57 10.22 -1.87
C ASP G 189 10.68 9.66 -3.28
N PHE G 190 11.21 10.51 -4.16
CA PHE G 190 11.23 10.21 -5.59
C PHE G 190 12.04 8.97 -5.90
N GLU G 191 13.16 8.77 -5.20
CA GLU G 191 14.09 7.71 -5.55
C GLU G 191 13.43 6.35 -5.48
N ARG G 192 12.47 6.19 -4.56
CA ARG G 192 11.94 4.87 -4.27
C ARG G 192 11.13 4.34 -5.46
N ASN G 193 10.41 5.21 -6.17
CA ASN G 193 9.63 4.72 -7.30
C ASN G 193 10.52 4.49 -8.51
N GLU G 194 10.37 3.32 -9.12
CA GLU G 194 11.19 2.97 -10.27
C GLU G 194 10.65 3.59 -11.56
N LYS G 195 9.32 3.70 -11.64
CA LYS G 195 8.66 4.02 -12.90
C LYS G 195 9.08 5.39 -13.41
N GLU G 196 8.97 6.40 -12.56
CA GLU G 196 9.39 7.73 -12.96
C GLU G 196 10.89 7.77 -13.09
N MET G 197 11.58 7.02 -12.24
CA MET G 197 13.03 6.88 -12.36
C MET G 197 13.39 6.26 -13.70
N SER G 198 12.58 5.31 -14.16
CA SER G 198 12.81 4.73 -15.47
C SER G 198 12.54 5.74 -16.56
N LEU G 199 11.43 6.46 -16.44
CA LEU G 199 11.12 7.49 -17.42
C LEU G 199 12.16 8.59 -17.36
N LEU G 200 12.73 8.84 -16.18
CA LEU G 200 13.88 9.72 -16.10
C LEU G 200 15.05 9.11 -16.86
N TYR G 201 15.27 7.82 -16.65
CA TYR G 201 16.39 7.14 -17.29
C TYR G 201 16.26 7.19 -18.80
N GLN G 202 15.08 6.87 -19.31
CA GLN G 202 14.88 6.88 -20.75
C GLN G 202 14.98 8.28 -21.33
N LYS G 203 14.38 9.26 -20.66
CA LYS G 203 14.43 10.61 -21.18
C LYS G 203 15.82 11.21 -21.03
N PHE G 204 16.52 10.84 -19.96
CA PHE G 204 17.88 11.32 -19.76
C PHE G 204 18.77 10.91 -20.93
N LEU G 205 18.65 9.66 -21.34
CA LEU G 205 19.51 9.14 -22.39
C LEU G 205 19.21 9.78 -23.74
N TYR G 206 17.93 9.89 -24.09
CA TYR G 206 17.56 10.32 -25.44
C TYR G 206 18.09 11.71 -25.74
N GLU G 207 17.94 12.64 -24.82
CA GLU G 207 18.48 13.99 -25.04
C GLU G 207 19.99 14.00 -24.87
N PHE G 208 20.50 13.15 -23.99
CA PHE G 208 21.95 13.05 -23.83
C PHE G 208 22.60 12.60 -25.12
N CYS G 209 22.01 11.62 -25.79
CA CYS G 209 22.63 11.04 -26.97
C CYS G 209 22.74 12.07 -28.09
N ARG G 210 21.76 12.98 -28.18
CA ARG G 210 21.83 14.04 -29.18
C ARG G 210 23.03 14.93 -28.93
N ARG G 211 23.31 15.23 -27.67
CA ARG G 211 24.42 16.11 -27.35
C ARG G 211 25.75 15.50 -27.74
N GLU G 212 26.08 14.35 -27.15
CA GLU G 212 27.44 13.87 -27.24
C GLU G 212 27.70 13.15 -28.55
N LEU G 213 26.76 12.33 -29.00
CA LEU G 213 26.93 11.54 -30.21
C LEU G 213 26.47 12.34 -31.42
N THR G 214 27.21 13.42 -31.66
CA THR G 214 27.01 14.19 -32.89
C THR G 214 27.36 13.36 -34.09
N SER G 215 28.29 12.42 -33.93
CA SER G 215 28.70 11.55 -35.01
C SER G 215 27.52 10.76 -35.56
N ALA G 216 26.75 10.13 -34.68
CA ALA G 216 25.59 9.36 -35.06
C ALA G 216 24.35 10.24 -35.04
N ASN G 217 23.28 9.74 -35.65
CA ASN G 217 21.97 10.37 -35.62
C ASN G 217 21.09 9.60 -34.65
N THR G 218 20.36 10.33 -33.81
CA THR G 218 19.60 9.75 -32.70
C THR G 218 18.14 10.11 -32.89
N THR G 219 17.30 9.10 -33.06
CA THR G 219 15.87 9.32 -33.22
C THR G 219 15.11 8.15 -32.62
N ARG G 220 13.97 8.46 -32.00
CA ARG G 220 13.03 7.43 -31.61
C ARG G 220 12.22 6.97 -32.82
N SER G 221 12.09 5.66 -32.98
CA SER G 221 11.41 5.06 -34.13
C SER G 221 10.19 4.28 -33.65
N TYR G 222 9.04 4.58 -34.23
CA TYR G 222 7.86 3.74 -34.05
C TYR G 222 7.99 2.54 -34.97
N LEU G 223 7.47 1.40 -34.51
CA LEU G 223 7.56 0.16 -35.26
C LEU G 223 6.18 -0.41 -35.51
N LYS G 224 6.07 -1.11 -36.63
CA LYS G 224 4.82 -1.73 -37.07
C LYS G 224 5.03 -3.22 -37.23
N TRP G 225 4.05 -3.99 -36.77
CA TRP G 225 4.15 -5.43 -36.84
C TRP G 225 4.19 -5.90 -38.28
N ASP G 226 4.94 -6.98 -38.51
CA ASP G 226 4.92 -7.67 -39.79
C ASP G 226 3.62 -8.40 -40.05
N ALA G 227 2.77 -8.55 -39.03
CA ALA G 227 1.58 -9.38 -39.13
C ALA G 227 0.59 -8.83 -40.15
N SER G 228 -0.22 -9.74 -40.68
CA SER G 228 -1.50 -9.41 -41.29
C SER G 228 -2.57 -10.25 -40.64
N SER G 229 -3.73 -9.64 -40.40
CA SER G 229 -4.85 -10.34 -39.79
C SER G 229 -6.08 -10.13 -40.67
N ILE G 230 -6.81 -11.22 -40.91
CA ILE G 230 -8.05 -11.13 -41.65
C ILE G 230 -9.09 -10.30 -40.90
N SER G 231 -9.08 -10.36 -39.57
CA SER G 231 -10.13 -9.70 -38.80
C SER G 231 -10.05 -8.19 -38.96
N ASP G 232 -8.91 -7.59 -38.65
CA ASP G 232 -8.76 -6.14 -38.64
C ASP G 232 -7.41 -5.75 -39.20
N GLN G 233 -7.41 -4.77 -40.10
CA GLN G 233 -6.17 -4.12 -40.50
C GLN G 233 -5.62 -3.25 -39.38
N SER G 234 -6.48 -2.78 -38.49
CA SER G 234 -6.05 -1.84 -37.45
C SER G 234 -5.05 -2.50 -36.50
N LEU G 235 -5.36 -3.72 -36.05
CA LEU G 235 -4.53 -4.41 -35.08
C LEU G 235 -4.42 -3.60 -33.79
N ASN G 236 -5.55 -3.03 -33.37
CA ASN G 236 -5.57 -2.27 -32.13
C ASN G 236 -5.29 -3.18 -30.95
N LEU G 237 -5.77 -4.42 -31.03
CA LEU G 237 -5.59 -5.36 -29.93
C LEU G 237 -4.11 -5.63 -29.67
N LEU G 238 -3.32 -5.64 -30.73
CA LEU G 238 -1.90 -5.92 -30.60
C LEU G 238 -1.23 -4.83 -29.77
N PRO G 239 -0.13 -5.14 -29.09
CA PRO G 239 0.50 -4.13 -28.25
C PRO G 239 1.10 -3.02 -29.08
N ARG G 240 0.97 -1.80 -28.59
CA ARG G 240 1.62 -0.68 -29.24
C ARG G 240 3.12 -0.77 -28.97
N MET G 241 3.91 -0.55 -30.00
CA MET G 241 5.36 -0.70 -29.93
C MET G 241 6.02 0.57 -30.43
N GLU G 242 6.73 1.26 -29.54
CA GLU G 242 7.53 2.42 -29.88
C GLU G 242 8.86 2.27 -29.18
N THR G 243 9.93 2.41 -29.95
CA THR G 243 11.26 2.26 -29.38
C THR G 243 11.48 3.29 -28.29
N ASP G 244 12.30 2.93 -27.32
CA ASP G 244 12.76 3.92 -26.37
C ASP G 244 13.67 4.91 -27.08
N ILE G 245 14.70 4.40 -27.77
CA ILE G 245 15.55 5.20 -28.62
C ILE G 245 16.07 4.35 -29.76
N THR G 246 16.35 5.00 -30.88
CA THR G 246 17.17 4.42 -31.93
C THR G 246 18.27 5.39 -32.30
N ILE G 247 19.47 4.87 -32.46
CA ILE G 247 20.67 5.67 -32.67
C ILE G 247 21.32 5.16 -33.95
N ARG G 248 20.92 5.75 -35.07
CA ARG G 248 21.31 5.26 -36.38
C ARG G 248 22.54 5.98 -36.88
N SER G 249 23.52 5.20 -37.34
CA SER G 249 24.71 5.72 -37.99
C SER G 249 24.95 4.92 -39.27
N SER G 250 25.79 5.49 -40.14
CA SER G 250 26.00 4.93 -41.46
C SER G 250 26.55 3.50 -41.39
N GLU G 251 27.46 3.24 -40.45
CA GLU G 251 28.09 1.93 -40.38
C GLU G 251 27.18 0.91 -39.72
N LYS G 252 26.40 1.32 -38.74
CA LYS G 252 25.58 0.39 -37.98
C LYS G 252 24.40 1.11 -37.37
N ILE G 253 23.27 0.42 -37.37
CA ILE G 253 22.10 0.85 -36.65
C ILE G 253 22.12 0.19 -35.27
N LEU G 254 21.48 0.83 -34.30
CA LEU G 254 21.48 0.30 -32.95
C LEU G 254 20.26 0.81 -32.21
N ILE G 255 19.54 -0.12 -31.61
CA ILE G 255 18.37 0.14 -30.78
C ILE G 255 18.75 -0.21 -29.35
N VAL G 256 18.28 0.61 -28.41
CA VAL G 256 18.53 0.38 -26.99
C VAL G 256 17.21 0.27 -26.26
N ASP G 257 17.14 -0.68 -25.34
CA ASP G 257 16.04 -0.82 -24.40
C ASP G 257 16.62 -0.77 -23.00
N ALA G 258 16.26 0.26 -22.24
CA ALA G 258 16.81 0.49 -20.91
C ALA G 258 15.69 0.77 -19.94
N LYS G 259 15.81 0.20 -18.74
CA LYS G 259 14.80 0.42 -17.71
C LYS G 259 15.48 0.40 -16.34
N TYR G 260 14.83 1.03 -15.38
CA TYR G 260 15.33 1.15 -14.02
C TYR G 260 14.64 0.10 -13.16
N TYR G 261 15.43 -0.83 -12.65
CA TYR G 261 14.94 -1.91 -11.81
C TYR G 261 15.68 -1.90 -10.48
N LYS G 262 14.95 -2.26 -9.43
CA LYS G 262 15.52 -2.33 -8.10
C LYS G 262 16.28 -3.63 -7.89
N SER G 263 15.84 -4.70 -8.55
CA SER G 263 16.46 -6.00 -8.36
C SER G 263 17.90 -6.01 -8.83
N ILE G 264 18.17 -5.30 -9.92
CA ILE G 264 19.51 -5.33 -10.52
C ILE G 264 20.52 -4.63 -9.61
N PHE G 265 20.06 -3.70 -8.78
CA PHE G 265 20.95 -3.01 -7.87
C PHE G 265 21.62 -4.00 -6.91
N SER G 266 20.92 -5.05 -6.55
CA SER G 266 21.51 -6.15 -5.83
C SER G 266 22.46 -6.94 -6.73
N ARG G 267 23.69 -7.10 -6.28
CA ARG G 267 24.70 -7.89 -7.00
C ARG G 267 24.35 -9.37 -6.94
N GLU G 272 23.06 -14.17 -8.23
CA GLU G 272 21.64 -14.28 -7.93
C GLU G 272 20.83 -14.24 -9.22
N LYS G 273 19.50 -14.27 -9.11
CA LYS G 273 18.65 -14.17 -10.29
C LYS G 273 18.80 -12.81 -10.95
N PHE G 274 18.49 -12.76 -12.24
CA PHE G 274 18.58 -11.55 -13.03
C PHE G 274 17.22 -11.23 -13.63
N HIS G 275 16.85 -9.95 -13.58
CA HIS G 275 15.58 -9.46 -14.13
C HIS G 275 15.87 -8.85 -15.49
N SER G 276 15.51 -9.57 -16.56
CA SER G 276 15.74 -9.11 -17.92
C SER G 276 14.51 -9.27 -18.80
N GLN G 277 13.32 -9.12 -18.23
CA GLN G 277 12.11 -9.30 -19.01
C GLN G 277 12.01 -8.32 -20.17
N ASN G 278 12.59 -7.12 -20.03
CA ASN G 278 12.55 -6.14 -21.11
C ASN G 278 13.19 -6.67 -22.38
N LEU G 279 14.09 -7.66 -22.26
CA LEU G 279 14.67 -8.30 -23.43
C LEU G 279 13.59 -8.86 -24.33
N TYR G 280 12.52 -9.35 -23.73
CA TYR G 280 11.43 -9.92 -24.51
C TYR G 280 10.86 -8.90 -25.47
N GLN G 281 10.77 -7.65 -25.02
CA GLN G 281 10.32 -6.59 -25.92
C GLN G 281 11.33 -6.37 -27.03
N LEU G 282 12.61 -6.52 -26.72
CA LEU G 282 13.65 -6.06 -27.62
C LEU G 282 13.69 -6.88 -28.89
N MET G 283 13.61 -8.21 -28.76
CA MET G 283 13.77 -9.08 -29.90
C MET G 283 12.73 -8.78 -30.97
N ASN G 284 11.48 -8.58 -30.56
CA ASN G 284 10.43 -8.33 -31.52
C ASN G 284 10.58 -6.97 -32.18
N TYR G 285 11.19 -6.01 -31.48
CA TYR G 285 11.52 -4.75 -32.13
C TYR G 285 12.53 -4.98 -33.25
N LEU G 286 13.52 -5.84 -33.02
CA LEU G 286 14.49 -6.13 -34.05
C LEU G 286 13.82 -6.75 -35.26
N TRP G 287 12.83 -7.61 -35.02
CA TRP G 287 12.21 -8.32 -36.12
C TRP G 287 11.34 -7.40 -36.96
N SER G 288 10.46 -6.64 -36.32
CA SER G 288 9.56 -5.77 -37.07
C SER G 288 10.31 -4.68 -37.82
N LEU G 289 11.49 -4.29 -37.33
CA LEU G 289 12.30 -3.30 -38.00
C LEU G 289 13.05 -3.92 -39.16
N LYS G 290 12.97 -3.28 -40.32
CA LYS G 290 13.66 -3.73 -41.53
C LYS G 290 14.49 -2.56 -42.03
N PRO G 291 15.83 -2.67 -42.15
CA PRO G 291 16.63 -1.53 -42.62
C PRO G 291 16.82 -1.54 -44.12
N GLU G 292 16.55 -0.41 -44.78
CA GLU G 292 16.80 -0.33 -46.22
C GLU G 292 18.28 -0.45 -46.52
N ASN G 293 19.13 0.20 -45.72
CA ASN G 293 20.56 0.13 -45.97
C ASN G 293 21.09 -1.28 -45.75
N GLY G 294 20.55 -1.99 -44.76
CA GLY G 294 20.98 -3.33 -44.46
C GLY G 294 22.45 -3.45 -44.14
N GLU G 295 23.00 -2.46 -43.41
CA GLU G 295 24.39 -2.53 -43.01
C GLU G 295 24.58 -3.56 -41.91
N ASN G 296 23.78 -3.47 -40.84
CA ASN G 296 23.81 -4.40 -39.73
C ASN G 296 22.69 -4.00 -38.80
N ILE G 297 22.42 -4.86 -37.83
CA ILE G 297 21.45 -4.59 -36.78
C ILE G 297 22.07 -5.02 -35.45
N GLY G 298 22.06 -4.10 -34.48
CA GLY G 298 22.60 -4.39 -33.17
C GLY G 298 21.64 -3.92 -32.09
N GLY G 299 21.76 -4.56 -30.93
CA GLY G 299 20.91 -4.24 -29.80
C GLY G 299 21.73 -4.04 -28.54
N LEU G 300 21.19 -3.25 -27.62
CA LEU G 300 21.83 -3.00 -26.35
C LEU G 300 20.81 -2.92 -25.24
N LEU G 301 21.10 -3.59 -24.14
CA LEU G 301 20.41 -3.37 -22.87
C LEU G 301 21.40 -2.75 -21.88
N ILE G 302 21.04 -1.60 -21.35
CA ILE G 302 21.87 -0.85 -20.41
C ILE G 302 21.03 -0.54 -19.19
N TYR G 303 21.57 -0.80 -18.02
CA TYR G 303 20.88 -0.64 -16.76
C TYR G 303 21.74 0.12 -15.78
N PRO G 304 21.14 0.67 -14.72
CA PRO G 304 21.94 1.27 -13.66
C PRO G 304 22.27 0.28 -12.56
N HIS G 305 23.55 0.21 -12.22
CA HIS G 305 24.00 -0.53 -11.06
C HIS G 305 24.74 0.44 -10.15
N VAL G 306 24.88 0.07 -8.89
CA VAL G 306 25.49 0.95 -7.91
C VAL G 306 26.98 0.71 -7.81
N ASP G 307 27.34 -0.55 -7.63
CA ASP G 307 28.70 -0.90 -7.25
C ASP G 307 29.68 -0.73 -8.40
N THR G 308 29.42 -1.42 -9.51
CA THR G 308 30.38 -1.52 -10.60
C THR G 308 29.63 -1.68 -11.92
N ALA G 309 30.40 -1.66 -13.00
CA ALA G 309 29.88 -1.75 -14.35
C ALA G 309 30.39 -3.03 -14.99
N VAL G 310 29.49 -3.77 -15.63
CA VAL G 310 29.79 -5.03 -16.29
C VAL G 310 29.21 -5.00 -17.69
N LYS G 311 30.00 -5.43 -18.68
CA LYS G 311 29.60 -5.46 -20.08
C LYS G 311 29.75 -6.85 -20.66
N HIS G 312 28.72 -7.32 -21.34
CA HIS G 312 28.77 -8.54 -22.13
C HIS G 312 28.17 -8.30 -23.50
N ARG G 313 28.57 -9.14 -24.45
CA ARG G 313 28.03 -9.16 -25.80
C ARG G 313 27.53 -10.55 -26.11
N TYR G 314 26.52 -10.62 -26.98
CA TYR G 314 25.87 -11.89 -27.28
C TYR G 314 25.49 -11.94 -28.75
N LYS G 315 25.43 -13.15 -29.28
CA LYS G 315 24.97 -13.43 -30.64
C LYS G 315 23.86 -14.47 -30.55
N ILE G 316 22.62 -14.00 -30.60
CA ILE G 316 21.49 -14.79 -30.13
C ILE G 316 20.80 -15.49 -31.29
N ASN G 317 20.18 -14.72 -32.16
CA ASN G 317 19.36 -15.24 -33.25
C ASN G 317 19.74 -14.57 -34.57
N GLY G 318 21.03 -14.41 -34.79
CA GLY G 318 21.52 -13.60 -35.88
C GLY G 318 21.62 -12.13 -35.57
N PHE G 319 21.45 -11.75 -34.31
CA PHE G 319 21.56 -10.37 -33.86
C PHE G 319 22.68 -10.25 -32.84
N ASP G 320 23.30 -9.08 -32.83
CA ASP G 320 24.43 -8.79 -31.95
C ASP G 320 23.90 -7.92 -30.83
N ILE G 321 23.88 -8.45 -29.62
CA ILE G 321 23.22 -7.82 -28.50
C ILE G 321 24.20 -7.65 -27.36
N GLY G 322 24.10 -6.51 -26.69
CA GLY G 322 24.92 -6.19 -25.54
C GLY G 322 24.10 -5.99 -24.29
N LEU G 323 24.59 -6.54 -23.19
CA LEU G 323 24.11 -6.22 -21.86
C LEU G 323 25.21 -5.46 -21.13
N CYS G 324 24.87 -4.31 -20.56
CA CYS G 324 25.88 -3.48 -19.91
C CYS G 324 25.26 -2.76 -18.73
N THR G 325 26.14 -2.28 -17.85
CA THR G 325 25.73 -1.57 -16.65
C THR G 325 26.65 -0.38 -16.43
N VAL G 326 26.21 0.51 -15.56
CA VAL G 326 26.94 1.72 -15.20
C VAL G 326 27.02 1.83 -13.68
N ASN G 327 28.19 2.24 -13.19
CA ASN G 327 28.45 2.35 -11.75
C ASN G 327 28.08 3.76 -11.31
N LEU G 328 26.79 4.00 -11.21
CA LEU G 328 26.29 5.27 -10.73
C LEU G 328 26.61 5.45 -9.26
N GLY G 329 26.95 6.68 -8.90
CA GLY G 329 27.52 7.01 -7.63
C GLY G 329 29.02 7.18 -7.65
N GLN G 330 29.69 6.85 -8.76
CA GLN G 330 31.12 7.01 -8.85
C GLN G 330 31.48 8.48 -8.98
N GLU G 331 31.14 9.06 -10.12
CA GLU G 331 31.53 10.41 -10.48
C GLU G 331 30.84 10.74 -11.78
N TRP G 332 30.39 11.98 -11.93
CA TRP G 332 29.61 12.28 -13.13
C TRP G 332 30.45 12.34 -14.39
N PRO G 333 31.63 12.99 -14.40
CA PRO G 333 32.45 12.95 -15.61
C PRO G 333 32.90 11.55 -15.99
N CYS G 334 33.39 10.78 -15.02
CA CYS G 334 33.77 9.41 -15.33
C CYS G 334 32.56 8.60 -15.80
N ILE G 335 31.39 8.91 -15.25
CA ILE G 335 30.17 8.33 -15.79
C ILE G 335 29.94 8.84 -17.21
N HIS G 336 30.14 10.14 -17.41
CA HIS G 336 30.05 10.71 -18.75
C HIS G 336 31.10 10.09 -19.65
N GLN G 337 32.28 9.81 -19.09
CA GLN G 337 33.31 9.09 -19.82
C GLN G 337 32.83 7.69 -20.17
N GLU G 338 32.25 7.01 -19.20
CA GLU G 338 31.88 5.61 -19.37
C GLU G 338 30.82 5.42 -20.44
N LEU G 339 29.83 6.30 -20.46
CA LEU G 339 28.75 6.14 -21.42
C LEU G 339 29.25 6.28 -22.84
N LEU G 340 30.10 7.26 -23.09
CA LEU G 340 30.62 7.43 -24.42
C LEU G 340 31.54 6.28 -24.78
N ASP G 341 32.29 5.80 -23.79
CA ASP G 341 33.14 4.63 -24.01
C ASP G 341 32.29 3.44 -24.40
N ILE G 342 31.12 3.31 -23.78
CA ILE G 342 30.25 2.16 -24.00
C ILE G 342 29.80 2.11 -25.46
N PHE G 343 29.20 3.21 -25.92
CA PHE G 343 28.59 3.24 -27.24
C PHE G 343 29.62 3.05 -28.33
N ASP G 344 30.85 3.49 -28.10
CA ASP G 344 31.90 3.33 -29.08
C ASP G 344 32.12 1.86 -29.40
N GLU G 345 32.01 1.02 -28.38
CA GLU G 345 32.18 -0.42 -28.58
C GLU G 345 31.10 -0.96 -29.49
N TYR G 346 29.84 -0.65 -29.19
CA TYR G 346 28.72 -1.26 -29.88
C TYR G 346 28.38 -0.56 -31.17
N LEU G 347 28.58 0.76 -31.23
CA LEU G 347 28.19 1.51 -32.42
C LEU G 347 28.96 1.05 -33.65
N LYS G 348 30.15 0.50 -33.46
CA LYS G 348 30.94 -0.06 -34.56
C LYS G 348 30.16 -1.07 -35.39
N TYR H 7 52.91 -31.32 14.57
CA TYR H 7 51.76 -31.46 13.67
C TYR H 7 51.63 -30.20 12.82
N CYS H 8 52.22 -30.23 11.64
CA CYS H 8 52.26 -29.04 10.80
C CYS H 8 50.89 -28.75 10.19
N LEU H 9 50.57 -27.45 10.09
CA LEU H 9 49.34 -27.02 9.42
C LEU H 9 49.35 -27.44 7.95
N GLU H 10 50.52 -27.45 7.33
CA GLU H 10 50.63 -27.71 5.90
C GLU H 10 50.03 -29.06 5.53
N ASP H 11 50.32 -30.09 6.33
CA ASP H 11 49.63 -31.36 6.15
C ASP H 11 48.15 -31.18 6.37
N ALA H 12 47.79 -30.39 7.38
CA ALA H 12 46.40 -30.25 7.76
C ALA H 12 45.61 -29.47 6.71
N LEU H 13 46.12 -28.32 6.30
CA LEU H 13 45.33 -27.30 5.61
C LEU H 13 45.48 -27.30 4.10
N ASN H 14 46.54 -27.91 3.56
CA ASN H 14 46.74 -27.88 2.11
C ASN H 14 45.63 -28.61 1.36
N ASP H 15 45.40 -29.87 1.72
CA ASP H 15 44.37 -30.66 1.04
C ASP H 15 42.98 -30.05 1.16
N LEU H 16 42.70 -29.35 2.26
CA LEU H 16 41.34 -28.93 2.57
C LEU H 16 40.78 -27.94 1.55
N PHE H 17 39.48 -28.04 1.34
CA PHE H 17 38.74 -27.13 0.48
C PHE H 17 38.31 -25.88 1.21
N ILE H 18 38.28 -25.91 2.53
CA ILE H 18 37.73 -24.81 3.34
C ILE H 18 38.68 -23.62 3.30
N PRO H 19 38.19 -22.39 3.32
CA PRO H 19 39.12 -21.25 3.47
C PRO H 19 39.85 -21.31 4.80
N GLU H 20 41.11 -20.89 4.76
CA GLU H 20 41.90 -20.80 5.98
C GLU H 20 41.32 -19.81 6.99
N THR H 21 40.47 -18.89 6.54
CA THR H 21 39.87 -17.92 7.44
C THR H 21 38.97 -18.60 8.47
N THR H 22 38.10 -19.48 7.99
CA THR H 22 37.07 -20.01 8.86
C THR H 22 37.65 -20.99 9.86
N ILE H 23 38.62 -21.80 9.43
CA ILE H 23 39.27 -22.73 10.36
C ILE H 23 40.00 -21.97 11.45
N GLU H 24 40.61 -20.84 11.10
CA GLU H 24 41.26 -20.02 12.11
C GLU H 24 40.23 -19.46 13.08
N THR H 25 39.12 -18.95 12.52
CA THR H 25 38.03 -18.47 13.34
C THR H 25 37.53 -19.59 14.25
N ILE H 26 37.46 -20.79 13.71
CA ILE H 26 37.09 -21.95 14.50
C ILE H 26 38.10 -22.20 15.61
N LEU H 27 39.39 -22.06 15.30
CA LEU H 27 40.42 -22.31 16.30
C LEU H 27 40.35 -21.27 17.41
N LYS H 28 39.95 -20.06 17.08
CA LYS H 28 39.82 -19.01 18.07
C LYS H 28 38.81 -19.40 19.13
N ARG H 29 37.56 -19.61 18.69
CA ARG H 29 36.46 -19.87 19.61
C ARG H 29 36.68 -21.16 20.38
N LEU H 30 37.39 -22.10 19.78
CA LEU H 30 37.58 -23.40 20.40
C LEU H 30 38.46 -23.30 21.63
N THR H 31 39.53 -22.51 21.55
CA THR H 31 40.32 -22.24 22.75
C THR H 31 39.50 -21.40 23.72
N ILE H 32 38.66 -20.52 23.19
CA ILE H 32 37.90 -19.60 24.03
C ILE H 32 36.83 -20.36 24.80
N LYS H 33 35.93 -21.01 24.06
CA LYS H 33 34.71 -21.55 24.63
C LYS H 33 34.76 -23.06 24.84
N LYS H 34 35.52 -23.79 24.03
CA LYS H 34 35.77 -25.21 24.21
C LYS H 34 34.55 -26.08 23.93
N ASN H 35 33.40 -25.51 23.58
CA ASN H 35 32.19 -26.26 23.25
C ASN H 35 31.73 -25.72 21.91
N ILE H 36 31.87 -26.52 20.85
CA ILE H 36 31.71 -26.06 19.48
C ILE H 36 30.89 -27.07 18.71
N ILE H 37 30.10 -26.56 17.78
CA ILE H 37 29.32 -27.40 16.88
C ILE H 37 29.55 -26.96 15.44
N LEU H 38 29.87 -27.92 14.57
CA LEU H 38 29.97 -27.71 13.14
C LEU H 38 28.66 -28.10 12.48
N GLN H 39 27.99 -27.12 11.89
CA GLN H 39 26.65 -27.28 11.35
C GLN H 39 26.70 -27.22 9.83
N GLY H 40 26.62 -28.36 9.16
CA GLY H 40 26.55 -28.36 7.71
C GLY H 40 26.03 -29.65 7.11
N PRO H 41 25.64 -29.63 5.83
CA PRO H 41 25.12 -30.85 5.21
C PRO H 41 26.18 -31.93 5.12
N PRO H 42 25.76 -33.17 4.91
CA PRO H 42 26.72 -34.27 4.84
C PRO H 42 27.53 -34.22 3.57
N GLY H 43 28.80 -34.56 3.70
CA GLY H 43 29.70 -34.60 2.56
C GLY H 43 30.54 -33.36 2.36
N VAL H 44 30.72 -32.55 3.39
CA VAL H 44 31.57 -31.37 3.35
C VAL H 44 32.77 -31.52 4.28
N GLY H 45 33.00 -32.73 4.79
CA GLY H 45 34.20 -32.98 5.56
C GLY H 45 34.10 -32.59 7.01
N LYS H 46 32.88 -32.49 7.56
CA LYS H 46 32.74 -32.17 8.96
C LYS H 46 33.45 -33.21 9.81
N THR H 47 33.19 -34.47 9.52
CA THR H 47 33.90 -35.54 10.20
C THR H 47 35.37 -35.53 9.81
N PHE H 48 35.66 -35.11 8.59
CA PHE H 48 37.02 -35.15 8.08
C PHE H 48 37.91 -34.15 8.79
N VAL H 49 37.45 -32.91 8.95
CA VAL H 49 38.28 -31.87 9.55
C VAL H 49 38.56 -32.17 11.02
N ALA H 50 37.55 -32.64 11.74
CA ALA H 50 37.61 -32.67 13.19
C ALA H 50 38.74 -33.55 13.70
N ARG H 51 39.01 -34.64 13.00
CA ARG H 51 40.13 -35.50 13.39
C ARG H 51 41.44 -34.74 13.22
N ARG H 52 41.55 -33.95 12.15
CA ARG H 52 42.74 -33.14 11.97
C ARG H 52 42.79 -32.01 13.00
N LEU H 53 41.65 -31.39 13.27
CA LEU H 53 41.63 -30.23 14.14
C LEU H 53 42.12 -30.57 15.53
N ALA H 54 41.80 -31.76 16.02
CA ALA H 54 42.27 -32.15 17.35
C ALA H 54 43.78 -32.18 17.40
N TYR H 55 44.39 -32.75 16.37
CA TYR H 55 45.84 -32.84 16.31
C TYR H 55 46.48 -31.47 16.07
N LEU H 56 45.76 -30.55 15.42
CA LEU H 56 46.26 -29.18 15.31
C LEU H 56 46.49 -28.57 16.67
N LEU H 57 45.46 -28.60 17.52
CA LEU H 57 45.53 -27.93 18.80
C LEU H 57 46.60 -28.55 19.68
N THR H 58 46.61 -29.88 19.79
CA THR H 58 47.65 -30.54 20.55
C THR H 58 49.01 -30.34 19.91
N GLY H 59 49.05 -30.17 18.59
CA GLY H 59 50.31 -30.06 17.90
C GLY H 59 50.97 -31.38 17.61
N GLU H 60 50.27 -32.49 17.88
CA GLU H 60 50.83 -33.82 17.73
C GLU H 60 49.72 -34.76 17.28
N LYS H 61 50.12 -35.87 16.68
CA LYS H 61 49.20 -36.96 16.35
C LYS H 61 49.21 -37.90 17.54
N ALA H 62 48.23 -37.75 18.43
CA ALA H 62 48.10 -38.58 19.61
C ALA H 62 46.69 -39.12 19.69
N PRO H 63 46.49 -40.45 19.69
CA PRO H 63 45.12 -40.95 19.84
C PRO H 63 44.60 -40.82 21.26
N GLN H 64 45.48 -40.97 22.26
CA GLN H 64 45.04 -40.98 23.65
C GLN H 64 44.34 -39.68 24.02
N ARG H 65 44.88 -38.55 23.59
CA ARG H 65 44.35 -37.25 23.94
C ARG H 65 43.10 -36.87 23.16
N VAL H 66 42.73 -37.65 22.14
CA VAL H 66 41.63 -37.30 21.25
C VAL H 66 40.66 -38.47 21.24
N ASN H 67 39.37 -38.17 21.43
CA ASN H 67 38.34 -39.20 21.42
C ASN H 67 37.19 -38.82 20.51
N MET H 68 36.67 -39.84 19.82
CA MET H 68 35.63 -39.71 18.81
C MET H 68 34.47 -40.64 19.13
N VAL H 69 33.26 -40.13 18.97
CA VAL H 69 32.05 -40.94 19.12
C VAL H 69 30.97 -40.39 18.22
N GLN H 70 30.01 -41.25 17.91
CA GLN H 70 28.80 -40.86 17.19
C GLN H 70 27.60 -41.18 18.08
N PHE H 71 26.72 -40.18 18.24
CA PHE H 71 25.54 -40.35 19.05
C PHE H 71 24.39 -40.96 18.28
N HIS H 72 23.56 -41.70 19.01
CA HIS H 72 22.36 -42.31 18.47
C HIS H 72 21.42 -42.55 19.63
N GLN H 73 20.21 -42.98 19.30
CA GLN H 73 19.14 -43.05 20.29
C GLN H 73 19.49 -43.99 21.44
N SER H 74 20.21 -45.08 21.16
CA SER H 74 20.56 -46.00 22.23
C SER H 74 21.61 -45.43 23.16
N TYR H 75 22.39 -44.46 22.72
CA TYR H 75 23.40 -43.87 23.57
C TYR H 75 22.74 -43.19 24.76
N SER H 76 23.31 -43.40 25.96
CA SER H 76 22.68 -42.94 27.18
C SER H 76 23.72 -42.53 28.21
N TYR H 77 23.22 -41.91 29.27
CA TYR H 77 24.05 -41.48 30.39
C TYR H 77 24.83 -42.64 30.96
N GLU H 78 24.17 -43.79 31.10
CA GLU H 78 24.75 -44.89 31.85
C GLU H 78 25.96 -45.47 31.16
N ASP H 79 26.05 -45.31 29.85
CA ASP H 79 27.21 -45.74 29.08
C ASP H 79 28.17 -44.60 28.88
N PHE H 80 27.64 -43.41 28.66
CA PHE H 80 28.46 -42.23 28.42
C PHE H 80 29.27 -41.88 29.65
N ILE H 81 28.58 -41.69 30.79
CA ILE H 81 29.19 -41.15 31.99
C ILE H 81 29.45 -42.23 33.03
N GLN H 82 28.39 -42.76 33.62
CA GLN H 82 28.53 -43.80 34.62
C GLN H 82 27.20 -44.50 34.78
N GLY H 83 27.26 -45.76 35.14
CA GLY H 83 26.07 -46.57 35.24
C GLY H 83 26.44 -47.98 35.66
N TYR H 84 25.43 -48.80 35.83
CA TYR H 84 25.57 -50.15 36.33
C TYR H 84 25.38 -51.16 35.20
N ARG H 85 26.34 -52.07 35.07
CA ARG H 85 26.33 -53.13 34.08
C ARG H 85 26.07 -54.46 34.76
N PRO H 86 25.24 -55.33 34.21
CA PRO H 86 25.00 -56.62 34.88
C PRO H 86 26.24 -57.49 34.88
N ASN H 87 26.45 -58.14 36.00
CA ASN H 87 27.31 -59.31 36.12
C ASN H 87 26.41 -60.48 35.77
N GLY H 88 26.83 -61.71 36.09
CA GLY H 88 25.97 -62.86 35.86
C GLY H 88 24.60 -62.69 36.49
N VAL H 89 24.55 -62.08 37.67
CA VAL H 89 23.29 -61.66 38.29
C VAL H 89 23.44 -60.22 38.75
N GLY H 90 24.51 -59.93 39.49
CA GLY H 90 24.63 -58.65 40.16
C GLY H 90 24.88 -57.51 39.20
N PHE H 91 24.72 -56.30 39.71
CA PHE H 91 24.91 -55.07 38.94
C PHE H 91 26.18 -54.38 39.43
N ARG H 92 27.13 -54.16 38.52
CA ARG H 92 28.39 -53.50 38.85
C ARG H 92 28.44 -52.14 38.19
N ARG H 93 28.88 -51.13 38.94
CA ARG H 93 29.08 -49.82 38.34
C ARG H 93 30.28 -49.85 37.41
N LYS H 94 30.21 -49.02 36.37
CA LYS H 94 31.27 -48.94 35.37
C LYS H 94 31.50 -47.49 35.00
N ASP H 95 32.76 -47.08 35.00
CA ASP H 95 33.11 -45.76 34.54
C ASP H 95 32.80 -45.65 33.04
N GLY H 96 32.07 -44.61 32.68
CA GLY H 96 31.75 -44.39 31.30
C GLY H 96 32.88 -43.71 30.57
N ILE H 97 32.65 -43.45 29.30
CA ILE H 97 33.68 -42.89 28.42
C ILE H 97 34.14 -41.55 28.94
N PHE H 98 33.22 -40.60 29.04
CA PHE H 98 33.59 -39.22 29.35
C PHE H 98 34.25 -39.14 30.71
N TYR H 99 33.76 -39.92 31.67
CA TYR H 99 34.41 -39.99 32.97
C TYR H 99 35.81 -40.55 32.85
N ASN H 100 35.95 -41.66 32.13
CA ASN H 100 37.27 -42.24 31.91
C ASN H 100 38.13 -41.30 31.09
N PHE H 101 37.52 -40.61 30.13
CA PHE H 101 38.28 -39.75 29.23
C PHE H 101 38.83 -38.54 29.97
N CYS H 102 37.98 -37.89 30.78
CA CYS H 102 38.42 -36.70 31.50
C CYS H 102 39.52 -37.02 32.50
N GLN H 103 39.40 -38.15 33.20
CA GLN H 103 40.42 -38.55 34.17
C GLN H 103 41.80 -38.61 33.53
N GLN H 104 41.88 -39.02 32.27
CA GLN H 104 43.15 -38.90 31.56
C GLN H 104 43.55 -37.43 31.44
N ALA H 105 42.58 -36.56 31.12
CA ALA H 105 42.86 -35.15 30.97
C ALA H 105 43.24 -34.51 32.30
N LYS H 106 42.72 -35.05 33.40
CA LYS H 106 43.06 -34.52 34.71
C LYS H 106 44.54 -34.66 34.99
N GLU H 107 45.13 -35.74 34.50
CA GLU H 107 46.54 -36.00 34.74
C GLU H 107 47.42 -34.91 34.13
N GLN H 108 47.11 -34.50 32.91
CA GLN H 108 47.91 -33.57 32.12
C GLN H 108 47.07 -32.33 31.82
N PRO H 109 47.04 -31.34 32.71
CA PRO H 109 46.19 -30.17 32.45
C PRO H 109 46.68 -29.32 31.30
N GLU H 110 48.00 -29.27 31.10
CA GLU H 110 48.53 -28.42 30.04
C GLU H 110 48.13 -28.93 28.66
N LYS H 111 48.20 -30.25 28.44
CA LYS H 111 47.93 -30.78 27.12
C LYS H 111 46.45 -30.73 26.82
N LYS H 112 46.12 -30.30 25.61
CA LYS H 112 44.73 -30.20 25.21
C LYS H 112 44.16 -31.58 24.92
N TYR H 113 42.91 -31.79 25.35
CA TYR H 113 42.19 -33.03 25.14
C TYR H 113 40.92 -32.73 24.36
N ILE H 114 40.55 -33.64 23.47
CA ILE H 114 39.49 -33.39 22.50
C ILE H 114 38.48 -34.52 22.53
N PHE H 115 37.20 -34.15 22.56
CA PHE H 115 36.09 -35.09 22.52
C PHE H 115 35.17 -34.71 21.37
N ILE H 116 34.96 -35.65 20.45
CA ILE H 116 34.24 -35.41 19.20
C ILE H 116 32.97 -36.24 19.19
N ILE H 117 31.84 -35.58 18.98
CA ILE H 117 30.53 -36.22 19.02
C ILE H 117 29.85 -35.94 17.68
N ASP H 118 29.78 -36.96 16.84
CA ASP H 118 29.07 -36.86 15.58
C ASP H 118 27.61 -37.28 15.75
N GLU H 119 26.76 -36.71 14.90
CA GLU H 119 25.34 -37.02 14.87
C GLU H 119 24.71 -36.78 16.23
N ILE H 120 24.96 -35.59 16.77
CA ILE H 120 24.56 -35.30 18.13
C ILE H 120 23.06 -35.13 18.26
N ASN H 121 22.42 -34.56 17.23
CA ASN H 121 21.00 -34.25 17.35
C ASN H 121 20.13 -35.48 17.53
N ARG H 122 20.63 -36.64 17.14
CA ARG H 122 19.79 -37.84 17.10
C ARG H 122 19.32 -38.21 18.49
N ALA H 123 20.18 -38.06 19.49
CA ALA H 123 19.87 -38.31 20.88
C ALA H 123 19.79 -36.99 21.63
N ASN H 124 18.88 -36.92 22.58
CA ASN H 124 18.80 -35.77 23.48
C ASN H 124 20.01 -35.70 24.38
N LEU H 125 20.62 -34.52 24.45
CA LEU H 125 21.82 -34.35 25.27
C LEU H 125 21.49 -34.54 26.74
N SER H 126 20.32 -34.06 27.17
CA SER H 126 19.97 -34.14 28.58
C SER H 126 19.89 -35.58 29.05
N LYS H 127 19.36 -36.45 28.21
CA LYS H 127 19.23 -37.85 28.58
C LYS H 127 20.60 -38.47 28.81
N VAL H 128 21.57 -38.06 28.02
CA VAL H 128 22.92 -38.59 28.10
C VAL H 128 23.73 -37.77 29.08
N PHE H 129 23.94 -36.50 28.73
CA PHE H 129 24.79 -35.63 29.56
C PHE H 129 24.12 -35.34 30.89
N GLY H 130 22.95 -34.69 30.84
CA GLY H 130 22.17 -34.49 32.03
C GLY H 130 22.77 -33.49 32.99
N GLU H 131 23.06 -33.99 34.20
CA GLU H 131 23.61 -33.18 35.27
C GLU H 131 24.91 -32.50 34.85
N VAL H 132 25.70 -33.14 33.99
CA VAL H 132 27.02 -32.65 33.68
C VAL H 132 27.00 -31.44 32.77
N MET H 133 25.85 -31.13 32.18
CA MET H 133 25.76 -29.93 31.35
C MET H 133 26.07 -28.66 32.13
N MET H 134 25.87 -28.70 33.44
CA MET H 134 26.29 -27.60 34.29
C MET H 134 27.81 -27.42 34.25
N LEU H 135 28.54 -28.52 34.43
CA LEU H 135 29.98 -28.45 34.44
C LEU H 135 30.53 -28.19 33.04
N MET H 136 29.85 -28.72 32.03
CA MET H 136 30.37 -28.71 30.67
C MET H 136 30.59 -27.30 30.15
N GLU H 137 29.79 -26.34 30.59
CA GLU H 137 29.91 -24.98 30.08
C GLU H 137 31.29 -24.41 30.42
N HIS H 138 31.73 -23.47 29.59
CA HIS H 138 33.12 -23.03 29.65
C HIS H 138 33.45 -22.28 30.93
N ASP H 139 32.54 -21.44 31.41
CA ASP H 139 32.87 -20.65 32.60
C ASP H 139 32.90 -21.51 33.85
N LYS H 140 31.95 -22.42 33.98
CA LYS H 140 31.80 -23.24 35.19
C LYS H 140 32.54 -24.56 35.03
N ARG H 141 33.87 -24.44 34.95
CA ARG H 141 34.76 -25.59 34.89
C ARG H 141 35.77 -25.51 36.02
N GLY H 142 36.33 -26.67 36.34
CA GLY H 142 37.33 -26.79 37.39
C GLY H 142 36.73 -27.29 38.69
N GLU H 143 37.63 -27.72 39.57
CA GLU H 143 37.22 -28.41 40.80
C GLU H 143 36.39 -27.52 41.70
N ASN H 144 36.42 -26.21 41.49
CA ASN H 144 35.61 -25.31 42.28
C ASN H 144 34.12 -25.64 42.16
N TRP H 145 33.71 -26.12 40.98
CA TRP H 145 32.31 -26.38 40.69
C TRP H 145 31.96 -27.87 40.81
N SER H 146 32.78 -28.65 41.52
CA SER H 146 32.60 -30.09 41.59
C SER H 146 31.25 -30.46 42.17
N VAL H 147 30.71 -31.58 41.70
CA VAL H 147 29.39 -32.07 42.06
C VAL H 147 29.48 -33.56 42.32
N PRO H 148 28.69 -34.14 43.24
CA PRO H 148 28.62 -35.60 43.33
C PRO H 148 27.58 -36.17 42.38
N LEU H 149 27.89 -37.32 41.81
CA LEU H 149 27.12 -37.86 40.71
C LEU H 149 25.81 -38.48 41.16
N THR H 150 24.95 -38.72 40.18
CA THR H 150 23.70 -39.41 40.42
C THR H 150 23.97 -40.79 41.00
N TYR H 151 24.96 -41.48 40.44
CA TYR H 151 25.30 -42.83 40.83
C TYR H 151 26.47 -42.90 41.80
N SER H 152 26.95 -41.75 42.28
CA SER H 152 28.04 -41.79 43.24
C SER H 152 27.56 -42.44 44.52
N GLU H 153 28.37 -43.35 45.05
CA GLU H 153 28.00 -44.04 46.28
C GLU H 153 27.88 -43.06 47.44
N ASN H 154 28.76 -42.06 47.46
CA ASN H 154 28.78 -41.04 48.50
C ASN H 154 28.97 -39.66 47.89
N ASP H 155 28.58 -38.63 48.64
CA ASP H 155 28.80 -37.26 48.21
C ASP H 155 30.29 -36.94 48.09
N GLU H 156 31.16 -37.71 48.75
CA GLU H 156 32.59 -37.44 48.71
C GLU H 156 33.12 -37.57 47.29
N GLU H 157 32.78 -38.67 46.61
CA GLU H 157 33.20 -38.82 45.22
C GLU H 157 32.54 -37.76 44.37
N ARG H 158 33.36 -37.03 43.62
CA ARG H 158 32.91 -35.87 42.87
C ARG H 158 33.61 -35.84 41.52
N PHE H 159 32.95 -35.17 40.57
CA PHE H 159 33.43 -35.08 39.19
C PHE H 159 33.33 -33.63 38.77
N TYR H 160 34.42 -33.09 38.24
CA TYR H 160 34.44 -31.77 37.64
C TYR H 160 35.09 -31.87 36.27
N VAL H 161 34.50 -31.19 35.30
CA VAL H 161 35.05 -31.13 33.95
C VAL H 161 36.32 -30.29 33.96
N PRO H 162 37.51 -30.86 33.72
CA PRO H 162 38.70 -30.01 33.69
C PRO H 162 38.67 -29.07 32.51
N GLU H 163 39.34 -27.93 32.67
CA GLU H 163 39.28 -26.90 31.64
C GLU H 163 39.93 -27.36 30.34
N ASN H 164 40.89 -28.27 30.42
CA ASN H 164 41.69 -28.61 29.24
C ASN H 164 40.87 -29.29 28.15
N VAL H 165 39.83 -30.03 28.51
CA VAL H 165 39.08 -30.78 27.51
C VAL H 165 38.30 -29.80 26.65
N TYR H 166 38.29 -30.05 25.35
CA TYR H 166 37.44 -29.34 24.41
C TYR H 166 36.46 -30.32 23.77
N ILE H 167 35.24 -29.84 23.56
CA ILE H 167 34.13 -30.66 23.11
C ILE H 167 33.72 -30.19 21.72
N ILE H 168 33.61 -31.14 20.80
CA ILE H 168 33.27 -30.88 19.41
C ILE H 168 32.03 -31.68 19.05
N GLY H 169 31.08 -31.01 18.40
CA GLY H 169 29.85 -31.65 17.98
C GLY H 169 29.57 -31.51 16.50
N LEU H 170 29.34 -32.62 15.81
CA LEU H 170 29.15 -32.63 14.37
C LEU H 170 27.68 -32.90 14.11
N MET H 171 26.99 -31.88 13.60
CA MET H 171 25.55 -31.91 13.40
C MET H 171 25.26 -31.60 11.94
N ASN H 172 24.36 -32.37 11.35
CA ASN H 172 24.00 -32.21 9.94
C ASN H 172 22.61 -31.61 9.84
N THR H 173 22.50 -30.54 9.06
CA THR H 173 21.22 -29.87 8.83
C THR H 173 20.61 -30.44 7.54
N ALA H 174 20.24 -31.70 7.64
CA ALA H 174 19.65 -32.42 6.51
C ALA H 174 18.27 -33.00 6.82
N ASP H 175 17.74 -32.82 8.02
CA ASP H 175 16.50 -33.47 8.41
C ASP H 175 15.51 -32.43 8.91
N ARG H 176 14.24 -32.76 8.74
CA ARG H 176 13.16 -31.84 9.05
C ARG H 176 13.01 -31.66 10.55
N SER H 177 13.25 -32.71 11.33
CA SER H 177 13.11 -32.62 12.78
C SER H 177 14.06 -31.60 13.38
N LEU H 178 15.26 -31.47 12.79
CA LEU H 178 16.28 -30.60 13.37
C LEU H 178 15.96 -29.12 13.20
N ALA H 179 14.90 -28.76 12.48
CA ALA H 179 14.47 -27.37 12.44
C ALA H 179 14.20 -26.84 13.84
N VAL H 180 13.61 -27.67 14.69
CA VAL H 180 13.43 -27.31 16.12
C VAL H 180 14.66 -27.84 16.84
N VAL H 181 15.73 -27.03 16.81
CA VAL H 181 16.96 -27.42 17.46
C VAL H 181 16.75 -27.52 18.96
N ASP H 182 17.43 -28.47 19.57
CA ASP H 182 17.29 -28.69 21.00
C ASP H 182 17.78 -27.49 21.80
N TYR H 183 17.02 -27.17 22.84
CA TYR H 183 17.34 -26.06 23.73
C TYR H 183 18.65 -26.29 24.46
N ALA H 184 18.97 -27.55 24.77
CA ALA H 184 20.17 -27.84 25.54
C ALA H 184 21.42 -27.41 24.80
N LEU H 185 21.43 -27.60 23.48
CA LEU H 185 22.62 -27.33 22.70
C LEU H 185 22.91 -25.85 22.61
N ARG H 186 21.87 -25.06 22.34
CA ARG H 186 22.05 -23.69 21.88
C ARG H 186 22.75 -22.83 22.92
N ARG H 187 22.43 -23.03 24.20
CA ARG H 187 23.05 -22.22 25.24
C ARG H 187 24.52 -22.53 25.35
N ARG H 188 24.87 -23.80 25.29
CA ARG H 188 26.18 -24.29 25.67
C ARG H 188 27.15 -24.40 24.51
N PHE H 189 26.67 -24.61 23.28
CA PHE H 189 27.51 -24.73 22.11
C PHE H 189 27.43 -23.50 21.21
N SER H 190 28.51 -23.29 20.46
CA SER H 190 28.62 -22.22 19.48
C SER H 190 28.53 -22.85 18.09
N PHE H 191 27.44 -22.58 17.39
CA PHE H 191 27.24 -23.14 16.07
C PHE H 191 28.13 -22.42 15.06
N ILE H 192 28.72 -23.19 14.15
CA ILE H 192 29.43 -22.63 13.01
C ILE H 192 28.97 -23.35 11.75
N ASP H 193 28.75 -22.57 10.69
CA ASP H 193 28.29 -23.10 9.42
C ASP H 193 29.46 -23.43 8.52
N ILE H 194 29.38 -24.60 7.88
CA ILE H 194 30.37 -25.06 6.92
C ILE H 194 29.74 -24.92 5.54
N GLU H 195 30.43 -24.21 4.68
CA GLU H 195 29.94 -23.99 3.34
C GLU H 195 30.10 -25.25 2.50
N PRO H 196 29.35 -25.35 1.39
CA PRO H 196 29.57 -26.48 0.49
C PRO H 196 30.97 -26.49 -0.09
N GLY H 197 31.51 -25.33 -0.39
CA GLY H 197 32.91 -25.20 -0.77
C GLY H 197 33.21 -25.70 -2.16
N PHE H 198 32.27 -25.53 -3.08
CA PHE H 198 32.56 -25.77 -4.49
C PHE H 198 33.40 -24.65 -5.08
N ASP H 199 32.96 -23.41 -4.91
CA ASP H 199 33.65 -22.25 -5.47
C ASP H 199 34.84 -21.90 -4.58
N THR H 200 35.82 -22.78 -4.60
CA THR H 200 37.06 -22.64 -3.84
C THR H 200 38.24 -23.00 -4.72
N PRO H 201 39.41 -22.40 -4.48
CA PRO H 201 40.56 -22.75 -5.31
C PRO H 201 41.04 -24.17 -5.10
N GLN H 202 41.03 -24.61 -3.84
CA GLN H 202 41.70 -25.87 -3.50
C GLN H 202 40.90 -27.05 -4.00
N PHE H 203 39.57 -26.95 -3.96
CA PHE H 203 38.73 -28.00 -4.52
C PHE H 203 38.98 -28.11 -6.02
N ARG H 204 39.07 -26.97 -6.70
CA ARG H 204 39.40 -26.97 -8.11
C ARG H 204 40.80 -27.54 -8.33
N ASN H 205 41.76 -27.00 -7.58
CA ASN H 205 43.16 -27.42 -7.72
C ASN H 205 43.33 -28.89 -7.41
N PHE H 206 42.48 -29.43 -6.54
CA PHE H 206 42.52 -30.87 -6.28
C PHE H 206 42.24 -31.64 -7.56
N LEU H 207 41.26 -31.17 -8.34
CA LEU H 207 40.93 -31.83 -9.60
C LEU H 207 42.01 -31.60 -10.64
N LEU H 208 42.50 -30.35 -10.72
CA LEU H 208 43.49 -30.01 -11.73
C LEU H 208 44.74 -30.86 -11.58
N ASN H 209 45.15 -31.11 -10.34
CA ASN H 209 46.27 -32.04 -10.13
C ASN H 209 45.91 -33.42 -10.62
N LYS H 210 44.63 -33.79 -10.55
CA LYS H 210 44.15 -35.07 -11.03
C LYS H 210 43.66 -35.00 -12.47
N LYS H 211 44.49 -34.40 -13.33
CA LYS H 211 44.36 -34.48 -14.78
C LYS H 211 42.97 -34.06 -15.26
N ALA H 212 42.61 -32.84 -14.88
CA ALA H 212 41.30 -32.28 -15.17
C ALA H 212 41.39 -31.02 -16.01
N GLU H 213 40.48 -30.92 -16.97
CA GLU H 213 40.39 -29.71 -17.78
C GLU H 213 39.85 -28.56 -16.92
N PRO H 214 40.42 -27.36 -17.01
CA PRO H 214 39.87 -26.25 -16.22
C PRO H 214 38.44 -25.88 -16.58
N SER H 215 38.11 -25.85 -17.87
CA SER H 215 36.78 -25.41 -18.27
C SER H 215 35.71 -26.39 -17.80
N PHE H 216 36.00 -27.69 -17.91
CA PHE H 216 35.07 -28.69 -17.42
C PHE H 216 34.90 -28.56 -15.92
N VAL H 217 36.00 -28.26 -15.22
CA VAL H 217 35.94 -28.00 -13.79
C VAL H 217 35.15 -26.73 -13.52
N GLU H 218 35.49 -25.66 -14.23
CA GLU H 218 34.84 -24.37 -13.98
C GLU H 218 33.39 -24.40 -14.41
N SER H 219 33.09 -25.11 -15.50
CA SER H 219 31.71 -25.25 -15.93
C SER H 219 30.87 -25.94 -14.87
N LEU H 220 31.43 -26.97 -14.24
CA LEU H 220 30.70 -27.72 -13.24
C LEU H 220 30.31 -26.85 -12.04
N CYS H 221 31.28 -26.09 -11.53
CA CYS H 221 31.07 -25.36 -10.29
C CYS H 221 29.92 -24.36 -10.39
N GLN H 222 29.77 -23.71 -11.53
CA GLN H 222 28.69 -22.73 -11.66
C GLN H 222 27.34 -23.40 -11.53
N LYS H 223 27.20 -24.59 -12.11
CA LYS H 223 25.95 -25.31 -12.01
C LYS H 223 25.71 -25.76 -10.58
N MET H 224 26.74 -26.32 -9.94
CA MET H 224 26.60 -26.72 -8.54
C MET H 224 26.33 -25.51 -7.68
N ASN H 225 27.08 -24.43 -7.91
CA ASN H 225 26.82 -23.18 -7.21
C ASN H 225 25.44 -22.67 -7.55
N GLU H 226 25.01 -22.85 -8.80
CA GLU H 226 23.66 -22.47 -9.18
C GLU H 226 22.62 -23.33 -8.50
N LEU H 227 22.85 -24.64 -8.45
CA LEU H 227 21.84 -25.54 -7.91
C LEU H 227 21.62 -25.29 -6.43
N ASN H 228 22.71 -25.27 -5.64
CA ASN H 228 22.59 -25.08 -4.21
C ASN H 228 21.91 -23.76 -3.89
N GLN H 229 22.09 -22.76 -4.74
CA GLN H 229 21.40 -21.50 -4.55
C GLN H 229 19.89 -21.69 -4.68
N GLU H 230 19.46 -22.53 -5.63
CA GLU H 230 18.05 -22.78 -5.81
C GLU H 230 17.46 -23.48 -4.58
N ILE H 231 18.22 -24.41 -4.01
CA ILE H 231 17.73 -25.14 -2.84
C ILE H 231 17.57 -24.20 -1.68
N SER H 232 18.59 -23.37 -1.45
CA SER H 232 18.58 -22.49 -0.30
C SER H 232 17.45 -21.46 -0.38
N LYS H 233 17.02 -21.13 -1.60
CA LYS H 233 15.93 -20.17 -1.75
C LYS H 233 14.68 -20.69 -1.08
N GLU H 234 14.44 -21.99 -1.15
CA GLU H 234 13.32 -22.55 -0.43
C GLU H 234 13.62 -22.56 1.07
N ALA H 235 12.56 -22.50 1.85
CA ALA H 235 12.64 -22.58 3.30
C ALA H 235 11.66 -23.60 3.85
N THR H 236 10.58 -23.85 3.11
CA THR H 236 9.52 -24.70 3.63
C THR H 236 9.98 -26.15 3.68
N ILE H 237 10.51 -26.66 2.58
CA ILE H 237 10.91 -28.06 2.47
C ILE H 237 12.41 -28.22 2.68
N LEU H 238 13.20 -27.44 1.96
CA LEU H 238 14.65 -27.55 1.96
C LEU H 238 15.23 -26.19 2.28
N GLY H 239 15.94 -26.11 3.40
CA GLY H 239 16.62 -24.90 3.78
C GLY H 239 17.97 -24.80 3.13
N LYS H 240 18.72 -23.79 3.54
CA LYS H 240 20.08 -23.65 3.06
C LYS H 240 20.95 -24.82 3.51
N GLY H 241 20.64 -25.38 4.67
CA GLY H 241 21.45 -26.45 5.23
C GLY H 241 21.36 -27.75 4.48
N PHE H 242 20.35 -27.92 3.62
CA PHE H 242 20.18 -29.15 2.86
C PHE H 242 21.09 -29.25 1.65
N ARG H 243 21.72 -28.16 1.25
CA ARG H 243 22.37 -28.09 -0.04
C ARG H 243 23.53 -29.09 -0.15
N ILE H 244 23.90 -29.37 -1.41
CA ILE H 244 24.84 -30.45 -1.72
C ILE H 244 26.22 -30.15 -1.15
N GLY H 245 26.88 -31.20 -0.66
CA GLY H 245 28.26 -31.11 -0.23
C GLY H 245 29.24 -31.44 -1.35
N HIS H 246 30.53 -31.29 -1.04
CA HIS H 246 31.57 -31.37 -2.06
C HIS H 246 32.29 -32.70 -2.13
N SER H 247 31.76 -33.74 -1.49
CA SER H 247 32.52 -34.98 -1.34
C SER H 247 32.08 -36.10 -2.25
N TYR H 248 30.99 -35.94 -2.97
CA TYR H 248 30.63 -36.93 -3.96
C TYR H 248 31.71 -36.99 -5.03
N PHE H 249 32.24 -35.83 -5.37
CA PHE H 249 33.21 -35.69 -6.45
C PHE H 249 34.62 -36.02 -5.99
N CYS H 250 34.91 -35.79 -4.71
CA CYS H 250 36.23 -36.09 -4.19
C CYS H 250 36.57 -37.56 -4.34
N CYS H 251 35.66 -38.42 -3.92
CA CYS H 251 35.93 -39.84 -3.87
C CYS H 251 35.86 -40.44 -5.26
N GLY H 252 36.48 -41.61 -5.40
CA GLY H 252 36.42 -42.38 -6.64
C GLY H 252 37.50 -42.10 -7.64
N LEU H 253 38.44 -41.20 -7.35
CA LEU H 253 39.56 -40.90 -8.21
C LEU H 253 40.86 -41.54 -7.74
N GLU H 254 40.78 -42.43 -6.75
CA GLU H 254 41.99 -43.03 -6.19
C GLU H 254 42.76 -43.82 -7.23
N ASP H 255 42.07 -44.39 -8.21
CA ASP H 255 42.75 -45.08 -9.30
C ASP H 255 43.63 -44.12 -10.10
N GLY H 256 43.20 -42.86 -10.23
CA GLY H 256 43.81 -41.91 -11.14
C GLY H 256 42.98 -41.62 -12.37
N THR H 257 41.81 -42.23 -12.49
CA THR H 257 40.94 -42.01 -13.64
C THR H 257 40.54 -40.54 -13.71
N SER H 258 40.74 -39.95 -14.88
CA SER H 258 40.57 -38.52 -15.00
C SER H 258 39.11 -38.13 -14.86
N PRO H 259 38.79 -37.00 -14.22
CA PRO H 259 37.41 -36.53 -14.22
C PRO H 259 36.96 -36.12 -15.61
N ASP H 260 35.72 -36.46 -15.91
CA ASP H 260 35.09 -36.13 -17.19
C ASP H 260 33.58 -36.28 -17.02
N THR H 261 32.85 -36.00 -18.09
CA THR H 261 31.41 -36.18 -18.05
C THR H 261 31.05 -37.64 -17.83
N GLN H 262 31.89 -38.55 -18.32
CA GLN H 262 31.66 -39.98 -18.10
C GLN H 262 31.68 -40.30 -16.61
N TRP H 263 32.75 -39.89 -15.93
CA TRP H 263 32.84 -40.08 -14.49
C TRP H 263 31.76 -39.30 -13.77
N LEU H 264 31.52 -38.07 -14.19
CA LEU H 264 30.53 -37.23 -13.53
C LEU H 264 29.13 -37.79 -13.70
N ASN H 265 28.83 -38.34 -14.88
CA ASN H 265 27.48 -38.82 -15.15
C ASN H 265 27.14 -39.98 -14.25
N GLU H 266 28.13 -40.81 -13.93
CA GLU H 266 27.91 -41.89 -12.98
C GLU H 266 27.41 -41.35 -11.65
N ILE H 267 28.02 -40.27 -11.18
CA ILE H 267 27.64 -39.70 -9.88
C ILE H 267 26.24 -39.14 -9.95
N VAL H 268 25.90 -38.47 -11.05
CA VAL H 268 24.62 -37.82 -11.17
C VAL H 268 23.50 -38.84 -11.11
N MET H 269 23.61 -39.89 -11.92
CA MET H 269 22.53 -40.87 -12.02
C MET H 269 22.44 -41.72 -10.76
N THR H 270 23.58 -42.05 -10.17
CA THR H 270 23.62 -43.07 -9.13
C THR H 270 23.55 -42.51 -7.71
N ASP H 271 23.80 -41.21 -7.55
CA ASP H 271 23.68 -40.56 -6.25
C ASP H 271 22.69 -39.40 -6.30
N ILE H 272 22.90 -38.46 -7.21
CA ILE H 272 22.24 -37.18 -7.13
C ILE H 272 20.88 -37.22 -7.80
N ALA H 273 20.70 -38.11 -8.77
CA ALA H 273 19.42 -38.17 -9.47
C ALA H 273 18.29 -38.59 -8.54
N PRO H 274 18.39 -39.70 -7.81
CA PRO H 274 17.28 -40.05 -6.92
C PRO H 274 17.13 -39.12 -5.74
N LEU H 275 18.22 -38.53 -5.25
CA LEU H 275 18.09 -37.53 -4.21
C LEU H 275 17.17 -36.41 -4.64
N LEU H 276 17.32 -35.99 -5.88
CA LEU H 276 16.48 -34.92 -6.39
C LEU H 276 15.03 -35.35 -6.48
N GLU H 277 14.78 -36.63 -6.74
CA GLU H 277 13.42 -37.12 -6.70
C GLU H 277 12.83 -36.96 -5.32
N GLU H 278 13.63 -37.21 -4.29
CA GLU H 278 13.17 -37.01 -2.94
C GLU H 278 12.96 -35.53 -2.65
N TYR H 279 13.89 -34.70 -3.12
CA TYR H 279 13.74 -33.26 -2.95
C TYR H 279 12.55 -32.74 -3.74
N PHE H 280 12.58 -32.93 -5.04
CA PHE H 280 11.54 -32.43 -5.94
C PHE H 280 10.53 -33.52 -6.26
N PHE H 281 9.91 -34.03 -5.21
CA PHE H 281 8.80 -34.95 -5.40
C PHE H 281 7.63 -34.23 -6.04
N ASP H 282 7.33 -33.03 -5.55
CA ASP H 282 6.15 -32.28 -5.99
C ASP H 282 6.17 -31.99 -7.48
N ASP H 283 7.34 -31.68 -8.04
CA ASP H 283 7.50 -31.31 -9.44
C ASP H 283 8.50 -32.27 -10.08
N PRO H 284 8.05 -33.44 -10.54
CA PRO H 284 8.99 -34.33 -11.24
C PRO H 284 9.66 -33.68 -12.42
N TYR H 285 8.94 -32.81 -13.13
CA TYR H 285 9.52 -32.14 -14.27
C TYR H 285 10.71 -31.29 -13.84
N LYS H 286 10.64 -30.75 -12.63
CA LYS H 286 11.77 -30.02 -12.07
C LYS H 286 12.99 -30.90 -11.96
N GLN H 287 12.80 -32.20 -11.71
CA GLN H 287 13.91 -33.13 -11.73
C GLN H 287 14.49 -33.18 -13.13
N GLN H 288 13.62 -33.29 -14.13
CA GLN H 288 14.07 -33.36 -15.52
C GLN H 288 14.81 -32.09 -15.90
N LYS H 289 14.38 -30.97 -15.36
CA LYS H 289 15.00 -29.70 -15.69
C LYS H 289 16.48 -29.70 -15.32
N TRP H 290 16.78 -30.14 -14.10
CA TRP H 290 18.15 -30.09 -13.62
C TRP H 290 18.97 -31.25 -14.14
N THR H 291 18.41 -32.45 -14.11
CA THR H 291 19.14 -33.63 -14.54
C THR H 291 19.62 -33.47 -15.99
N ASN H 292 18.74 -32.95 -16.85
CA ASN H 292 19.15 -32.65 -18.21
C ASN H 292 20.14 -31.50 -18.24
N LYS H 293 19.96 -30.52 -17.36
CA LYS H 293 20.87 -29.38 -17.31
C LYS H 293 22.28 -29.81 -16.97
N LEU H 294 22.43 -30.72 -16.03
CA LEU H 294 23.75 -31.12 -15.56
C LEU H 294 24.48 -31.94 -16.60
N LEU H 295 23.76 -32.83 -17.28
CA LEU H 295 24.38 -33.67 -18.30
C LEU H 295 24.93 -32.83 -19.44
N GLY H 296 24.19 -31.82 -19.87
CA GLY H 296 24.61 -30.95 -20.95
C GLY H 296 25.93 -30.25 -20.69
N TYR I 7 32.57 -69.60 -11.34
CA TYR I 7 31.39 -68.79 -11.63
C TYR I 7 31.78 -67.51 -12.36
N CYS I 8 30.89 -67.01 -13.21
CA CYS I 8 31.17 -65.84 -14.02
C CYS I 8 29.86 -65.20 -14.44
N LEU I 9 29.97 -64.02 -15.07
CA LEU I 9 28.79 -63.25 -15.47
C LEU I 9 27.90 -64.06 -16.40
N GLU I 10 28.51 -64.87 -17.26
CA GLU I 10 27.74 -65.67 -18.20
C GLU I 10 26.78 -66.58 -17.46
N ASP I 11 27.23 -67.13 -16.34
CA ASP I 11 26.37 -68.02 -15.55
C ASP I 11 25.20 -67.24 -14.98
N ALA I 12 25.48 -66.08 -14.38
CA ALA I 12 24.43 -65.30 -13.73
C ALA I 12 23.46 -64.72 -14.75
N LEU I 13 23.97 -64.12 -15.81
CA LEU I 13 23.10 -63.40 -16.74
C LEU I 13 22.40 -64.31 -17.73
N ASN I 14 22.48 -65.64 -17.53
CA ASN I 14 21.77 -66.57 -18.39
C ASN I 14 20.26 -66.36 -18.29
N ASP I 15 19.74 -66.30 -17.06
CA ASP I 15 18.32 -66.21 -16.80
C ASP I 15 17.84 -64.81 -16.46
N LEU I 16 18.74 -63.91 -16.06
CA LEU I 16 18.33 -62.59 -15.64
C LEU I 16 17.81 -61.78 -16.82
N PHE I 17 16.75 -61.03 -16.58
CA PHE I 17 16.11 -60.21 -17.59
C PHE I 17 16.73 -58.82 -17.68
N ILE I 18 17.71 -58.50 -16.85
CA ILE I 18 18.32 -57.18 -16.83
C ILE I 18 19.34 -57.04 -17.94
N PRO I 19 19.51 -55.85 -18.55
CA PRO I 19 20.65 -55.67 -19.45
C PRO I 19 21.96 -55.80 -18.68
N GLU I 20 23.00 -56.18 -19.41
CA GLU I 20 24.35 -56.16 -18.84
C GLU I 20 24.75 -54.75 -18.42
N THR I 21 24.17 -53.73 -19.06
CA THR I 21 24.58 -52.34 -18.86
C THR I 21 24.58 -51.95 -17.40
N THR I 22 23.47 -52.20 -16.72
CA THR I 22 23.40 -51.89 -15.30
C THR I 22 24.34 -52.79 -14.51
N ILE I 23 24.45 -54.04 -14.94
CA ILE I 23 25.18 -55.05 -14.18
C ILE I 23 26.64 -54.65 -14.02
N GLU I 24 27.23 -54.12 -15.08
CA GLU I 24 28.59 -53.60 -14.95
C GLU I 24 28.59 -52.30 -14.17
N THR I 25 27.60 -51.43 -14.41
CA THR I 25 27.48 -50.20 -13.64
C THR I 25 27.38 -50.50 -12.16
N ILE I 26 26.70 -51.59 -11.82
CA ILE I 26 26.54 -51.97 -10.43
C ILE I 26 27.89 -52.28 -9.81
N LEU I 27 28.68 -53.09 -10.48
CA LEU I 27 29.97 -53.48 -9.93
C LEU I 27 30.92 -52.30 -9.91
N LYS I 28 30.76 -51.36 -10.84
CA LYS I 28 31.60 -50.18 -10.89
C LYS I 28 31.39 -49.31 -9.65
N ARG I 29 30.14 -49.02 -9.33
CA ARG I 29 29.86 -48.18 -8.16
C ARG I 29 30.19 -48.93 -6.89
N LEU I 30 29.96 -50.23 -6.89
CA LEU I 30 30.20 -51.03 -5.71
C LEU I 30 31.67 -51.05 -5.34
N THR I 31 32.52 -51.30 -6.32
CA THR I 31 33.92 -51.51 -6.04
C THR I 31 34.57 -50.24 -5.52
N ILE I 32 34.08 -49.09 -6.00
CA ILE I 32 34.58 -47.80 -5.53
C ILE I 32 33.94 -47.42 -4.21
N LYS I 33 32.65 -47.68 -4.05
CA LYS I 33 31.86 -47.12 -2.97
C LYS I 33 31.60 -48.09 -1.83
N LYS I 34 31.40 -49.36 -2.14
CA LYS I 34 31.27 -50.50 -1.23
C LYS I 34 29.90 -50.58 -0.58
N ASN I 35 29.03 -49.58 -0.72
CA ASN I 35 27.67 -49.65 -0.21
C ASN I 35 26.75 -49.06 -1.25
N ILE I 36 25.74 -49.83 -1.66
CA ILE I 36 24.80 -49.40 -2.68
C ILE I 36 23.40 -49.86 -2.32
N ILE I 37 22.43 -49.27 -3.01
CA ILE I 37 21.02 -49.64 -2.86
C ILE I 37 20.39 -49.78 -4.23
N LEU I 38 19.58 -50.82 -4.40
CA LEU I 38 18.76 -51.02 -5.59
C LEU I 38 17.31 -50.70 -5.28
N GLN I 39 16.80 -49.63 -5.87
CA GLN I 39 15.44 -49.21 -5.65
C GLN I 39 14.61 -49.54 -6.89
N GLY I 40 13.56 -50.35 -6.70
CA GLY I 40 12.61 -50.61 -7.74
C GLY I 40 11.33 -51.19 -7.20
N PRO I 41 10.25 -51.18 -7.98
CA PRO I 41 9.01 -51.79 -7.53
C PRO I 41 9.16 -53.28 -7.33
N PRO I 42 8.26 -53.90 -6.58
CA PRO I 42 8.35 -55.34 -6.34
C PRO I 42 8.09 -56.14 -7.59
N GLY I 43 8.84 -57.23 -7.72
CA GLY I 43 8.67 -58.13 -8.82
C GLY I 43 9.66 -57.96 -9.95
N VAL I 44 10.74 -57.21 -9.72
CA VAL I 44 11.75 -56.93 -10.72
C VAL I 44 13.03 -57.68 -10.43
N GLY I 45 12.99 -58.67 -9.56
CA GLY I 45 14.15 -59.48 -9.31
C GLY I 45 15.15 -58.87 -8.37
N LYS I 46 14.73 -57.90 -7.56
CA LYS I 46 15.66 -57.30 -6.61
C LYS I 46 16.18 -58.37 -5.66
N THR I 47 15.28 -59.15 -5.09
CA THR I 47 15.70 -60.28 -4.29
C THR I 47 16.41 -61.29 -5.16
N PHE I 48 16.00 -61.40 -6.42
CA PHE I 48 16.50 -62.43 -7.32
C PHE I 48 17.97 -62.19 -7.67
N VAL I 49 18.33 -60.97 -8.04
CA VAL I 49 19.71 -60.67 -8.42
C VAL I 49 20.64 -60.82 -7.23
N ALA I 50 20.15 -60.49 -6.04
CA ALA I 50 21.02 -60.22 -4.91
C ALA I 50 21.88 -61.42 -4.54
N ARG I 51 21.30 -62.62 -4.54
CA ARG I 51 22.09 -63.79 -4.25
C ARG I 51 23.09 -64.09 -5.36
N ARG I 52 22.73 -63.80 -6.60
CA ARG I 52 23.65 -64.02 -7.72
C ARG I 52 24.79 -63.02 -7.69
N LEU I 53 24.49 -61.77 -7.35
CA LEU I 53 25.52 -60.74 -7.32
C LEU I 53 26.62 -61.09 -6.35
N ALA I 54 26.25 -61.70 -5.22
CA ALA I 54 27.22 -61.99 -4.18
C ALA I 54 28.32 -62.92 -4.68
N TYR I 55 27.95 -63.89 -5.49
CA TYR I 55 28.90 -64.89 -5.97
C TYR I 55 29.83 -64.32 -7.04
N LEU I 56 29.40 -63.25 -7.72
CA LEU I 56 30.25 -62.67 -8.75
C LEU I 56 31.52 -62.10 -8.14
N LEU I 57 31.37 -61.26 -7.12
CA LEU I 57 32.50 -60.49 -6.63
C LEU I 57 33.51 -61.39 -5.95
N THR I 58 33.02 -62.31 -5.12
CA THR I 58 33.89 -63.36 -4.60
C THR I 58 34.43 -64.23 -5.74
N GLY I 59 33.71 -64.31 -6.86
CA GLY I 59 34.12 -65.11 -7.98
C GLY I 59 33.74 -66.57 -7.86
N GLU I 60 33.03 -66.94 -6.80
CA GLU I 60 32.69 -68.32 -6.50
C GLU I 60 31.31 -68.33 -5.87
N LYS I 61 30.67 -69.49 -5.93
CA LYS I 61 29.36 -69.67 -5.34
C LYS I 61 29.60 -70.19 -3.92
N ALA I 62 29.79 -69.25 -2.99
CA ALA I 62 30.00 -69.54 -1.59
C ALA I 62 28.97 -68.83 -0.73
N PRO I 63 28.29 -69.51 0.20
CA PRO I 63 27.33 -68.81 1.05
C PRO I 63 27.96 -68.24 2.31
N GLN I 64 29.07 -68.83 2.73
CA GLN I 64 29.65 -68.53 4.01
C GLN I 64 30.11 -67.07 4.07
N ARG I 65 30.71 -66.59 2.98
CA ARG I 65 31.16 -65.21 2.91
C ARG I 65 30.00 -64.23 2.75
N VAL I 66 28.78 -64.72 2.55
CA VAL I 66 27.62 -63.89 2.30
C VAL I 66 26.66 -64.01 3.47
N ASN I 67 25.95 -62.94 3.77
CA ASN I 67 24.90 -62.96 4.76
C ASN I 67 23.69 -62.18 4.27
N MET I 68 22.52 -62.75 4.50
CA MET I 68 21.26 -62.22 4.00
C MET I 68 20.30 -62.02 5.16
N VAL I 69 19.67 -60.84 5.21
CA VAL I 69 18.69 -60.50 6.23
C VAL I 69 17.64 -59.58 5.66
N GLN I 70 16.60 -59.34 6.45
CA GLN I 70 15.56 -58.39 6.13
C GLN I 70 15.28 -57.48 7.32
N PHE I 71 15.11 -56.19 7.04
CA PHE I 71 14.74 -55.21 8.04
C PHE I 71 13.23 -55.06 8.03
N HIS I 72 12.61 -55.27 9.19
CA HIS I 72 11.17 -55.43 9.29
C HIS I 72 10.52 -54.36 10.15
N GLN I 73 11.13 -53.20 10.27
CA GLN I 73 10.62 -52.13 11.12
C GLN I 73 10.54 -52.53 12.59
N SER I 74 11.25 -53.57 13.00
CA SER I 74 11.42 -53.88 14.41
C SER I 74 12.85 -54.31 14.72
N TYR I 75 13.75 -54.23 13.75
CA TYR I 75 15.16 -54.51 14.02
C TYR I 75 15.72 -53.38 14.87
N SER I 76 16.74 -53.70 15.67
CA SER I 76 17.38 -52.71 16.51
C SER I 76 18.87 -52.89 16.55
N TYR I 77 19.53 -51.83 17.02
CA TYR I 77 20.96 -51.84 17.26
C TYR I 77 21.34 -53.02 18.15
N GLU I 78 20.47 -53.32 19.12
CA GLU I 78 20.66 -54.48 20.00
C GLU I 78 20.57 -55.78 19.23
N ASP I 79 19.85 -55.78 18.11
CA ASP I 79 19.70 -56.97 17.29
C ASP I 79 20.82 -57.05 16.28
N PHE I 80 21.17 -55.91 15.71
CA PHE I 80 22.18 -55.88 14.67
C PHE I 80 23.57 -56.02 15.25
N ILE I 81 23.84 -55.29 16.34
CA ILE I 81 25.22 -55.05 16.76
C ILE I 81 25.55 -55.57 18.16
N GLN I 82 25.01 -54.92 19.18
CA GLN I 82 25.31 -55.27 20.56
C GLN I 82 24.12 -55.03 21.45
N GLY I 83 23.75 -56.03 22.24
CA GLY I 83 22.63 -55.89 23.14
C GLY I 83 22.73 -56.89 24.27
N TYR I 84 21.82 -56.73 25.22
CA TYR I 84 21.76 -57.58 26.40
C TYR I 84 20.60 -58.54 26.26
N ARG I 85 20.89 -59.82 26.45
CA ARG I 85 19.92 -60.89 26.34
C ARG I 85 19.81 -61.63 27.66
N PRO I 86 18.62 -62.09 28.05
CA PRO I 86 18.55 -62.94 29.23
C PRO I 86 19.35 -64.22 29.03
N ASN I 87 20.15 -64.54 30.02
CA ASN I 87 20.66 -65.88 30.24
C ASN I 87 19.65 -66.59 31.14
N GLY I 88 20.05 -67.69 31.77
CA GLY I 88 19.08 -68.49 32.51
C GLY I 88 18.37 -67.70 33.60
N VAL I 89 19.12 -66.94 34.40
CA VAL I 89 18.56 -66.17 35.50
C VAL I 89 18.85 -64.68 35.31
N GLY I 90 19.97 -64.36 34.66
CA GLY I 90 20.41 -63.00 34.55
C GLY I 90 20.89 -62.71 33.14
N PHE I 91 20.93 -61.42 32.82
CA PHE I 91 21.25 -60.98 31.48
C PHE I 91 22.72 -61.16 31.16
N ARG I 92 23.01 -61.21 29.87
CA ARG I 92 24.36 -61.23 29.35
C ARG I 92 24.40 -60.34 28.12
N ARG I 93 25.61 -59.95 27.73
CA ARG I 93 25.80 -59.17 26.52
C ARG I 93 26.04 -60.13 25.36
N LYS I 94 25.35 -59.90 24.25
CA LYS I 94 25.46 -60.73 23.07
C LYS I 94 25.92 -59.87 21.91
N ASP I 95 26.98 -60.32 21.24
CA ASP I 95 27.43 -59.65 20.04
C ASP I 95 26.46 -59.93 18.91
N GLY I 96 26.04 -58.87 18.23
CA GLY I 96 25.04 -59.00 17.19
C GLY I 96 25.58 -59.74 15.98
N ILE I 97 24.73 -59.82 14.97
CA ILE I 97 25.04 -60.60 13.78
C ILE I 97 26.03 -59.86 12.91
N PHE I 98 25.82 -58.55 12.74
CA PHE I 98 26.71 -57.78 11.91
C PHE I 98 28.10 -57.73 12.53
N TYR I 99 28.14 -57.47 13.84
CA TYR I 99 29.40 -57.58 14.57
C TYR I 99 29.95 -58.99 14.44
N ASN I 100 29.08 -59.99 14.50
CA ASN I 100 29.52 -61.36 14.26
C ASN I 100 30.00 -61.51 12.83
N PHE I 101 29.35 -60.81 11.91
CA PHE I 101 29.69 -60.95 10.50
C PHE I 101 31.03 -60.31 10.19
N CYS I 102 31.24 -59.09 10.69
CA CYS I 102 32.47 -58.36 10.39
C CYS I 102 33.70 -59.11 10.90
N GLN I 103 33.57 -59.78 12.03
CA GLN I 103 34.68 -60.57 12.55
C GLN I 103 35.06 -61.67 11.57
N GLN I 104 34.06 -62.29 10.95
CA GLN I 104 34.35 -63.29 9.92
C GLN I 104 35.03 -62.65 8.72
N ALA I 105 34.58 -61.46 8.33
CA ALA I 105 35.15 -60.82 7.15
C ALA I 105 36.61 -60.47 7.37
N LYS I 106 36.94 -60.00 8.56
CA LYS I 106 38.31 -59.69 8.89
C LYS I 106 39.11 -60.93 9.28
N GLU I 107 38.47 -62.11 9.30
CA GLU I 107 39.22 -63.33 9.51
C GLU I 107 40.20 -63.56 8.37
N GLN I 108 39.76 -63.26 7.16
CA GLN I 108 40.62 -63.22 5.99
C GLN I 108 40.24 -61.98 5.18
N PRO I 109 41.13 -61.00 5.02
CA PRO I 109 40.74 -59.81 4.26
C PRO I 109 40.65 -60.07 2.77
N GLU I 110 41.33 -61.13 2.31
CA GLU I 110 41.48 -61.37 0.88
C GLU I 110 40.14 -61.60 0.21
N LYS I 111 39.32 -62.48 0.78
CA LYS I 111 38.07 -62.86 0.16
C LYS I 111 36.96 -61.93 0.62
N LYS I 112 36.19 -61.43 -0.34
CA LYS I 112 35.18 -60.42 -0.06
C LYS I 112 33.98 -61.02 0.66
N TYR I 113 33.38 -60.22 1.54
CA TYR I 113 32.22 -60.62 2.32
C TYR I 113 31.09 -59.64 2.07
N ILE I 114 29.88 -60.17 1.90
CA ILE I 114 28.71 -59.40 1.50
C ILE I 114 27.61 -59.55 2.53
N PHE I 115 26.97 -58.44 2.85
CA PHE I 115 25.83 -58.41 3.75
C PHE I 115 24.62 -57.87 3.01
N ILE I 116 23.53 -58.65 2.98
CA ILE I 116 22.37 -58.37 2.15
C ILE I 116 21.16 -58.13 3.04
N ILE I 117 20.49 -57.00 2.81
CA ILE I 117 19.40 -56.52 3.65
C ILE I 117 18.18 -56.29 2.77
N ASP I 118 17.16 -57.12 2.94
CA ASP I 118 15.90 -56.91 2.24
C ASP I 118 15.02 -55.92 2.96
N GLU I 119 14.26 -55.15 2.17
CA GLU I 119 13.32 -54.16 2.68
C GLU I 119 13.98 -53.25 3.71
N ILE I 120 15.17 -52.78 3.36
CA ILE I 120 15.93 -51.95 4.28
C ILE I 120 15.19 -50.66 4.62
N ASN I 121 14.37 -50.16 3.70
CA ASN I 121 13.72 -48.86 3.91
C ASN I 121 12.79 -48.88 5.11
N ARG I 122 12.23 -50.03 5.46
CA ARG I 122 11.28 -50.10 6.55
C ARG I 122 11.88 -49.56 7.84
N ALA I 123 12.91 -50.24 8.34
CA ALA I 123 13.46 -49.93 9.64
C ALA I 123 14.06 -48.53 9.68
N ASN I 124 14.10 -47.97 10.88
CA ASN I 124 14.75 -46.68 11.13
C ASN I 124 16.25 -46.93 11.20
N LEU I 125 16.91 -46.73 10.07
CA LEU I 125 18.29 -47.15 9.93
C LEU I 125 19.21 -46.42 10.87
N SER I 126 18.89 -45.16 11.16
CA SER I 126 19.68 -44.38 12.09
C SER I 126 19.69 -45.04 13.47
N LYS I 127 18.57 -45.63 13.85
CA LYS I 127 18.50 -46.30 15.15
C LYS I 127 19.34 -47.56 15.17
N VAL I 128 19.22 -48.37 14.12
CA VAL I 128 19.85 -49.68 14.15
C VAL I 128 21.35 -49.56 14.04
N PHE I 129 21.83 -48.88 13.02
CA PHE I 129 23.26 -48.86 12.76
C PHE I 129 23.98 -48.00 13.79
N GLY I 130 23.45 -46.82 14.05
CA GLY I 130 24.03 -45.95 15.05
C GLY I 130 25.43 -45.52 14.68
N GLU I 131 26.40 -46.05 15.42
CA GLU I 131 27.80 -45.70 15.22
C GLU I 131 28.27 -46.08 13.82
N VAL I 132 27.73 -47.17 13.28
CA VAL I 132 28.22 -47.70 12.01
C VAL I 132 27.91 -46.79 10.85
N MET I 133 26.89 -45.92 10.98
CA MET I 133 26.44 -45.11 9.85
C MET I 133 27.58 -44.29 9.27
N MET I 134 28.49 -43.83 10.12
CA MET I 134 29.73 -43.25 9.62
C MET I 134 30.68 -44.33 9.12
N LEU I 135 30.84 -45.40 9.91
CA LEU I 135 31.92 -46.34 9.68
C LEU I 135 31.77 -47.14 8.40
N MET I 136 30.55 -47.27 7.89
CA MET I 136 30.33 -48.14 6.75
C MET I 136 31.01 -47.62 5.50
N GLU I 137 31.16 -46.30 5.38
CA GLU I 137 31.67 -45.71 4.15
C GLU I 137 33.09 -46.18 3.85
N HIS I 138 33.38 -46.23 2.55
CA HIS I 138 34.63 -46.81 2.05
C HIS I 138 35.86 -46.16 2.66
N ASP I 139 35.88 -44.83 2.71
CA ASP I 139 37.08 -44.14 3.17
C ASP I 139 37.39 -44.45 4.63
N LYS I 140 36.38 -44.37 5.48
CA LYS I 140 36.57 -44.52 6.92
C LYS I 140 36.40 -45.98 7.33
N ARG I 141 37.35 -46.78 6.85
CA ARG I 141 37.40 -48.20 7.17
C ARG I 141 38.79 -48.57 7.64
N GLY I 142 38.86 -49.67 8.37
CA GLY I 142 40.11 -50.17 8.91
C GLY I 142 40.40 -49.65 10.30
N GLU I 143 41.55 -50.07 10.80
CA GLU I 143 41.90 -49.82 12.18
C GLU I 143 42.09 -48.34 12.47
N ASN I 144 42.43 -47.55 11.45
CA ASN I 144 42.64 -46.13 11.67
C ASN I 144 41.41 -45.47 12.26
N TRP I 145 40.24 -45.91 11.82
CA TRP I 145 38.97 -45.35 12.24
C TRP I 145 38.25 -46.24 13.24
N SER I 146 39.00 -47.05 13.99
CA SER I 146 38.42 -47.82 15.07
C SER I 146 37.76 -46.91 16.09
N VAL I 147 36.57 -47.32 16.55
CA VAL I 147 35.77 -46.53 17.48
C VAL I 147 35.26 -47.53 18.51
N PRO I 148 35.14 -47.16 19.79
CA PRO I 148 34.58 -48.10 20.77
C PRO I 148 33.06 -48.06 20.78
N LEU I 149 32.46 -49.24 20.89
CA LEU I 149 31.03 -49.37 20.81
C LEU I 149 30.37 -48.94 22.11
N THR I 150 29.04 -48.87 22.07
CA THR I 150 28.27 -48.45 23.24
C THR I 150 28.43 -49.43 24.39
N TYR I 151 28.06 -50.68 24.16
CA TYR I 151 28.10 -51.70 25.21
C TYR I 151 29.42 -52.43 25.26
N SER I 152 30.48 -51.84 24.73
CA SER I 152 31.78 -52.45 24.83
C SER I 152 32.25 -52.39 26.27
N GLU I 153 33.19 -53.27 26.62
CA GLU I 153 33.74 -53.28 27.95
C GLU I 153 34.54 -52.01 28.20
N ASN I 154 34.70 -51.67 29.48
CA ASN I 154 35.46 -50.49 29.85
C ASN I 154 36.88 -50.55 29.30
N ASP I 155 37.48 -51.73 29.30
CA ASP I 155 38.73 -51.93 28.58
C ASP I 155 38.47 -51.64 27.11
N GLU I 156 39.35 -50.85 26.50
CA GLU I 156 39.11 -50.37 25.15
C GLU I 156 39.06 -51.53 24.18
N GLU I 157 37.88 -51.71 23.58
CA GLU I 157 37.66 -52.69 22.53
C GLU I 157 36.85 -51.99 21.46
N ARG I 158 37.36 -52.01 20.24
CA ARG I 158 36.85 -51.16 19.17
C ARG I 158 36.44 -51.99 17.98
N PHE I 159 35.48 -51.45 17.23
CA PHE I 159 34.85 -52.15 16.12
C PHE I 159 35.04 -51.31 14.87
N TYR I 160 35.71 -51.87 13.87
CA TYR I 160 36.00 -51.20 12.61
C TYR I 160 35.58 -52.06 11.43
N VAL I 161 35.01 -51.42 10.43
CA VAL I 161 34.55 -52.11 9.22
C VAL I 161 35.75 -52.58 8.41
N PRO I 162 35.87 -53.86 8.09
CA PRO I 162 36.95 -54.27 7.19
C PRO I 162 36.71 -53.75 5.78
N GLU I 163 37.81 -53.55 5.06
CA GLU I 163 37.69 -53.01 3.70
C GLU I 163 36.95 -53.97 2.78
N ASN I 164 37.12 -55.27 2.97
CA ASN I 164 36.57 -56.24 2.03
C ASN I 164 35.06 -56.26 2.06
N VAL I 165 34.46 -55.77 3.14
CA VAL I 165 33.02 -55.86 3.32
C VAL I 165 32.31 -55.00 2.29
N TYR I 166 31.24 -55.54 1.73
CA TYR I 166 30.32 -54.78 0.88
C TYR I 166 28.90 -54.94 1.39
N ILE I 167 28.17 -53.84 1.38
CA ILE I 167 26.79 -53.79 1.89
C ILE I 167 25.86 -53.46 0.73
N ILE I 168 24.71 -54.14 0.71
CA ILE I 168 23.70 -53.97 -0.33
C ILE I 168 22.36 -53.76 0.34
N GLY I 169 21.62 -52.77 -0.16
CA GLY I 169 20.30 -52.46 0.37
C GLY I 169 19.23 -52.56 -0.69
N LEU I 170 18.02 -52.91 -0.25
CA LEU I 170 16.92 -53.29 -1.14
C LEU I 170 15.63 -52.60 -0.70
N MET I 171 15.41 -51.41 -1.23
CA MET I 171 14.28 -50.57 -0.86
C MET I 171 13.27 -50.56 -1.99
N ASN I 172 12.06 -51.04 -1.73
CA ASN I 172 11.02 -50.96 -2.73
C ASN I 172 10.54 -49.53 -2.85
N THR I 173 10.00 -49.20 -4.01
CA THR I 173 9.60 -47.83 -4.33
C THR I 173 8.11 -47.62 -4.24
N ALA I 174 7.37 -48.58 -3.70
CA ALA I 174 5.91 -48.46 -3.65
C ALA I 174 5.47 -47.61 -2.46
N ASP I 175 5.81 -48.05 -1.26
CA ASP I 175 5.40 -47.33 -0.05
C ASP I 175 6.16 -46.01 0.05
N ARG I 176 5.45 -44.91 -0.15
CA ARG I 176 6.11 -43.61 -0.15
C ARG I 176 6.57 -43.24 1.25
N SER I 177 5.72 -43.45 2.25
CA SER I 177 6.07 -43.14 3.64
C SER I 177 7.39 -43.81 4.01
N LEU I 178 7.50 -45.10 3.71
CA LEU I 178 8.74 -45.84 3.99
C LEU I 178 9.74 -45.56 2.87
N ALA I 179 10.25 -44.33 2.90
CA ALA I 179 11.25 -43.88 1.96
C ALA I 179 12.35 -43.20 2.76
N VAL I 180 13.58 -43.29 2.27
CA VAL I 180 14.73 -42.81 3.01
C VAL I 180 14.75 -41.29 2.96
N VAL I 181 14.57 -40.66 4.12
CA VAL I 181 14.70 -39.23 4.31
C VAL I 181 15.91 -38.90 5.17
N ASP I 182 16.76 -39.88 5.45
CA ASP I 182 17.99 -39.67 6.22
C ASP I 182 19.08 -39.37 5.20
N TYR I 183 19.14 -38.10 4.80
CA TYR I 183 20.02 -37.70 3.73
C TYR I 183 21.48 -37.89 4.11
N ALA I 184 21.77 -37.83 5.40
CA ALA I 184 23.10 -38.17 5.88
C ALA I 184 23.45 -39.61 5.56
N LEU I 185 22.45 -40.49 5.62
CA LEU I 185 22.69 -41.90 5.36
C LEU I 185 22.72 -42.18 3.87
N ARG I 186 21.89 -41.46 3.13
CA ARG I 186 21.82 -41.58 1.68
C ARG I 186 23.11 -41.17 0.98
N ARG I 187 24.04 -40.51 1.68
CA ARG I 187 25.33 -40.19 1.10
C ARG I 187 26.29 -41.36 1.16
N ARG I 188 26.14 -42.24 2.15
CA ARG I 188 26.97 -43.43 2.21
C ARG I 188 26.67 -44.36 1.04
N PHE I 189 25.41 -44.38 0.60
CA PHE I 189 24.94 -45.32 -0.41
C PHE I 189 24.83 -44.68 -1.77
N SER I 190 24.92 -45.53 -2.79
CA SER I 190 24.65 -45.16 -4.17
C SER I 190 23.43 -45.92 -4.66
N PHE I 191 22.51 -45.18 -5.26
CA PHE I 191 21.16 -45.65 -5.57
C PHE I 191 21.04 -45.97 -7.06
N ILE I 192 20.63 -47.20 -7.35
CA ILE I 192 20.58 -47.71 -8.72
C ILE I 192 19.13 -48.02 -9.05
N ASP I 193 18.54 -47.23 -9.95
CA ASP I 193 17.20 -47.51 -10.40
C ASP I 193 17.19 -48.72 -11.32
N ILE I 194 16.17 -49.55 -11.19
CA ILE I 194 15.94 -50.70 -12.06
C ILE I 194 14.58 -50.54 -12.71
N GLU I 195 14.54 -50.74 -14.00
CA GLU I 195 13.30 -50.62 -14.77
C GLU I 195 12.55 -51.94 -14.75
N PRO I 196 11.29 -51.94 -15.18
CA PRO I 196 10.50 -53.18 -15.16
C PRO I 196 11.06 -54.32 -15.99
N GLY I 197 11.71 -54.03 -17.12
CA GLY I 197 12.28 -55.06 -17.96
C GLY I 197 11.36 -55.61 -19.03
N PHE I 198 10.31 -54.88 -19.41
CA PHE I 198 9.39 -55.38 -20.42
C PHE I 198 10.04 -55.42 -21.79
N ASP I 199 10.61 -54.29 -22.20
CA ASP I 199 11.09 -54.14 -23.57
C ASP I 199 12.22 -55.11 -23.87
N THR I 200 12.95 -55.56 -22.86
CA THR I 200 14.21 -56.27 -23.10
C THR I 200 13.95 -57.56 -23.87
N PRO I 201 14.83 -57.92 -24.80
CA PRO I 201 14.65 -59.20 -25.49
C PRO I 201 14.89 -60.37 -24.58
N GLN I 202 15.79 -60.21 -23.60
CA GLN I 202 16.13 -61.31 -22.71
C GLN I 202 14.92 -61.78 -21.94
N PHE I 203 14.01 -60.86 -21.63
CA PHE I 203 12.69 -61.24 -21.14
C PHE I 203 11.88 -61.90 -22.24
N ARG I 204 11.90 -61.34 -23.44
CA ARG I 204 11.06 -61.85 -24.52
C ARG I 204 11.49 -63.26 -24.89
N ASN I 205 12.80 -63.47 -25.02
CA ASN I 205 13.33 -64.78 -25.34
C ASN I 205 12.89 -65.81 -24.31
N PHE I 206 12.78 -65.40 -23.05
CA PHE I 206 12.39 -66.32 -22.00
C PHE I 206 10.99 -66.85 -22.25
N LEU I 207 10.10 -66.01 -22.77
CA LEU I 207 8.77 -66.48 -23.12
C LEU I 207 8.78 -67.28 -24.41
N LEU I 208 9.45 -66.77 -25.45
CA LEU I 208 9.48 -67.45 -26.73
C LEU I 208 10.14 -68.81 -26.62
N ASN I 209 11.21 -68.90 -25.84
CA ASN I 209 11.80 -70.20 -25.57
C ASN I 209 10.78 -71.11 -24.89
N LYS I 210 9.92 -70.53 -24.07
CA LYS I 210 8.84 -71.26 -23.41
C LYS I 210 7.53 -71.20 -24.20
N LYS I 211 7.62 -71.59 -25.47
CA LYS I 211 6.47 -71.95 -26.29
C LYS I 211 5.48 -70.79 -26.42
N ALA I 212 5.98 -69.65 -26.86
CA ALA I 212 5.18 -68.43 -26.94
C ALA I 212 5.21 -67.85 -28.34
N GLU I 213 4.09 -67.22 -28.71
CA GLU I 213 3.97 -66.54 -29.99
C GLU I 213 4.70 -65.20 -29.94
N PRO I 214 5.45 -64.82 -30.97
CA PRO I 214 6.06 -63.49 -30.97
C PRO I 214 5.03 -62.36 -30.97
N SER I 215 3.88 -62.58 -31.61
CA SER I 215 2.85 -61.55 -31.61
C SER I 215 2.28 -61.35 -30.21
N PHE I 216 1.96 -62.46 -29.54
CA PHE I 216 1.40 -62.37 -28.19
C PHE I 216 2.42 -61.79 -27.23
N VAL I 217 3.69 -62.19 -27.37
CA VAL I 217 4.76 -61.59 -26.59
C VAL I 217 4.89 -60.11 -26.92
N GLU I 218 5.04 -59.80 -28.21
CA GLU I 218 5.22 -58.41 -28.61
C GLU I 218 4.00 -57.57 -28.32
N SER I 219 2.81 -58.18 -28.37
CA SER I 219 1.61 -57.45 -27.96
C SER I 219 1.64 -57.16 -26.47
N LEU I 220 2.09 -58.11 -25.66
CA LEU I 220 2.12 -57.94 -24.21
C LEU I 220 2.97 -56.76 -23.80
N CYS I 221 4.20 -56.70 -24.31
CA CYS I 221 5.11 -55.63 -23.94
C CYS I 221 4.57 -54.27 -24.38
N GLN I 222 3.85 -54.24 -25.50
CA GLN I 222 3.30 -52.98 -25.99
C GLN I 222 2.28 -52.43 -25.01
N LYS I 223 1.40 -53.30 -24.50
CA LYS I 223 0.36 -52.83 -23.60
C LYS I 223 0.92 -52.42 -22.25
N MET I 224 1.82 -53.23 -21.70
CA MET I 224 2.37 -52.93 -20.38
C MET I 224 3.11 -51.60 -20.43
N ASN I 225 3.90 -51.40 -21.48
CA ASN I 225 4.65 -50.17 -21.62
C ASN I 225 3.72 -48.97 -21.74
N GLU I 226 2.57 -49.15 -22.38
CA GLU I 226 1.58 -48.08 -22.41
C GLU I 226 1.09 -47.75 -21.02
N LEU I 227 0.86 -48.80 -20.24
CA LEU I 227 0.31 -48.63 -18.91
C LEU I 227 1.29 -47.93 -18.00
N ASN I 228 2.55 -48.37 -18.01
CA ASN I 228 3.54 -47.77 -17.11
C ASN I 228 3.78 -46.31 -17.45
N GLN I 229 3.62 -45.93 -18.71
CA GLN I 229 3.68 -44.52 -19.03
C GLN I 229 2.55 -43.78 -18.31
N GLU I 230 1.33 -44.34 -18.39
CA GLU I 230 0.21 -43.74 -17.69
C GLU I 230 0.43 -43.76 -16.19
N ILE I 231 1.07 -44.82 -15.69
CA ILE I 231 1.45 -44.81 -14.29
C ILE I 231 2.51 -43.76 -14.07
N SER I 232 3.48 -43.69 -14.97
CA SER I 232 4.56 -42.72 -14.85
C SER I 232 4.02 -41.31 -15.07
N LYS I 233 2.90 -41.17 -15.78
CA LYS I 233 2.35 -39.85 -16.05
C LYS I 233 2.08 -39.11 -14.76
N GLU I 234 1.38 -39.77 -13.85
CA GLU I 234 1.08 -39.15 -12.57
C GLU I 234 2.28 -39.14 -11.64
N ALA I 235 2.28 -38.17 -10.75
CA ALA I 235 3.17 -38.12 -9.62
C ALA I 235 2.43 -37.78 -8.34
N THR I 236 1.17 -37.37 -8.43
CA THR I 236 0.42 -36.97 -7.26
C THR I 236 0.27 -38.13 -6.30
N ILE I 237 -0.17 -39.27 -6.82
CA ILE I 237 -0.46 -40.46 -6.02
C ILE I 237 0.46 -41.56 -6.52
N LEU I 238 0.33 -41.88 -7.80
CA LEU I 238 1.04 -42.97 -8.44
C LEU I 238 2.19 -42.39 -9.24
N GLY I 239 3.41 -42.57 -8.73
CA GLY I 239 4.59 -42.05 -9.39
C GLY I 239 5.17 -43.03 -10.39
N LYS I 240 6.38 -42.71 -10.85
CA LYS I 240 7.09 -43.61 -11.76
C LYS I 240 7.39 -44.94 -11.09
N GLY I 241 7.73 -44.92 -9.80
CA GLY I 241 8.22 -46.13 -9.16
C GLY I 241 7.16 -47.20 -9.05
N PHE I 242 5.90 -46.80 -9.04
CA PHE I 242 4.80 -47.74 -8.85
C PHE I 242 4.65 -48.70 -10.02
N ARG I 243 5.29 -48.41 -11.15
CA ARG I 243 5.02 -49.12 -12.39
C ARG I 243 5.26 -50.61 -12.23
N ILE I 244 4.50 -51.39 -12.99
CA ILE I 244 4.32 -52.81 -12.71
C ILE I 244 5.58 -53.60 -13.04
N GLY I 245 5.89 -54.58 -12.19
CA GLY I 245 7.01 -55.46 -12.42
C GLY I 245 6.66 -56.62 -13.33
N HIS I 246 7.70 -57.34 -13.73
CA HIS I 246 7.57 -58.46 -14.64
C HIS I 246 7.48 -59.81 -13.93
N SER I 247 7.49 -59.81 -12.60
CA SER I 247 7.55 -61.08 -11.88
C SER I 247 6.28 -61.88 -12.07
N TYR I 248 5.16 -61.18 -12.24
CA TYR I 248 3.86 -61.82 -12.34
C TYR I 248 3.88 -62.79 -13.50
N PHE I 249 4.42 -62.35 -14.62
CA PHE I 249 4.43 -63.13 -15.83
C PHE I 249 5.48 -64.22 -15.77
N CYS I 250 6.56 -63.99 -15.01
CA CYS I 250 7.69 -64.91 -15.00
C CYS I 250 7.27 -66.32 -14.61
N CYS I 251 6.55 -66.45 -13.52
CA CYS I 251 6.39 -67.74 -12.86
C CYS I 251 5.03 -68.35 -13.18
N GLY I 252 4.92 -69.64 -12.86
CA GLY I 252 3.70 -70.40 -13.02
C GLY I 252 3.61 -71.20 -14.29
N LEU I 253 4.61 -71.13 -15.17
CA LEU I 253 4.62 -71.87 -16.42
C LEU I 253 5.51 -73.09 -16.37
N GLU I 254 6.00 -73.46 -15.19
CA GLU I 254 6.95 -74.55 -15.09
C GLU I 254 6.29 -75.87 -15.50
N ASP I 255 5.00 -76.03 -15.22
CA ASP I 255 4.30 -77.27 -15.52
C ASP I 255 4.29 -77.58 -17.01
N GLY I 256 4.45 -76.57 -17.86
CA GLY I 256 4.31 -76.71 -19.30
C GLY I 256 3.18 -75.89 -19.88
N THR I 257 2.43 -75.15 -19.06
CA THR I 257 1.36 -74.30 -19.58
C THR I 257 1.94 -73.23 -20.48
N SER I 258 1.54 -73.26 -21.73
CA SER I 258 2.00 -72.25 -22.67
C SER I 258 1.28 -70.93 -22.40
N PRO I 259 1.94 -69.80 -22.67
CA PRO I 259 1.31 -68.51 -22.42
C PRO I 259 0.27 -68.19 -23.47
N ASP I 260 -0.93 -67.86 -23.02
CA ASP I 260 -2.01 -67.48 -23.92
C ASP I 260 -2.97 -66.56 -23.19
N THR I 261 -3.98 -66.09 -23.92
CA THR I 261 -4.93 -65.14 -23.34
C THR I 261 -5.70 -65.77 -22.18
N GLN I 262 -5.89 -67.10 -22.21
CA GLN I 262 -6.52 -67.79 -21.09
C GLN I 262 -5.70 -67.61 -19.82
N TRP I 263 -4.41 -67.95 -19.91
CA TRP I 263 -3.51 -67.77 -18.78
C TRP I 263 -3.36 -66.31 -18.44
N LEU I 264 -3.19 -65.48 -19.45
CA LEU I 264 -3.09 -64.05 -19.23
C LEU I 264 -4.35 -63.51 -18.59
N ASN I 265 -5.50 -64.03 -19.02
CA ASN I 265 -6.78 -63.59 -18.44
C ASN I 265 -6.86 -63.94 -16.98
N GLU I 266 -6.34 -65.11 -16.61
CA GLU I 266 -6.32 -65.50 -15.21
C GLU I 266 -5.47 -64.52 -14.40
N ILE I 267 -4.35 -64.11 -14.96
CA ILE I 267 -3.46 -63.18 -14.28
C ILE I 267 -4.17 -61.86 -14.05
N VAL I 268 -4.83 -61.34 -15.08
CA VAL I 268 -5.35 -59.98 -15.02
C VAL I 268 -6.48 -59.91 -14.01
N MET I 269 -7.41 -60.86 -14.07
CA MET I 269 -8.52 -60.86 -13.15
C MET I 269 -8.04 -61.07 -11.72
N THR I 270 -7.07 -61.96 -11.55
CA THR I 270 -6.76 -62.45 -10.22
C THR I 270 -5.85 -61.50 -9.47
N ASP I 271 -4.78 -61.02 -10.09
CA ASP I 271 -3.77 -60.24 -9.42
C ASP I 271 -3.80 -58.76 -9.77
N ILE I 272 -3.69 -58.44 -11.06
CA ILE I 272 -3.56 -57.05 -11.47
C ILE I 272 -4.85 -56.29 -11.24
N ALA I 273 -5.98 -56.92 -11.48
CA ALA I 273 -7.26 -56.22 -11.42
C ALA I 273 -7.54 -55.72 -10.01
N PRO I 274 -7.27 -56.51 -8.97
CA PRO I 274 -7.30 -55.93 -7.62
C PRO I 274 -6.36 -54.76 -7.45
N LEU I 275 -5.14 -54.86 -7.96
CA LEU I 275 -4.16 -53.79 -7.78
C LEU I 275 -4.67 -52.50 -8.40
N LEU I 276 -5.30 -52.60 -9.56
CA LEU I 276 -5.69 -51.41 -10.28
C LEU I 276 -6.75 -50.64 -9.53
N GLU I 277 -7.78 -51.35 -9.06
CA GLU I 277 -8.83 -50.68 -8.32
C GLU I 277 -8.30 -50.13 -7.01
N GLU I 278 -7.33 -50.82 -6.42
CA GLU I 278 -6.63 -50.29 -5.26
C GLU I 278 -5.78 -49.10 -5.66
N TYR I 279 -5.20 -49.15 -6.85
CA TYR I 279 -4.34 -48.07 -7.32
C TYR I 279 -5.13 -46.80 -7.58
N PHE I 280 -6.25 -46.90 -8.29
CA PHE I 280 -6.95 -45.70 -8.73
C PHE I 280 -7.97 -45.21 -7.71
N PHE I 281 -8.99 -46.02 -7.44
CA PHE I 281 -10.01 -45.71 -6.45
C PHE I 281 -10.63 -44.33 -6.69
N ASP I 282 -10.76 -43.95 -7.95
CA ASP I 282 -11.47 -42.73 -8.33
C ASP I 282 -12.59 -43.00 -9.32
N ASP I 283 -12.32 -43.71 -10.41
CA ASP I 283 -13.34 -44.07 -11.40
C ASP I 283 -13.15 -45.54 -11.77
N PRO I 284 -14.20 -46.36 -11.79
CA PRO I 284 -14.04 -47.69 -12.35
C PRO I 284 -13.73 -47.69 -13.83
N TYR I 285 -14.14 -46.65 -14.57
CA TYR I 285 -13.96 -46.63 -16.02
C TYR I 285 -12.49 -46.82 -16.37
N LYS I 286 -11.62 -46.14 -15.64
CA LYS I 286 -10.19 -46.34 -15.81
C LYS I 286 -9.82 -47.78 -15.48
N GLN I 287 -10.47 -48.35 -14.47
CA GLN I 287 -10.24 -49.74 -14.13
C GLN I 287 -10.77 -50.64 -15.23
N GLN I 288 -12.00 -50.37 -15.67
CA GLN I 288 -12.61 -51.16 -16.73
C GLN I 288 -11.84 -51.00 -18.03
N LYS I 289 -11.30 -49.80 -18.25
CA LYS I 289 -10.59 -49.51 -19.49
C LYS I 289 -9.38 -50.41 -19.64
N TRP I 290 -8.43 -50.28 -18.72
CA TRP I 290 -7.13 -50.91 -18.89
C TRP I 290 -7.21 -52.41 -18.76
N THR I 291 -8.10 -52.91 -17.91
CA THR I 291 -8.28 -54.35 -17.78
C THR I 291 -8.75 -54.93 -19.11
N ASN I 292 -9.74 -54.31 -19.71
CA ASN I 292 -10.26 -54.78 -20.99
C ASN I 292 -9.21 -54.64 -22.07
N LYS I 293 -8.38 -53.61 -21.97
CA LYS I 293 -7.30 -53.43 -22.95
C LYS I 293 -6.35 -54.61 -22.93
N LEU I 294 -5.96 -55.04 -21.74
CA LEU I 294 -5.07 -56.19 -21.63
C LEU I 294 -5.77 -57.44 -22.10
N LEU I 295 -7.05 -57.57 -21.75
CA LEU I 295 -7.81 -58.75 -22.12
C LEU I 295 -8.08 -58.78 -23.63
N GLY I 296 -8.42 -57.63 -24.21
CA GLY I 296 -8.69 -57.53 -25.62
C GLY I 296 -7.44 -57.30 -26.46
N TYR J 7 -12.26 -87.34 4.08
CA TYR J 7 -13.12 -86.25 3.61
C TYR J 7 -13.25 -86.27 2.09
N CYS J 8 -14.29 -85.61 1.59
CA CYS J 8 -14.56 -85.54 0.16
C CYS J 8 -15.02 -84.12 -0.19
N LEU J 9 -14.92 -83.80 -1.47
CA LEU J 9 -15.26 -82.47 -1.93
C LEU J 9 -16.75 -82.17 -1.75
N GLU J 10 -17.60 -83.14 -2.07
CA GLU J 10 -19.03 -82.85 -2.15
C GLU J 10 -19.63 -82.55 -0.78
N ASP J 11 -19.00 -83.03 0.30
CA ASP J 11 -19.47 -82.74 1.64
C ASP J 11 -19.52 -81.23 1.88
N ALA J 12 -18.49 -80.52 1.44
CA ALA J 12 -18.46 -79.08 1.63
C ALA J 12 -19.48 -78.37 0.75
N LEU J 13 -19.56 -78.78 -0.52
CA LEU J 13 -20.34 -78.04 -1.51
C LEU J 13 -21.83 -78.08 -1.26
N ASN J 14 -22.31 -79.01 -0.44
CA ASN J 14 -23.76 -79.17 -0.24
C ASN J 14 -24.38 -77.91 0.32
N ASP J 15 -23.75 -77.33 1.35
CA ASP J 15 -24.28 -76.18 2.06
C ASP J 15 -23.69 -74.86 1.57
N LEU J 16 -22.78 -74.91 0.60
CA LEU J 16 -22.03 -73.73 0.18
C LEU J 16 -22.78 -72.99 -0.92
N PHE J 17 -22.97 -71.69 -0.73
CA PHE J 17 -23.67 -70.87 -1.68
C PHE J 17 -22.77 -70.36 -2.80
N ILE J 18 -21.47 -70.33 -2.57
CA ILE J 18 -20.53 -69.84 -3.60
C ILE J 18 -20.48 -70.84 -4.74
N PRO J 19 -20.33 -70.42 -5.99
CA PRO J 19 -20.17 -71.40 -7.08
C PRO J 19 -18.89 -72.21 -6.91
N GLU J 20 -18.91 -73.40 -7.50
CA GLU J 20 -17.71 -74.22 -7.55
C GLU J 20 -16.66 -73.59 -8.45
N THR J 21 -17.08 -72.84 -9.46
CA THR J 21 -16.14 -72.22 -10.39
C THR J 21 -15.14 -71.35 -9.66
N THR J 22 -15.63 -70.56 -8.71
CA THR J 22 -14.75 -69.78 -7.86
C THR J 22 -13.88 -70.69 -7.01
N ILE J 23 -14.48 -71.77 -6.50
CA ILE J 23 -13.77 -72.70 -5.63
C ILE J 23 -12.65 -73.39 -6.39
N GLU J 24 -12.92 -73.77 -7.63
CA GLU J 24 -11.89 -74.40 -8.45
C GLU J 24 -10.78 -73.41 -8.75
N THR J 25 -11.14 -72.17 -9.03
CA THR J 25 -10.13 -71.12 -9.22
C THR J 25 -9.28 -70.98 -7.97
N ILE J 26 -9.88 -71.13 -6.81
CA ILE J 26 -9.20 -70.90 -5.56
C ILE J 26 -8.13 -71.96 -5.31
N LEU J 27 -8.51 -73.22 -5.39
CA LEU J 27 -7.56 -74.27 -5.08
C LEU J 27 -6.46 -74.34 -6.12
N LYS J 28 -6.75 -73.91 -7.35
CA LYS J 28 -5.73 -73.86 -8.38
C LYS J 28 -4.63 -72.87 -8.00
N ARG J 29 -5.03 -71.67 -7.59
CA ARG J 29 -4.05 -70.68 -7.16
C ARG J 29 -3.31 -71.15 -5.93
N LEU J 30 -4.05 -71.64 -4.94
CA LEU J 30 -3.44 -71.94 -3.65
C LEU J 30 -2.40 -73.03 -3.77
N THR J 31 -2.64 -74.00 -4.65
CA THR J 31 -1.62 -75.03 -4.87
C THR J 31 -0.39 -74.42 -5.50
N ILE J 32 -0.57 -73.37 -6.29
CA ILE J 32 0.52 -72.70 -6.98
C ILE J 32 1.16 -71.69 -6.03
N LYS J 33 0.37 -70.68 -5.65
CA LYS J 33 0.92 -69.53 -4.95
C LYS J 33 1.33 -69.85 -3.52
N LYS J 34 0.56 -70.68 -2.82
CA LYS J 34 0.74 -71.01 -1.41
C LYS J 34 0.42 -69.85 -0.47
N ASN J 35 0.03 -68.69 -1.00
CA ASN J 35 -0.40 -67.54 -0.21
C ASN J 35 -1.58 -66.93 -0.96
N ILE J 36 -2.68 -66.72 -0.26
CA ILE J 36 -3.89 -66.18 -0.87
C ILE J 36 -4.59 -65.25 0.11
N ILE J 37 -5.41 -64.37 -0.45
CA ILE J 37 -6.24 -63.47 0.33
C ILE J 37 -7.66 -63.47 -0.20
N LEU J 38 -8.61 -63.73 0.67
CA LEU J 38 -10.03 -63.77 0.35
C LEU J 38 -10.67 -62.50 0.89
N GLN J 39 -11.20 -61.66 -0.01
CA GLN J 39 -11.75 -60.37 0.36
C GLN J 39 -13.21 -60.27 -0.02
N GLY J 40 -14.05 -59.90 0.95
CA GLY J 40 -15.44 -59.62 0.72
C GLY J 40 -16.08 -58.94 1.91
N PRO J 41 -17.36 -58.58 1.81
CA PRO J 41 -18.07 -58.05 2.98
C PRO J 41 -18.22 -59.10 4.06
N PRO J 42 -18.54 -58.68 5.28
CA PRO J 42 -18.86 -59.64 6.35
C PRO J 42 -20.17 -60.34 6.07
N GLY J 43 -20.21 -61.62 6.40
CA GLY J 43 -21.42 -62.40 6.31
C GLY J 43 -21.54 -63.19 5.04
N VAL J 44 -20.42 -63.55 4.43
CA VAL J 44 -20.39 -64.27 3.17
C VAL J 44 -19.62 -65.58 3.29
N GLY J 45 -19.26 -65.98 4.51
CA GLY J 45 -18.71 -67.28 4.72
C GLY J 45 -17.22 -67.39 4.51
N LYS J 46 -16.48 -66.30 4.63
CA LYS J 46 -15.02 -66.39 4.55
C LYS J 46 -14.52 -67.32 5.65
N THR J 47 -14.94 -67.05 6.88
CA THR J 47 -14.62 -67.95 7.97
C THR J 47 -15.26 -69.31 7.74
N PHE J 48 -16.43 -69.34 7.10
CA PHE J 48 -17.15 -70.58 6.87
C PHE J 48 -16.39 -71.48 5.91
N VAL J 49 -15.98 -70.94 4.75
CA VAL J 49 -15.33 -71.76 3.74
C VAL J 49 -13.97 -72.25 4.23
N ALA J 50 -13.27 -71.39 4.99
CA ALA J 50 -11.84 -71.59 5.20
C ALA J 50 -11.56 -72.89 5.93
N ARG J 51 -12.36 -73.20 6.94
CA ARG J 51 -12.17 -74.47 7.64
C ARG J 51 -12.50 -75.64 6.72
N ARG J 52 -13.52 -75.46 5.89
CA ARG J 52 -13.86 -76.49 4.91
C ARG J 52 -12.73 -76.65 3.91
N LEU J 53 -12.22 -75.53 3.39
CA LEU J 53 -11.26 -75.54 2.29
C LEU J 53 -9.98 -76.27 2.63
N ALA J 54 -9.53 -76.16 3.88
CA ALA J 54 -8.27 -76.79 4.27
C ALA J 54 -8.34 -78.31 4.10
N TYR J 55 -9.44 -78.90 4.56
CA TYR J 55 -9.59 -80.34 4.48
C TYR J 55 -9.74 -80.79 3.03
N LEU J 56 -10.26 -79.91 2.17
CA LEU J 56 -10.27 -80.20 0.74
C LEU J 56 -8.84 -80.29 0.21
N LEU J 57 -8.04 -79.28 0.50
CA LEU J 57 -6.70 -79.21 -0.06
C LEU J 57 -5.85 -80.38 0.41
N THR J 58 -5.92 -80.68 1.71
CA THR J 58 -5.28 -81.89 2.19
C THR J 58 -6.00 -83.13 1.67
N GLY J 59 -7.31 -83.01 1.44
CA GLY J 59 -8.11 -84.15 1.04
C GLY J 59 -8.56 -85.00 2.19
N GLU J 60 -8.08 -84.74 3.40
CA GLU J 60 -8.42 -85.50 4.59
C GLU J 60 -8.71 -84.52 5.71
N LYS J 61 -9.68 -84.85 6.55
CA LYS J 61 -10.15 -83.94 7.59
C LYS J 61 -9.23 -84.09 8.81
N ALA J 62 -8.06 -83.48 8.70
CA ALA J 62 -7.09 -83.46 9.79
C ALA J 62 -7.01 -82.04 10.36
N PRO J 63 -7.56 -81.76 11.53
CA PRO J 63 -7.42 -80.41 12.09
C PRO J 63 -6.08 -80.13 12.73
N GLN J 64 -5.36 -81.17 13.16
CA GLN J 64 -4.05 -80.95 13.76
C GLN J 64 -3.11 -80.25 12.78
N ARG J 65 -3.25 -80.56 11.50
CA ARG J 65 -2.47 -79.91 10.46
C ARG J 65 -2.99 -78.52 10.13
N VAL J 66 -4.11 -78.13 10.73
CA VAL J 66 -4.75 -76.84 10.50
C VAL J 66 -4.53 -75.97 11.73
N ASN J 67 -4.12 -74.72 11.50
CA ASN J 67 -4.04 -73.73 12.55
C ASN J 67 -4.84 -72.52 12.13
N MET J 68 -5.69 -72.04 13.03
CA MET J 68 -6.61 -70.93 12.77
C MET J 68 -6.44 -69.87 13.83
N VAL J 69 -6.19 -68.63 13.40
CA VAL J 69 -5.96 -67.52 14.31
C VAL J 69 -6.64 -66.26 13.79
N GLN J 70 -6.93 -65.35 14.71
CA GLN J 70 -7.43 -64.02 14.41
C GLN J 70 -6.42 -62.99 14.88
N PHE J 71 -5.88 -62.22 13.94
CA PHE J 71 -4.99 -61.13 14.30
C PHE J 71 -5.77 -59.95 14.89
N HIS J 72 -5.01 -59.04 15.50
CA HIS J 72 -5.54 -57.79 16.02
C HIS J 72 -4.35 -56.92 16.40
N GLN J 73 -4.67 -55.68 16.79
CA GLN J 73 -3.64 -54.69 17.11
C GLN J 73 -2.62 -55.21 18.12
N SER J 74 -3.09 -55.96 19.12
CA SER J 74 -2.19 -56.45 20.15
C SER J 74 -1.63 -57.81 19.74
N TYR J 75 -0.93 -57.79 18.62
CA TYR J 75 -0.26 -58.96 18.10
C TYR J 75 1.02 -58.51 17.41
N SER J 76 2.11 -59.21 17.67
CA SER J 76 3.41 -58.81 17.16
C SER J 76 4.26 -60.00 16.79
N TYR J 77 5.36 -59.68 16.11
CA TYR J 77 6.39 -60.64 15.75
C TYR J 77 6.83 -61.47 16.94
N GLU J 78 6.82 -60.85 18.13
CA GLU J 78 7.20 -61.55 19.34
C GLU J 78 6.22 -62.67 19.67
N ASP J 79 4.94 -62.41 19.45
CA ASP J 79 3.94 -63.44 19.69
C ASP J 79 3.91 -64.44 18.55
N PHE J 80 3.96 -63.94 17.32
CA PHE J 80 3.80 -64.78 16.15
C PHE J 80 5.00 -65.68 15.94
N ILE J 81 6.19 -65.09 15.84
CA ILE J 81 7.38 -65.79 15.39
C ILE J 81 8.32 -66.13 16.54
N GLN J 82 8.94 -65.12 17.12
CA GLN J 82 9.91 -65.33 18.19
C GLN J 82 10.03 -64.08 19.02
N GLY J 83 10.29 -64.28 20.30
CA GLY J 83 10.37 -63.19 21.24
C GLY J 83 10.65 -63.73 22.61
N TYR J 84 11.10 -62.82 23.47
CA TYR J 84 11.52 -63.18 24.82
C TYR J 84 10.39 -62.88 25.77
N ARG J 85 9.99 -63.88 26.56
CA ARG J 85 8.84 -63.75 27.44
C ARG J 85 9.16 -64.41 28.77
N PRO J 86 8.42 -64.06 29.82
CA PRO J 86 8.78 -64.55 31.16
C PRO J 86 8.27 -65.96 31.40
N ASN J 87 9.18 -66.87 31.68
CA ASN J 87 8.80 -68.15 32.26
C ASN J 87 8.37 -67.94 33.71
N GLY J 88 9.02 -67.00 34.40
CA GLY J 88 8.88 -66.84 35.83
C GLY J 88 9.89 -65.81 36.26
N VAL J 89 10.73 -66.17 37.23
CA VAL J 89 11.87 -65.33 37.59
C VAL J 89 12.71 -65.03 36.36
N GLY J 90 12.90 -66.02 35.50
CA GLY J 90 13.81 -65.91 34.36
C GLY J 90 13.02 -65.81 33.06
N PHE J 91 13.47 -64.90 32.20
CA PHE J 91 12.91 -64.76 30.87
C PHE J 91 13.45 -65.88 29.99
N ARG J 92 12.69 -66.22 28.96
CA ARG J 92 13.13 -67.23 28.00
C ARG J 92 12.74 -66.80 26.60
N ARG J 93 13.43 -67.38 25.64
CA ARG J 93 13.06 -67.21 24.24
C ARG J 93 11.90 -68.14 23.95
N LYS J 94 10.79 -67.58 23.49
CA LYS J 94 9.58 -68.34 23.27
C LYS J 94 9.35 -68.39 21.77
N ASP J 95 9.47 -69.58 21.20
CA ASP J 95 9.17 -69.76 19.79
C ASP J 95 7.69 -69.50 19.57
N GLY J 96 7.40 -68.54 18.71
CA GLY J 96 6.03 -68.15 18.49
C GLY J 96 5.24 -69.26 17.82
N ILE J 97 3.97 -68.97 17.59
CA ILE J 97 3.04 -70.00 17.16
C ILE J 97 3.34 -70.42 15.73
N PHE J 98 3.63 -69.47 14.86
CA PHE J 98 3.90 -69.80 13.48
C PHE J 98 5.18 -70.60 13.34
N TYR J 99 6.19 -70.23 14.12
CA TYR J 99 7.44 -70.98 14.13
C TYR J 99 7.21 -72.42 14.53
N ASN J 100 6.37 -72.65 15.54
CA ASN J 100 6.07 -74.01 15.96
C ASN J 100 5.32 -74.76 14.86
N PHE J 101 4.42 -74.06 14.18
CA PHE J 101 3.63 -74.69 13.13
C PHE J 101 4.52 -75.16 11.99
N CYS J 102 5.50 -74.34 11.63
CA CYS J 102 6.40 -74.67 10.53
C CYS J 102 7.24 -75.90 10.82
N GLN J 103 7.65 -76.07 12.07
CA GLN J 103 8.41 -77.25 12.44
C GLN J 103 7.57 -78.50 12.31
N GLN J 104 6.29 -78.42 12.68
CA GLN J 104 5.41 -79.57 12.56
C GLN J 104 5.29 -80.02 11.11
N ALA J 105 5.13 -79.07 10.20
CA ALA J 105 5.00 -79.42 8.78
C ALA J 105 6.28 -80.05 8.25
N LYS J 106 7.43 -79.61 8.78
CA LYS J 106 8.70 -80.19 8.34
C LYS J 106 8.76 -81.67 8.63
N GLU J 107 8.17 -82.09 9.76
CA GLU J 107 8.22 -83.49 10.16
C GLU J 107 7.57 -84.38 9.11
N GLN J 108 6.50 -83.90 8.49
CA GLN J 108 5.76 -84.64 7.47
C GLN J 108 5.71 -83.74 6.25
N PRO J 109 6.75 -83.75 5.41
CA PRO J 109 6.76 -82.84 4.26
C PRO J 109 5.67 -83.14 3.26
N GLU J 110 5.23 -84.39 3.18
CA GLU J 110 4.24 -84.78 2.17
C GLU J 110 2.91 -84.08 2.43
N LYS J 111 2.45 -84.11 3.67
CA LYS J 111 1.13 -83.61 4.01
C LYS J 111 1.12 -82.10 4.06
N LYS J 112 0.09 -81.51 3.49
CA LYS J 112 -0.04 -80.07 3.46
C LYS J 112 -0.50 -79.59 4.84
N TYR J 113 0.11 -78.51 5.32
CA TYR J 113 -0.22 -77.91 6.60
C TYR J 113 -0.68 -76.49 6.34
N ILE J 114 -1.75 -76.08 6.99
CA ILE J 114 -2.48 -74.88 6.61
C ILE J 114 -2.65 -73.98 7.82
N PHE J 115 -2.42 -72.69 7.60
CA PHE J 115 -2.49 -71.65 8.62
C PHE J 115 -3.52 -70.63 8.19
N ILE J 116 -4.50 -70.38 9.05
CA ILE J 116 -5.67 -69.57 8.69
C ILE J 116 -5.67 -68.33 9.56
N ILE J 117 -5.68 -67.16 8.93
CA ILE J 117 -5.62 -65.89 9.61
C ILE J 117 -6.92 -65.15 9.34
N ASP J 118 -7.78 -65.05 10.35
CA ASP J 118 -9.00 -64.28 10.24
C ASP J 118 -8.74 -62.82 10.61
N GLU J 119 -9.40 -61.92 9.87
CA GLU J 119 -9.26 -60.48 10.07
C GLU J 119 -7.79 -60.08 10.03
N ILE J 120 -7.10 -60.56 9.01
CA ILE J 120 -5.68 -60.29 8.86
C ILE J 120 -5.42 -58.80 8.69
N ASN J 121 -6.31 -58.10 7.99
CA ASN J 121 -6.07 -56.71 7.64
C ASN J 121 -5.99 -55.79 8.85
N ARG J 122 -6.40 -56.26 10.03
CA ARG J 122 -6.36 -55.38 11.19
C ARG J 122 -4.93 -55.14 11.63
N ALA J 123 -4.24 -56.20 12.06
CA ALA J 123 -2.90 -56.04 12.60
C ALA J 123 -1.91 -55.57 11.55
N ASN J 124 -0.89 -54.86 12.00
CA ASN J 124 0.16 -54.40 11.11
C ASN J 124 0.99 -55.55 10.59
N LEU J 125 0.63 -56.03 9.41
CA LEU J 125 1.27 -57.19 8.83
C LEU J 125 2.73 -56.91 8.57
N SER J 126 3.04 -55.66 8.21
CA SER J 126 4.40 -55.28 7.92
C SER J 126 5.30 -55.56 9.11
N LYS J 127 4.84 -55.23 10.30
CA LYS J 127 5.65 -55.50 11.48
C LYS J 127 5.63 -56.97 11.84
N VAL J 128 4.49 -57.65 11.65
CA VAL J 128 4.36 -59.00 12.16
C VAL J 128 5.16 -59.97 11.32
N PHE J 129 4.95 -59.93 10.00
CA PHE J 129 5.63 -60.90 9.16
C PHE J 129 7.12 -60.61 9.08
N GLY J 130 7.46 -59.41 8.65
CA GLY J 130 8.84 -58.99 8.65
C GLY J 130 9.74 -59.90 7.85
N GLU J 131 10.51 -60.70 8.60
CA GLU J 131 11.42 -61.66 8.00
C GLU J 131 10.66 -62.60 7.09
N VAL J 132 9.44 -62.95 7.50
CA VAL J 132 8.59 -63.84 6.74
C VAL J 132 8.13 -63.22 5.44
N MET J 133 8.05 -61.88 5.38
CA MET J 133 7.45 -61.22 4.24
C MET J 133 8.17 -61.56 2.96
N MET J 134 9.48 -61.78 3.04
CA MET J 134 10.26 -62.26 1.92
C MET J 134 10.13 -63.76 1.78
N LEU J 135 10.23 -64.47 2.92
CA LEU J 135 10.36 -65.92 2.90
C LEU J 135 9.12 -66.60 2.34
N MET J 136 7.94 -66.06 2.61
CA MET J 136 6.70 -66.78 2.37
C MET J 136 6.43 -67.05 0.89
N GLU J 137 7.09 -66.33 -0.01
CA GLU J 137 6.74 -66.43 -1.42
C GLU J 137 7.05 -67.80 -1.99
N HIS J 138 6.28 -68.16 -3.01
CA HIS J 138 6.24 -69.52 -3.53
C HIS J 138 7.58 -69.99 -4.07
N ASP J 139 8.39 -69.10 -4.64
CA ASP J 139 9.66 -69.50 -5.24
C ASP J 139 10.83 -69.45 -4.29
N LYS J 140 10.63 -68.90 -3.09
CA LYS J 140 11.73 -68.65 -2.17
C LYS J 140 11.69 -69.57 -0.96
N ARG J 141 10.81 -70.57 -0.96
CA ARG J 141 10.73 -71.50 0.15
C ARG J 141 11.80 -72.57 0.03
N GLY J 142 12.32 -72.98 1.19
CA GLY J 142 13.33 -74.01 1.28
C GLY J 142 14.59 -73.51 1.95
N GLU J 143 15.45 -74.47 2.27
CA GLU J 143 16.65 -74.19 3.05
C GLU J 143 17.62 -73.29 2.30
N ASN J 144 17.56 -73.29 0.96
CA ASN J 144 18.48 -72.47 0.18
C ASN J 144 18.31 -71.00 0.53
N TRP J 145 17.09 -70.61 0.84
CA TRP J 145 16.75 -69.25 1.21
C TRP J 145 16.60 -69.10 2.72
N SER J 146 17.21 -70.01 3.48
CA SER J 146 17.13 -69.94 4.94
C SER J 146 17.73 -68.65 5.43
N VAL J 147 17.08 -68.04 6.42
CA VAL J 147 17.47 -66.73 6.94
C VAL J 147 17.59 -66.80 8.46
N PRO J 148 18.61 -66.21 9.08
CA PRO J 148 18.60 -66.05 10.53
C PRO J 148 17.70 -64.90 10.96
N LEU J 149 17.04 -65.10 12.10
CA LEU J 149 16.10 -64.14 12.63
C LEU J 149 16.79 -63.06 13.45
N THR J 150 15.98 -62.12 13.93
CA THR J 150 16.45 -61.04 14.78
C THR J 150 17.06 -61.61 16.05
N TYR J 151 16.33 -62.50 16.71
CA TYR J 151 16.72 -63.04 18.00
C TYR J 151 17.45 -64.36 17.88
N SER J 152 17.91 -64.71 16.69
CA SER J 152 18.66 -65.94 16.54
C SER J 152 20.02 -65.80 17.20
N GLU J 153 20.48 -66.87 17.84
CA GLU J 153 21.71 -66.81 18.61
C GLU J 153 22.90 -66.52 17.71
N ASN J 154 22.90 -67.08 16.51
CA ASN J 154 23.99 -66.89 15.56
C ASN J 154 23.41 -66.96 14.16
N ASP J 155 24.27 -66.67 13.18
CA ASP J 155 23.84 -66.72 11.79
C ASP J 155 23.39 -68.13 11.38
N GLU J 156 23.94 -69.16 12.01
CA GLU J 156 23.62 -70.52 11.60
C GLU J 156 22.18 -70.88 11.90
N GLU J 157 21.65 -70.41 13.02
CA GLU J 157 20.24 -70.62 13.32
C GLU J 157 19.41 -69.83 12.32
N ARG J 158 18.67 -70.55 11.48
CA ARG J 158 17.97 -69.96 10.36
C ARG J 158 16.60 -70.61 10.21
N PHE J 159 15.68 -69.86 9.63
CA PHE J 159 14.29 -70.28 9.47
C PHE J 159 13.93 -70.25 8.00
N TYR J 160 13.42 -71.37 7.49
CA TYR J 160 12.99 -71.49 6.10
C TYR J 160 11.57 -72.01 6.10
N VAL J 161 10.73 -71.44 5.27
CA VAL J 161 9.35 -71.91 5.17
C VAL J 161 9.33 -73.26 4.47
N PRO J 162 8.61 -74.26 4.97
CA PRO J 162 8.45 -75.50 4.20
C PRO J 162 7.60 -75.28 2.96
N GLU J 163 7.85 -76.14 1.98
CA GLU J 163 7.08 -76.07 0.74
C GLU J 163 5.63 -76.49 0.95
N ASN J 164 5.38 -77.44 1.84
CA ASN J 164 4.02 -77.96 1.98
C ASN J 164 3.05 -76.92 2.50
N VAL J 165 3.57 -75.90 3.20
CA VAL J 165 2.69 -74.96 3.89
C VAL J 165 1.86 -74.18 2.90
N TYR J 166 0.58 -73.99 3.25
CA TYR J 166 -0.33 -73.12 2.52
C TYR J 166 -0.90 -72.07 3.46
N ILE J 167 -0.95 -70.83 2.98
CA ILE J 167 -1.35 -69.68 3.77
C ILE J 167 -2.66 -69.13 3.23
N ILE J 168 -3.55 -68.76 4.15
CA ILE J 168 -4.86 -68.21 3.83
C ILE J 168 -5.01 -66.87 4.52
N GLY J 169 -5.44 -65.87 3.76
CA GLY J 169 -5.65 -64.52 4.27
C GLY J 169 -7.12 -64.15 4.14
N LEU J 170 -7.67 -63.62 5.24
CA LEU J 170 -9.09 -63.26 5.31
C LEU J 170 -9.19 -61.81 5.74
N MET J 171 -9.76 -60.97 4.88
CA MET J 171 -9.81 -59.53 5.10
C MET J 171 -11.15 -59.01 4.63
N ASN J 172 -11.88 -58.33 5.51
CA ASN J 172 -13.13 -57.74 5.10
C ASN J 172 -12.85 -56.47 4.30
N THR J 173 -13.78 -56.17 3.40
CA THR J 173 -13.69 -55.02 2.53
C THR J 173 -14.54 -53.85 2.99
N ALA J 174 -15.06 -53.92 4.22
CA ALA J 174 -15.95 -52.87 4.68
C ALA J 174 -15.20 -51.59 5.01
N ASP J 175 -13.99 -51.71 5.56
CA ASP J 175 -13.22 -50.56 6.03
C ASP J 175 -12.06 -50.28 5.09
N ARG J 176 -12.06 -49.09 4.53
CA ARG J 176 -10.93 -48.66 3.72
C ARG J 176 -9.76 -48.27 4.60
N SER J 177 -10.05 -47.90 5.84
CA SER J 177 -9.01 -47.64 6.81
C SER J 177 -8.07 -48.84 6.93
N LEU J 178 -8.64 -50.01 7.24
CA LEU J 178 -7.85 -51.22 7.35
C LEU J 178 -7.87 -51.89 6.00
N ALA J 179 -6.81 -51.67 5.25
CA ALA J 179 -6.59 -52.33 3.97
C ALA J 179 -5.11 -52.61 3.84
N VAL J 180 -4.77 -53.60 3.02
CA VAL J 180 -3.39 -53.96 2.80
C VAL J 180 -2.85 -53.04 1.73
N VAL J 181 -2.38 -51.87 2.15
CA VAL J 181 -1.84 -50.92 1.20
C VAL J 181 -0.42 -51.26 0.78
N ASP J 182 0.28 -52.07 1.58
CA ASP J 182 1.64 -52.45 1.23
C ASP J 182 1.60 -53.31 -0.02
N TYR J 183 1.96 -52.70 -1.14
CA TYR J 183 1.79 -53.38 -2.40
C TYR J 183 2.76 -54.53 -2.52
N ALA J 184 3.92 -54.41 -1.87
CA ALA J 184 4.86 -55.52 -1.82
C ALA J 184 4.24 -56.70 -1.12
N LEU J 185 3.52 -56.43 -0.05
CA LEU J 185 2.82 -57.50 0.63
C LEU J 185 1.71 -58.06 -0.24
N ARG J 186 1.14 -57.19 -1.08
CA ARG J 186 0.08 -57.61 -2.00
C ARG J 186 0.59 -58.64 -2.99
N ARG J 187 1.87 -58.56 -3.37
CA ARG J 187 2.40 -59.42 -4.41
C ARG J 187 2.46 -60.87 -3.96
N ARG J 188 2.84 -61.10 -2.71
CA ARG J 188 2.94 -62.47 -2.22
C ARG J 188 1.58 -63.16 -2.24
N PHE J 189 0.54 -62.43 -1.89
CA PHE J 189 -0.81 -62.97 -1.79
C PHE J 189 -1.57 -62.84 -3.10
N SER J 190 -2.28 -63.91 -3.45
CA SER J 190 -3.15 -63.91 -4.61
C SER J 190 -4.56 -63.60 -4.14
N PHE J 191 -5.12 -62.50 -4.61
CA PHE J 191 -6.36 -61.94 -4.08
C PHE J 191 -7.55 -62.43 -4.89
N ILE J 192 -8.47 -63.12 -4.23
CA ILE J 192 -9.67 -63.65 -4.88
C ILE J 192 -10.88 -63.04 -4.18
N ASP J 193 -11.59 -62.19 -4.90
CA ASP J 193 -12.80 -61.60 -4.38
C ASP J 193 -13.88 -62.65 -4.20
N ILE J 194 -14.72 -62.45 -3.19
CA ILE J 194 -15.87 -63.28 -2.94
C ILE J 194 -17.08 -62.37 -2.85
N GLU J 195 -18.16 -62.79 -3.46
CA GLU J 195 -19.35 -61.99 -3.63
C GLU J 195 -20.47 -62.53 -2.75
N PRO J 196 -21.51 -61.74 -2.47
CA PRO J 196 -22.60 -62.25 -1.62
C PRO J 196 -23.31 -63.48 -2.19
N GLY J 197 -23.46 -63.58 -3.50
CA GLY J 197 -24.06 -64.76 -4.10
C GLY J 197 -25.50 -65.03 -3.72
N PHE J 198 -26.34 -63.98 -3.67
CA PHE J 198 -27.77 -64.18 -3.46
C PHE J 198 -28.37 -64.98 -4.60
N ASP J 199 -28.14 -64.55 -5.83
CA ASP J 199 -28.74 -65.18 -7.00
C ASP J 199 -27.95 -66.45 -7.34
N THR J 200 -28.14 -67.45 -6.49
CA THR J 200 -27.51 -68.74 -6.63
C THR J 200 -28.54 -69.83 -6.36
N PRO J 201 -28.40 -71.01 -6.98
CA PRO J 201 -29.34 -72.08 -6.64
C PRO J 201 -29.18 -72.56 -5.22
N GLN J 202 -27.93 -72.76 -4.79
CA GLN J 202 -27.68 -73.44 -3.52
C GLN J 202 -28.19 -72.61 -2.35
N PHE J 203 -28.16 -71.29 -2.50
CA PHE J 203 -28.78 -70.43 -1.50
C PHE J 203 -30.29 -70.63 -1.50
N ARG J 204 -30.87 -70.69 -2.70
CA ARG J 204 -32.32 -70.89 -2.81
C ARG J 204 -32.73 -72.29 -2.38
N ASN J 205 -31.96 -73.30 -2.80
CA ASN J 205 -32.28 -74.68 -2.42
C ASN J 205 -32.30 -74.85 -0.92
N PHE J 206 -31.40 -74.14 -0.23
CA PHE J 206 -31.36 -74.21 1.22
C PHE J 206 -32.65 -73.70 1.83
N LEU J 207 -33.20 -72.63 1.26
CA LEU J 207 -34.45 -72.07 1.76
C LEU J 207 -35.63 -72.98 1.42
N LEU J 208 -35.73 -73.41 0.17
CA LEU J 208 -36.82 -74.29 -0.23
C LEU J 208 -36.75 -75.59 0.54
N ASN J 209 -35.54 -76.09 0.77
CA ASN J 209 -35.38 -77.28 1.60
C ASN J 209 -35.98 -77.04 2.97
N LYS J 210 -35.87 -75.81 3.48
CA LYS J 210 -36.52 -75.42 4.73
C LYS J 210 -37.86 -74.75 4.48
N LYS J 211 -38.67 -75.41 3.64
CA LYS J 211 -40.08 -75.10 3.47
C LYS J 211 -40.35 -73.62 3.18
N ALA J 212 -39.70 -73.11 2.14
CA ALA J 212 -39.81 -71.71 1.77
C ALA J 212 -40.58 -71.59 0.45
N GLU J 213 -41.28 -70.48 0.30
CA GLU J 213 -42.05 -70.26 -0.91
C GLU J 213 -41.12 -69.92 -2.07
N PRO J 214 -41.21 -70.59 -3.22
CA PRO J 214 -40.41 -70.15 -4.37
C PRO J 214 -40.76 -68.73 -4.82
N SER J 215 -42.01 -68.31 -4.66
CA SER J 215 -42.37 -66.95 -5.01
C SER J 215 -41.67 -65.95 -4.11
N PHE J 216 -41.67 -66.23 -2.81
CA PHE J 216 -41.04 -65.34 -1.85
C PHE J 216 -39.54 -65.29 -2.09
N VAL J 217 -38.95 -66.44 -2.43
CA VAL J 217 -37.53 -66.54 -2.69
C VAL J 217 -37.14 -65.67 -3.88
N GLU J 218 -37.86 -65.80 -4.99
CA GLU J 218 -37.54 -65.02 -6.18
C GLU J 218 -37.73 -63.54 -5.93
N SER J 219 -38.73 -63.20 -5.14
CA SER J 219 -38.88 -61.81 -4.74
C SER J 219 -37.69 -61.37 -3.91
N LEU J 220 -37.21 -62.25 -3.03
CA LEU J 220 -36.14 -61.89 -2.11
C LEU J 220 -34.82 -61.64 -2.85
N CYS J 221 -34.39 -62.62 -3.64
CA CYS J 221 -33.08 -62.53 -4.28
C CYS J 221 -33.01 -61.37 -5.24
N GLN J 222 -34.09 -61.14 -5.99
CA GLN J 222 -34.12 -60.02 -6.92
C GLN J 222 -33.94 -58.71 -6.20
N LYS J 223 -34.56 -58.58 -5.02
CA LYS J 223 -34.51 -57.33 -4.29
C LYS J 223 -33.11 -56.99 -3.84
N MET J 224 -32.44 -57.95 -3.20
CA MET J 224 -31.12 -57.70 -2.67
C MET J 224 -30.12 -57.47 -3.80
N ASN J 225 -30.29 -58.23 -4.87
CA ASN J 225 -29.44 -58.06 -6.05
C ASN J 225 -29.49 -56.64 -6.56
N GLU J 226 -30.68 -56.05 -6.59
CA GLU J 226 -30.77 -54.66 -7.00
C GLU J 226 -30.13 -53.74 -5.97
N LEU J 227 -30.38 -54.02 -4.69
CA LEU J 227 -29.84 -53.18 -3.64
C LEU J 227 -28.32 -53.27 -3.59
N ASN J 228 -27.78 -54.49 -3.66
CA ASN J 228 -26.33 -54.64 -3.64
C ASN J 228 -25.71 -53.94 -4.82
N GLN J 229 -26.36 -53.99 -5.98
CA GLN J 229 -25.86 -53.30 -7.14
C GLN J 229 -25.86 -51.80 -6.92
N GLU J 230 -26.87 -51.30 -6.20
CA GLU J 230 -26.89 -49.89 -5.84
C GLU J 230 -25.69 -49.54 -4.97
N ILE J 231 -25.30 -50.46 -4.10
CA ILE J 231 -24.15 -50.21 -3.23
C ILE J 231 -22.87 -50.12 -4.05
N SER J 232 -22.71 -51.03 -5.00
CA SER J 232 -21.50 -51.05 -5.82
C SER J 232 -21.40 -49.80 -6.69
N LYS J 233 -22.54 -49.20 -7.03
CA LYS J 233 -22.55 -48.04 -7.90
C LYS J 233 -21.71 -46.90 -7.32
N GLU J 234 -21.95 -46.57 -6.07
CA GLU J 234 -21.33 -45.41 -5.43
C GLU J 234 -19.96 -45.81 -4.85
N ALA J 235 -19.08 -46.23 -5.76
CA ALA J 235 -17.77 -46.72 -5.34
C ALA J 235 -16.95 -45.64 -4.63
N THR J 236 -17.16 -44.38 -5.01
CA THR J 236 -16.51 -43.28 -4.30
C THR J 236 -16.96 -43.28 -2.85
N ILE J 237 -18.26 -43.44 -2.65
CA ILE J 237 -18.82 -43.42 -1.31
C ILE J 237 -18.63 -44.78 -0.65
N LEU J 238 -19.22 -45.81 -1.26
CA LEU J 238 -19.23 -47.17 -0.74
C LEU J 238 -18.98 -48.12 -1.89
N GLY J 239 -17.91 -48.88 -1.81
CA GLY J 239 -17.58 -49.82 -2.85
C GLY J 239 -18.44 -51.07 -2.83
N LYS J 240 -18.20 -51.90 -3.84
CA LYS J 240 -18.86 -53.19 -3.93
C LYS J 240 -18.58 -54.06 -2.72
N GLY J 241 -17.42 -53.87 -2.10
CA GLY J 241 -17.05 -54.66 -0.94
C GLY J 241 -17.95 -54.44 0.25
N PHE J 242 -18.71 -53.35 0.25
CA PHE J 242 -19.56 -52.99 1.37
C PHE J 242 -20.89 -53.75 1.35
N ARG J 243 -21.26 -54.30 0.21
CA ARG J 243 -22.61 -54.83 0.01
C ARG J 243 -22.93 -55.96 0.98
N ILE J 244 -24.22 -56.13 1.22
CA ILE J 244 -24.70 -57.02 2.26
C ILE J 244 -24.43 -58.47 1.89
N GLY J 245 -24.07 -59.27 2.90
CA GLY J 245 -23.85 -60.69 2.72
C GLY J 245 -25.15 -61.48 2.87
N HIS J 246 -25.04 -62.78 2.66
CA HIS J 246 -26.21 -63.66 2.75
C HIS J 246 -26.43 -64.23 4.14
N SER J 247 -25.55 -63.95 5.10
CA SER J 247 -25.64 -64.65 6.38
C SER J 247 -26.82 -64.22 7.21
N TYR J 248 -27.22 -62.95 7.11
CA TYR J 248 -28.32 -62.43 7.91
C TYR J 248 -29.56 -63.29 7.72
N PHE J 249 -29.81 -63.68 6.49
CA PHE J 249 -30.95 -64.50 6.18
C PHE J 249 -30.68 -65.96 6.47
N CYS J 250 -29.41 -66.39 6.41
CA CYS J 250 -29.06 -67.79 6.57
C CYS J 250 -29.47 -68.32 7.94
N CYS J 251 -28.82 -67.81 8.98
CA CYS J 251 -29.01 -68.38 10.30
C CYS J 251 -30.26 -67.79 10.94
N GLY J 252 -30.78 -68.50 11.93
CA GLY J 252 -31.98 -68.15 12.64
C GLY J 252 -33.19 -69.02 12.36
N LEU J 253 -33.10 -69.94 11.39
CA LEU J 253 -34.18 -70.86 11.08
C LEU J 253 -33.93 -72.24 11.66
N GLU J 254 -32.94 -72.39 12.53
CA GLU J 254 -32.56 -73.71 13.02
C GLU J 254 -33.69 -74.41 13.74
N ASP J 255 -34.55 -73.66 14.43
CA ASP J 255 -35.68 -74.26 15.13
C ASP J 255 -36.64 -74.93 14.15
N GLY J 256 -36.81 -74.33 12.97
CA GLY J 256 -37.79 -74.77 12.01
C GLY J 256 -38.81 -73.71 11.63
N THR J 257 -38.61 -72.48 12.11
CA THR J 257 -39.48 -71.38 11.72
C THR J 257 -39.43 -71.19 10.21
N SER J 258 -40.59 -71.12 9.58
CA SER J 258 -40.64 -70.93 8.15
C SER J 258 -40.29 -69.49 7.78
N PRO J 259 -39.61 -69.26 6.66
CA PRO J 259 -39.29 -67.88 6.28
C PRO J 259 -40.46 -67.21 5.56
N ASP J 260 -41.42 -66.73 6.35
CA ASP J 260 -42.48 -65.91 5.78
C ASP J 260 -42.00 -64.49 5.58
N THR J 261 -42.85 -63.67 4.96
CA THR J 261 -42.52 -62.27 4.79
C THR J 261 -42.37 -61.58 6.13
N GLN J 262 -43.15 -62.00 7.12
CA GLN J 262 -43.04 -61.40 8.44
C GLN J 262 -41.67 -61.65 9.05
N TRP J 263 -41.15 -62.87 8.90
CA TRP J 263 -39.84 -63.20 9.45
C TRP J 263 -38.78 -62.27 8.89
N LEU J 264 -38.83 -62.05 7.59
CA LEU J 264 -37.90 -61.14 6.95
C LEU J 264 -38.11 -59.72 7.46
N ASN J 265 -39.36 -59.30 7.62
CA ASN J 265 -39.63 -57.95 8.09
C ASN J 265 -39.09 -57.73 9.50
N GLU J 266 -39.04 -58.77 10.31
CA GLU J 266 -38.50 -58.63 11.66
C GLU J 266 -37.01 -58.35 11.62
N ILE J 267 -36.26 -59.14 10.85
CA ILE J 267 -34.81 -59.00 10.82
C ILE J 267 -34.39 -57.67 10.22
N VAL J 268 -35.11 -57.23 9.19
CA VAL J 268 -34.74 -55.98 8.52
C VAL J 268 -34.77 -54.84 9.51
N MET J 269 -35.82 -54.79 10.32
CA MET J 269 -35.93 -53.75 11.33
C MET J 269 -34.79 -53.85 12.34
N THR J 270 -34.42 -55.08 12.71
CA THR J 270 -33.50 -55.27 13.82
C THR J 270 -32.04 -55.10 13.38
N ASP J 271 -31.68 -55.54 12.17
CA ASP J 271 -30.29 -55.56 11.72
C ASP J 271 -30.00 -54.60 10.58
N ILE J 272 -30.66 -54.79 9.44
CA ILE J 272 -30.26 -54.09 8.24
C ILE J 272 -30.71 -52.64 8.30
N ALA J 273 -31.81 -52.37 8.98
CA ALA J 273 -32.32 -51.01 9.04
C ALA J 273 -31.30 -50.04 9.64
N PRO J 274 -30.76 -50.26 10.84
CA PRO J 274 -29.71 -49.34 11.32
C PRO J 274 -28.48 -49.37 10.44
N LEU J 275 -28.18 -50.51 9.84
CA LEU J 275 -27.09 -50.59 8.88
C LEU J 275 -27.36 -49.68 7.70
N LEU J 276 -28.61 -49.68 7.23
CA LEU J 276 -28.98 -48.81 6.15
C LEU J 276 -28.88 -47.35 6.57
N GLU J 277 -29.24 -47.06 7.82
CA GLU J 277 -29.13 -45.70 8.31
C GLU J 277 -27.70 -45.23 8.28
N GLU J 278 -26.77 -46.11 8.63
CA GLU J 278 -25.36 -45.74 8.61
C GLU J 278 -24.86 -45.57 7.18
N TYR J 279 -25.27 -46.45 6.27
CA TYR J 279 -24.84 -46.33 4.89
C TYR J 279 -25.29 -45.02 4.28
N PHE J 280 -26.47 -44.54 4.67
CA PHE J 280 -27.01 -43.28 4.17
C PHE J 280 -27.18 -42.37 5.38
N PHE J 281 -26.08 -41.73 5.76
CA PHE J 281 -26.17 -40.77 6.85
C PHE J 281 -26.92 -39.54 6.39
N ASP J 282 -26.65 -39.09 5.17
CA ASP J 282 -27.23 -37.84 4.67
C ASP J 282 -28.65 -38.02 4.17
N ASP J 283 -28.96 -39.18 3.57
CA ASP J 283 -30.23 -39.41 2.89
C ASP J 283 -31.21 -40.17 3.79
N PRO J 284 -32.25 -39.53 4.35
CA PRO J 284 -33.25 -40.31 5.08
C PRO J 284 -34.24 -40.97 4.13
N TYR J 285 -34.54 -40.27 3.04
CA TYR J 285 -35.46 -40.80 2.04
C TYR J 285 -34.91 -42.08 1.43
N LYS J 286 -33.62 -42.09 1.13
CA LYS J 286 -33.00 -43.27 0.54
C LYS J 286 -33.10 -44.44 1.49
N GLN J 287 -32.98 -44.19 2.79
CA GLN J 287 -33.24 -45.22 3.77
C GLN J 287 -34.69 -45.65 3.67
N GLN J 288 -35.59 -44.67 3.66
CA GLN J 288 -37.02 -44.94 3.59
C GLN J 288 -37.36 -45.64 2.29
N LYS J 289 -36.68 -45.25 1.20
CA LYS J 289 -36.97 -45.82 -0.11
C LYS J 289 -36.75 -47.31 -0.12
N TRP J 290 -35.54 -47.73 0.21
CA TRP J 290 -35.18 -49.13 0.07
C TRP J 290 -35.85 -49.98 1.13
N THR J 291 -35.96 -49.46 2.35
CA THR J 291 -36.62 -50.20 3.42
C THR J 291 -38.06 -50.49 3.04
N ASN J 292 -38.78 -49.47 2.58
CA ASN J 292 -40.15 -49.66 2.17
C ASN J 292 -40.22 -50.53 0.92
N LYS J 293 -39.20 -50.46 0.07
CA LYS J 293 -39.17 -51.27 -1.13
C LYS J 293 -39.20 -52.75 -0.80
N LEU J 294 -38.50 -53.14 0.27
CA LEU J 294 -38.42 -54.55 0.64
C LEU J 294 -39.77 -55.08 1.06
N LEU J 295 -40.49 -54.31 1.86
CA LEU J 295 -41.72 -54.77 2.47
C LEU J 295 -42.83 -54.96 1.44
N GLY J 296 -42.86 -54.16 0.38
CA GLY J 296 -43.86 -54.27 -0.67
C GLY J 296 -43.27 -54.67 -2.00
N LEU K 13 -40.35 -56.98 35.97
CA LEU K 13 -41.51 -56.97 35.10
C LEU K 13 -42.62 -56.06 35.59
N ASN K 14 -42.38 -55.38 36.71
CA ASN K 14 -43.36 -54.53 37.37
C ASN K 14 -42.97 -53.05 37.36
N ASP K 15 -41.74 -52.77 37.75
CA ASP K 15 -41.23 -51.41 37.87
C ASP K 15 -40.58 -50.89 36.59
N LEU K 16 -40.58 -51.67 35.52
CA LEU K 16 -39.96 -51.28 34.27
C LEU K 16 -40.81 -50.25 33.52
N PHE K 17 -40.17 -49.18 33.04
CA PHE K 17 -40.85 -48.14 32.28
C PHE K 17 -40.79 -48.34 30.77
N ILE K 18 -40.26 -49.47 30.30
CA ILE K 18 -40.09 -49.72 28.87
C ILE K 18 -41.19 -50.66 28.42
N PRO K 19 -41.66 -50.62 27.15
CA PRO K 19 -42.80 -51.45 26.77
C PRO K 19 -42.55 -52.95 26.92
N GLU K 20 -43.63 -53.66 27.22
CA GLU K 20 -43.56 -55.11 27.38
C GLU K 20 -43.21 -55.80 26.07
N THR K 21 -43.59 -55.20 24.94
CA THR K 21 -43.25 -55.79 23.66
C THR K 21 -41.76 -55.71 23.43
N THR K 22 -41.15 -54.59 23.80
CA THR K 22 -39.74 -54.35 23.54
C THR K 22 -38.88 -55.38 24.27
N ILE K 23 -39.20 -55.65 25.53
CA ILE K 23 -38.48 -56.68 26.27
C ILE K 23 -38.75 -58.06 25.69
N GLU K 24 -39.96 -58.29 25.20
CA GLU K 24 -40.26 -59.57 24.59
C GLU K 24 -39.44 -59.79 23.32
N THR K 25 -39.22 -58.72 22.56
CA THR K 25 -38.32 -58.80 21.41
C THR K 25 -36.94 -59.24 21.83
N ILE K 26 -36.45 -58.67 22.92
CA ILE K 26 -35.07 -58.84 23.31
C ILE K 26 -34.80 -60.29 23.70
N LEU K 27 -35.68 -60.86 24.51
CA LEU K 27 -35.46 -62.21 25.00
C LEU K 27 -35.45 -63.21 23.86
N LYS K 28 -36.30 -62.98 22.87
CA LYS K 28 -36.30 -63.85 21.69
C LYS K 28 -35.05 -63.60 20.87
N ARG K 29 -34.68 -62.33 20.72
CA ARG K 29 -33.47 -61.99 19.98
C ARG K 29 -32.23 -62.50 20.70
N LEU K 30 -32.19 -62.31 22.01
CA LEU K 30 -31.00 -62.66 22.78
C LEU K 30 -30.75 -64.15 22.79
N THR K 31 -31.78 -64.94 23.08
CA THR K 31 -31.58 -66.38 23.20
C THR K 31 -31.16 -66.95 21.87
N ILE K 32 -31.73 -66.44 20.79
CA ILE K 32 -31.37 -66.90 19.45
C ILE K 32 -30.00 -66.39 19.08
N LYS K 33 -29.85 -65.07 19.02
CA LYS K 33 -28.65 -64.49 18.45
C LYS K 33 -27.47 -64.52 19.41
N LYS K 34 -27.73 -64.42 20.71
CA LYS K 34 -26.75 -64.50 21.80
C LYS K 34 -25.91 -63.23 21.93
N ASN K 35 -26.08 -62.25 21.06
CA ASN K 35 -25.33 -61.01 21.14
C ASN K 35 -26.24 -59.86 20.76
N ILE K 36 -26.08 -58.75 21.48
CA ILE K 36 -26.92 -57.57 21.31
C ILE K 36 -26.14 -56.34 21.70
N ILE K 37 -26.60 -55.21 21.17
CA ILE K 37 -26.12 -53.90 21.57
C ILE K 37 -27.34 -53.07 21.94
N LEU K 38 -27.38 -52.63 23.18
CA LEU K 38 -28.46 -51.82 23.71
C LEU K 38 -27.98 -50.39 23.74
N GLN K 39 -28.47 -49.59 22.81
CA GLN K 39 -27.99 -48.26 22.57
C GLN K 39 -29.07 -47.25 22.92
N GLY K 40 -28.72 -46.27 23.75
CA GLY K 40 -29.62 -45.19 24.03
C GLY K 40 -28.96 -44.08 24.83
N PRO K 41 -29.67 -42.97 25.01
CA PRO K 41 -29.10 -41.87 25.78
C PRO K 41 -28.90 -42.24 27.23
N PRO K 42 -28.12 -41.47 27.97
CA PRO K 42 -28.01 -41.70 29.41
C PRO K 42 -29.30 -41.39 30.12
N GLY K 43 -29.56 -42.16 31.18
CA GLY K 43 -30.75 -41.95 31.98
C GLY K 43 -31.93 -42.75 31.53
N VAL K 44 -31.71 -43.82 30.76
CA VAL K 44 -32.78 -44.71 30.33
C VAL K 44 -32.73 -46.05 31.06
N GLY K 45 -31.89 -46.18 32.07
CA GLY K 45 -31.83 -47.40 32.84
C GLY K 45 -31.26 -48.58 32.09
N LYS K 46 -30.25 -48.35 31.26
CA LYS K 46 -29.61 -49.44 30.55
C LYS K 46 -29.05 -50.46 31.52
N THR K 47 -28.45 -49.97 32.59
CA THR K 47 -27.85 -50.86 33.57
C THR K 47 -28.93 -51.67 34.29
N PHE K 48 -29.98 -50.98 34.72
CA PHE K 48 -31.06 -51.64 35.44
C PHE K 48 -31.85 -52.58 34.54
N VAL K 49 -32.01 -52.20 33.27
CA VAL K 49 -32.76 -53.04 32.35
C VAL K 49 -32.07 -54.40 32.20
N ALA K 50 -30.79 -54.37 31.87
CA ALA K 50 -30.07 -55.61 31.65
C ALA K 50 -29.98 -56.43 32.93
N ARG K 51 -29.75 -55.76 34.05
CA ARG K 51 -29.64 -56.46 35.31
C ARG K 51 -30.97 -57.09 35.69
N ARG K 52 -32.07 -56.35 35.51
CA ARG K 52 -33.39 -56.94 35.68
C ARG K 52 -33.56 -58.09 34.70
N LEU K 53 -33.22 -57.85 33.45
CA LEU K 53 -33.43 -58.82 32.39
C LEU K 53 -32.57 -60.05 32.60
N ALA K 54 -31.33 -59.87 33.06
CA ALA K 54 -30.41 -60.98 33.22
C ALA K 54 -30.96 -62.02 34.17
N TYR K 55 -31.61 -61.58 35.24
CA TYR K 55 -32.16 -62.52 36.21
C TYR K 55 -33.34 -63.27 35.63
N LEU K 56 -34.06 -62.65 34.69
CA LEU K 56 -35.13 -63.36 34.01
C LEU K 56 -34.60 -64.55 33.23
N LEU K 57 -33.54 -64.33 32.45
CA LEU K 57 -33.04 -65.39 31.59
C LEU K 57 -32.51 -66.55 32.41
N THR K 58 -31.77 -66.25 33.48
CA THR K 58 -31.42 -67.29 34.44
C THR K 58 -32.66 -67.84 35.12
N GLY K 59 -33.65 -66.99 35.36
CA GLY K 59 -34.84 -67.35 36.09
C GLY K 59 -34.70 -67.20 37.58
N GLU K 60 -33.49 -66.99 38.09
CA GLU K 60 -33.21 -66.85 39.50
C GLU K 60 -32.35 -65.61 39.71
N LYS K 61 -32.48 -65.01 40.88
CA LYS K 61 -31.72 -63.81 41.22
C LYS K 61 -30.34 -64.26 41.69
N ALA K 62 -29.49 -64.56 40.72
CA ALA K 62 -28.12 -65.00 40.95
C ALA K 62 -27.15 -63.91 40.52
N PRO K 63 -26.46 -63.22 41.42
CA PRO K 63 -25.51 -62.19 40.97
C PRO K 63 -24.13 -62.73 40.63
N GLN K 64 -23.74 -63.89 41.17
CA GLN K 64 -22.40 -64.40 40.92
C GLN K 64 -22.22 -64.73 39.45
N ARG K 65 -23.27 -65.23 38.80
CA ARG K 65 -23.18 -65.51 37.37
C ARG K 65 -22.96 -64.22 36.60
N VAL K 66 -23.58 -63.15 37.04
CA VAL K 66 -23.60 -61.89 36.31
C VAL K 66 -22.37 -61.08 36.70
N ASN K 67 -21.64 -60.60 35.69
CA ASN K 67 -20.53 -59.70 35.90
C ASN K 67 -20.65 -58.54 34.93
N MET K 68 -20.36 -57.35 35.43
CA MET K 68 -20.48 -56.12 34.67
C MET K 68 -19.14 -55.39 34.69
N VAL K 69 -18.81 -54.77 33.56
CA VAL K 69 -17.67 -53.89 33.46
C VAL K 69 -18.05 -52.67 32.63
N GLN K 70 -17.28 -51.62 32.82
CA GLN K 70 -17.49 -50.37 32.12
C GLN K 70 -16.18 -50.07 31.39
N PHE K 71 -16.18 -50.32 30.09
CA PHE K 71 -15.00 -50.07 29.27
C PHE K 71 -14.63 -48.59 29.25
N HIS K 72 -13.38 -48.36 28.85
CA HIS K 72 -12.81 -47.03 28.78
C HIS K 72 -11.62 -47.11 27.84
N GLN K 73 -11.27 -45.97 27.27
CA GLN K 73 -10.31 -45.91 26.16
C GLN K 73 -9.02 -46.65 26.49
N SER K 74 -8.61 -46.61 27.76
CA SER K 74 -7.39 -47.29 28.15
C SER K 74 -7.59 -48.77 28.41
N TYR K 75 -8.83 -49.25 28.43
CA TYR K 75 -9.05 -50.67 28.61
C TYR K 75 -8.42 -51.42 27.45
N SER K 76 -7.86 -52.59 27.75
CA SER K 76 -7.08 -53.29 26.75
C SER K 76 -7.26 -54.79 26.85
N TYR K 77 -6.82 -55.44 25.78
CA TYR K 77 -6.80 -56.89 25.65
C TYR K 77 -6.04 -57.52 26.81
N GLU K 78 -5.10 -56.77 27.40
CA GLU K 78 -4.40 -57.22 28.59
C GLU K 78 -5.38 -57.46 29.72
N ASP K 79 -6.37 -56.58 29.85
CA ASP K 79 -7.31 -56.64 30.95
C ASP K 79 -8.39 -57.68 30.72
N PHE K 80 -8.96 -57.69 29.52
CA PHE K 80 -10.15 -58.48 29.27
C PHE K 80 -9.86 -59.97 29.32
N ILE K 81 -8.98 -60.44 28.43
CA ILE K 81 -8.83 -61.86 28.18
C ILE K 81 -7.58 -62.44 28.83
N GLN K 82 -6.43 -62.06 28.30
CA GLN K 82 -5.14 -62.55 28.76
C GLN K 82 -4.21 -61.38 28.90
N GLY K 83 -3.05 -61.63 29.49
CA GLY K 83 -2.04 -60.62 29.62
C GLY K 83 -0.91 -61.09 30.51
N TYR K 84 0.27 -60.54 30.31
CA TYR K 84 1.42 -60.82 31.15
C TYR K 84 1.50 -59.72 32.18
N ARG K 85 1.42 -60.09 33.45
CA ARG K 85 1.35 -59.10 34.51
C ARG K 85 2.07 -59.65 35.74
N PRO K 86 2.48 -58.78 36.66
CA PRO K 86 3.41 -59.21 37.70
C PRO K 86 2.74 -59.87 38.89
N ASN K 87 3.34 -60.96 39.33
CA ASN K 87 3.09 -61.50 40.65
C ASN K 87 4.12 -60.90 41.60
N GLY K 88 4.13 -61.34 42.84
CA GLY K 88 5.13 -60.86 43.78
C GLY K 88 6.53 -61.24 43.35
N VAL K 89 6.69 -62.45 42.79
CA VAL K 89 8.01 -62.94 42.42
C VAL K 89 8.47 -62.26 41.14
N GLY K 90 7.55 -62.07 40.21
CA GLY K 90 7.91 -61.59 38.87
C GLY K 90 6.71 -61.61 37.98
N PHE K 91 6.96 -61.68 36.68
CA PHE K 91 5.89 -61.66 35.69
C PHE K 91 5.42 -63.07 35.34
N ARG K 92 4.13 -63.16 35.05
CA ARG K 92 3.48 -64.39 34.67
C ARG K 92 2.31 -64.01 33.76
N ARG K 93 1.71 -65.03 33.15
CA ARG K 93 0.57 -64.81 32.28
C ARG K 93 -0.70 -64.85 33.11
N LYS K 94 -1.43 -63.75 33.10
CA LYS K 94 -2.59 -63.54 33.96
C LYS K 94 -3.84 -63.55 33.11
N ASP K 95 -4.73 -64.49 33.41
CA ASP K 95 -5.99 -64.61 32.68
C ASP K 95 -6.92 -63.48 33.06
N GLY K 96 -7.29 -62.68 32.08
CA GLY K 96 -8.25 -61.63 32.32
C GLY K 96 -9.61 -62.21 32.66
N ILE K 97 -10.52 -61.30 33.03
CA ILE K 97 -11.81 -61.68 33.60
C ILE K 97 -12.58 -62.60 32.66
N PHE K 98 -12.63 -62.24 31.37
CA PHE K 98 -13.47 -62.96 30.43
C PHE K 98 -12.99 -64.40 30.25
N TYR K 99 -11.67 -64.59 30.17
CA TYR K 99 -11.12 -65.94 30.22
C TYR K 99 -11.47 -66.59 31.54
N ASN K 100 -11.40 -65.82 32.63
CA ASN K 100 -11.74 -66.35 33.94
C ASN K 100 -13.24 -66.62 34.03
N PHE K 101 -14.03 -65.74 33.42
CA PHE K 101 -15.48 -65.85 33.52
C PHE K 101 -16.00 -66.97 32.65
N CYS K 102 -15.50 -67.07 31.43
CA CYS K 102 -15.96 -68.10 30.52
C CYS K 102 -15.61 -69.49 31.03
N GLN K 103 -14.44 -69.62 31.67
CA GLN K 103 -14.10 -70.88 32.30
C GLN K 103 -15.07 -71.23 33.42
N GLN K 104 -15.47 -70.21 34.18
CA GLN K 104 -16.40 -70.45 35.28
C GLN K 104 -17.75 -70.92 34.76
N ALA K 105 -18.23 -70.29 33.69
CA ALA K 105 -19.48 -70.74 33.07
C ALA K 105 -19.29 -72.06 32.37
N LYS K 106 -18.12 -72.28 31.77
CA LYS K 106 -17.82 -73.56 31.15
C LYS K 106 -17.87 -74.69 32.17
N GLU K 107 -17.57 -74.37 33.42
CA GLU K 107 -17.63 -75.36 34.49
C GLU K 107 -19.04 -75.90 34.64
N GLN K 108 -20.04 -75.03 34.46
CA GLN K 108 -21.45 -75.41 34.60
C GLN K 108 -22.14 -75.13 33.28
N PRO K 109 -22.27 -76.11 32.38
CA PRO K 109 -22.81 -75.79 31.06
C PRO K 109 -24.28 -75.44 31.09
N GLU K 110 -25.04 -76.04 32.01
CA GLU K 110 -26.49 -75.98 31.95
C GLU K 110 -26.99 -74.56 32.15
N LYS K 111 -26.48 -73.88 33.18
CA LYS K 111 -26.97 -72.55 33.50
C LYS K 111 -26.39 -71.51 32.55
N LYS K 112 -27.10 -70.40 32.48
CA LYS K 112 -26.81 -69.32 31.55
C LYS K 112 -26.03 -68.25 32.27
N TYR K 113 -24.81 -67.97 31.81
CA TYR K 113 -23.93 -66.99 32.42
C TYR K 113 -23.82 -65.77 31.51
N ILE K 114 -23.77 -64.59 32.13
CA ILE K 114 -23.93 -63.33 31.42
C ILE K 114 -22.76 -62.42 31.68
N PHE K 115 -22.40 -61.64 30.66
CA PHE K 115 -21.31 -60.69 30.71
C PHE K 115 -21.81 -59.36 30.17
N ILE K 116 -21.69 -58.33 30.99
CA ILE K 116 -22.25 -57.01 30.70
C ILE K 116 -21.11 -56.01 30.53
N ILE K 117 -21.16 -55.24 29.45
CA ILE K 117 -20.11 -54.28 29.10
C ILE K 117 -20.73 -52.91 28.94
N ASP K 118 -20.44 -52.02 29.88
CA ASP K 118 -20.93 -50.65 29.87
C ASP K 118 -19.92 -49.71 29.23
N GLU K 119 -20.44 -48.59 28.71
CA GLU K 119 -19.64 -47.56 28.04
C GLU K 119 -18.75 -48.20 26.98
N ILE K 120 -19.33 -49.16 26.27
CA ILE K 120 -18.60 -49.96 25.31
C ILE K 120 -18.03 -49.11 24.20
N ASN K 121 -18.70 -48.00 23.87
CA ASN K 121 -18.28 -47.17 22.74
C ASN K 121 -16.89 -46.61 22.96
N ARG K 122 -16.47 -46.43 24.21
CA ARG K 122 -15.21 -45.74 24.48
C ARG K 122 -14.03 -46.52 23.92
N ALA K 123 -13.96 -47.81 24.21
CA ALA K 123 -12.79 -48.58 23.82
C ALA K 123 -12.84 -48.96 22.36
N ASN K 124 -11.67 -49.27 21.81
CA ASN K 124 -11.59 -49.75 20.43
C ASN K 124 -12.00 -51.20 20.50
N LEU K 125 -13.29 -51.41 20.27
CA LEU K 125 -13.91 -52.69 20.55
C LEU K 125 -13.22 -53.84 19.84
N SER K 126 -12.77 -53.60 18.61
CA SER K 126 -11.99 -54.61 17.90
C SER K 126 -10.75 -55.00 18.69
N LYS K 127 -10.04 -54.00 19.22
CA LYS K 127 -8.80 -54.26 19.95
C LYS K 127 -9.07 -55.13 21.16
N VAL K 128 -10.10 -54.80 21.92
CA VAL K 128 -10.35 -55.50 23.18
C VAL K 128 -10.69 -56.95 22.90
N PHE K 129 -11.70 -57.18 22.06
CA PHE K 129 -12.18 -58.54 21.84
C PHE K 129 -11.11 -59.40 21.20
N GLY K 130 -10.47 -58.88 20.17
CA GLY K 130 -9.41 -59.62 19.50
C GLY K 130 -9.92 -60.92 18.93
N GLU K 131 -9.44 -62.03 19.51
CA GLU K 131 -9.76 -63.34 18.97
C GLU K 131 -11.26 -63.61 19.00
N VAL K 132 -11.92 -63.19 20.07
CA VAL K 132 -13.33 -63.56 20.28
C VAL K 132 -14.27 -62.78 19.38
N MET K 133 -13.75 -61.77 18.69
CA MET K 133 -14.57 -61.03 17.76
C MET K 133 -15.11 -61.91 16.65
N MET K 134 -14.43 -63.00 16.36
CA MET K 134 -14.92 -64.05 15.49
C MET K 134 -15.67 -65.09 16.29
N LEU K 135 -15.12 -65.47 17.45
CA LEU K 135 -15.64 -66.61 18.20
C LEU K 135 -16.99 -66.33 18.80
N MET K 136 -17.28 -65.07 19.12
CA MET K 136 -18.47 -64.74 19.88
C MET K 136 -19.77 -65.10 19.17
N GLU K 137 -19.75 -65.22 17.85
CA GLU K 137 -20.98 -65.55 17.14
C GLU K 137 -21.48 -66.93 17.54
N HIS K 138 -22.81 -67.05 17.56
CA HIS K 138 -23.47 -68.19 18.17
C HIS K 138 -23.07 -69.50 17.50
N ASP K 139 -22.96 -69.51 16.18
CA ASP K 139 -22.60 -70.74 15.49
C ASP K 139 -21.16 -71.15 15.81
N LYS K 140 -20.25 -70.18 15.90
CA LYS K 140 -18.84 -70.48 16.12
C LYS K 140 -18.53 -70.50 17.61
N ARG K 141 -19.28 -71.33 18.32
CA ARG K 141 -19.08 -71.57 19.74
C ARG K 141 -18.92 -73.06 19.97
N GLY K 142 -17.76 -73.45 20.44
CA GLY K 142 -17.49 -74.84 20.74
C GLY K 142 -16.03 -75.17 20.51
N GLU K 143 -15.68 -76.40 20.88
CA GLU K 143 -14.30 -76.85 20.79
C GLU K 143 -13.81 -76.85 19.36
N ASN K 144 -14.72 -77.05 18.40
CA ASN K 144 -14.32 -77.04 16.99
C ASN K 144 -13.78 -75.68 16.62
N TRP K 145 -14.36 -74.64 17.19
CA TRP K 145 -14.00 -73.27 16.88
C TRP K 145 -12.91 -72.72 17.80
N SER K 146 -12.36 -73.57 18.67
CA SER K 146 -11.32 -73.10 19.58
C SER K 146 -10.09 -72.69 18.78
N VAL K 147 -9.37 -71.72 19.31
CA VAL K 147 -8.14 -71.25 18.69
C VAL K 147 -7.08 -71.08 19.78
N PRO K 148 -5.80 -71.25 19.49
CA PRO K 148 -4.80 -70.85 20.45
C PRO K 148 -4.75 -69.34 20.54
N LEU K 149 -4.57 -68.83 21.74
CA LEU K 149 -4.65 -67.41 21.98
C LEU K 149 -3.37 -66.73 21.53
N THR K 150 -3.39 -65.39 21.56
CA THR K 150 -2.22 -64.63 21.16
C THR K 150 -1.05 -64.99 22.04
N TYR K 151 -1.25 -64.92 23.34
CA TYR K 151 -0.21 -65.15 24.32
C TYR K 151 -0.15 -66.60 24.77
N SER K 152 -0.88 -67.49 24.10
CA SER K 152 -0.84 -68.90 24.49
C SER K 152 0.54 -69.46 24.20
N GLU K 153 1.12 -70.10 25.22
CA GLU K 153 2.46 -70.65 25.07
C GLU K 153 2.50 -71.74 24.02
N ASN K 154 1.43 -72.51 23.91
CA ASN K 154 1.37 -73.68 23.06
C ASN K 154 0.21 -73.57 22.07
N ASP K 155 0.44 -74.10 20.86
CA ASP K 155 -0.61 -74.07 19.86
C ASP K 155 -1.80 -74.94 20.24
N GLU K 156 -1.55 -76.02 20.97
CA GLU K 156 -2.62 -76.96 21.28
C GLU K 156 -3.61 -76.36 22.27
N GLU K 157 -3.14 -75.53 23.21
CA GLU K 157 -4.03 -74.94 24.19
C GLU K 157 -4.83 -73.83 23.53
N ARG K 158 -6.16 -73.94 23.61
CA ARG K 158 -7.07 -73.06 22.92
C ARG K 158 -8.18 -72.60 23.84
N PHE K 159 -8.92 -71.61 23.34
CA PHE K 159 -10.02 -70.98 24.04
C PHE K 159 -11.23 -70.98 23.12
N TYR K 160 -12.38 -71.43 23.65
CA TYR K 160 -13.62 -71.41 22.87
C TYR K 160 -14.75 -70.94 23.76
N VAL K 161 -15.61 -70.11 23.18
CA VAL K 161 -16.76 -69.61 23.93
C VAL K 161 -17.73 -70.76 24.16
N PRO K 162 -18.27 -70.95 25.36
CA PRO K 162 -19.35 -71.93 25.52
C PRO K 162 -20.69 -71.38 25.05
N GLU K 163 -21.59 -72.31 24.75
CA GLU K 163 -22.90 -71.92 24.23
C GLU K 163 -23.74 -71.20 25.28
N ASN K 164 -23.56 -71.52 26.56
CA ASN K 164 -24.43 -70.94 27.58
C ASN K 164 -24.20 -69.43 27.70
N VAL K 165 -22.98 -68.97 27.40
CA VAL K 165 -22.67 -67.56 27.54
C VAL K 165 -23.57 -66.73 26.65
N TYR K 166 -24.09 -65.63 27.20
CA TYR K 166 -24.80 -64.63 26.44
C TYR K 166 -24.24 -63.27 26.80
N ILE K 167 -24.15 -62.39 25.80
CA ILE K 167 -23.41 -61.13 25.92
C ILE K 167 -24.36 -59.95 25.71
N ILE K 168 -24.21 -58.93 26.56
CA ILE K 168 -25.01 -57.72 26.52
C ILE K 168 -24.08 -56.51 26.42
N GLY K 169 -24.38 -55.62 25.48
CA GLY K 169 -23.62 -54.39 25.31
C GLY K 169 -24.45 -53.15 25.52
N LEU K 170 -23.99 -52.25 26.38
CA LEU K 170 -24.69 -51.01 26.71
C LEU K 170 -23.94 -49.84 26.12
N MET K 171 -24.64 -49.04 25.32
CA MET K 171 -24.02 -48.01 24.50
C MET K 171 -24.69 -46.66 24.72
N ASN K 172 -23.87 -45.65 24.97
CA ASN K 172 -24.33 -44.26 24.99
C ASN K 172 -24.28 -43.75 23.57
N THR K 173 -25.42 -43.29 23.07
CA THR K 173 -25.54 -42.82 21.70
C THR K 173 -25.26 -41.35 21.52
N ALA K 174 -24.92 -40.64 22.59
CA ALA K 174 -24.75 -39.20 22.52
C ALA K 174 -23.31 -38.77 22.30
N ASP K 175 -22.36 -39.71 22.28
CA ASP K 175 -20.95 -39.41 22.03
C ASP K 175 -20.48 -40.28 20.88
N ARG K 176 -20.78 -39.83 19.67
CA ARG K 176 -20.24 -40.44 18.48
C ARG K 176 -18.80 -40.03 18.26
N SER K 177 -17.96 -41.00 17.97
CA SER K 177 -16.56 -40.75 17.66
C SER K 177 -16.36 -41.13 16.20
N LEU K 178 -16.05 -40.14 15.39
CA LEU K 178 -15.85 -40.34 13.97
C LEU K 178 -14.40 -40.77 13.71
N ALA K 179 -14.08 -41.91 14.33
CA ALA K 179 -12.73 -42.47 14.32
C ALA K 179 -12.73 -43.84 13.68
N VAL K 180 -13.60 -44.73 14.17
CA VAL K 180 -13.64 -46.11 13.71
C VAL K 180 -15.09 -46.52 13.59
N VAL K 181 -15.46 -47.00 12.41
CA VAL K 181 -16.73 -47.66 12.19
C VAL K 181 -16.44 -49.10 11.84
N ASP K 182 -17.08 -50.03 12.55
CA ASP K 182 -17.00 -51.44 12.24
C ASP K 182 -18.40 -51.92 11.95
N TYR K 183 -18.61 -52.31 10.70
CA TYR K 183 -19.85 -52.94 10.29
C TYR K 183 -19.78 -54.45 10.42
N ALA K 184 -18.60 -55.01 10.73
CA ALA K 184 -18.50 -56.45 10.92
C ALA K 184 -18.97 -56.82 12.31
N LEU K 185 -18.58 -56.04 13.30
CA LEU K 185 -19.09 -56.23 14.64
C LEU K 185 -20.60 -56.09 14.65
N ARG K 186 -21.11 -55.16 13.84
CA ARG K 186 -22.55 -54.98 13.69
C ARG K 186 -23.20 -56.28 13.22
N ARG K 187 -22.46 -57.11 12.50
CA ARG K 187 -22.99 -58.41 12.11
C ARG K 187 -23.10 -59.32 13.32
N ARG K 188 -22.16 -59.21 14.26
CA ARG K 188 -22.22 -60.03 15.46
C ARG K 188 -23.34 -59.60 16.37
N PHE K 189 -23.55 -58.29 16.49
CA PHE K 189 -24.46 -57.73 17.48
C PHE K 189 -25.76 -57.30 16.83
N SER K 190 -26.87 -57.65 17.46
CA SER K 190 -28.18 -57.16 17.04
C SER K 190 -28.49 -55.89 17.83
N PHE K 191 -28.62 -54.78 17.12
CA PHE K 191 -28.72 -53.47 17.75
C PHE K 191 -30.17 -53.20 18.13
N ILE K 192 -30.38 -52.80 19.38
CA ILE K 192 -31.71 -52.54 19.89
C ILE K 192 -31.72 -51.16 20.51
N ASP K 193 -32.54 -50.27 19.97
CA ASP K 193 -32.69 -48.93 20.50
C ASP K 193 -33.61 -48.96 21.72
N ILE K 194 -33.43 -47.97 22.59
CA ILE K 194 -34.28 -47.79 23.76
C ILE K 194 -34.68 -46.33 23.83
N GLU K 195 -35.95 -46.09 23.86
CA GLU K 195 -36.54 -44.77 24.01
C GLU K 195 -36.67 -44.44 25.49
N PRO K 196 -36.73 -43.16 25.87
CA PRO K 196 -36.85 -42.85 27.30
C PRO K 196 -38.10 -43.41 27.95
N GLY K 197 -39.24 -43.37 27.28
CA GLY K 197 -40.45 -43.94 27.82
C GLY K 197 -41.27 -43.00 28.69
N PHE K 198 -41.17 -41.69 28.46
CA PHE K 198 -42.01 -40.76 29.20
C PHE K 198 -43.48 -41.04 28.96
N ASP K 199 -43.85 -41.34 27.71
CA ASP K 199 -45.24 -41.57 27.36
C ASP K 199 -45.80 -42.80 28.06
N THR K 200 -44.94 -43.74 28.43
CA THR K 200 -45.41 -45.04 28.90
C THR K 200 -46.19 -44.86 30.20
N PRO K 201 -47.27 -45.63 30.41
CA PRO K 201 -47.95 -45.54 31.71
C PRO K 201 -47.08 -45.98 32.86
N GLN K 202 -46.22 -46.98 32.66
CA GLN K 202 -45.42 -47.52 33.76
C GLN K 202 -44.57 -46.44 34.39
N PHE K 203 -44.06 -45.52 33.56
CA PHE K 203 -43.37 -44.36 34.11
C PHE K 203 -44.34 -43.47 34.86
N ARG K 204 -45.54 -43.29 34.32
CA ARG K 204 -46.55 -42.45 34.95
C ARG K 204 -47.13 -43.11 36.19
N ASN K 205 -47.38 -44.42 36.10
CA ASN K 205 -47.97 -45.16 37.21
C ASN K 205 -47.06 -45.15 38.42
N PHE K 206 -45.75 -45.19 38.19
CA PHE K 206 -44.78 -45.09 39.27
C PHE K 206 -44.96 -43.80 40.04
N LEU K 207 -45.14 -42.69 39.33
CA LEU K 207 -45.28 -41.39 39.98
C LEU K 207 -46.66 -41.20 40.59
N LEU K 208 -47.71 -41.64 39.90
CA LEU K 208 -49.05 -41.50 40.45
C LEU K 208 -49.25 -42.41 41.66
N ASN K 209 -48.48 -43.49 41.73
CA ASN K 209 -48.38 -44.29 42.95
C ASN K 209 -47.33 -43.74 43.90
N LYS K 210 -46.87 -42.50 43.66
CA LYS K 210 -45.98 -41.78 44.55
C LYS K 210 -46.59 -40.41 44.89
N LYS K 211 -47.92 -40.31 44.80
CA LYS K 211 -48.66 -39.13 45.23
C LYS K 211 -48.33 -37.90 44.39
N ALA K 212 -48.18 -38.12 43.08
CA ALA K 212 -48.09 -37.03 42.13
C ALA K 212 -49.47 -36.54 41.74
N GLU K 213 -49.53 -35.31 41.22
CA GLU K 213 -50.78 -34.83 40.67
C GLU K 213 -51.03 -35.48 39.32
N PRO K 214 -52.29 -35.77 38.95
CA PRO K 214 -52.52 -36.35 37.62
C PRO K 214 -52.07 -35.43 36.50
N SER K 215 -52.34 -34.13 36.64
CA SER K 215 -51.94 -33.18 35.60
C SER K 215 -50.43 -33.00 35.58
N PHE K 216 -49.81 -33.04 36.75
CA PHE K 216 -48.38 -32.78 36.87
C PHE K 216 -47.60 -33.80 36.06
N VAL K 217 -48.01 -35.06 36.13
CA VAL K 217 -47.42 -36.10 35.28
C VAL K 217 -47.74 -35.81 33.82
N GLU K 218 -49.00 -35.50 33.53
CA GLU K 218 -49.40 -35.23 32.16
C GLU K 218 -48.70 -33.99 31.63
N SER K 219 -48.49 -33.01 32.49
CA SER K 219 -47.82 -31.79 32.07
C SER K 219 -46.37 -32.06 31.71
N LEU K 220 -45.72 -32.95 32.46
CA LEU K 220 -44.32 -33.25 32.24
C LEU K 220 -44.09 -33.90 30.88
N CYS K 221 -44.93 -34.89 30.55
CA CYS K 221 -44.77 -35.60 29.28
C CYS K 221 -44.88 -34.64 28.10
N GLN K 222 -45.81 -33.70 28.19
CA GLN K 222 -45.90 -32.66 27.16
C GLN K 222 -44.62 -31.85 27.10
N LYS K 223 -44.10 -31.48 28.28
CA LYS K 223 -42.90 -30.66 28.33
C LYS K 223 -41.69 -31.40 27.76
N MET K 224 -41.50 -32.65 28.16
CA MET K 224 -40.33 -33.39 27.72
C MET K 224 -40.42 -33.71 26.23
N ASN K 225 -41.62 -34.08 25.76
CA ASN K 225 -41.77 -34.48 24.37
C ASN K 225 -41.46 -33.34 23.41
N GLU K 226 -41.92 -32.14 23.74
CA GLU K 226 -41.61 -30.99 22.89
C GLU K 226 -40.12 -30.76 22.79
N LEU K 227 -39.41 -30.93 23.91
CA LEU K 227 -37.95 -30.81 23.89
C LEU K 227 -37.32 -31.97 23.15
N ASN K 228 -37.78 -33.19 23.43
CA ASN K 228 -37.15 -34.38 22.84
C ASN K 228 -37.33 -34.39 21.34
N GLN K 229 -38.51 -33.98 20.87
CA GLN K 229 -38.79 -33.95 19.44
C GLN K 229 -37.89 -32.96 18.72
N GLU K 230 -37.62 -31.83 19.36
CA GLU K 230 -36.72 -30.84 18.77
C GLU K 230 -35.32 -31.42 18.63
N ILE K 231 -34.91 -32.24 19.58
CA ILE K 231 -33.58 -32.84 19.54
C ILE K 231 -33.47 -33.76 18.33
N SER K 232 -34.51 -34.53 18.08
CA SER K 232 -34.55 -35.43 16.93
C SER K 232 -34.89 -34.70 15.64
N LYS K 233 -35.10 -33.38 15.69
CA LYS K 233 -35.48 -32.67 14.49
C LYS K 233 -34.33 -32.69 13.48
N GLU K 234 -33.13 -32.40 13.96
CA GLU K 234 -31.94 -32.34 13.10
C GLU K 234 -31.15 -33.62 13.32
N ALA K 235 -31.42 -34.62 12.47
CA ALA K 235 -30.82 -35.93 12.65
C ALA K 235 -29.31 -35.88 12.54
N THR K 236 -28.79 -34.94 11.74
CA THR K 236 -27.35 -34.86 11.50
C THR K 236 -26.62 -34.47 12.78
N ILE K 237 -27.08 -33.41 13.42
CA ILE K 237 -26.40 -32.89 14.61
C ILE K 237 -26.67 -33.80 15.80
N LEU K 238 -27.94 -34.10 16.03
CA LEU K 238 -28.42 -34.85 17.18
C LEU K 238 -29.41 -35.88 16.68
N GLY K 239 -29.85 -36.75 17.56
CA GLY K 239 -30.87 -37.69 17.18
C GLY K 239 -31.74 -38.11 18.33
N LYS K 240 -32.59 -39.11 18.09
CA LYS K 240 -33.31 -39.74 19.18
C LYS K 240 -32.36 -40.36 20.19
N GLY K 241 -31.17 -40.74 19.75
CA GLY K 241 -30.17 -41.24 20.67
C GLY K 241 -29.71 -40.18 21.63
N PHE K 242 -29.76 -38.90 21.22
CA PHE K 242 -29.31 -37.82 22.08
C PHE K 242 -30.33 -37.42 23.12
N ARG K 243 -31.62 -37.53 22.80
CA ARG K 243 -32.70 -36.99 23.62
C ARG K 243 -32.64 -37.47 25.07
N ILE K 244 -33.30 -36.74 25.96
CA ILE K 244 -33.10 -36.94 27.39
C ILE K 244 -33.78 -38.20 27.86
N GLY K 245 -33.12 -38.91 28.80
CA GLY K 245 -33.69 -40.05 29.46
C GLY K 245 -34.48 -39.66 30.69
N HIS K 246 -35.20 -40.64 31.24
CA HIS K 246 -36.11 -40.40 32.35
C HIS K 246 -35.52 -40.66 33.72
N SER K 247 -34.44 -41.44 33.81
CA SER K 247 -34.03 -42.04 35.07
C SER K 247 -33.73 -41.02 36.16
N TYR K 248 -33.40 -39.79 35.78
CA TYR K 248 -33.12 -38.76 36.77
C TYR K 248 -34.31 -38.56 37.70
N PHE K 249 -35.52 -38.75 37.17
CA PHE K 249 -36.72 -38.56 37.96
C PHE K 249 -36.93 -39.69 38.95
N CYS K 250 -36.48 -40.90 38.60
CA CYS K 250 -36.65 -42.04 39.50
C CYS K 250 -35.97 -41.78 40.84
N CYS K 251 -34.73 -41.33 40.78
CA CYS K 251 -33.95 -41.12 41.99
C CYS K 251 -34.38 -39.86 42.72
N GLY K 252 -34.26 -39.91 44.04
CA GLY K 252 -34.41 -38.75 44.89
C GLY K 252 -35.77 -38.52 45.50
N LEU K 253 -36.79 -39.30 45.13
CA LEU K 253 -38.12 -39.16 45.70
C LEU K 253 -38.51 -40.35 46.57
N GLU K 254 -37.65 -41.35 46.71
CA GLU K 254 -37.93 -42.47 47.61
C GLU K 254 -37.61 -42.13 49.06
N ASP K 255 -37.01 -40.97 49.32
CA ASP K 255 -36.83 -40.50 50.68
C ASP K 255 -38.19 -40.30 51.37
N GLY K 256 -39.18 -39.84 50.61
CA GLY K 256 -40.49 -39.54 51.14
C GLY K 256 -41.08 -38.25 50.60
N THR K 257 -40.31 -37.50 49.80
CA THR K 257 -40.78 -36.26 49.20
C THR K 257 -41.53 -36.57 47.92
N SER K 258 -42.84 -36.35 47.93
CA SER K 258 -43.62 -36.58 46.73
C SER K 258 -43.33 -35.48 45.71
N PRO K 259 -43.65 -35.71 44.44
CA PRO K 259 -43.33 -34.71 43.41
C PRO K 259 -43.98 -33.37 43.65
N ASP K 260 -43.28 -32.33 43.20
CA ASP K 260 -43.82 -30.99 43.22
C ASP K 260 -43.08 -30.17 42.18
N THR K 261 -43.66 -29.02 41.83
CA THR K 261 -43.05 -28.16 40.83
C THR K 261 -41.66 -27.70 41.25
N GLN K 262 -41.45 -27.50 42.55
CA GLN K 262 -40.14 -27.13 43.04
C GLN K 262 -39.13 -28.22 42.77
N TRP K 263 -39.52 -29.47 42.99
CA TRP K 263 -38.62 -30.60 42.76
C TRP K 263 -38.22 -30.67 41.30
N LEU K 264 -39.17 -30.42 40.40
CA LEU K 264 -38.85 -30.32 38.98
C LEU K 264 -37.83 -29.24 38.73
N ASN K 265 -38.03 -28.09 39.37
CA ASN K 265 -37.16 -26.94 39.14
C ASN K 265 -35.72 -27.24 39.55
N GLU K 266 -35.55 -28.07 40.57
CA GLU K 266 -34.20 -28.45 41.00
C GLU K 266 -33.47 -29.24 39.92
N ILE K 267 -34.14 -30.26 39.38
CA ILE K 267 -33.49 -31.17 38.46
C ILE K 267 -33.08 -30.46 37.18
N VAL K 268 -33.89 -29.50 36.73
CA VAL K 268 -33.61 -28.80 35.49
C VAL K 268 -32.27 -28.08 35.60
N MET K 269 -32.08 -27.33 36.68
CA MET K 269 -30.80 -26.66 36.91
C MET K 269 -29.72 -27.66 37.29
N THR K 270 -30.09 -28.69 38.06
CA THR K 270 -29.08 -29.60 38.59
C THR K 270 -28.43 -30.43 37.49
N ASP K 271 -29.25 -31.06 36.66
CA ASP K 271 -28.79 -32.11 35.76
C ASP K 271 -28.85 -31.69 34.30
N ILE K 272 -30.01 -31.22 33.85
CA ILE K 272 -30.24 -31.07 32.42
C ILE K 272 -29.46 -29.87 31.87
N ALA K 273 -29.29 -28.83 32.67
CA ALA K 273 -28.68 -27.61 32.18
C ALA K 273 -27.30 -27.80 31.55
N PRO K 274 -26.37 -28.56 32.14
CA PRO K 274 -25.12 -28.84 31.42
C PRO K 274 -25.36 -29.59 30.13
N LEU K 275 -26.28 -30.55 30.15
CA LEU K 275 -26.62 -31.31 28.95
C LEU K 275 -26.98 -30.38 27.82
N LEU K 276 -27.83 -29.39 28.11
CA LEU K 276 -28.20 -28.38 27.12
C LEU K 276 -26.97 -27.70 26.55
N GLU K 277 -26.08 -27.27 27.45
CA GLU K 277 -24.82 -26.69 27.01
C GLU K 277 -24.07 -27.68 26.12
N GLU K 278 -23.93 -28.92 26.59
CA GLU K 278 -23.31 -29.96 25.79
C GLU K 278 -24.03 -30.08 24.44
N TYR K 279 -25.35 -30.17 24.47
CA TYR K 279 -26.11 -30.33 23.23
C TYR K 279 -26.11 -29.05 22.42
N PHE K 280 -26.69 -28.00 22.98
CA PHE K 280 -26.85 -26.72 22.29
C PHE K 280 -25.68 -25.81 22.69
N PHE K 281 -24.51 -26.24 22.26
CA PHE K 281 -23.30 -25.52 22.59
C PHE K 281 -23.25 -24.21 21.81
N ASP K 282 -22.72 -23.18 22.47
CA ASP K 282 -22.63 -21.83 21.91
C ASP K 282 -23.99 -21.34 21.38
N ASP K 283 -25.04 -21.58 22.18
CA ASP K 283 -26.37 -21.05 21.89
C ASP K 283 -27.13 -20.90 23.20
N PRO K 284 -26.66 -20.01 24.09
CA PRO K 284 -27.31 -19.88 25.42
C PRO K 284 -28.79 -19.60 25.36
N TYR K 285 -29.23 -18.76 24.41
CA TYR K 285 -30.64 -18.40 24.34
C TYR K 285 -31.51 -19.63 24.17
N LYS K 286 -31.08 -20.55 23.31
CA LYS K 286 -31.84 -21.78 23.13
C LYS K 286 -31.84 -22.58 24.41
N GLN K 287 -30.74 -22.55 25.15
CA GLN K 287 -30.72 -23.20 26.45
C GLN K 287 -31.66 -22.47 27.41
N GLN K 288 -31.53 -21.14 27.46
CA GLN K 288 -32.39 -20.34 28.32
C GLN K 288 -33.84 -20.49 27.91
N LYS K 289 -34.10 -20.52 26.61
CA LYS K 289 -35.44 -20.68 26.11
C LYS K 289 -36.01 -22.02 26.56
N TRP K 290 -35.31 -23.10 26.23
CA TRP K 290 -35.82 -24.42 26.54
C TRP K 290 -35.81 -24.68 28.04
N THR K 291 -34.82 -24.14 28.74
CA THR K 291 -34.85 -24.20 30.20
C THR K 291 -36.07 -23.51 30.74
N ASN K 292 -36.29 -22.26 30.32
CA ASN K 292 -37.40 -21.48 30.86
C ASN K 292 -38.73 -22.07 30.44
N LYS K 293 -38.78 -22.71 29.28
CA LYS K 293 -40.00 -23.34 28.82
C LYS K 293 -40.50 -24.37 29.83
N LEU K 294 -39.58 -25.16 30.38
CA LEU K 294 -39.97 -26.20 31.32
C LEU K 294 -40.45 -25.61 32.64
N LEU K 295 -39.81 -24.52 33.08
CA LEU K 295 -40.13 -23.97 34.39
C LEU K 295 -41.53 -23.39 34.43
N GLY K 296 -41.95 -22.71 33.36
CA GLY K 296 -43.26 -22.10 33.28
C GLY K 296 -44.41 -23.05 33.55
N ALA L 12 -18.45 -21.30 60.70
CA ALA L 12 -17.67 -21.50 59.50
C ALA L 12 -18.38 -20.88 58.29
N LEU L 13 -19.71 -20.97 58.29
CA LEU L 13 -20.50 -20.40 57.21
C LEU L 13 -20.23 -18.91 57.09
N ASN L 14 -20.23 -18.22 58.23
CA ASN L 14 -19.90 -16.81 58.25
C ASN L 14 -18.46 -16.57 57.80
N ASP L 15 -17.55 -17.50 58.09
CA ASP L 15 -16.17 -17.35 57.63
C ASP L 15 -16.08 -17.55 56.12
N LEU L 16 -16.93 -18.43 55.57
CA LEU L 16 -16.96 -18.63 54.13
C LEU L 16 -17.64 -17.47 53.44
N PHE L 17 -17.10 -17.10 52.28
CA PHE L 17 -17.53 -15.90 51.57
C PHE L 17 -18.57 -16.16 50.49
N ILE L 18 -18.70 -17.39 50.03
CA ILE L 18 -19.62 -17.74 48.94
C ILE L 18 -21.07 -17.73 49.40
N PRO L 19 -22.04 -17.60 48.48
CA PRO L 19 -23.45 -17.65 48.87
C PRO L 19 -23.80 -18.89 49.68
N GLU L 20 -24.53 -18.68 50.78
CA GLU L 20 -25.01 -19.79 51.58
C GLU L 20 -25.89 -20.73 50.77
N THR L 21 -26.64 -20.18 49.81
CA THR L 21 -27.50 -21.00 48.97
C THR L 21 -26.69 -22.04 48.22
N THR L 22 -25.53 -21.63 47.71
CA THR L 22 -24.65 -22.60 47.06
C THR L 22 -24.12 -23.58 48.09
N ILE L 23 -23.81 -23.09 49.28
CA ILE L 23 -23.33 -23.99 50.34
C ILE L 23 -24.41 -24.98 50.71
N GLU L 24 -25.63 -24.48 50.89
CA GLU L 24 -26.74 -25.37 51.18
C GLU L 24 -27.03 -26.27 49.99
N THR L 25 -26.92 -25.72 48.78
CA THR L 25 -27.22 -26.49 47.58
C THR L 25 -26.27 -27.66 47.42
N ILE L 26 -24.99 -27.43 47.72
CA ILE L 26 -23.98 -28.47 47.51
C ILE L 26 -24.25 -29.66 48.42
N LEU L 27 -24.54 -29.39 49.70
CA LEU L 27 -24.80 -30.49 50.63
C LEU L 27 -26.00 -31.29 50.20
N LYS L 28 -26.96 -30.62 49.57
CA LYS L 28 -28.11 -31.31 49.01
C LYS L 28 -27.69 -32.25 47.89
N ARG L 29 -26.78 -31.80 47.03
CA ARG L 29 -26.36 -32.60 45.88
C ARG L 29 -25.47 -33.76 46.30
N LEU L 30 -24.42 -33.47 47.06
CA LEU L 30 -23.40 -34.48 47.35
C LEU L 30 -23.99 -35.64 48.12
N THR L 31 -24.80 -35.33 49.13
CA THR L 31 -25.43 -36.35 49.96
C THR L 31 -26.14 -37.38 49.10
N ILE L 32 -26.81 -36.91 48.04
CA ILE L 32 -27.54 -37.81 47.17
C ILE L 32 -26.62 -38.37 46.10
N LYS L 33 -25.89 -37.49 45.42
CA LYS L 33 -25.11 -37.89 44.26
C LYS L 33 -23.85 -38.65 44.63
N LYS L 34 -23.21 -38.27 45.73
CA LYS L 34 -22.02 -38.93 46.30
C LYS L 34 -20.76 -38.69 45.47
N ASN L 35 -20.83 -38.05 44.30
CA ASN L 35 -19.67 -37.70 43.50
C ASN L 35 -19.89 -36.29 43.03
N ILE L 36 -18.85 -35.46 43.15
CA ILE L 36 -19.01 -34.03 42.92
C ILE L 36 -17.66 -33.45 42.54
N ILE L 37 -17.71 -32.39 41.74
CA ILE L 37 -16.52 -31.70 41.29
C ILE L 37 -16.80 -30.21 41.24
N LEU L 38 -15.84 -29.44 41.75
CA LEU L 38 -15.93 -27.98 41.80
C LEU L 38 -14.95 -27.39 40.80
N GLN L 39 -15.48 -26.61 39.87
CA GLN L 39 -14.70 -25.92 38.86
C GLN L 39 -14.85 -24.42 39.09
N GLY L 40 -13.73 -23.73 39.28
CA GLY L 40 -13.76 -22.32 39.53
C GLY L 40 -12.41 -21.64 39.31
N PRO L 41 -12.38 -20.31 39.41
CA PRO L 41 -11.12 -19.60 39.21
C PRO L 41 -10.08 -19.96 40.24
N PRO L 42 -8.80 -19.76 39.93
CA PRO L 42 -7.77 -19.84 40.96
C PRO L 42 -7.88 -18.69 41.94
N GLY L 43 -7.50 -18.95 43.18
CA GLY L 43 -7.61 -17.93 44.20
C GLY L 43 -8.98 -17.83 44.80
N VAL L 44 -9.76 -18.90 44.72
CA VAL L 44 -11.11 -18.96 45.26
C VAL L 44 -11.16 -19.70 46.59
N GLY L 45 -10.06 -20.27 47.04
CA GLY L 45 -10.08 -21.01 48.28
C GLY L 45 -10.82 -22.31 48.10
N LYS L 46 -10.71 -22.88 46.90
CA LYS L 46 -11.43 -24.12 46.59
C LYS L 46 -11.05 -25.23 47.54
N THR L 47 -9.76 -25.36 47.83
CA THR L 47 -9.32 -26.35 48.80
C THR L 47 -9.80 -25.99 50.19
N PHE L 48 -9.64 -24.73 50.57
CA PHE L 48 -10.09 -24.27 51.88
C PHE L 48 -11.61 -24.35 51.97
N VAL L 49 -12.30 -24.16 50.84
CA VAL L 49 -13.75 -24.29 50.80
C VAL L 49 -14.15 -25.71 51.17
N ALA L 50 -13.58 -26.68 50.48
CA ALA L 50 -14.00 -28.07 50.64
C ALA L 50 -13.73 -28.58 52.04
N ARG L 51 -12.59 -28.21 52.61
CA ARG L 51 -12.23 -28.69 53.93
C ARG L 51 -13.26 -28.27 54.96
N ARG L 52 -13.61 -26.99 54.97
CA ARG L 52 -14.64 -26.51 55.89
C ARG L 52 -15.95 -27.20 55.60
N LEU L 53 -16.23 -27.41 54.31
CA LEU L 53 -17.42 -28.14 53.92
C LEU L 53 -17.32 -29.60 54.32
N ALA L 54 -16.12 -30.15 54.22
CA ALA L 54 -15.91 -31.53 54.61
C ALA L 54 -16.16 -31.69 56.10
N TYR L 55 -15.61 -30.77 56.90
CA TYR L 55 -15.87 -30.79 58.33
C TYR L 55 -17.34 -30.53 58.61
N LEU L 56 -17.99 -29.70 57.79
CA LEU L 56 -19.40 -29.41 58.00
C LEU L 56 -20.27 -30.64 57.83
N LEU L 57 -20.01 -31.42 56.78
CA LEU L 57 -20.89 -32.55 56.50
C LEU L 57 -20.71 -33.64 57.54
N THR L 58 -19.47 -33.93 57.93
CA THR L 58 -19.24 -34.91 58.98
C THR L 58 -19.77 -34.42 60.31
N GLY L 59 -19.61 -33.13 60.59
CA GLY L 59 -20.10 -32.55 61.81
C GLY L 59 -19.15 -32.62 62.98
N GLU L 60 -17.99 -33.28 62.81
CA GLU L 60 -17.08 -33.55 63.91
C GLU L 60 -15.73 -32.84 63.72
N LYS L 61 -15.49 -32.19 62.59
CA LYS L 61 -14.23 -31.52 62.33
C LYS L 61 -13.08 -32.51 62.50
N ALA L 62 -13.20 -33.64 61.81
CA ALA L 62 -12.23 -34.71 61.91
C ALA L 62 -11.27 -34.66 60.74
N PRO L 63 -9.97 -34.46 60.93
CA PRO L 63 -9.06 -34.58 59.78
C PRO L 63 -8.76 -36.01 59.40
N GLN L 64 -8.83 -36.96 60.34
CA GLN L 64 -8.48 -38.34 60.05
C GLN L 64 -9.41 -38.92 58.99
N ARG L 65 -10.70 -38.64 59.10
CA ARG L 65 -11.65 -39.05 58.07
C ARG L 65 -11.27 -38.45 56.73
N VAL L 66 -10.69 -37.25 56.76
CA VAL L 66 -10.37 -36.48 55.57
C VAL L 66 -9.03 -36.93 55.03
N ASN L 67 -8.97 -37.15 53.72
CA ASN L 67 -7.71 -37.38 53.03
C ASN L 67 -7.73 -36.62 51.72
N MET L 68 -6.58 -36.04 51.36
CA MET L 68 -6.43 -35.16 50.21
C MET L 68 -5.38 -35.67 49.25
N VAL L 69 -5.65 -35.50 47.95
CA VAL L 69 -4.73 -35.90 46.90
C VAL L 69 -4.74 -34.82 45.82
N GLN L 70 -3.58 -34.59 45.23
CA GLN L 70 -3.42 -33.68 44.10
C GLN L 70 -2.91 -34.48 42.91
N PHE L 71 -3.69 -34.47 41.83
CA PHE L 71 -3.36 -35.23 40.64
C PHE L 71 -2.36 -34.53 39.74
N HIS L 72 -1.70 -35.34 38.91
CA HIS L 72 -0.85 -34.84 37.85
C HIS L 72 -0.79 -35.91 36.77
N GLN L 73 -0.20 -35.53 35.65
CA GLN L 73 -0.26 -36.34 34.44
C GLN L 73 0.40 -37.69 34.64
N SER L 74 1.44 -37.75 35.46
CA SER L 74 2.12 -39.01 35.72
C SER L 74 1.33 -39.88 36.68
N TYR L 75 0.47 -39.28 37.50
CA TYR L 75 -0.26 -40.01 38.53
C TYR L 75 -1.02 -41.18 37.94
N SER L 76 -0.86 -42.35 38.57
CA SER L 76 -1.35 -43.60 38.01
C SER L 76 -1.93 -44.50 39.09
N TYR L 77 -2.46 -45.61 38.59
CA TYR L 77 -3.13 -46.61 39.40
C TYR L 77 -2.25 -47.09 40.54
N GLU L 78 -0.93 -47.18 40.29
CA GLU L 78 -0.01 -47.62 41.33
C GLU L 78 0.11 -46.58 42.41
N ASP L 79 0.07 -45.31 42.04
CA ASP L 79 0.14 -44.25 43.05
C ASP L 79 -1.17 -44.21 43.82
N PHE L 80 -2.28 -44.20 43.09
CA PHE L 80 -3.59 -44.01 43.70
C PHE L 80 -4.03 -45.26 44.45
N ILE L 81 -4.07 -46.41 43.77
CA ILE L 81 -4.77 -47.59 44.27
C ILE L 81 -3.86 -48.66 44.85
N GLN L 82 -3.09 -49.32 43.98
CA GLN L 82 -2.22 -50.39 44.41
C GLN L 82 -1.15 -50.60 43.36
N GLY L 83 -0.01 -51.08 43.84
CA GLY L 83 1.14 -51.27 42.97
C GLY L 83 2.19 -52.04 43.71
N TYR L 84 3.22 -52.44 42.97
CA TYR L 84 4.32 -53.22 43.51
C TYR L 84 5.51 -52.28 43.63
N ARG L 85 6.05 -52.20 44.83
CA ARG L 85 7.17 -51.33 45.15
C ARG L 85 8.34 -52.20 45.54
N PRO L 86 9.57 -51.77 45.27
CA PRO L 86 10.71 -52.63 45.55
C PRO L 86 10.90 -52.80 47.04
N ASN L 87 11.22 -54.02 47.43
CA ASN L 87 11.64 -54.30 48.79
C ASN L 87 13.14 -54.05 48.86
N GLY L 88 13.76 -54.42 49.97
CA GLY L 88 15.21 -54.52 49.96
C GLY L 88 15.67 -55.57 48.98
N VAL L 89 14.98 -56.71 48.95
CA VAL L 89 15.19 -57.78 47.98
C VAL L 89 13.81 -58.20 47.48
N GLY L 90 13.67 -58.30 46.16
CA GLY L 90 12.37 -58.64 45.65
C GLY L 90 11.45 -57.45 45.81
N PHE L 91 10.15 -57.72 45.70
CA PHE L 91 9.17 -56.67 45.78
C PHE L 91 7.88 -57.22 46.36
N ARG L 92 7.07 -56.29 46.87
CA ARG L 92 5.85 -56.57 47.59
C ARG L 92 4.71 -55.80 46.99
N ARG L 93 3.49 -56.31 47.15
CA ARG L 93 2.33 -55.52 46.79
C ARG L 93 2.16 -54.44 47.85
N LYS L 94 1.96 -53.22 47.39
CA LYS L 94 2.01 -52.02 48.22
C LYS L 94 0.70 -51.27 48.11
N ASP L 95 -0.02 -51.21 49.22
CA ASP L 95 -1.34 -50.61 49.20
C ASP L 95 -1.25 -49.11 48.93
N GLY L 96 -2.12 -48.63 48.06
CA GLY L 96 -2.18 -47.22 47.74
C GLY L 96 -3.03 -46.46 48.72
N ILE L 97 -3.29 -45.20 48.37
CA ILE L 97 -4.01 -44.30 49.26
C ILE L 97 -5.47 -44.72 49.35
N PHE L 98 -6.10 -44.84 48.20
CA PHE L 98 -7.54 -45.03 48.16
C PHE L 98 -7.92 -46.40 48.69
N TYR L 99 -7.09 -47.40 48.40
CA TYR L 99 -7.31 -48.72 48.96
C TYR L 99 -7.21 -48.69 50.47
N ASN L 100 -6.19 -48.03 51.00
CA ASN L 100 -6.04 -47.92 52.43
C ASN L 100 -7.14 -47.05 53.03
N PHE L 101 -7.49 -45.97 52.32
CA PHE L 101 -8.41 -44.99 52.87
C PHE L 101 -9.80 -45.58 53.07
N CYS L 102 -10.32 -46.28 52.07
CA CYS L 102 -11.66 -46.80 52.14
C CYS L 102 -11.79 -47.90 53.17
N GLN L 103 -10.80 -48.79 53.23
CA GLN L 103 -10.80 -49.83 54.25
C GLN L 103 -10.80 -49.24 55.65
N GLN L 104 -10.20 -48.08 55.81
CA GLN L 104 -10.35 -47.34 57.06
C GLN L 104 -11.80 -46.91 57.24
N ALA L 105 -12.43 -46.46 56.16
CA ALA L 105 -13.83 -46.06 56.22
C ALA L 105 -14.76 -47.25 56.30
N LYS L 106 -14.33 -48.41 55.81
CA LYS L 106 -15.18 -49.60 55.84
C LYS L 106 -15.54 -49.99 57.25
N GLU L 107 -14.62 -49.81 58.20
CA GLU L 107 -14.90 -50.15 59.59
C GLU L 107 -16.04 -49.32 60.14
N GLN L 108 -16.09 -48.05 59.78
CA GLN L 108 -17.07 -47.10 60.29
C GLN L 108 -18.07 -46.80 59.19
N PRO L 109 -19.12 -47.61 59.03
CA PRO L 109 -20.09 -47.33 57.95
C PRO L 109 -20.87 -46.06 58.17
N GLU L 110 -21.24 -45.77 59.40
CA GLU L 110 -22.00 -44.55 59.69
C GLU L 110 -21.20 -43.32 59.35
N LYS L 111 -19.90 -43.38 59.54
CA LYS L 111 -19.06 -42.19 59.48
C LYS L 111 -18.79 -41.83 58.04
N LYS L 112 -19.11 -40.61 57.68
CA LYS L 112 -18.86 -40.12 56.33
C LYS L 112 -17.36 -39.87 56.15
N TYR L 113 -16.80 -40.37 55.05
CA TYR L 113 -15.40 -40.19 54.71
C TYR L 113 -15.31 -39.52 53.35
N ILE L 114 -14.39 -38.55 53.26
CA ILE L 114 -14.30 -37.66 52.12
C ILE L 114 -12.92 -37.79 51.50
N PHE L 115 -12.85 -37.59 50.19
CA PHE L 115 -11.61 -37.67 49.43
C PHE L 115 -11.50 -36.46 48.52
N ILE L 116 -10.34 -35.82 48.55
CA ILE L 116 -10.10 -34.57 47.82
C ILE L 116 -9.10 -34.86 46.71
N ILE L 117 -9.51 -34.57 45.48
CA ILE L 117 -8.68 -34.77 44.30
C ILE L 117 -8.46 -33.41 43.67
N ASP L 118 -7.29 -32.84 43.91
CA ASP L 118 -6.95 -31.55 43.34
C ASP L 118 -6.36 -31.70 41.95
N GLU L 119 -6.69 -30.74 41.08
CA GLU L 119 -6.19 -30.71 39.70
C GLU L 119 -6.49 -32.03 39.02
N ILE L 120 -7.74 -32.47 39.17
CA ILE L 120 -8.15 -33.78 38.70
C ILE L 120 -8.11 -33.84 37.19
N ASN L 121 -8.43 -32.74 36.51
CA ASN L 121 -8.59 -32.77 35.06
C ASN L 121 -7.28 -33.06 34.35
N ARG L 122 -6.15 -32.84 35.01
CA ARG L 122 -4.86 -33.06 34.35
C ARG L 122 -4.65 -34.53 34.05
N ALA L 123 -4.93 -35.39 35.02
CA ALA L 123 -4.66 -36.81 34.89
C ALA L 123 -5.80 -37.52 34.18
N ASN L 124 -5.49 -38.70 33.64
CA ASN L 124 -6.48 -39.56 33.03
C ASN L 124 -7.14 -40.43 34.10
N LEU L 125 -8.40 -40.14 34.38
CA LEU L 125 -9.13 -40.85 35.41
C LEU L 125 -9.15 -42.35 35.14
N SER L 126 -9.40 -42.73 33.89
CA SER L 126 -9.47 -44.15 33.52
C SER L 126 -8.17 -44.88 33.83
N LYS L 127 -7.05 -44.32 33.37
CA LYS L 127 -5.76 -44.95 33.59
C LYS L 127 -5.52 -45.13 35.08
N VAL L 128 -5.88 -44.12 35.86
CA VAL L 128 -5.67 -44.20 37.30
C VAL L 128 -6.64 -45.17 37.92
N PHE L 129 -7.92 -44.87 37.82
CA PHE L 129 -8.93 -45.70 38.47
C PHE L 129 -9.01 -47.06 37.83
N GLY L 130 -9.23 -47.11 36.53
CA GLY L 130 -9.30 -48.39 35.86
C GLY L 130 -10.60 -49.06 36.21
N GLU L 131 -10.46 -50.28 36.72
CA GLU L 131 -11.61 -51.07 37.16
C GLU L 131 -12.55 -50.27 38.04
N VAL L 132 -11.99 -49.61 39.04
CA VAL L 132 -12.77 -48.98 40.08
C VAL L 132 -13.57 -47.79 39.60
N MET L 133 -13.26 -47.26 38.41
CA MET L 133 -13.88 -46.03 37.95
C MET L 133 -15.39 -46.15 37.87
N MET L 134 -15.92 -47.35 37.63
CA MET L 134 -17.35 -47.55 37.70
C MET L 134 -17.81 -47.72 39.14
N LEU L 135 -17.02 -48.39 39.98
CA LEU L 135 -17.43 -48.66 41.36
C LEU L 135 -17.63 -47.40 42.18
N MET L 136 -17.03 -46.29 41.77
CA MET L 136 -17.21 -45.05 42.51
C MET L 136 -18.50 -44.36 42.15
N GLU L 137 -19.14 -44.77 41.07
CA GLU L 137 -20.47 -44.29 40.74
C GLU L 137 -21.48 -44.73 41.80
N HIS L 138 -22.24 -43.76 42.31
CA HIS L 138 -23.06 -43.93 43.50
C HIS L 138 -24.04 -45.09 43.40
N ASP L 139 -24.53 -45.37 42.20
CA ASP L 139 -25.50 -46.44 42.04
C ASP L 139 -24.89 -47.79 42.42
N LYS L 140 -23.62 -47.99 42.09
CA LYS L 140 -22.93 -49.26 42.31
C LYS L 140 -21.98 -49.08 43.49
N ARG L 141 -22.50 -49.36 44.68
CA ARG L 141 -21.70 -49.26 45.89
C ARG L 141 -22.02 -50.43 46.81
N GLY L 142 -21.02 -50.82 47.57
CA GLY L 142 -21.13 -51.87 48.55
C GLY L 142 -20.64 -53.21 48.03
N GLU L 143 -20.82 -54.21 48.87
CA GLU L 143 -20.23 -55.53 48.60
C GLU L 143 -20.82 -56.16 47.35
N ASN L 144 -22.05 -55.76 46.98
CA ASN L 144 -22.71 -56.37 45.84
C ASN L 144 -21.89 -56.16 44.58
N TRP L 145 -21.24 -55.00 44.47
CA TRP L 145 -20.49 -54.63 43.28
C TRP L 145 -18.99 -54.89 43.45
N SER L 146 -18.63 -55.81 44.35
CA SER L 146 -17.24 -56.13 44.61
C SER L 146 -16.58 -56.73 43.38
N VAL L 147 -15.33 -56.34 43.13
CA VAL L 147 -14.54 -56.86 42.02
C VAL L 147 -13.12 -57.18 42.49
N PRO L 148 -12.51 -58.27 42.02
CA PRO L 148 -11.09 -58.49 42.34
C PRO L 148 -10.22 -57.56 41.51
N LEU L 149 -9.14 -57.09 42.13
CA LEU L 149 -8.30 -56.11 41.47
C LEU L 149 -7.38 -56.77 40.48
N THR L 150 -6.74 -55.92 39.68
CA THR L 150 -5.83 -56.40 38.64
C THR L 150 -4.69 -57.18 39.27
N TYR L 151 -4.14 -56.66 40.36
CA TYR L 151 -3.01 -57.28 41.04
C TYR L 151 -3.46 -58.19 42.17
N SER L 152 -4.75 -58.34 42.39
CA SER L 152 -5.26 -59.24 43.43
C SER L 152 -5.25 -60.62 42.83
N GLU L 153 -4.14 -61.34 43.06
CA GLU L 153 -3.93 -62.62 42.42
C GLU L 153 -5.02 -63.62 42.79
N ASN L 154 -5.37 -63.68 44.06
CA ASN L 154 -6.44 -64.55 44.54
C ASN L 154 -7.78 -63.83 44.47
N ASP L 155 -8.85 -64.63 44.50
CA ASP L 155 -10.21 -64.11 44.57
C ASP L 155 -10.74 -64.03 46.00
N GLU L 156 -9.85 -64.15 47.00
CA GLU L 156 -10.32 -64.14 48.38
C GLU L 156 -10.92 -62.80 48.74
N GLU L 157 -10.32 -61.72 48.25
CA GLU L 157 -10.74 -60.36 48.57
C GLU L 157 -11.02 -59.59 47.29
N ARG L 158 -12.12 -58.86 47.32
CA ARG L 158 -12.55 -58.01 46.23
C ARG L 158 -12.68 -56.61 46.81
N PHE L 159 -12.55 -55.61 45.95
CA PHE L 159 -12.50 -54.23 46.37
C PHE L 159 -13.83 -53.58 46.04
N TYR L 160 -14.49 -53.04 47.06
CA TYR L 160 -15.74 -52.31 46.88
C TYR L 160 -15.67 -51.04 47.69
N VAL L 161 -16.10 -49.93 47.08
CA VAL L 161 -16.21 -48.69 47.85
C VAL L 161 -17.51 -48.73 48.65
N PRO L 162 -17.47 -48.58 49.97
CA PRO L 162 -18.73 -48.58 50.72
C PRO L 162 -19.46 -47.25 50.54
N GLU L 163 -20.71 -47.25 50.99
CA GLU L 163 -21.62 -46.14 50.76
C GLU L 163 -21.12 -44.86 51.39
N ASN L 164 -20.41 -44.96 52.50
CA ASN L 164 -20.02 -43.79 53.29
C ASN L 164 -19.17 -42.81 52.50
N VAL L 165 -18.46 -43.30 51.48
CA VAL L 165 -17.47 -42.48 50.80
C VAL L 165 -18.15 -41.38 50.00
N TYR L 166 -17.56 -40.20 50.05
CA TYR L 166 -17.91 -39.08 49.20
C TYR L 166 -16.62 -38.59 48.54
N ILE L 167 -16.70 -38.22 47.26
CA ILE L 167 -15.52 -37.84 46.49
C ILE L 167 -15.73 -36.44 45.95
N ILE L 168 -14.80 -35.55 46.28
CA ILE L 168 -14.80 -34.18 45.82
C ILE L 168 -13.60 -34.00 44.91
N GLY L 169 -13.83 -33.33 43.78
CA GLY L 169 -12.78 -33.03 42.83
C GLY L 169 -12.66 -31.54 42.67
N LEU L 170 -11.43 -31.04 42.76
CA LEU L 170 -11.17 -29.63 42.61
C LEU L 170 -10.54 -29.40 41.25
N MET L 171 -11.27 -28.69 40.41
CA MET L 171 -10.87 -28.36 39.07
C MET L 171 -10.87 -26.85 38.99
N ASN L 172 -10.11 -26.31 38.04
CA ASN L 172 -10.01 -24.87 37.89
C ASN L 172 -10.25 -24.46 36.44
N THR L 173 -11.00 -23.38 36.29
CA THR L 173 -11.36 -22.80 35.02
C THR L 173 -10.34 -21.79 34.54
N ALA L 174 -9.12 -21.85 35.07
CA ALA L 174 -8.14 -20.82 34.79
C ALA L 174 -7.65 -20.88 33.35
N ASP L 175 -7.44 -22.08 32.84
CA ASP L 175 -6.62 -22.27 31.66
C ASP L 175 -7.46 -22.32 30.39
N ARG L 176 -7.13 -21.46 29.43
CA ARG L 176 -7.71 -21.54 28.11
C ARG L 176 -7.18 -22.72 27.31
N SER L 177 -5.97 -23.20 27.64
CA SER L 177 -5.42 -24.36 26.94
C SER L 177 -6.30 -25.58 27.14
N LEU L 178 -6.98 -25.67 28.29
CA LEU L 178 -7.85 -26.79 28.56
C LEU L 178 -8.95 -26.86 27.52
N ALA L 179 -9.13 -28.05 26.94
CA ALA L 179 -10.19 -28.30 25.98
C ALA L 179 -11.42 -28.79 26.74
N VAL L 180 -12.38 -29.36 26.03
CA VAL L 180 -13.59 -29.84 26.69
C VAL L 180 -13.24 -30.96 27.65
N VAL L 181 -13.92 -30.96 28.79
CA VAL L 181 -13.67 -31.95 29.82
C VAL L 181 -13.86 -33.35 29.30
N ASP L 182 -13.13 -34.29 29.88
CA ASP L 182 -13.24 -35.68 29.50
C ASP L 182 -14.66 -36.19 29.74
N TYR L 183 -15.13 -37.02 28.82
CA TYR L 183 -16.49 -37.54 28.89
C TYR L 183 -16.73 -38.33 30.17
N ALA L 184 -15.71 -39.03 30.65
CA ALA L 184 -15.82 -39.81 31.88
C ALA L 184 -16.28 -38.95 33.03
N LEU L 185 -15.68 -37.78 33.17
CA LEU L 185 -15.97 -36.88 34.28
C LEU L 185 -17.43 -36.47 34.27
N ARG L 186 -17.90 -36.00 33.12
CA ARG L 186 -19.22 -35.43 32.97
C ARG L 186 -20.30 -36.39 33.45
N ARG L 187 -20.12 -37.67 33.17
CA ARG L 187 -21.12 -38.66 33.51
C ARG L 187 -21.34 -38.75 35.01
N ARG L 188 -20.27 -38.98 35.76
CA ARG L 188 -20.37 -39.34 37.16
C ARG L 188 -20.38 -38.16 38.11
N PHE L 189 -20.10 -36.95 37.62
CA PHE L 189 -19.91 -35.78 38.47
C PHE L 189 -20.87 -34.67 38.09
N SER L 190 -21.31 -33.93 39.09
CA SER L 190 -22.13 -32.73 38.91
C SER L 190 -21.20 -31.54 38.97
N PHE L 191 -21.21 -30.75 37.89
CA PHE L 191 -20.24 -29.68 37.73
C PHE L 191 -20.78 -28.42 38.35
N ILE L 192 -19.97 -27.78 39.18
CA ILE L 192 -20.38 -26.64 39.98
C ILE L 192 -19.45 -25.46 39.71
N ASP L 193 -20.06 -24.30 39.49
CA ASP L 193 -19.34 -23.06 39.28
C ASP L 193 -19.39 -22.25 40.57
N ILE L 194 -18.22 -21.82 41.04
CA ILE L 194 -18.09 -21.08 42.28
C ILE L 194 -17.79 -19.62 41.96
N GLU L 195 -18.53 -18.73 42.58
CA GLU L 195 -18.34 -17.31 42.35
C GLU L 195 -17.13 -16.79 43.13
N PRO L 196 -16.52 -15.69 42.66
CA PRO L 196 -15.42 -15.10 43.45
C PRO L 196 -15.86 -14.62 44.81
N GLY L 197 -17.08 -14.08 44.92
CA GLY L 197 -17.63 -13.67 46.19
C GLY L 197 -17.31 -12.25 46.60
N PHE L 198 -16.94 -11.39 45.66
CA PHE L 198 -16.72 -9.99 46.00
C PHE L 198 -18.00 -9.34 46.48
N ASP L 199 -19.08 -9.57 45.74
CA ASP L 199 -20.36 -8.94 46.06
C ASP L 199 -20.90 -9.39 47.41
N THR L 200 -20.47 -10.56 47.89
CA THR L 200 -21.10 -11.14 49.07
C THR L 200 -20.88 -10.23 50.29
N PRO L 201 -21.87 -10.06 51.16
CA PRO L 201 -21.62 -9.31 52.39
C PRO L 201 -20.64 -9.99 53.32
N GLN L 202 -20.63 -11.33 53.32
CA GLN L 202 -19.77 -12.06 54.23
C GLN L 202 -18.30 -11.75 53.96
N PHE L 203 -17.98 -11.48 52.71
CA PHE L 203 -16.63 -11.03 52.38
C PHE L 203 -16.45 -9.57 52.75
N ARG L 204 -17.52 -8.77 52.60
CA ARG L 204 -17.45 -7.36 53.00
C ARG L 204 -17.36 -7.22 54.51
N ASN L 205 -18.04 -8.10 55.24
CA ASN L 205 -17.90 -8.15 56.68
C ASN L 205 -16.57 -8.74 57.11
N PHE L 206 -15.87 -9.39 56.19
CA PHE L 206 -14.52 -9.87 56.45
C PHE L 206 -13.46 -8.78 56.32
N LEU L 207 -13.81 -7.64 55.71
CA LEU L 207 -12.95 -6.48 55.68
C LEU L 207 -13.38 -5.38 56.62
N LEU L 208 -14.69 -5.22 56.83
CA LEU L 208 -15.17 -4.22 57.78
C LEU L 208 -14.89 -4.65 59.21
N ASN L 209 -14.83 -5.96 59.46
CA ASN L 209 -14.39 -6.44 60.75
C ASN L 209 -12.94 -6.06 60.99
N LYS L 210 -12.16 -5.83 59.93
CA LYS L 210 -10.79 -5.35 60.03
C LYS L 210 -10.68 -3.84 59.96
N LYS L 211 -11.74 -3.13 60.34
CA LYS L 211 -11.73 -1.68 60.42
C LYS L 211 -11.53 -1.05 59.05
N ALA L 212 -11.95 -1.74 58.00
CA ALA L 212 -11.85 -1.20 56.66
C ALA L 212 -12.87 -0.08 56.47
N GLU L 213 -12.52 0.88 55.63
CA GLU L 213 -13.47 1.94 55.29
C GLU L 213 -14.63 1.38 54.46
N PRO L 214 -15.88 1.72 54.76
CA PRO L 214 -16.97 1.29 53.89
C PRO L 214 -16.82 1.79 52.46
N SER L 215 -16.31 3.01 52.29
CA SER L 215 -16.02 3.50 50.96
C SER L 215 -14.94 2.65 50.31
N PHE L 216 -13.87 2.39 51.06
CA PHE L 216 -12.80 1.54 50.57
C PHE L 216 -13.30 0.15 50.29
N VAL L 217 -14.19 -0.36 51.15
CA VAL L 217 -14.76 -1.69 50.95
C VAL L 217 -15.66 -1.70 49.71
N GLU L 218 -16.62 -0.78 49.66
CA GLU L 218 -17.60 -0.77 48.58
C GLU L 218 -16.93 -0.47 47.24
N SER L 219 -15.94 0.44 47.23
CA SER L 219 -15.30 0.82 45.97
C SER L 219 -14.65 -0.38 45.30
N LEU L 220 -13.92 -1.17 46.09
CA LEU L 220 -13.16 -2.35 45.68
C LEU L 220 -14.10 -3.40 45.11
N CYS L 221 -15.25 -3.59 45.76
CA CYS L 221 -16.25 -4.50 45.24
C CYS L 221 -16.71 -4.07 43.85
N GLN L 222 -16.95 -2.78 43.67
CA GLN L 222 -17.35 -2.26 42.37
C GLN L 222 -16.19 -2.36 41.38
N LYS L 223 -14.97 -2.15 41.85
CA LYS L 223 -13.74 -2.05 41.07
C LYS L 223 -13.44 -3.38 40.40
N MET L 224 -13.43 -4.46 41.17
CA MET L 224 -13.20 -5.82 40.77
C MET L 224 -14.34 -6.33 39.91
N ASN L 225 -15.57 -5.98 40.28
CA ASN L 225 -16.73 -6.35 39.48
C ASN L 225 -16.64 -5.76 38.09
N GLU L 226 -16.08 -4.55 37.98
CA GLU L 226 -15.93 -3.93 36.67
C GLU L 226 -15.02 -4.77 35.78
N LEU L 227 -13.95 -5.31 36.36
CA LEU L 227 -12.99 -6.20 35.73
C LEU L 227 -13.61 -7.57 35.49
N ASN L 228 -14.30 -8.11 36.49
CA ASN L 228 -14.87 -9.44 36.40
C ASN L 228 -15.85 -9.53 35.24
N GLN L 229 -16.56 -8.44 34.98
CA GLN L 229 -17.44 -8.39 33.83
C GLN L 229 -16.64 -8.35 32.54
N GLU L 230 -15.54 -7.60 32.51
CA GLU L 230 -14.80 -7.42 31.26
C GLU L 230 -14.10 -8.70 30.84
N ILE L 231 -13.49 -9.41 31.79
CA ILE L 231 -12.77 -10.67 31.59
C ILE L 231 -13.72 -11.75 31.10
N SER L 232 -14.94 -11.78 31.61
CA SER L 232 -15.96 -12.69 31.09
C SER L 232 -16.69 -12.14 29.88
N LYS L 233 -16.52 -10.86 29.57
CA LYS L 233 -17.17 -10.29 28.39
C LYS L 233 -16.62 -10.91 27.13
N GLU L 234 -15.34 -11.29 27.13
CA GLU L 234 -14.75 -11.98 25.99
C GLU L 234 -15.52 -13.25 25.72
N ALA L 235 -15.85 -13.48 24.45
CA ALA L 235 -16.75 -14.58 24.11
C ALA L 235 -16.06 -15.92 24.27
N THR L 236 -14.92 -16.10 23.62
CA THR L 236 -14.30 -17.41 23.44
C THR L 236 -13.13 -17.61 24.38
N ILE L 237 -12.17 -16.69 24.34
CA ILE L 237 -10.86 -16.92 24.94
C ILE L 237 -10.94 -16.85 26.45
N LEU L 238 -11.66 -15.87 26.97
CA LEU L 238 -11.77 -15.64 28.42
C LEU L 238 -13.25 -15.65 28.78
N GLY L 239 -13.67 -16.67 29.52
CA GLY L 239 -15.05 -16.82 29.92
C GLY L 239 -15.31 -16.39 31.35
N LYS L 240 -16.48 -16.79 31.85
CA LYS L 240 -16.84 -16.52 33.24
C LYS L 240 -15.89 -17.19 34.22
N GLY L 241 -15.41 -18.39 33.88
CA GLY L 241 -14.57 -19.12 34.81
C GLY L 241 -13.24 -18.43 35.08
N PHE L 242 -12.81 -17.57 34.17
CA PHE L 242 -11.50 -16.93 34.27
C PHE L 242 -11.45 -15.92 35.41
N ARG L 243 -12.59 -15.36 35.81
CA ARG L 243 -12.59 -14.12 36.57
C ARG L 243 -11.97 -14.31 37.96
N ILE L 244 -11.36 -13.24 38.46
CA ILE L 244 -10.45 -13.33 39.61
C ILE L 244 -11.20 -13.68 40.88
N GLY L 245 -10.54 -14.47 41.75
CA GLY L 245 -11.07 -14.82 43.05
C GLY L 245 -10.55 -13.91 44.17
N HIS L 246 -11.02 -14.19 45.38
CA HIS L 246 -10.77 -13.33 46.54
C HIS L 246 -9.61 -13.78 47.42
N SER L 247 -9.03 -14.97 47.20
CA SER L 247 -8.09 -15.53 48.16
C SER L 247 -6.87 -14.66 48.35
N TYR L 248 -6.48 -13.91 47.32
CA TYR L 248 -5.32 -13.04 47.43
C TYR L 248 -5.57 -11.95 48.47
N PHE L 249 -6.84 -11.54 48.61
CA PHE L 249 -7.19 -10.46 49.50
C PHE L 249 -7.15 -10.89 50.96
N CYS L 250 -7.49 -12.16 51.23
CA CYS L 250 -7.49 -12.65 52.60
C CYS L 250 -6.11 -12.51 53.24
N CYS L 251 -5.12 -13.18 52.67
CA CYS L 251 -3.80 -13.28 53.29
C CYS L 251 -3.07 -11.93 53.34
N GLY L 252 -2.95 -11.38 54.55
CA GLY L 252 -2.19 -10.17 54.81
C GLY L 252 -2.93 -9.11 55.62
N LEU L 253 -4.18 -9.39 56.02
CA LEU L 253 -5.01 -8.44 56.74
C LEU L 253 -5.22 -8.82 58.20
N GLU L 254 -5.54 -10.08 58.46
CA GLU L 254 -5.77 -10.55 59.83
C GLU L 254 -4.49 -11.07 60.47
N ASP L 255 -3.38 -11.07 59.73
CA ASP L 255 -2.07 -11.36 60.32
C ASP L 255 -1.70 -10.34 61.38
N GLY L 256 -2.21 -9.10 61.26
CA GLY L 256 -1.91 -8.05 62.20
C GLY L 256 -1.79 -6.67 61.58
N THR L 257 -1.94 -6.57 60.26
CA THR L 257 -1.80 -5.32 59.52
C THR L 257 -3.15 -4.91 58.93
N SER L 258 -3.53 -3.68 59.17
CA SER L 258 -4.86 -3.21 58.81
C SER L 258 -4.98 -2.95 57.32
N PRO L 259 -6.20 -2.98 56.78
CA PRO L 259 -6.38 -2.68 55.35
C PRO L 259 -6.05 -1.25 55.02
N ASP L 260 -5.54 -1.04 53.82
CA ASP L 260 -5.26 0.29 53.32
C ASP L 260 -5.11 0.21 51.81
N THR L 261 -5.24 1.35 51.14
CA THR L 261 -5.10 1.36 49.69
C THR L 261 -3.69 0.97 49.28
N GLN L 262 -2.69 1.41 50.05
CA GLN L 262 -1.32 1.02 49.75
C GLN L 262 -1.14 -0.48 49.89
N TRP L 263 -1.81 -1.10 50.85
CA TRP L 263 -1.77 -2.54 50.98
C TRP L 263 -2.37 -3.18 49.74
N LEU L 264 -3.48 -2.63 49.26
CA LEU L 264 -4.07 -3.09 48.01
C LEU L 264 -3.14 -2.85 46.85
N ASN L 265 -2.50 -1.68 46.82
CA ASN L 265 -1.61 -1.30 45.72
C ASN L 265 -0.52 -2.35 45.51
N GLU L 266 0.03 -2.89 46.59
CA GLU L 266 0.99 -3.97 46.44
C GLU L 266 0.33 -5.19 45.82
N ILE L 267 -0.90 -5.49 46.24
CA ILE L 267 -1.58 -6.70 45.79
C ILE L 267 -1.86 -6.63 44.30
N VAL L 268 -2.15 -5.43 43.79
CA VAL L 268 -2.40 -5.23 42.37
C VAL L 268 -1.18 -5.66 41.57
N MET L 269 -0.02 -5.20 42.00
CA MET L 269 1.22 -5.54 41.31
C MET L 269 1.56 -7.01 41.49
N THR L 270 1.28 -7.55 42.68
CA THR L 270 1.76 -8.88 43.04
C THR L 270 1.11 -9.96 42.18
N ASP L 271 -0.22 -9.99 42.15
CA ASP L 271 -0.96 -11.12 41.59
C ASP L 271 -1.80 -10.70 40.39
N ILE L 272 -2.60 -9.66 40.55
CA ILE L 272 -3.55 -9.30 39.50
C ILE L 272 -2.80 -8.79 38.27
N ALA L 273 -1.73 -8.02 38.49
CA ALA L 273 -0.98 -7.46 37.38
C ALA L 273 -0.34 -8.54 36.50
N PRO L 274 0.40 -9.52 37.06
CA PRO L 274 0.86 -10.60 36.18
C PRO L 274 -0.28 -11.42 35.63
N LEU L 275 -1.29 -11.68 36.45
CA LEU L 275 -2.45 -12.44 35.98
C LEU L 275 -3.14 -11.71 34.84
N LEU L 276 -3.27 -10.39 34.98
CA LEU L 276 -3.84 -9.59 33.91
C LEU L 276 -3.02 -9.68 32.64
N GLU L 277 -1.70 -9.75 32.79
CA GLU L 277 -0.85 -9.92 31.62
C GLU L 277 -1.09 -11.28 31.00
N GLU L 278 -1.21 -12.30 31.84
CA GLU L 278 -1.35 -13.70 31.49
C GLU L 278 -2.63 -13.95 30.69
N TYR L 279 -3.73 -13.35 31.13
CA TYR L 279 -5.00 -13.58 30.46
C TYR L 279 -4.99 -13.00 29.05
N PHE L 280 -4.66 -11.73 28.93
CA PHE L 280 -4.63 -11.10 27.61
C PHE L 280 -3.42 -11.54 26.81
N PHE L 281 -2.22 -11.25 27.32
CA PHE L 281 -0.97 -11.63 26.66
C PHE L 281 -0.84 -11.01 25.26
N ASP L 282 -1.62 -9.98 24.97
CA ASP L 282 -1.61 -9.30 23.68
C ASP L 282 -1.29 -7.82 23.82
N ASP L 283 -2.05 -7.10 24.64
CA ASP L 283 -1.99 -5.65 24.74
C ASP L 283 -1.47 -5.22 26.10
N PRO L 284 -0.28 -4.61 26.21
CA PRO L 284 0.12 -4.08 27.52
C PRO L 284 -0.71 -2.88 27.94
N TYR L 285 -1.14 -2.04 27.00
CA TYR L 285 -1.98 -0.90 27.36
C TYR L 285 -3.27 -1.36 28.00
N LYS L 286 -3.91 -2.38 27.42
CA LYS L 286 -5.16 -2.89 27.99
C LYS L 286 -4.91 -3.41 29.40
N GLN L 287 -3.74 -4.02 29.61
CA GLN L 287 -3.31 -4.37 30.96
C GLN L 287 -3.05 -3.13 31.79
N GLN L 288 -2.29 -2.18 31.22
CA GLN L 288 -1.92 -0.98 31.96
C GLN L 288 -3.14 -0.14 32.30
N LYS L 289 -4.07 -0.04 31.35
CA LYS L 289 -5.31 0.69 31.59
C LYS L 289 -6.05 0.08 32.76
N TRP L 290 -6.19 -1.24 32.76
CA TRP L 290 -6.88 -1.91 33.85
C TRP L 290 -6.08 -1.84 35.14
N THR L 291 -4.76 -2.09 35.08
CA THR L 291 -3.94 -2.02 36.28
C THR L 291 -3.95 -0.61 36.84
N ASN L 292 -3.82 0.40 35.98
CA ASN L 292 -3.90 1.78 36.43
C ASN L 292 -5.29 2.06 37.00
N LYS L 293 -6.33 1.51 36.37
CA LYS L 293 -7.68 1.71 36.86
C LYS L 293 -7.84 1.17 38.28
N LEU L 294 -7.23 0.01 38.54
CA LEU L 294 -7.36 -0.60 39.86
C LEU L 294 -6.74 0.26 40.93
N LEU L 295 -5.56 0.80 40.64
CA LEU L 295 -4.79 1.50 41.65
C LEU L 295 -5.45 2.80 42.08
N GLY L 296 -5.98 3.57 41.12
CA GLY L 296 -6.61 4.83 41.43
C GLY L 296 -6.64 5.80 40.27
N ALA M 12 26.68 -9.77 50.86
CA ALA M 12 26.48 -10.18 49.47
C ALA M 12 25.87 -9.07 48.62
N LEU M 13 25.91 -7.83 49.10
CA LEU M 13 25.46 -6.66 48.34
C LEU M 13 26.60 -5.66 48.39
N ASN M 14 27.52 -5.80 47.44
CA ASN M 14 28.60 -4.86 47.24
C ASN M 14 28.58 -4.24 45.86
N ASP M 15 28.29 -5.02 44.82
CA ASP M 15 28.15 -4.47 43.47
C ASP M 15 27.20 -5.38 42.70
N LEU M 16 25.91 -5.03 42.71
CA LEU M 16 24.89 -5.72 41.96
C LEU M 16 24.26 -4.74 40.97
N PHE M 17 24.28 -5.10 39.69
CA PHE M 17 23.90 -4.17 38.64
C PHE M 17 22.40 -3.93 38.60
N ILE M 18 21.60 -4.84 39.14
CA ILE M 18 20.14 -4.78 39.08
C ILE M 18 19.64 -3.65 39.99
N PRO M 19 18.54 -2.96 39.67
CA PRO M 19 18.09 -1.87 40.54
C PRO M 19 17.69 -2.33 41.93
N GLU M 20 17.73 -1.35 42.85
CA GLU M 20 17.39 -1.59 44.26
C GLU M 20 15.93 -1.96 44.43
N THR M 21 15.07 -1.51 43.51
CA THR M 21 13.62 -1.73 43.64
C THR M 21 13.30 -3.22 43.68
N THR M 22 13.77 -3.96 42.69
CA THR M 22 13.43 -5.38 42.57
C THR M 22 13.94 -6.18 43.76
N ILE M 23 15.19 -5.95 44.14
CA ILE M 23 15.80 -6.72 45.23
C ILE M 23 15.07 -6.47 46.54
N GLU M 24 14.53 -5.27 46.74
CA GLU M 24 13.70 -5.02 47.89
C GLU M 24 12.32 -5.63 47.70
N THR M 25 11.78 -5.53 46.49
CA THR M 25 10.47 -6.09 46.20
C THR M 25 10.46 -7.60 46.37
N ILE M 26 11.51 -8.25 45.87
CA ILE M 26 11.59 -9.70 45.91
C ILE M 26 11.65 -10.18 47.35
N LEU M 27 12.43 -9.49 48.18
CA LEU M 27 12.54 -9.85 49.58
C LEU M 27 11.18 -9.76 50.26
N LYS M 28 10.39 -8.78 49.85
CA LYS M 28 8.99 -8.75 50.26
C LYS M 28 8.22 -9.92 49.65
N ARG M 29 8.47 -10.22 48.38
CA ARG M 29 7.73 -11.27 47.70
C ARG M 29 8.09 -12.63 48.25
N LEU M 30 9.37 -12.87 48.51
CA LEU M 30 9.81 -14.20 48.91
C LEU M 30 9.35 -14.52 50.31
N THR M 31 9.40 -13.52 51.20
CA THR M 31 8.91 -13.70 52.55
C THR M 31 7.42 -14.00 52.57
N ILE M 32 6.71 -13.66 51.48
CA ILE M 32 5.28 -13.86 51.36
C ILE M 32 5.02 -15.13 50.57
N LYS M 33 5.47 -15.13 49.31
CA LYS M 33 5.13 -16.21 48.39
C LYS M 33 5.99 -17.42 48.62
N LYS M 34 7.27 -17.23 48.93
CA LYS M 34 8.25 -18.26 49.24
C LYS M 34 8.66 -19.07 48.01
N ASN M 35 8.09 -18.81 46.83
CA ASN M 35 8.37 -19.58 45.62
C ASN M 35 8.35 -18.61 44.43
N ILE M 36 9.53 -18.13 44.05
CA ILE M 36 9.69 -17.13 43.00
C ILE M 36 10.42 -17.71 41.81
N ILE M 37 10.04 -17.26 40.61
CA ILE M 37 10.71 -17.59 39.36
C ILE M 37 11.32 -16.32 38.80
N LEU M 38 12.59 -16.39 38.44
CA LEU M 38 13.30 -15.30 37.78
C LEU M 38 13.36 -15.59 36.28
N GLN M 39 12.66 -14.77 35.51
CA GLN M 39 12.68 -14.86 34.06
C GLN M 39 13.90 -14.07 33.57
N GLY M 40 14.03 -13.89 32.25
CA GLY M 40 14.96 -12.91 31.71
C GLY M 40 16.02 -13.46 30.78
N PRO M 41 16.75 -12.58 30.10
CA PRO M 41 17.75 -13.03 29.13
C PRO M 41 18.92 -13.70 29.83
N PRO M 42 19.63 -14.62 29.17
CA PRO M 42 20.88 -15.12 29.75
C PRO M 42 21.94 -14.05 29.76
N GLY M 43 22.79 -14.09 30.78
CA GLY M 43 23.85 -13.11 30.92
C GLY M 43 23.49 -11.90 31.75
N VAL M 44 22.48 -12.02 32.61
CA VAL M 44 22.13 -11.01 33.60
C VAL M 44 22.44 -11.49 35.01
N GLY M 45 23.22 -12.57 35.15
CA GLY M 45 23.56 -13.08 36.46
C GLY M 45 22.37 -13.61 37.22
N LYS M 46 21.50 -14.35 36.53
CA LYS M 46 20.32 -14.91 37.18
C LYS M 46 20.71 -15.76 38.38
N THR M 47 21.76 -16.55 38.25
CA THR M 47 22.30 -17.23 39.42
C THR M 47 22.93 -16.23 40.37
N PHE M 48 23.63 -15.24 39.82
CA PHE M 48 24.38 -14.31 40.65
C PHE M 48 23.45 -13.45 41.50
N VAL M 49 22.43 -12.87 40.88
CA VAL M 49 21.47 -12.07 41.65
C VAL M 49 20.79 -12.95 42.68
N ALA M 50 20.43 -14.17 42.28
CA ALA M 50 19.78 -15.10 43.18
C ALA M 50 20.76 -15.61 44.25
N ARG M 51 22.00 -15.90 43.84
CA ARG M 51 22.99 -16.43 44.77
C ARG M 51 23.28 -15.45 45.89
N ARG M 52 23.48 -14.18 45.54
CA ARG M 52 23.69 -13.17 46.56
C ARG M 52 22.45 -13.00 47.41
N LEU M 53 21.29 -13.00 46.76
CA LEU M 53 20.02 -12.85 47.47
C LEU M 53 19.84 -13.92 48.53
N ALA M 54 20.33 -15.13 48.25
CA ALA M 54 20.22 -16.21 49.21
C ALA M 54 20.90 -15.83 50.52
N TYR M 55 22.09 -15.21 50.44
CA TYR M 55 22.79 -14.79 51.64
C TYR M 55 22.05 -13.65 52.33
N LEU M 56 21.42 -12.76 51.55
CA LEU M 56 20.70 -11.64 52.15
C LEU M 56 19.59 -12.10 53.08
N LEU M 57 18.81 -13.08 52.65
CA LEU M 57 17.64 -13.48 53.43
C LEU M 57 18.04 -14.02 54.79
N THR M 58 19.11 -14.80 54.85
CA THR M 58 19.65 -15.22 56.13
C THR M 58 20.35 -14.05 56.82
N GLY M 59 20.96 -13.16 56.04
CA GLY M 59 21.78 -12.11 56.60
C GLY M 59 23.21 -12.52 56.87
N GLU M 60 23.57 -13.75 56.56
CA GLU M 60 24.90 -14.30 56.77
C GLU M 60 25.35 -14.86 55.44
N LYS M 61 26.59 -14.57 55.07
CA LYS M 61 27.13 -15.02 53.80
C LYS M 61 27.71 -16.42 53.98
N ALA M 62 26.80 -17.37 54.20
CA ALA M 62 27.12 -18.76 54.50
C ALA M 62 26.59 -19.67 53.39
N PRO M 63 27.41 -20.56 52.82
CA PRO M 63 26.90 -21.37 51.71
C PRO M 63 25.99 -22.49 52.16
N GLN M 64 26.16 -22.96 53.39
CA GLN M 64 25.61 -24.26 53.80
C GLN M 64 24.10 -24.30 53.67
N ARG M 65 23.43 -23.25 54.10
CA ARG M 65 21.98 -23.21 54.04
C ARG M 65 21.49 -23.23 52.60
N VAL M 66 22.31 -22.77 51.68
CA VAL M 66 21.93 -22.62 50.29
C VAL M 66 22.39 -23.84 49.51
N ASN M 67 21.52 -24.34 48.63
CA ASN M 67 21.87 -25.40 47.71
C ASN M 67 21.23 -25.11 46.37
N MET M 68 21.92 -25.49 45.30
CA MET M 68 21.54 -25.12 43.95
C MET M 68 21.59 -26.34 43.05
N VAL M 69 20.58 -26.49 42.21
CA VAL M 69 20.48 -27.60 41.27
C VAL M 69 19.98 -27.12 39.92
N GLN M 70 20.46 -27.78 38.87
CA GLN M 70 20.06 -27.52 37.51
C GLN M 70 19.18 -28.66 37.03
N PHE M 71 17.94 -28.33 36.65
CA PHE M 71 17.02 -29.32 36.15
C PHE M 71 17.22 -29.57 34.67
N HIS M 72 16.98 -30.81 34.27
CA HIS M 72 16.94 -31.19 32.88
C HIS M 72 15.77 -32.14 32.68
N GLN M 73 15.46 -32.38 31.40
CA GLN M 73 14.24 -33.08 31.05
C GLN M 73 14.20 -34.47 31.65
N SER M 74 15.34 -35.13 31.75
CA SER M 74 15.41 -36.46 32.32
C SER M 74 15.60 -36.46 33.83
N TYR M 75 15.58 -35.29 34.46
CA TYR M 75 15.64 -35.26 35.91
C TYR M 75 14.35 -35.85 36.47
N SER M 76 14.49 -36.68 37.51
CA SER M 76 13.39 -37.50 38.00
C SER M 76 13.22 -37.36 39.51
N TYR M 77 12.09 -37.90 39.95
CA TYR M 77 11.75 -37.97 41.36
C TYR M 77 12.84 -38.70 42.14
N GLU M 78 13.44 -39.73 41.54
CA GLU M 78 14.44 -40.53 42.24
C GLU M 78 15.71 -39.75 42.49
N ASP M 79 16.13 -38.98 41.50
CA ASP M 79 17.32 -38.15 41.69
C ASP M 79 17.00 -37.04 42.67
N PHE M 80 15.80 -36.50 42.54
CA PHE M 80 15.39 -35.36 43.34
C PHE M 80 15.13 -35.77 44.79
N ILE M 81 14.43 -36.89 45.00
CA ILE M 81 13.83 -37.17 46.30
C ILE M 81 14.30 -38.48 46.92
N GLN M 82 13.84 -39.60 46.37
CA GLN M 82 14.17 -40.92 46.89
C GLN M 82 14.19 -41.92 45.75
N GLY M 83 15.21 -42.77 45.75
CA GLY M 83 15.32 -43.79 44.74
C GLY M 83 16.02 -45.00 45.33
N TYR M 84 16.01 -46.08 44.55
CA TYR M 84 16.58 -47.36 44.96
C TYR M 84 17.72 -47.65 44.01
N ARG M 85 18.86 -47.10 44.32
CA ARG M 85 20.08 -47.42 43.60
C ARG M 85 20.71 -48.67 44.23
N PRO M 86 21.42 -49.47 43.44
CA PRO M 86 21.97 -50.70 44.00
C PRO M 86 23.24 -50.45 44.79
N ASN M 87 23.36 -51.17 45.91
CA ASN M 87 24.62 -51.35 46.59
C ASN M 87 25.25 -52.63 46.04
N GLY M 88 26.24 -53.16 46.76
CA GLY M 88 27.00 -54.29 46.24
C GLY M 88 26.14 -55.50 45.90
N VAL M 89 25.13 -55.80 46.72
CA VAL M 89 24.33 -57.02 46.58
C VAL M 89 22.90 -56.69 46.14
N GLY M 90 22.21 -55.85 46.92
CA GLY M 90 20.80 -55.61 46.72
C GLY M 90 20.50 -54.13 46.76
N PHE M 91 19.32 -53.80 46.28
CA PHE M 91 18.97 -52.40 46.14
C PHE M 91 18.72 -51.74 47.49
N ARG M 92 19.12 -50.48 47.56
CA ARG M 92 19.11 -49.70 48.79
C ARG M 92 18.42 -48.37 48.51
N ARG M 93 17.53 -47.96 49.41
CA ARG M 93 16.90 -46.65 49.23
C ARG M 93 17.98 -45.59 49.38
N LYS M 94 17.92 -44.58 48.51
CA LYS M 94 18.89 -43.52 48.47
C LYS M 94 18.18 -42.18 48.54
N ASP M 95 18.57 -41.38 49.52
CA ASP M 95 17.98 -40.05 49.69
C ASP M 95 18.33 -39.17 48.50
N GLY M 96 17.42 -38.26 48.20
CA GLY M 96 17.61 -37.31 47.14
C GLY M 96 18.34 -36.09 47.65
N ILE M 97 18.11 -34.98 46.96
CA ILE M 97 18.74 -33.72 47.31
C ILE M 97 17.76 -32.98 48.21
N PHE M 98 16.55 -32.76 47.70
CA PHE M 98 15.54 -32.01 48.43
C PHE M 98 15.19 -32.71 49.73
N TYR M 99 15.03 -34.03 49.67
CA TYR M 99 14.77 -34.82 50.88
C TYR M 99 15.85 -34.59 51.91
N ASN M 100 17.10 -34.75 51.52
CA ASN M 100 18.23 -34.50 52.41
C ASN M 100 18.27 -33.04 52.84
N PHE M 101 18.11 -32.12 51.88
CA PHE M 101 18.17 -30.68 52.12
C PHE M 101 17.30 -30.24 53.28
N CYS M 102 16.08 -30.77 53.36
CA CYS M 102 15.13 -30.33 54.38
C CYS M 102 15.57 -30.76 55.78
N GLN M 103 16.23 -31.91 55.88
CA GLN M 103 16.66 -32.41 57.19
C GLN M 103 17.57 -31.41 57.91
N GLN M 104 18.42 -30.70 57.17
CA GLN M 104 19.23 -29.65 57.80
C GLN M 104 18.35 -28.52 58.29
N ALA M 105 17.39 -28.11 57.49
CA ALA M 105 16.54 -26.98 57.84
C ALA M 105 15.69 -27.27 59.07
N LYS M 106 15.32 -28.55 59.26
CA LYS M 106 14.52 -28.92 60.42
C LYS M 106 15.29 -28.65 61.71
N GLU M 107 16.62 -28.78 61.66
CA GLU M 107 17.44 -28.53 62.84
C GLU M 107 17.35 -27.06 63.28
N GLN M 108 17.33 -26.14 62.32
CA GLN M 108 17.42 -24.71 62.58
C GLN M 108 16.16 -24.06 62.01
N PRO M 109 15.01 -24.27 62.65
CA PRO M 109 13.76 -23.69 62.13
C PRO M 109 13.76 -22.19 62.12
N GLU M 110 14.44 -21.55 63.07
CA GLU M 110 14.53 -20.10 63.07
C GLU M 110 15.22 -19.61 61.81
N LYS M 111 16.25 -20.33 61.38
CA LYS M 111 17.02 -19.92 60.22
C LYS M 111 16.28 -20.24 58.95
N LYS M 112 16.76 -19.62 57.87
CA LYS M 112 16.15 -19.73 56.56
C LYS M 112 17.08 -20.52 55.65
N TYR M 113 16.54 -21.60 55.08
CA TYR M 113 17.22 -22.43 54.11
C TYR M 113 16.54 -22.24 52.77
N ILE M 114 17.34 -22.23 51.71
CA ILE M 114 16.87 -21.80 50.40
C ILE M 114 17.37 -22.80 49.36
N PHE M 115 16.49 -23.17 48.45
CA PHE M 115 16.74 -24.17 47.43
C PHE M 115 16.64 -23.49 46.08
N ILE M 116 17.71 -23.56 45.31
CA ILE M 116 17.79 -22.92 44.00
C ILE M 116 17.67 -23.98 42.93
N ILE M 117 16.75 -23.77 42.00
CA ILE M 117 16.43 -24.73 40.94
C ILE M 117 16.63 -24.02 39.61
N ASP M 118 17.75 -24.29 38.94
CA ASP M 118 18.03 -23.66 37.67
C ASP M 118 17.36 -24.39 36.52
N GLU M 119 16.86 -23.62 35.57
CA GLU M 119 16.21 -24.14 34.37
C GLU M 119 15.09 -25.10 34.73
N ILE M 120 14.26 -24.64 35.66
CA ILE M 120 13.14 -25.43 36.14
C ILE M 120 12.10 -25.63 35.05
N ASN M 121 11.95 -24.65 34.15
CA ASN M 121 10.92 -24.73 33.14
C ASN M 121 11.12 -25.93 32.22
N ARG M 122 12.37 -26.34 32.03
CA ARG M 122 12.66 -27.36 31.04
C ARG M 122 12.06 -28.69 31.42
N ALA M 123 12.30 -29.15 32.64
CA ALA M 123 11.80 -30.43 33.08
C ALA M 123 10.34 -30.33 33.48
N ASN M 124 9.70 -31.48 33.56
CA ASN M 124 8.35 -31.57 34.10
C ASN M 124 8.44 -31.60 35.62
N LEU M 125 7.83 -30.61 36.24
CA LEU M 125 7.86 -30.50 37.68
C LEU M 125 7.11 -31.66 38.32
N SER M 126 6.00 -32.06 37.69
CA SER M 126 5.09 -33.01 38.31
C SER M 126 5.73 -34.38 38.48
N LYS M 127 6.38 -34.89 37.43
CA LYS M 127 7.02 -36.19 37.51
C LYS M 127 8.08 -36.20 38.60
N VAL M 128 8.79 -35.08 38.76
CA VAL M 128 9.85 -35.01 39.75
C VAL M 128 9.26 -34.80 41.13
N PHE M 129 8.53 -33.70 41.30
CA PHE M 129 7.99 -33.38 42.62
C PHE M 129 6.91 -34.37 43.02
N GLY M 130 6.00 -34.68 42.11
CA GLY M 130 5.01 -35.70 42.39
C GLY M 130 4.09 -35.29 43.51
N GLU M 131 4.07 -36.14 44.54
CA GLU M 131 3.22 -35.93 45.69
C GLU M 131 3.50 -34.59 46.36
N VAL M 132 4.77 -34.21 46.43
CA VAL M 132 5.17 -33.12 47.30
C VAL M 132 4.79 -31.76 46.75
N MET M 133 4.41 -31.68 45.48
CA MET M 133 4.14 -30.37 44.88
C MET M 133 2.96 -29.69 45.57
N MET M 134 2.07 -30.49 46.16
CA MET M 134 1.04 -29.92 46.99
C MET M 134 1.65 -29.24 48.21
N LEU M 135 2.68 -29.86 48.79
CA LEU M 135 3.23 -29.39 50.05
C LEU M 135 4.07 -28.14 49.86
N MET M 136 4.90 -28.12 48.82
CA MET M 136 5.92 -27.10 48.66
C MET M 136 5.39 -25.68 48.58
N GLU M 137 4.12 -25.48 48.24
CA GLU M 137 3.59 -24.13 48.24
C GLU M 137 3.49 -23.63 49.68
N HIS M 138 3.60 -22.30 49.82
CA HIS M 138 3.85 -21.69 51.13
C HIS M 138 2.78 -22.03 52.16
N ASP M 139 1.52 -22.07 51.74
CA ASP M 139 0.43 -22.31 52.68
C ASP M 139 0.55 -23.69 53.33
N LYS M 140 0.54 -24.75 52.52
CA LYS M 140 0.51 -26.12 53.03
C LYS M 140 1.91 -26.53 53.52
N ARG M 141 2.31 -25.90 54.61
CA ARG M 141 3.60 -26.15 55.23
C ARG M 141 3.41 -26.41 56.72
N GLY M 142 4.34 -27.17 57.29
CA GLY M 142 4.32 -27.54 58.69
C GLY M 142 3.94 -28.99 58.89
N GLU M 143 3.92 -29.38 60.17
CA GLU M 143 3.74 -30.78 60.52
C GLU M 143 2.38 -31.31 60.09
N ASN M 144 1.36 -30.46 60.13
CA ASN M 144 0.00 -30.90 59.81
C ASN M 144 -0.07 -31.43 58.38
N TRP M 145 0.69 -30.83 57.47
CA TRP M 145 0.63 -31.21 56.07
C TRP M 145 1.58 -32.35 55.72
N SER M 146 2.08 -33.07 56.73
CA SER M 146 2.97 -34.19 56.49
C SER M 146 2.24 -35.31 55.76
N VAL M 147 2.90 -35.91 54.78
CA VAL M 147 2.31 -36.96 53.96
C VAL M 147 3.29 -38.12 53.87
N PRO M 148 2.82 -39.37 53.77
CA PRO M 148 3.74 -40.47 53.55
C PRO M 148 4.25 -40.46 52.12
N LEU M 149 5.55 -40.70 51.96
CA LEU M 149 6.14 -40.69 50.63
C LEU M 149 5.86 -41.99 49.89
N THR M 150 6.12 -41.94 48.59
CA THR M 150 5.81 -43.04 47.70
C THR M 150 6.55 -44.30 48.09
N TYR M 151 7.83 -44.18 48.40
CA TYR M 151 8.69 -45.32 48.68
C TYR M 151 8.72 -45.70 50.15
N SER M 152 7.96 -45.04 50.99
CA SER M 152 8.03 -45.34 52.41
C SER M 152 7.46 -46.72 52.69
N GLU M 153 8.29 -47.59 53.26
CA GLU M 153 7.82 -48.91 53.67
C GLU M 153 6.83 -48.80 54.83
N ASN M 154 7.08 -47.84 55.71
CA ASN M 154 6.26 -47.59 56.88
C ASN M 154 5.49 -46.29 56.67
N ASP M 155 4.18 -46.34 56.90
CA ASP M 155 3.37 -45.15 56.72
C ASP M 155 3.70 -44.06 57.72
N GLU M 156 4.16 -44.44 58.92
CA GLU M 156 4.32 -43.46 60.00
C GLU M 156 5.35 -42.40 59.64
N GLU M 157 6.43 -42.81 58.99
CA GLU M 157 7.41 -41.84 58.53
C GLU M 157 6.80 -40.96 57.44
N ARG M 158 6.91 -39.65 57.63
CA ARG M 158 6.35 -38.67 56.73
C ARG M 158 7.35 -37.56 56.46
N PHE M 159 7.05 -36.80 55.41
CA PHE M 159 7.88 -35.70 54.95
C PHE M 159 7.00 -34.47 54.97
N TYR M 160 7.44 -33.43 55.67
CA TYR M 160 6.71 -32.19 55.77
C TYR M 160 7.64 -31.04 55.40
N VAL M 161 7.17 -30.17 54.52
CA VAL M 161 7.93 -29.00 54.09
C VAL M 161 7.96 -27.98 55.22
N PRO M 162 9.12 -27.63 55.79
CA PRO M 162 9.13 -26.60 56.82
C PRO M 162 8.93 -25.23 56.21
N GLU M 163 8.46 -24.30 57.05
CA GLU M 163 8.19 -22.94 56.58
C GLU M 163 9.48 -22.25 56.17
N ASN M 164 10.59 -22.59 56.82
CA ASN M 164 11.88 -21.96 56.53
C ASN M 164 12.27 -22.08 55.07
N VAL M 165 11.84 -23.14 54.40
CA VAL M 165 12.29 -23.40 53.04
C VAL M 165 11.74 -22.34 52.09
N TYR M 166 12.62 -21.83 51.23
CA TYR M 166 12.28 -20.91 50.16
C TYR M 166 12.86 -21.42 48.86
N ILE M 167 12.07 -21.38 47.78
CA ILE M 167 12.48 -21.92 46.50
C ILE M 167 12.65 -20.78 45.50
N ILE M 168 13.79 -20.81 44.80
CA ILE M 168 14.11 -19.83 43.77
C ILE M 168 14.31 -20.58 42.46
N GLY M 169 13.67 -20.09 41.41
CA GLY M 169 13.73 -20.71 40.11
C GLY M 169 14.19 -19.73 39.04
N LEU M 170 15.02 -20.22 38.13
CA LEU M 170 15.50 -19.43 37.00
C LEU M 170 14.91 -19.95 35.71
N MET M 171 14.34 -19.06 34.93
CA MET M 171 13.76 -19.37 33.64
C MET M 171 14.40 -18.46 32.61
N ASN M 172 14.81 -19.04 31.49
CA ASN M 172 15.46 -18.30 30.44
C ASN M 172 14.43 -17.91 29.39
N THR M 173 14.26 -16.60 29.20
CA THR M 173 13.31 -16.12 28.21
C THR M 173 13.79 -16.33 26.79
N ALA M 174 15.11 -16.40 26.59
CA ALA M 174 15.69 -16.26 25.25
C ALA M 174 15.20 -17.32 24.28
N ASP M 175 14.90 -18.53 24.76
CA ASP M 175 14.59 -19.70 23.94
C ASP M 175 13.28 -19.50 23.17
N ARG M 176 13.35 -19.65 21.85
CA ARG M 176 12.16 -19.63 21.00
C ARG M 176 11.34 -20.90 21.14
N SER M 177 12.00 -22.04 21.37
CA SER M 177 11.30 -23.32 21.52
C SER M 177 10.24 -23.25 22.60
N LEU M 178 10.42 -22.35 23.56
CA LEU M 178 9.42 -22.18 24.58
C LEU M 178 8.08 -21.83 23.95
N ALA M 179 7.05 -22.55 24.37
CA ALA M 179 5.69 -22.34 23.91
C ALA M 179 4.74 -22.03 25.06
N VAL M 180 4.68 -22.88 26.07
CA VAL M 180 3.68 -22.76 27.12
C VAL M 180 4.38 -22.94 28.47
N VAL M 181 4.07 -22.06 29.39
CA VAL M 181 4.57 -22.22 30.75
C VAL M 181 3.86 -23.40 31.38
N ASP M 182 4.57 -24.12 32.24
CA ASP M 182 3.94 -25.26 32.90
C ASP M 182 2.76 -24.77 33.74
N TYR M 183 1.63 -25.44 33.56
CA TYR M 183 0.43 -25.09 34.31
C TYR M 183 0.67 -25.26 35.80
N ALA M 184 1.25 -26.39 36.18
CA ALA M 184 1.48 -26.68 37.59
C ALA M 184 2.37 -25.62 38.21
N LEU M 185 3.28 -25.07 37.42
CA LEU M 185 4.21 -24.06 37.89
C LEU M 185 3.52 -22.73 38.15
N ARG M 186 2.70 -22.29 37.20
CA ARG M 186 2.14 -20.95 37.26
C ARG M 186 1.19 -20.78 38.44
N ARG M 187 0.50 -21.85 38.81
CA ARG M 187 -0.49 -21.77 39.88
C ARG M 187 0.17 -21.34 41.19
N ARG M 188 1.41 -21.77 41.42
CA ARG M 188 2.07 -21.59 42.70
C ARG M 188 3.07 -20.44 42.65
N PHE M 189 3.91 -20.43 41.63
CA PHE M 189 5.02 -19.49 41.54
C PHE M 189 4.63 -18.11 41.07
N SER M 190 5.41 -17.13 41.51
CA SER M 190 5.30 -15.74 41.07
C SER M 190 6.38 -15.50 40.03
N PHE M 191 5.98 -15.36 38.77
CA PHE M 191 6.94 -15.06 37.73
C PHE M 191 7.48 -13.66 37.94
N ILE M 192 8.79 -13.49 37.72
CA ILE M 192 9.46 -12.21 37.87
C ILE M 192 10.31 -12.00 36.63
N ASP M 193 10.24 -10.80 36.08
CA ASP M 193 10.99 -10.45 34.87
C ASP M 193 12.21 -9.64 35.26
N ILE M 194 13.37 -10.07 34.76
CA ILE M 194 14.64 -9.39 35.00
C ILE M 194 14.97 -8.62 33.73
N GLU M 195 15.08 -7.31 33.85
CA GLU M 195 15.48 -6.51 32.72
C GLU M 195 16.98 -6.67 32.55
N PRO M 196 17.52 -6.37 31.36
CA PRO M 196 18.98 -6.41 31.21
C PRO M 196 19.70 -5.44 32.14
N GLY M 197 19.06 -4.32 32.46
CA GLY M 197 19.65 -3.33 33.35
C GLY M 197 20.98 -2.80 32.86
N PHE M 198 21.13 -2.69 31.54
CA PHE M 198 22.38 -2.19 30.99
C PHE M 198 22.60 -0.72 31.35
N ASP M 199 21.51 0.04 31.50
CA ASP M 199 21.58 1.45 31.86
C ASP M 199 21.18 1.60 33.32
N THR M 200 22.17 1.55 34.20
CA THR M 200 21.96 1.72 35.63
C THR M 200 23.18 2.38 36.22
N PRO M 201 23.07 3.04 37.37
CA PRO M 201 24.24 3.69 37.96
C PRO M 201 25.31 2.69 38.38
N GLN M 202 24.90 1.64 39.09
CA GLN M 202 25.87 0.74 39.70
C GLN M 202 26.68 0.00 38.66
N PHE M 203 26.05 -0.37 37.54
CA PHE M 203 26.79 -0.98 36.45
C PHE M 203 27.80 -0.01 35.84
N ARG M 204 27.38 1.24 35.63
CA ARG M 204 28.28 2.27 35.12
C ARG M 204 29.38 2.57 36.12
N ASN M 205 29.01 2.76 37.38
CA ASN M 205 29.98 3.06 38.43
C ASN M 205 31.02 1.97 38.54
N PHE M 206 30.62 0.72 38.33
CA PHE M 206 31.58 -0.37 38.28
C PHE M 206 32.60 -0.15 37.16
N LEU M 207 32.12 0.18 35.96
CA LEU M 207 33.03 0.38 34.84
C LEU M 207 33.85 1.65 35.03
N LEU M 208 33.26 2.69 35.63
CA LEU M 208 34.01 3.92 35.86
C LEU M 208 35.18 3.68 36.81
N ASN M 209 34.98 2.86 37.85
CA ASN M 209 36.08 2.51 38.73
C ASN M 209 37.18 1.80 37.95
N LYS M 210 36.79 0.95 37.00
CA LYS M 210 37.70 0.40 36.03
C LYS M 210 38.10 1.48 35.02
N LYS M 211 39.18 1.21 34.29
CA LYS M 211 39.74 2.22 33.41
C LYS M 211 38.86 2.42 32.19
N ALA M 212 37.68 3.01 32.39
CA ALA M 212 36.74 3.31 31.32
C ALA M 212 36.38 4.78 31.36
N GLU M 213 36.57 5.46 30.23
CA GLU M 213 36.21 6.86 30.15
C GLU M 213 34.69 7.01 30.07
N PRO M 214 34.15 8.16 30.49
CA PRO M 214 32.69 8.36 30.39
C PRO M 214 32.13 8.21 28.99
N SER M 215 32.88 8.59 27.95
CA SER M 215 32.35 8.47 26.59
C SER M 215 32.15 7.01 26.23
N PHE M 216 33.09 6.15 26.63
CA PHE M 216 32.97 4.73 26.36
C PHE M 216 31.76 4.15 27.08
N VAL M 217 31.49 4.63 28.30
CA VAL M 217 30.29 4.24 29.02
C VAL M 217 29.05 4.73 28.29
N GLU M 218 29.02 6.02 27.96
CA GLU M 218 27.86 6.60 27.29
C GLU M 218 27.63 5.96 25.94
N SER M 219 28.71 5.74 25.18
CA SER M 219 28.60 5.00 23.93
C SER M 219 28.09 3.59 24.19
N LEU M 220 28.67 2.91 25.18
CA LEU M 220 28.33 1.52 25.45
C LEU M 220 26.89 1.36 25.92
N CYS M 221 26.47 2.16 26.90
CA CYS M 221 25.11 2.05 27.39
C CYS M 221 24.11 2.44 26.31
N GLN M 222 24.42 3.47 25.54
CA GLN M 222 23.51 3.94 24.51
C GLN M 222 23.31 2.87 23.44
N LYS M 223 24.40 2.31 22.92
CA LYS M 223 24.31 1.42 21.78
C LYS M 223 23.60 0.13 22.14
N MET M 224 23.90 -0.44 23.30
CA MET M 224 23.25 -1.67 23.70
C MET M 224 21.77 -1.43 23.98
N ASN M 225 21.44 -0.25 24.52
CA ASN M 225 20.04 0.10 24.71
C ASN M 225 19.32 0.12 23.38
N GLU M 226 19.94 0.70 22.35
CA GLU M 226 19.32 0.73 21.03
C GLU M 226 19.09 -0.68 20.51
N LEU M 227 20.04 -1.56 20.77
CA LEU M 227 19.91 -2.95 20.35
C LEU M 227 18.83 -3.67 21.15
N ASN M 228 18.85 -3.51 22.48
CA ASN M 228 17.87 -4.16 23.32
C ASN M 228 16.47 -3.68 23.00
N GLN M 229 16.31 -2.39 22.73
CA GLN M 229 15.00 -1.84 22.39
C GLN M 229 14.45 -2.48 21.13
N GLU M 230 15.32 -2.77 20.17
CA GLU M 230 14.86 -3.34 18.90
C GLU M 230 14.20 -4.69 19.13
N ILE M 231 14.83 -5.54 19.95
CA ILE M 231 14.30 -6.87 20.17
C ILE M 231 13.03 -6.81 21.00
N SER M 232 13.02 -5.94 22.01
CA SER M 232 11.80 -5.76 22.80
C SER M 232 10.67 -5.18 21.96
N LYS M 233 11.00 -4.38 20.95
CA LYS M 233 9.97 -3.80 20.08
C LYS M 233 9.17 -4.87 19.37
N GLU M 234 9.85 -5.87 18.82
CA GLU M 234 9.21 -6.90 18.02
C GLU M 234 8.68 -7.96 18.99
N ALA M 235 7.63 -7.59 19.71
CA ALA M 235 7.18 -8.36 20.86
C ALA M 235 6.65 -9.73 20.45
N THR M 236 5.75 -9.79 19.48
CA THR M 236 5.17 -11.07 19.10
C THR M 236 6.21 -11.94 18.40
N ILE M 237 7.05 -11.34 17.56
CA ILE M 237 8.08 -12.11 16.88
C ILE M 237 9.10 -12.59 17.90
N LEU M 238 9.49 -11.72 18.82
CA LEU M 238 10.52 -12.01 19.81
C LEU M 238 10.16 -11.43 21.16
N GLY M 239 10.40 -12.21 22.21
CA GLY M 239 10.11 -11.75 23.54
C GLY M 239 10.99 -10.59 23.95
N LYS M 240 10.54 -9.86 24.98
CA LYS M 240 11.38 -8.81 25.54
C LYS M 240 12.64 -9.39 26.15
N GLY M 241 12.54 -10.54 26.82
CA GLY M 241 13.67 -11.18 27.47
C GLY M 241 14.71 -11.70 26.51
N PHE M 242 14.45 -11.67 25.21
CA PHE M 242 15.47 -11.99 24.23
C PHE M 242 16.61 -10.99 24.25
N ARG M 243 16.34 -9.74 24.63
CA ARG M 243 17.35 -8.68 24.54
C ARG M 243 18.57 -9.02 25.39
N ILE M 244 19.75 -8.64 24.88
CA ILE M 244 21.02 -9.12 25.44
C ILE M 244 21.19 -8.59 26.86
N GLY M 245 21.83 -9.41 27.70
CA GLY M 245 22.15 -9.04 29.07
C GLY M 245 23.47 -8.31 29.15
N HIS M 246 24.09 -8.33 30.34
CA HIS M 246 25.30 -7.58 30.61
C HIS M 246 26.47 -8.40 31.16
N SER M 247 26.29 -9.69 31.41
CA SER M 247 27.28 -10.43 32.18
C SER M 247 28.61 -10.54 31.46
N TYR M 248 28.62 -10.49 30.14
CA TYR M 248 29.88 -10.60 29.41
C TYR M 248 30.79 -9.44 29.77
N PHE M 249 30.20 -8.26 29.87
CA PHE M 249 30.96 -7.06 30.15
C PHE M 249 31.47 -7.07 31.59
N CYS M 250 30.73 -7.70 32.50
CA CYS M 250 31.22 -7.88 33.86
C CYS M 250 32.48 -8.73 33.88
N CYS M 251 32.35 -9.99 33.49
CA CYS M 251 33.45 -10.92 33.58
C CYS M 251 34.50 -10.65 32.50
N GLY M 252 35.71 -11.19 32.73
CA GLY M 252 36.83 -11.05 31.83
C GLY M 252 37.76 -9.91 32.13
N LEU M 253 37.40 -9.00 33.03
CA LEU M 253 38.23 -7.87 33.43
C LEU M 253 38.83 -8.05 34.81
N GLU M 254 38.82 -9.28 35.34
CA GLU M 254 39.35 -9.52 36.68
C GLU M 254 40.84 -9.20 36.76
N ASP M 255 41.57 -9.34 35.65
CA ASP M 255 43.00 -9.10 35.62
C ASP M 255 43.38 -7.63 35.73
N GLY M 256 42.42 -6.71 35.79
CA GLY M 256 42.71 -5.29 35.77
C GLY M 256 42.79 -4.69 34.39
N THR M 257 42.39 -5.44 33.35
CA THR M 257 42.42 -4.92 32.00
C THR M 257 41.52 -3.70 31.85
N SER M 258 42.01 -2.71 31.12
CA SER M 258 41.21 -1.53 30.83
C SER M 258 40.11 -1.86 29.83
N PRO M 259 38.85 -1.48 30.08
CA PRO M 259 37.82 -1.65 29.04
C PRO M 259 37.87 -0.51 28.05
N ASP M 260 38.06 -0.85 26.77
CA ASP M 260 38.12 0.13 25.69
C ASP M 260 37.51 -0.50 24.46
N THR M 261 37.34 0.31 23.41
CA THR M 261 36.72 -0.18 22.19
C THR M 261 37.52 -1.35 21.60
N GLN M 262 38.84 -1.34 21.78
CA GLN M 262 39.64 -2.47 21.33
C GLN M 262 39.23 -3.75 22.04
N TRP M 263 39.07 -3.67 23.37
CA TRP M 263 38.59 -4.84 24.11
C TRP M 263 37.16 -5.17 23.73
N LEU M 264 36.36 -4.14 23.47
CA LEU M 264 34.93 -4.34 23.25
C LEU M 264 34.66 -5.23 22.05
N ASN M 265 35.32 -4.94 20.93
CA ASN M 265 34.97 -5.57 19.67
C ASN M 265 35.10 -7.08 19.70
N GLU M 266 35.98 -7.62 20.53
CA GLU M 266 36.10 -9.07 20.62
C GLU M 266 34.83 -9.68 21.19
N ILE M 267 34.35 -9.13 22.32
CA ILE M 267 33.12 -9.65 22.92
C ILE M 267 31.96 -9.43 21.97
N VAL M 268 31.97 -8.31 21.25
CA VAL M 268 30.92 -8.04 20.26
C VAL M 268 30.88 -9.16 19.22
N MET M 269 32.02 -9.42 18.60
CA MET M 269 32.07 -10.40 17.51
C MET M 269 32.07 -11.83 18.03
N THR M 270 32.74 -12.09 19.16
CA THR M 270 32.90 -13.47 19.63
C THR M 270 31.64 -14.01 20.30
N ASP M 271 31.05 -13.24 21.20
CA ASP M 271 29.99 -13.72 22.07
C ASP M 271 28.61 -13.26 21.63
N ILE M 272 28.47 -11.99 21.27
CA ILE M 272 27.18 -11.45 20.90
C ILE M 272 26.80 -11.86 19.47
N ALA M 273 27.77 -11.96 18.58
CA ALA M 273 27.47 -12.25 17.18
C ALA M 273 26.77 -13.58 16.99
N PRO M 274 27.21 -14.69 17.58
CA PRO M 274 26.41 -15.92 17.47
C PRO M 274 25.02 -15.77 18.06
N LEU M 275 24.89 -14.96 19.11
CA LEU M 275 23.57 -14.70 19.67
C LEU M 275 22.68 -13.98 18.67
N LEU M 276 23.25 -13.01 17.95
CA LEU M 276 22.52 -12.38 16.86
C LEU M 276 22.22 -13.40 15.77
N GLU M 277 23.17 -14.30 15.51
CA GLU M 277 22.93 -15.37 14.55
C GLU M 277 21.76 -16.23 14.99
N GLU M 278 21.70 -16.56 16.29
CA GLU M 278 20.60 -17.37 16.80
C GLU M 278 19.29 -16.62 16.76
N TYR M 279 19.29 -15.37 17.23
CA TYR M 279 18.07 -14.59 17.26
C TYR M 279 17.61 -14.24 15.86
N PHE M 280 18.53 -13.76 15.05
CA PHE M 280 18.25 -13.35 13.68
C PHE M 280 18.74 -14.44 12.73
N PHE M 281 17.80 -15.30 12.38
CA PHE M 281 18.03 -16.41 11.45
C PHE M 281 17.54 -16.10 10.05
N ASP M 282 16.97 -14.90 9.84
CA ASP M 282 16.36 -14.52 8.57
C ASP M 282 17.30 -13.72 7.70
N ASP M 283 17.87 -12.64 8.23
CA ASP M 283 18.60 -11.67 7.42
C ASP M 283 19.97 -11.40 8.04
N PRO M 284 21.07 -11.78 7.38
CA PRO M 284 22.38 -11.33 7.88
C PRO M 284 22.59 -9.84 7.68
N TYR M 285 22.00 -9.25 6.63
CA TYR M 285 22.08 -7.82 6.43
C TYR M 285 21.56 -7.07 7.65
N LYS M 286 20.49 -7.58 8.26
CA LYS M 286 19.99 -7.00 9.50
C LYS M 286 21.02 -7.13 10.61
N GLN M 287 21.65 -8.31 10.70
CA GLN M 287 22.72 -8.48 11.68
C GLN M 287 23.88 -7.57 11.31
N GLN M 288 24.25 -7.55 10.04
CA GLN M 288 25.33 -6.70 9.59
C GLN M 288 24.99 -5.25 9.84
N LYS M 289 23.71 -4.90 9.67
CA LYS M 289 23.26 -3.57 10.01
C LYS M 289 23.48 -3.30 11.49
N TRP M 290 23.11 -4.25 12.34
CA TRP M 290 23.16 -4.01 13.79
C TRP M 290 24.55 -4.25 14.37
N THR M 291 25.32 -5.20 13.84
CA THR M 291 26.67 -5.42 14.34
C THR M 291 27.58 -4.23 14.03
N ASN M 292 27.40 -3.62 12.86
CA ASN M 292 28.27 -2.52 12.46
C ASN M 292 28.11 -1.33 13.40
N LYS M 293 26.88 -1.01 13.77
CA LYS M 293 26.60 0.15 14.61
C LYS M 293 27.29 0.04 15.96
N LEU M 294 27.46 -1.19 16.45
CA LEU M 294 28.02 -1.40 17.78
C LEU M 294 29.40 -0.79 17.92
N LEU M 295 30.26 -0.97 16.92
CA LEU M 295 31.63 -0.47 16.95
C LEU M 295 31.85 0.77 16.11
N GLY M 296 31.32 0.81 14.88
CA GLY M 296 31.53 1.95 14.00
C GLY M 296 30.52 3.06 14.19
N GLN N 3 -15.20 -2.54 -10.54
CA GLN N 3 -14.30 -3.44 -9.84
C GLN N 3 -14.82 -4.87 -9.89
N PRO N 4 -14.92 -5.43 -11.09
CA PRO N 4 -15.56 -6.74 -11.26
C PRO N 4 -14.57 -7.89 -11.17
N VAL N 5 -15.05 -8.99 -10.61
CA VAL N 5 -14.29 -10.23 -10.52
C VAL N 5 -15.24 -11.37 -10.86
N ILE N 6 -14.68 -12.56 -10.98
CA ILE N 6 -15.45 -13.73 -11.39
C ILE N 6 -16.40 -14.11 -10.26
N PRO N 7 -17.59 -14.63 -10.54
CA PRO N 7 -18.40 -15.18 -9.45
C PRO N 7 -17.66 -16.30 -8.73
N VAL N 8 -17.82 -16.29 -7.42
CA VAL N 8 -16.90 -17.01 -6.54
C VAL N 8 -17.05 -18.50 -6.69
N ARG N 9 -18.26 -18.97 -7.00
CA ARG N 9 -18.52 -20.40 -7.08
C ARG N 9 -17.68 -21.06 -8.14
N ASN N 10 -17.53 -20.41 -9.30
CA ASN N 10 -16.84 -21.05 -10.40
C ASN N 10 -15.35 -21.20 -10.12
N ILE N 11 -14.79 -20.33 -9.29
CA ILE N 11 -13.37 -20.38 -8.99
C ILE N 11 -13.02 -21.72 -8.36
N TYR N 12 -13.95 -22.26 -7.55
CA TYR N 12 -13.71 -23.52 -6.89
C TYR N 12 -13.46 -24.64 -7.88
N TYR N 13 -14.13 -24.58 -9.03
CA TYR N 13 -13.90 -25.58 -10.06
C TYR N 13 -12.48 -25.49 -10.57
N MET N 14 -11.97 -24.27 -10.70
CA MET N 14 -10.62 -24.10 -11.20
C MET N 14 -9.60 -24.62 -10.20
N LEU N 15 -9.86 -24.42 -8.92
CA LEU N 15 -8.99 -24.95 -7.88
C LEU N 15 -8.97 -26.47 -7.92
N THR N 16 -10.10 -27.08 -8.24
CA THR N 16 -10.19 -28.53 -8.24
C THR N 16 -9.27 -29.12 -9.29
N TYR N 17 -9.31 -28.58 -10.50
CA TYR N 17 -8.39 -29.01 -11.53
C TYR N 17 -6.96 -28.68 -11.16
N ALA N 18 -6.75 -27.54 -10.51
CA ALA N 18 -5.41 -27.16 -10.11
C ALA N 18 -4.87 -28.15 -9.10
N TRP N 19 -5.70 -28.61 -8.18
CA TRP N 19 -5.30 -29.62 -7.21
C TRP N 19 -5.38 -31.03 -7.75
N GLY N 20 -5.93 -31.23 -8.95
CA GLY N 20 -6.09 -32.55 -9.53
C GLY N 20 -6.94 -33.51 -8.71
N TYR N 21 -8.03 -33.02 -8.14
CA TYR N 21 -8.93 -33.84 -7.34
C TYR N 21 -8.21 -34.58 -6.22
N ALA N 28 -19.87 -32.83 -6.68
CA ALA N 28 -20.34 -32.07 -5.53
C ALA N 28 -21.31 -30.97 -5.97
N ASN N 29 -22.22 -30.60 -5.06
CA ASN N 29 -23.27 -29.63 -5.33
C ASN N 29 -22.97 -28.33 -4.61
N LEU N 30 -22.78 -27.26 -5.39
CA LEU N 30 -22.69 -25.91 -4.85
C LEU N 30 -23.95 -25.10 -5.08
N GLU N 31 -24.93 -25.66 -5.77
CA GLU N 31 -26.18 -24.94 -6.01
C GLU N 31 -26.93 -24.71 -4.71
N ALA N 32 -26.84 -25.67 -3.78
CA ALA N 32 -27.61 -25.60 -2.55
C ALA N 32 -27.15 -24.45 -1.67
N ILE N 33 -25.85 -24.24 -1.55
CA ILE N 33 -25.35 -23.28 -0.56
C ILE N 33 -25.74 -21.87 -0.98
N PRO N 34 -26.20 -21.00 -0.08
CA PRO N 34 -26.58 -19.65 -0.48
C PRO N 34 -25.50 -18.59 -0.30
N GLY N 35 -24.34 -18.95 0.22
CA GLY N 35 -23.33 -17.98 0.52
C GLY N 35 -22.45 -17.66 -0.67
N ASN N 36 -22.57 -16.44 -1.19
CA ASN N 36 -21.81 -16.08 -2.37
C ASN N 36 -20.32 -16.07 -2.11
N ASN N 37 -19.91 -15.64 -0.92
CA ASN N 37 -18.49 -15.53 -0.62
C ASN N 37 -17.85 -16.91 -0.56
N LEU N 38 -16.53 -16.92 -0.73
CA LEU N 38 -15.82 -18.17 -0.97
C LEU N 38 -15.81 -19.06 0.26
N LEU N 39 -15.58 -18.46 1.42
CA LEU N 39 -15.34 -19.24 2.63
C LEU N 39 -16.54 -20.10 3.00
N ASP N 40 -17.76 -19.63 2.71
CA ASP N 40 -18.92 -20.48 2.87
C ASP N 40 -18.81 -21.71 1.97
N ILE N 41 -18.32 -21.51 0.75
CA ILE N 41 -18.21 -22.61 -0.19
C ILE N 41 -17.18 -23.61 0.30
N LEU N 42 -16.00 -23.11 0.65
CA LEU N 42 -14.88 -23.99 0.93
C LEU N 42 -15.09 -24.77 2.21
N GLY N 43 -15.61 -24.09 3.24
CA GLY N 43 -15.87 -24.77 4.49
C GLY N 43 -16.92 -25.85 4.36
N TYR N 44 -17.95 -25.60 3.54
CA TYR N 44 -19.03 -26.57 3.41
C TYR N 44 -18.53 -27.88 2.87
N VAL N 45 -17.63 -27.83 1.90
CA VAL N 45 -17.07 -29.05 1.35
C VAL N 45 -16.20 -29.72 2.40
N LEU N 46 -15.36 -28.95 3.06
CA LEU N 46 -14.51 -29.50 4.10
C LEU N 46 -15.36 -30.09 5.21
N ASN N 47 -16.35 -29.34 5.67
CA ASN N 47 -17.26 -29.83 6.70
C ASN N 47 -17.99 -31.07 6.23
N LYS N 48 -18.41 -31.07 4.97
CA LYS N 48 -19.05 -32.24 4.39
C LYS N 48 -18.04 -33.30 4.02
N GLY N 49 -16.84 -32.90 3.60
CA GLY N 49 -15.86 -33.85 3.12
C GLY N 49 -15.38 -34.77 4.21
N VAL N 50 -15.14 -34.21 5.38
CA VAL N 50 -14.75 -35.02 6.53
C VAL N 50 -15.84 -36.02 6.83
N LEU N 51 -17.09 -35.58 6.71
CA LEU N 51 -18.20 -36.47 6.97
C LEU N 51 -18.23 -37.59 5.94
N GLN N 52 -17.82 -37.30 4.70
CA GLN N 52 -17.73 -38.37 3.71
C GLN N 52 -16.65 -39.36 4.11
N LEU N 53 -15.52 -38.85 4.60
CA LEU N 53 -14.42 -39.72 4.99
C LEU N 53 -14.82 -40.59 6.18
N SER N 54 -15.39 -39.96 7.19
CA SER N 54 -15.74 -40.65 8.42
C SER N 54 -16.72 -41.79 8.16
N ARG N 55 -17.58 -41.64 7.16
CA ARG N 55 -18.46 -42.74 6.80
C ARG N 55 -17.66 -43.97 6.42
N ARG N 56 -16.65 -43.80 5.57
CA ARG N 56 -15.80 -44.93 5.22
C ARG N 56 -14.87 -45.27 6.38
N GLY N 57 -14.35 -44.25 7.06
CA GLY N 57 -13.45 -44.45 8.18
C GLY N 57 -12.18 -43.65 7.97
N LEU N 58 -11.74 -42.95 9.01
CA LEU N 58 -10.56 -42.12 8.89
C LEU N 58 -9.28 -42.95 8.98
N GLU N 59 -8.19 -42.36 8.51
CA GLU N 59 -6.93 -43.09 8.43
C GLU N 59 -6.38 -43.38 9.82
N LEU N 60 -5.94 -44.61 10.01
CA LEU N 60 -5.29 -45.07 11.25
C LEU N 60 -3.92 -45.63 10.93
N ASP N 61 -2.89 -44.96 11.43
CA ASP N 61 -1.50 -45.31 11.20
C ASP N 61 -0.92 -45.92 12.46
N TYR N 62 -0.30 -47.09 12.33
CA TYR N 62 0.32 -47.77 13.46
C TYR N 62 1.43 -46.90 14.00
N ASN N 63 1.21 -46.34 15.19
CA ASN N 63 2.17 -45.48 15.82
C ASN N 63 2.91 -46.27 16.89
N PRO N 64 4.22 -46.47 16.78
CA PRO N 64 4.91 -47.24 17.83
C PRO N 64 4.93 -46.46 19.12
N ASN N 65 4.75 -47.19 20.21
CA ASN N 65 4.74 -46.62 21.55
C ASN N 65 5.69 -47.42 22.40
N THR N 66 6.69 -46.74 22.96
CA THR N 66 7.64 -47.32 23.88
C THR N 66 7.51 -46.60 25.21
N GLU N 67 7.03 -47.30 26.22
CA GLU N 67 6.68 -46.68 27.48
C GLU N 67 6.85 -47.68 28.62
N ILE N 68 6.65 -47.17 29.83
CA ILE N 68 6.85 -47.92 31.07
C ILE N 68 5.47 -48.40 31.49
N ILE N 69 5.26 -49.71 31.49
CA ILE N 69 3.94 -50.28 31.77
C ILE N 69 4.09 -51.39 32.79
N PRO N 70 2.98 -51.79 33.43
CA PRO N 70 3.04 -52.91 34.37
C PRO N 70 2.78 -54.24 33.68
N GLY N 71 3.64 -54.58 32.74
CA GLY N 71 3.52 -55.86 32.07
C GLY N 71 4.16 -55.85 30.70
N ILE N 72 4.04 -57.00 30.05
CA ILE N 72 4.63 -57.22 28.75
C ILE N 72 3.62 -56.82 27.70
N LYS N 73 3.98 -55.86 26.86
CA LYS N 73 3.16 -55.48 25.71
C LYS N 73 4.09 -55.32 24.51
N GLY N 74 3.86 -56.13 23.49
CA GLY N 74 4.71 -56.08 22.33
C GLY N 74 6.08 -56.57 22.67
N ARG N 75 7.09 -55.76 22.37
CA ARG N 75 8.49 -56.15 22.50
C ARG N 75 9.09 -55.39 23.67
N ILE N 76 9.63 -56.11 24.64
CA ILE N 76 10.33 -55.45 25.73
C ILE N 76 11.74 -55.10 25.28
N GLU N 77 12.16 -53.88 25.57
CA GLU N 77 13.52 -53.45 25.32
C GLU N 77 14.31 -53.72 26.60
N PHE N 78 15.15 -54.74 26.55
CA PHE N 78 15.83 -55.21 27.76
C PHE N 78 16.69 -54.11 28.34
N ALA N 79 17.31 -53.31 27.48
CA ALA N 79 18.29 -52.33 27.93
C ALA N 79 17.63 -51.27 28.80
N LYS N 80 16.58 -50.63 28.29
CA LYS N 80 15.97 -49.53 29.03
C LYS N 80 15.39 -50.00 30.36
N THR N 81 14.95 -51.25 30.44
CA THR N 81 14.39 -51.75 31.68
C THR N 81 15.46 -51.95 32.74
N ILE N 82 16.55 -52.60 32.38
CA ILE N 82 17.57 -52.90 33.37
C ILE N 82 18.27 -51.63 33.82
N ARG N 83 18.45 -50.69 32.89
CA ARG N 83 19.12 -49.45 33.23
C ARG N 83 18.28 -48.66 34.22
N GLY N 84 16.96 -48.69 34.05
CA GLY N 84 16.05 -48.04 34.95
C GLY N 84 15.56 -48.89 36.10
N PHE N 85 15.95 -50.16 36.13
CA PHE N 85 15.65 -51.04 37.26
C PHE N 85 14.15 -51.17 37.47
N HIS N 86 13.40 -51.15 36.38
CA HIS N 86 11.95 -51.19 36.49
C HIS N 86 11.43 -52.54 36.93
N LEU N 87 12.26 -53.58 36.83
CA LEU N 87 11.86 -54.90 37.29
C LEU N 87 11.51 -54.88 38.76
N ASN N 88 12.25 -54.09 39.54
CA ASN N 88 12.09 -54.12 40.99
C ASN N 88 10.72 -53.63 41.40
N HIS N 89 10.21 -52.60 40.74
CA HIS N 89 8.83 -52.16 40.94
C HIS N 89 7.92 -52.70 39.86
N GLY N 90 8.22 -53.90 39.37
CA GLY N 90 7.30 -54.63 38.52
C GLY N 90 6.89 -53.91 37.26
N LYS N 91 7.84 -53.30 36.56
CA LYS N 91 7.55 -52.53 35.37
C LYS N 91 8.59 -52.84 34.31
N THR N 92 8.20 -52.62 33.06
CA THR N 92 9.07 -52.90 31.93
C THR N 92 8.98 -51.76 30.93
N VAL N 93 10.05 -51.59 30.16
CA VAL N 93 10.08 -50.66 29.06
C VAL N 93 9.82 -51.49 27.82
N SER N 94 8.65 -51.32 27.23
CA SER N 94 8.22 -52.18 26.14
C SER N 94 7.66 -51.38 24.99
N THR N 95 7.93 -51.88 23.79
CA THR N 95 7.52 -51.24 22.56
C THR N 95 6.34 -51.99 21.97
N PHE N 96 5.32 -51.24 21.58
CA PHE N 96 4.13 -51.79 20.97
C PHE N 96 3.53 -50.69 20.10
N ASP N 97 2.64 -51.11 19.22
CA ASP N 97 2.17 -50.25 18.12
C ASP N 97 0.69 -50.00 18.33
N MET N 98 0.39 -48.95 19.08
CA MET N 98 -0.99 -48.54 19.24
C MET N 98 -1.45 -47.87 17.97
N LEU N 99 -2.69 -48.11 17.60
CA LEU N 99 -3.24 -47.63 16.35
C LEU N 99 -4.17 -46.47 16.66
N ASN N 100 -3.78 -45.28 16.22
CA ASN N 100 -4.46 -44.04 16.54
C ASN N 100 -4.79 -43.27 15.29
N GLU N 101 -5.62 -42.25 15.47
CA GLU N 101 -5.94 -41.27 14.45
C GLU N 101 -5.25 -39.93 14.68
N ASP N 102 -4.24 -39.89 15.54
CA ASP N 102 -3.62 -38.63 15.93
C ASP N 102 -2.49 -38.22 14.98
N THR N 103 -2.43 -38.80 13.80
CA THR N 103 -1.39 -38.48 12.83
C THR N 103 -1.50 -37.05 12.34
N LEU N 104 -0.43 -36.61 11.67
CA LEU N 104 -0.35 -35.26 11.13
C LEU N 104 -1.51 -34.94 10.21
N ALA N 105 -1.90 -35.90 9.38
CA ALA N 105 -2.98 -35.67 8.44
C ALA N 105 -4.27 -35.33 9.15
N ASN N 106 -4.56 -36.05 10.21
CA ASN N 106 -5.82 -35.83 10.92
C ASN N 106 -5.73 -34.61 11.80
N ARG N 107 -4.55 -34.36 12.36
CA ARG N 107 -4.34 -33.20 13.22
C ARG N 107 -4.53 -31.91 12.44
N ILE N 108 -4.10 -31.89 11.17
CA ILE N 108 -4.22 -30.68 10.37
C ILE N 108 -5.67 -30.30 10.19
N ILE N 109 -6.52 -31.30 9.95
CA ILE N 109 -7.93 -31.05 9.72
C ILE N 109 -8.56 -30.43 10.95
N LYS N 110 -8.24 -30.98 12.13
CA LYS N 110 -8.91 -30.54 13.34
C LYS N 110 -8.51 -29.14 13.72
N SER N 111 -7.22 -28.83 13.65
CA SER N 111 -6.78 -27.48 13.97
C SER N 111 -7.36 -26.48 12.98
N THR N 112 -7.49 -26.89 11.72
CA THR N 112 -8.06 -26.01 10.71
C THR N 112 -9.51 -25.68 11.06
N LEU N 113 -10.22 -26.63 11.63
CA LEU N 113 -11.61 -26.39 11.99
C LEU N 113 -11.73 -25.28 13.01
N ALA N 114 -10.77 -25.17 13.92
CA ALA N 114 -10.76 -24.04 14.85
C ALA N 114 -10.63 -22.74 14.09
N ILE N 115 -9.74 -22.72 13.09
CA ILE N 115 -9.55 -21.52 12.29
C ILE N 115 -10.84 -21.19 11.56
N LEU N 116 -11.48 -22.22 11.01
CA LEU N 116 -12.72 -22.02 10.27
C LEU N 116 -13.81 -21.45 11.15
N ILE N 117 -13.94 -21.97 12.37
CA ILE N 117 -14.93 -21.44 13.29
C ILE N 117 -14.58 -20.01 13.68
N LYS N 118 -13.29 -19.78 13.95
CA LYS N 118 -12.84 -18.48 14.40
C LYS N 118 -13.01 -17.39 13.35
N HIS N 119 -13.25 -17.74 12.09
CA HIS N 119 -13.38 -16.73 11.05
C HIS N 119 -14.55 -15.82 11.32
N GLU N 120 -14.27 -14.52 11.25
CA GLU N 120 -15.24 -13.51 11.66
C GLU N 120 -16.43 -13.45 10.71
N LYS N 121 -16.20 -13.55 9.41
CA LYS N 121 -17.25 -13.44 8.39
C LYS N 121 -17.52 -14.83 7.86
N LEU N 122 -18.63 -15.43 8.29
CA LEU N 122 -18.95 -16.79 7.93
C LEU N 122 -20.43 -17.06 8.14
N ASN N 123 -20.95 -18.00 7.35
CA ASN N 123 -22.34 -18.42 7.51
C ASN N 123 -22.53 -19.05 8.88
N SER N 124 -23.69 -18.82 9.46
CA SER N 124 -23.96 -19.31 10.80
C SER N 124 -24.03 -20.83 10.82
N THR N 125 -24.67 -21.43 9.82
CA THR N 125 -24.85 -22.87 9.78
C THR N 125 -23.50 -23.58 9.68
N ILE N 126 -22.62 -23.03 8.85
CA ILE N 126 -21.32 -23.64 8.64
C ILE N 126 -20.54 -23.64 9.94
N ARG N 127 -20.58 -22.52 10.64
CA ARG N 127 -19.85 -22.39 11.90
C ARG N 127 -20.40 -23.36 12.94
N ASP N 128 -21.72 -23.55 12.96
CA ASP N 128 -22.33 -24.43 13.94
C ASP N 128 -21.96 -25.88 13.69
N GLU N 129 -22.10 -26.33 12.44
CA GLU N 129 -21.84 -27.73 12.12
C GLU N 129 -20.39 -28.09 12.35
N ALA N 130 -19.48 -27.18 12.05
CA ALA N 130 -18.06 -27.48 12.22
C ALA N 130 -17.74 -27.66 13.69
N ARG N 131 -18.35 -26.83 14.54
CA ARG N 131 -18.13 -26.91 15.96
C ARG N 131 -18.56 -28.25 16.50
N SER N 132 -19.59 -28.84 15.90
CA SER N 132 -19.99 -30.19 16.26
C SER N 132 -18.86 -31.17 15.96
N LEU N 133 -18.33 -31.11 14.74
CA LEU N 133 -17.31 -32.05 14.31
C LEU N 133 -16.05 -31.90 15.13
N TYR N 134 -15.70 -30.66 15.47
CA TYR N 134 -14.54 -30.40 16.31
C TYR N 134 -14.64 -31.15 17.61
N ARG N 135 -15.85 -31.21 18.18
CA ARG N 135 -16.06 -31.99 19.37
C ARG N 135 -16.03 -33.47 19.07
N LYS N 136 -16.48 -33.86 17.87
CA LYS N 136 -16.58 -35.27 17.52
C LYS N 136 -15.23 -35.96 17.38
N LEU N 137 -14.11 -35.23 17.46
CA LEU N 137 -12.77 -35.80 17.38
C LEU N 137 -12.04 -35.55 18.69
N PRO N 138 -12.38 -36.26 19.75
CA PRO N 138 -11.75 -35.95 21.04
C PRO N 138 -10.30 -36.38 21.11
N GLY N 139 -9.95 -37.53 20.52
CA GLY N 139 -8.60 -38.05 20.68
C GLY N 139 -7.53 -37.17 20.07
N ILE N 140 -7.85 -36.53 18.95
CA ILE N 140 -6.86 -35.77 18.20
C ILE N 140 -6.40 -34.54 18.96
N SER N 141 -5.14 -34.17 18.75
CA SER N 141 -4.51 -33.04 19.41
C SER N 141 -4.47 -31.85 18.47
N THR N 142 -4.92 -30.71 18.97
CA THR N 142 -4.83 -29.47 18.20
C THR N 142 -3.39 -29.06 17.98
N LEU N 143 -3.16 -28.33 16.89
CA LEU N 143 -1.83 -27.90 16.50
C LEU N 143 -1.89 -26.51 15.89
N HIS N 144 -0.72 -25.85 15.88
CA HIS N 144 -0.55 -24.53 15.28
C HIS N 144 0.05 -24.72 13.88
N LEU N 145 -0.77 -24.45 12.87
CA LEU N 145 -0.48 -24.88 11.52
C LEU N 145 0.54 -24.00 10.84
N THR N 146 1.41 -24.65 10.08
CA THR N 146 2.41 -23.99 9.25
C THR N 146 2.51 -24.75 7.95
N PRO N 147 3.04 -24.13 6.90
CA PRO N 147 3.34 -24.90 5.68
C PRO N 147 4.32 -26.01 5.92
N GLN N 148 5.20 -25.85 6.92
CA GLN N 148 6.18 -26.89 7.21
C GLN N 148 5.50 -28.19 7.55
N HIS N 149 4.35 -28.10 8.20
CA HIS N 149 3.56 -29.29 8.48
C HIS N 149 3.06 -29.90 7.19
N PHE N 150 2.48 -29.06 6.34
CA PHE N 150 2.01 -29.51 5.04
C PHE N 150 3.17 -29.98 4.19
N SER N 151 4.34 -29.36 4.37
CA SER N 151 5.53 -29.76 3.64
C SER N 151 5.89 -31.20 3.95
N TYR N 152 5.78 -31.60 5.21
CA TYR N 152 6.12 -32.97 5.58
C TYR N 152 5.17 -33.96 4.94
N LEU N 153 3.96 -33.51 4.61
CA LEU N 153 2.93 -34.38 4.11
C LEU N 153 3.00 -34.56 2.60
N ASN N 154 4.09 -34.11 1.96
CA ASN N 154 4.24 -34.34 0.52
C ASN N 154 4.34 -35.81 0.17
N GLY N 155 4.61 -36.68 1.16
CA GLY N 155 4.62 -38.10 0.88
C GLY N 155 3.28 -38.60 0.35
N GLY N 156 2.19 -38.05 0.86
CA GLY N 156 0.89 -38.39 0.33
C GLY N 156 0.54 -39.85 0.48
N LYS N 157 0.92 -40.45 1.62
CA LYS N 157 0.57 -41.86 1.86
C LYS N 157 -0.94 -42.03 1.90
N ASN N 158 -1.66 -41.02 2.36
CA ASN N 158 -3.10 -41.10 2.46
C ASN N 158 -3.73 -41.24 1.08
N THR N 159 -5.04 -41.42 1.08
CA THR N 159 -5.77 -41.67 -0.15
C THR N 159 -5.81 -40.41 -1.01
N ARG N 160 -6.29 -40.62 -2.24
CA ARG N 160 -6.49 -39.50 -3.16
C ARG N 160 -7.53 -38.54 -2.61
N TYR N 161 -8.50 -39.06 -1.86
CA TYR N 161 -9.53 -38.22 -1.31
C TYR N 161 -8.95 -37.34 -0.21
N TYR N 162 -8.09 -37.92 0.63
CA TYR N 162 -7.44 -37.15 1.69
C TYR N 162 -6.62 -36.02 1.10
N LYS N 163 -5.89 -36.30 0.02
CA LYS N 163 -4.99 -35.31 -0.54
C LYS N 163 -5.75 -34.11 -1.08
N PHE N 164 -7.00 -34.33 -1.51
CA PHE N 164 -7.80 -33.22 -2.00
C PHE N 164 -8.21 -32.30 -0.87
N VAL N 165 -8.78 -32.88 0.18
CA VAL N 165 -9.25 -32.09 1.31
C VAL N 165 -8.09 -31.43 2.02
N ILE N 166 -6.93 -32.07 2.03
CA ILE N 166 -5.77 -31.47 2.65
C ILE N 166 -5.36 -30.20 1.92
N SER N 167 -5.42 -30.22 0.59
CA SER N 167 -5.06 -29.05 -0.18
C SER N 167 -5.96 -27.88 0.17
N VAL N 168 -7.21 -28.16 0.49
CA VAL N 168 -8.13 -27.12 0.91
C VAL N 168 -7.60 -26.42 2.15
N CYS N 169 -7.14 -27.21 3.13
CA CYS N 169 -6.62 -26.61 4.35
C CYS N 169 -5.42 -25.72 4.07
N LYS N 170 -4.64 -26.06 3.05
CA LYS N 170 -3.50 -25.23 2.69
C LYS N 170 -3.97 -23.87 2.20
N PHE N 171 -5.05 -23.85 1.43
CA PHE N 171 -5.56 -22.58 0.91
C PHE N 171 -6.05 -21.71 2.04
N ILE N 172 -6.77 -22.33 2.98
CA ILE N 172 -7.35 -21.59 4.10
C ILE N 172 -6.26 -21.01 4.97
N VAL N 173 -5.28 -21.84 5.32
CA VAL N 173 -4.26 -21.42 6.28
C VAL N 173 -3.49 -20.22 5.76
N ASN N 174 -3.01 -20.33 4.52
CA ASN N 174 -2.24 -19.24 3.95
C ASN N 174 -3.13 -18.04 3.69
N ASN N 175 -4.36 -18.28 3.27
CA ASN N 175 -5.33 -17.22 3.03
C ASN N 175 -6.29 -17.08 4.21
N SER N 176 -5.69 -16.85 5.38
CA SER N 176 -6.40 -16.51 6.59
C SER N 176 -5.70 -15.33 7.23
N ILE N 177 -6.48 -14.31 7.57
CA ILE N 177 -5.94 -13.07 8.12
C ILE N 177 -6.67 -12.77 9.43
N PRO N 178 -5.99 -12.43 10.52
CA PRO N 178 -6.72 -11.98 11.70
C PRO N 178 -7.41 -10.66 11.42
N GLY N 179 -8.62 -10.51 11.97
CA GLY N 179 -9.43 -9.34 11.67
C GLY N 179 -9.62 -8.40 12.84
N GLN N 180 -10.88 -8.18 13.22
CA GLN N 180 -11.16 -7.21 14.27
C GLN N 180 -10.60 -7.67 15.60
N ASN N 181 -10.65 -8.98 15.86
CA ASN N 181 -10.32 -9.54 17.16
C ASN N 181 -8.96 -10.21 17.09
N LYS N 182 -8.33 -10.31 18.25
CA LYS N 182 -7.03 -10.98 18.31
C LYS N 182 -7.18 -12.47 18.04
N GLY N 183 -8.24 -13.08 18.57
CA GLY N 183 -8.46 -14.49 18.40
C GLY N 183 -9.00 -14.87 17.05
N HIS N 184 -10.04 -14.17 16.61
CA HIS N 184 -10.78 -14.59 15.43
C HIS N 184 -9.97 -14.34 14.16
N TYR N 185 -10.47 -14.86 13.05
CA TYR N 185 -9.82 -14.79 11.75
C TYR N 185 -10.69 -14.04 10.75
N ARG N 186 -10.05 -13.65 9.66
CA ARG N 186 -10.70 -12.98 8.56
C ARG N 186 -10.09 -13.48 7.26
N PHE N 187 -10.94 -13.76 6.29
CA PHE N 187 -10.49 -14.38 5.06
C PHE N 187 -9.79 -13.39 4.14
N TYR N 188 -8.82 -13.90 3.40
CA TYR N 188 -8.10 -13.10 2.42
C TYR N 188 -9.01 -12.75 1.24
N ASP N 189 -8.83 -11.55 0.71
CA ASP N 189 -9.54 -11.11 -0.49
C ASP N 189 -8.72 -11.62 -1.68
N PHE N 190 -8.86 -12.91 -1.93
CA PHE N 190 -8.03 -13.59 -2.91
C PHE N 190 -8.21 -13.04 -4.31
N GLU N 191 -9.45 -12.69 -4.66
CA GLU N 191 -9.76 -12.32 -6.04
C GLU N 191 -8.96 -11.10 -6.48
N ARG N 192 -8.66 -10.21 -5.54
CA ARG N 192 -8.07 -8.93 -5.90
C ARG N 192 -6.66 -9.11 -6.44
N ASN N 193 -5.89 -10.05 -5.90
CA ASN N 193 -4.52 -10.24 -6.38
C ASN N 193 -4.53 -11.01 -7.69
N GLU N 194 -3.80 -10.50 -8.67
CA GLU N 194 -3.75 -11.14 -9.98
C GLU N 194 -2.75 -12.28 -10.00
N LYS N 195 -1.66 -12.15 -9.23
CA LYS N 195 -0.51 -13.03 -9.36
C LYS N 195 -0.89 -14.47 -9.02
N GLU N 196 -1.49 -14.67 -7.86
CA GLU N 196 -1.93 -15.99 -7.48
C GLU N 196 -3.08 -16.43 -8.37
N MET N 197 -3.93 -15.48 -8.75
CA MET N 197 -4.98 -15.76 -9.70
C MET N 197 -4.39 -16.22 -11.02
N SER N 198 -3.26 -15.64 -11.42
CA SER N 198 -2.60 -16.07 -12.64
C SER N 198 -2.01 -17.46 -12.45
N LEU N 199 -1.36 -17.68 -11.31
CA LEU N 199 -0.82 -19.00 -11.04
C LEU N 199 -1.93 -20.01 -10.90
N LEU N 200 -3.10 -19.57 -10.41
CA LEU N 200 -4.28 -20.41 -10.46
C LEU N 200 -4.65 -20.70 -11.89
N TYR N 201 -4.65 -19.66 -12.72
CA TYR N 201 -5.04 -19.78 -14.12
C TYR N 201 -4.12 -20.75 -14.84
N GLN N 202 -2.81 -20.58 -14.67
CA GLN N 202 -1.86 -21.45 -15.34
C GLN N 202 -1.97 -22.89 -14.84
N LYS N 203 -2.07 -23.07 -13.53
CA LYS N 203 -2.14 -24.42 -13.00
C LYS N 203 -3.48 -25.06 -13.31
N PHE N 204 -4.53 -24.26 -13.35
CA PHE N 204 -5.84 -24.79 -13.70
C PHE N 204 -5.84 -25.40 -15.08
N LEU N 205 -5.21 -24.71 -16.03
CA LEU N 205 -5.21 -25.16 -17.41
C LEU N 205 -4.38 -26.43 -17.58
N TYR N 206 -3.18 -26.46 -16.98
CA TYR N 206 -2.25 -27.55 -17.26
C TYR N 206 -2.83 -28.90 -16.85
N GLU N 207 -3.44 -28.98 -15.67
CA GLU N 207 -4.06 -30.22 -15.26
C GLU N 207 -5.36 -30.46 -16.00
N PHE N 208 -6.06 -29.39 -16.33
CA PHE N 208 -7.29 -29.51 -17.10
C PHE N 208 -7.00 -30.14 -18.46
N CYS N 209 -5.92 -29.69 -19.11
CA CYS N 209 -5.65 -30.14 -20.47
C CYS N 209 -5.37 -31.64 -20.49
N ARG N 210 -4.74 -32.16 -19.43
CA ARG N 210 -4.49 -33.59 -19.37
C ARG N 210 -5.79 -34.37 -19.34
N ARG N 211 -6.78 -33.85 -18.62
CA ARG N 211 -8.06 -34.55 -18.50
C ARG N 211 -8.77 -34.61 -19.84
N GLU N 212 -9.09 -33.46 -20.41
CA GLU N 212 -10.02 -33.45 -21.53
C GLU N 212 -9.34 -33.81 -22.83
N LEU N 213 -8.15 -33.26 -23.07
CA LEU N 213 -7.44 -33.48 -24.32
C LEU N 213 -6.59 -34.75 -24.24
N THR N 214 -7.30 -35.86 -24.10
CA THR N 214 -6.65 -37.16 -24.18
C THR N 214 -6.07 -37.38 -25.56
N SER N 215 -6.69 -36.77 -26.57
CA SER N 215 -6.23 -36.89 -27.94
C SER N 215 -4.79 -36.40 -28.07
N ALA N 216 -4.52 -35.21 -27.55
CA ALA N 216 -3.18 -34.63 -27.60
C ALA N 216 -2.41 -35.00 -26.34
N ASN N 217 -1.10 -34.78 -26.41
CA ASN N 217 -0.21 -34.95 -25.26
C ASN N 217 0.14 -33.57 -24.72
N THR N 218 0.10 -33.43 -23.40
CA THR N 218 0.24 -32.15 -22.73
C THR N 218 1.42 -32.22 -21.80
N THR N 219 2.44 -31.40 -22.06
CA THR N 219 3.61 -31.34 -21.22
C THR N 219 4.18 -29.93 -21.19
N ARG N 220 4.67 -29.53 -20.03
CA ARG N 220 5.46 -28.31 -19.93
C ARG N 220 6.87 -28.56 -20.42
N SER N 221 7.37 -27.65 -21.26
CA SER N 221 8.68 -27.79 -21.90
C SER N 221 9.59 -26.65 -21.44
N TYR N 222 10.76 -26.98 -20.93
CA TYR N 222 11.80 -26.00 -20.70
C TYR N 222 12.48 -25.70 -22.03
N LEU N 223 12.91 -24.45 -22.19
CA LEU N 223 13.54 -24.02 -23.44
C LEU N 223 14.91 -23.46 -23.16
N LYS N 224 15.78 -23.61 -24.15
CA LYS N 224 17.17 -23.17 -24.07
C LYS N 224 17.43 -22.21 -25.21
N TRP N 225 18.14 -21.13 -24.89
CA TRP N 225 18.44 -20.11 -25.89
C TRP N 225 19.31 -20.68 -27.01
N ASP N 226 19.08 -20.18 -28.22
CA ASP N 226 19.96 -20.47 -29.34
C ASP N 226 21.33 -19.81 -29.21
N ALA N 227 21.48 -18.87 -28.28
CA ALA N 227 22.68 -18.06 -28.19
C ALA N 227 23.91 -18.90 -27.85
N SER N 228 25.06 -18.38 -28.25
CA SER N 228 26.35 -18.75 -27.68
C SER N 228 27.04 -17.47 -27.25
N SER N 229 27.70 -17.53 -26.10
CA SER N 229 28.44 -16.38 -25.57
C SER N 229 29.85 -16.83 -25.25
N ILE N 230 30.82 -16.01 -25.65
CA ILE N 230 32.21 -16.29 -25.31
C ILE N 230 32.44 -16.20 -23.81
N SER N 231 31.71 -15.33 -23.12
CA SER N 231 31.97 -15.11 -21.70
C SER N 231 31.66 -16.34 -20.88
N ASP N 232 30.43 -16.85 -20.98
CA ASP N 232 29.96 -17.94 -20.15
C ASP N 232 29.10 -18.89 -20.96
N GLN N 233 29.37 -20.18 -20.84
CA GLN N 233 28.44 -21.19 -21.35
C GLN N 233 27.17 -21.25 -20.50
N SER N 234 27.26 -20.85 -19.23
CA SER N 234 26.13 -20.98 -18.32
C SER N 234 24.97 -20.11 -18.76
N LEU N 235 25.25 -18.86 -19.10
CA LEU N 235 24.21 -17.90 -19.46
C LEU N 235 23.23 -17.72 -18.31
N ASN N 236 23.77 -17.65 -17.10
CA ASN N 236 22.94 -17.42 -15.93
C ASN N 236 22.27 -16.06 -16.00
N LEU N 237 22.98 -15.08 -16.56
CA LEU N 237 22.45 -13.72 -16.63
C LEU N 237 21.20 -13.67 -17.48
N LEU N 238 21.13 -14.50 -18.52
CA LEU N 238 20.00 -14.51 -19.40
C LEU N 238 18.74 -14.95 -18.65
N PRO N 239 17.56 -14.53 -19.09
CA PRO N 239 16.36 -14.88 -18.34
C PRO N 239 16.08 -16.37 -18.43
N ARG N 240 15.63 -16.94 -17.33
CA ARG N 240 15.20 -18.32 -17.36
C ARG N 240 13.87 -18.41 -18.08
N MET N 241 13.75 -19.40 -18.96
CA MET N 241 12.58 -19.55 -19.81
C MET N 241 12.03 -20.95 -19.67
N GLU N 242 10.81 -21.05 -19.15
CA GLU N 242 10.09 -22.31 -19.04
C GLU N 242 8.67 -22.04 -19.50
N THR N 243 8.19 -22.86 -20.44
CA THR N 243 6.85 -22.67 -20.95
C THR N 243 5.84 -22.80 -19.83
N ASP N 244 4.73 -22.09 -19.98
CA ASP N 244 3.60 -22.34 -19.10
C ASP N 244 3.03 -23.72 -19.38
N ILE N 245 2.71 -23.98 -20.65
CA ILE N 245 2.30 -25.31 -21.09
C ILE N 245 2.71 -25.50 -22.53
N THR N 246 2.94 -26.76 -22.90
CA THR N 246 3.00 -27.16 -24.29
C THR N 246 2.10 -28.36 -24.49
N ILE N 247 1.34 -28.32 -25.58
CA ILE N 247 0.31 -29.31 -25.87
C ILE N 247 0.60 -29.89 -27.24
N ARG N 248 1.40 -30.93 -27.26
CA ARG N 248 1.93 -31.48 -28.50
C ARG N 248 1.03 -32.59 -29.02
N SER N 249 0.69 -32.52 -30.30
CA SER N 249 -0.03 -33.57 -31.00
C SER N 249 0.66 -33.83 -32.33
N SER N 250 0.33 -34.98 -32.92
CA SER N 250 1.02 -35.44 -34.12
C SER N 250 0.87 -34.45 -35.26
N GLU N 251 -0.31 -33.86 -35.42
CA GLU N 251 -0.56 -32.98 -36.55
C GLU N 251 0.06 -31.61 -36.32
N LYS N 252 0.05 -31.13 -35.08
CA LYS N 252 0.50 -29.78 -34.80
C LYS N 252 0.95 -29.68 -33.36
N ILE N 253 2.02 -28.92 -33.16
CA ILE N 253 2.46 -28.52 -31.84
C ILE N 253 1.84 -27.18 -31.52
N LEU N 254 1.67 -26.90 -30.23
CA LEU N 254 1.06 -25.65 -29.81
C LEU N 254 1.51 -25.31 -28.41
N ILE N 255 1.98 -24.08 -28.26
CA ILE N 255 2.39 -23.50 -27.00
C ILE N 255 1.39 -22.42 -26.63
N VAL N 256 1.06 -22.33 -25.35
CA VAL N 256 0.14 -21.33 -24.86
C VAL N 256 0.83 -20.50 -23.79
N ASP N 257 0.59 -19.19 -23.84
CA ASP N 257 1.00 -18.26 -22.78
C ASP N 257 -0.25 -17.53 -22.32
N ALA N 258 -0.61 -17.74 -21.07
CA ALA N 258 -1.84 -17.21 -20.49
C ALA N 258 -1.54 -16.56 -19.16
N LYS N 259 -2.16 -15.41 -18.91
CA LYS N 259 -1.98 -14.70 -17.66
C LYS N 259 -3.25 -13.96 -17.30
N TYR N 260 -3.40 -13.69 -16.01
CA TYR N 260 -4.59 -13.04 -15.48
C TYR N 260 -4.27 -11.56 -15.27
N TYR N 261 -4.95 -10.71 -16.01
CA TYR N 261 -4.77 -9.27 -15.95
C TYR N 261 -6.09 -8.59 -15.63
N LYS N 262 -6.01 -7.51 -14.86
CA LYS N 262 -7.17 -6.74 -14.50
C LYS N 262 -7.59 -5.81 -15.63
N SER N 263 -6.64 -5.33 -16.40
CA SER N 263 -6.94 -4.37 -17.45
C SER N 263 -7.83 -4.98 -18.52
N ILE N 264 -7.62 -6.26 -18.84
CA ILE N 264 -8.35 -6.88 -19.91
C ILE N 264 -9.82 -7.06 -19.55
N PHE N 265 -10.13 -7.13 -18.25
CA PHE N 265 -11.51 -7.25 -17.82
C PHE N 265 -12.34 -6.06 -18.28
N SER N 266 -11.72 -4.90 -18.35
CA SER N 266 -12.35 -3.74 -18.97
C SER N 266 -12.42 -3.93 -20.49
N ARG N 267 -13.63 -3.80 -21.02
CA ARG N 267 -13.85 -3.88 -22.47
C ARG N 267 -13.27 -2.66 -23.18
N GLU N 272 -10.40 0.38 -26.15
CA GLU N 272 -9.41 0.96 -25.26
C GLU N 272 -8.05 0.29 -25.50
N LYS N 273 -7.04 0.66 -24.72
CA LYS N 273 -5.73 0.03 -24.84
C LYS N 273 -5.80 -1.43 -24.43
N PHE N 274 -4.86 -2.21 -24.93
CA PHE N 274 -4.79 -3.64 -24.66
C PHE N 274 -3.44 -3.95 -24.03
N HIS N 275 -3.46 -4.81 -23.01
CA HIS N 275 -2.26 -5.24 -22.30
C HIS N 275 -1.89 -6.62 -22.82
N SER N 276 -0.84 -6.68 -23.66
CA SER N 276 -0.38 -7.93 -24.26
C SER N 276 1.13 -8.10 -24.14
N GLN N 277 1.73 -7.60 -23.07
CA GLN N 277 3.18 -7.69 -22.95
C GLN N 277 3.67 -9.14 -22.91
N ASN N 278 2.84 -10.06 -22.41
CA ASN N 278 3.23 -11.47 -22.37
C ASN N 278 3.54 -12.00 -23.76
N LEU N 279 2.98 -11.39 -24.80
CA LEU N 279 3.31 -11.78 -26.16
C LEU N 279 4.79 -11.70 -26.41
N TYR N 280 5.44 -10.72 -25.80
CA TYR N 280 6.87 -10.55 -25.98
C TYR N 280 7.62 -11.81 -25.55
N GLN N 281 7.16 -12.43 -24.47
CA GLN N 281 7.77 -13.69 -24.05
C GLN N 281 7.51 -14.77 -25.08
N LEU N 282 6.36 -14.73 -25.72
CA LEU N 282 5.90 -15.87 -26.51
C LEU N 282 6.76 -16.07 -27.73
N MET N 283 7.05 -14.98 -28.44
CA MET N 283 7.77 -15.09 -29.71
C MET N 283 9.12 -15.75 -29.53
N ASN N 284 9.84 -15.37 -28.49
CA ASN N 284 11.16 -15.94 -28.27
C ASN N 284 11.07 -17.41 -27.87
N TYR N 285 9.99 -17.82 -27.23
CA TYR N 285 9.78 -19.23 -26.98
C TYR N 285 9.64 -19.99 -28.29
N LEU N 286 8.92 -19.41 -29.25
CA LEU N 286 8.78 -20.05 -30.55
C LEU N 286 10.12 -20.21 -31.23
N TRP N 287 10.98 -19.22 -31.08
CA TRP N 287 12.25 -19.23 -31.78
C TRP N 287 13.19 -20.26 -31.19
N SER N 288 13.37 -20.24 -29.87
CA SER N 288 14.31 -21.16 -29.24
C SER N 288 13.85 -22.62 -29.38
N LEU N 289 12.55 -22.85 -29.52
CA LEU N 289 12.04 -24.19 -29.73
C LEU N 289 12.22 -24.61 -31.17
N LYS N 290 12.78 -25.80 -31.37
CA LYS N 290 12.97 -26.38 -32.69
C LYS N 290 12.32 -27.75 -32.70
N PRO N 291 11.33 -28.02 -33.59
CA PRO N 291 10.69 -29.34 -33.57
C PRO N 291 11.36 -30.33 -34.51
N GLU N 292 11.68 -31.52 -34.01
CA GLU N 292 12.24 -32.55 -34.89
C GLU N 292 11.25 -32.97 -35.96
N ASN N 293 9.98 -33.14 -35.59
CA ASN N 293 8.98 -33.54 -36.56
C ASN N 293 8.76 -32.47 -37.61
N GLY N 294 8.81 -31.20 -37.21
CA GLY N 294 8.61 -30.09 -38.12
C GLY N 294 7.29 -30.13 -38.83
N GLU N 295 6.23 -30.52 -38.12
CA GLU N 295 4.89 -30.51 -38.72
C GLU N 295 4.38 -29.09 -38.86
N ASN N 296 4.42 -28.32 -37.77
CA ASN N 296 3.99 -26.93 -37.77
C ASN N 296 4.30 -26.40 -36.38
N ILE N 297 4.19 -25.08 -36.24
CA ILE N 297 4.32 -24.41 -34.95
C ILE N 297 3.20 -23.40 -34.84
N GLY N 298 2.45 -23.46 -33.73
CA GLY N 298 1.37 -22.54 -33.48
C GLY N 298 1.43 -22.01 -32.06
N GLY N 299 0.86 -20.82 -31.89
CA GLY N 299 0.84 -20.16 -30.60
C GLY N 299 -0.55 -19.69 -30.25
N LEU N 300 -0.80 -19.59 -28.95
CA LEU N 300 -2.08 -19.11 -28.45
C LEU N 300 -1.88 -18.24 -27.22
N LEU N 301 -2.57 -17.11 -27.18
CA LEU N 301 -2.77 -16.34 -25.97
C LEU N 301 -4.24 -16.39 -25.60
N ILE N 302 -4.50 -16.83 -24.38
CA ILE N 302 -5.86 -16.98 -23.87
C ILE N 302 -5.93 -16.26 -22.53
N TYR N 303 -6.95 -15.43 -22.36
CA TYR N 303 -7.11 -14.62 -21.17
C TYR N 303 -8.53 -14.75 -20.64
N PRO N 304 -8.75 -14.37 -19.38
CA PRO N 304 -10.12 -14.31 -18.87
C PRO N 304 -10.75 -12.96 -19.07
N HIS N 305 -11.95 -12.96 -19.64
CA HIS N 305 -12.78 -11.76 -19.71
C HIS N 305 -14.09 -12.08 -19.02
N VAL N 306 -14.82 -11.04 -18.65
CA VAL N 306 -16.05 -11.22 -17.89
C VAL N 306 -17.25 -11.28 -18.81
N ASP N 307 -17.33 -10.31 -19.71
CA ASP N 307 -18.56 -10.10 -20.47
C ASP N 307 -18.75 -11.16 -21.54
N THR N 308 -17.77 -11.30 -22.43
CA THR N 308 -17.92 -12.11 -23.63
C THR N 308 -16.57 -12.67 -24.04
N ALA N 309 -16.59 -13.52 -25.04
CA ALA N 309 -15.41 -14.20 -25.55
C ALA N 309 -15.17 -13.75 -26.99
N VAL N 310 -13.93 -13.41 -27.30
CA VAL N 310 -13.52 -12.96 -28.62
C VAL N 310 -12.29 -13.74 -29.04
N LYS N 311 -12.28 -14.20 -30.29
CA LYS N 311 -11.18 -14.99 -30.85
C LYS N 311 -10.67 -14.36 -32.13
N HIS N 312 -9.35 -14.21 -32.23
CA HIS N 312 -8.68 -13.81 -33.44
C HIS N 312 -7.49 -14.72 -33.71
N ARG N 313 -7.11 -14.78 -34.98
CA ARG N 313 -5.92 -15.50 -35.42
C ARG N 313 -5.02 -14.55 -36.19
N TYR N 314 -3.72 -14.82 -36.16
CA TYR N 314 -2.74 -13.93 -36.76
C TYR N 314 -1.61 -14.74 -37.37
N LYS N 315 -1.00 -14.16 -38.40
CA LYS N 315 0.19 -14.71 -39.05
C LYS N 315 1.27 -13.64 -39.03
N ILE N 316 2.18 -13.76 -38.08
CA ILE N 316 3.01 -12.63 -37.70
C ILE N 316 4.37 -12.68 -38.39
N ASN N 317 5.17 -13.68 -38.04
CA ASN N 317 6.54 -13.81 -38.50
C ASN N 317 6.80 -15.21 -39.01
N GLY N 318 5.85 -15.75 -39.75
CA GLY N 318 5.87 -17.15 -40.12
C GLY N 318 5.27 -18.07 -39.09
N PHE N 319 4.63 -17.52 -38.05
CA PHE N 319 3.98 -18.29 -37.01
C PHE N 319 2.49 -17.98 -37.00
N ASP N 320 1.71 -18.98 -36.62
CA ASP N 320 0.25 -18.87 -36.57
C ASP N 320 -0.13 -18.70 -35.12
N ILE N 321 -0.66 -17.54 -34.78
CA ILE N 321 -0.89 -17.17 -33.40
C ILE N 321 -2.34 -16.78 -33.21
N GLY N 322 -2.90 -17.20 -32.08
CA GLY N 322 -4.26 -16.88 -31.70
C GLY N 322 -4.33 -16.07 -30.44
N LEU N 323 -5.20 -15.07 -30.45
CA LEU N 323 -5.62 -14.37 -29.25
C LEU N 323 -7.08 -14.70 -29.00
N CYS N 324 -7.39 -15.13 -27.78
CA CYS N 324 -8.74 -15.56 -27.47
C CYS N 324 -9.07 -15.22 -26.02
N THR N 325 -10.36 -15.21 -25.72
CA THR N 325 -10.86 -14.90 -24.39
C THR N 325 -12.00 -15.84 -24.06
N VAL N 326 -12.33 -15.86 -22.77
CA VAL N 326 -13.39 -16.69 -22.21
C VAL N 326 -14.31 -15.84 -21.36
N ASN N 327 -15.62 -16.08 -21.48
CA ASN N 327 -16.64 -15.31 -20.77
C ASN N 327 -16.92 -16.00 -19.44
N LEU N 328 -15.98 -15.85 -18.53
CA LEU N 328 -16.16 -16.39 -17.19
C LEU N 328 -17.26 -15.66 -16.44
N GLY N 329 -18.01 -16.43 -15.67
CA GLY N 329 -19.25 -15.98 -15.08
C GLY N 329 -20.49 -16.44 -15.82
N GLN N 330 -20.33 -17.04 -17.00
CA GLN N 330 -21.47 -17.53 -17.75
C GLN N 330 -22.03 -18.80 -17.11
N GLU N 331 -21.26 -19.87 -17.19
CA GLU N 331 -21.70 -21.19 -16.75
C GLU N 331 -20.50 -22.10 -16.88
N TRP N 332 -20.35 -23.03 -15.94
CA TRP N 332 -19.14 -23.83 -15.97
C TRP N 332 -19.13 -24.86 -17.10
N PRO N 333 -20.22 -25.60 -17.34
CA PRO N 333 -20.21 -26.51 -18.49
C PRO N 333 -20.04 -25.80 -19.83
N CYS N 334 -20.77 -24.72 -20.05
CA CYS N 334 -20.60 -23.98 -21.29
C CYS N 334 -19.18 -23.41 -21.37
N ILE N 335 -18.61 -23.04 -20.23
CA ILE N 335 -17.19 -22.69 -20.21
C ILE N 335 -16.36 -23.91 -20.55
N HIS N 336 -16.70 -25.05 -19.96
CA HIS N 336 -16.03 -26.30 -20.28
C HIS N 336 -16.24 -26.63 -21.75
N GLN N 337 -17.43 -26.34 -22.27
CA GLN N 337 -17.69 -26.48 -23.70
C GLN N 337 -16.79 -25.54 -24.50
N GLU N 338 -16.69 -24.29 -24.06
CA GLU N 338 -15.98 -23.28 -24.83
C GLU N 338 -14.50 -23.59 -24.95
N LEU N 339 -13.89 -24.05 -23.85
CA LEU N 339 -12.46 -24.30 -23.88
C LEU N 339 -12.11 -25.41 -24.85
N LEU N 340 -12.90 -26.47 -24.84
CA LEU N 340 -12.62 -27.56 -25.76
C LEU N 340 -12.90 -27.12 -27.18
N ASP N 341 -13.93 -26.30 -27.36
CA ASP N 341 -14.21 -25.75 -28.68
C ASP N 341 -13.04 -24.92 -29.17
N ILE N 342 -12.41 -24.19 -28.25
CA ILE N 342 -11.32 -23.28 -28.62
C ILE N 342 -10.15 -24.07 -29.19
N PHE N 343 -9.67 -25.04 -28.43
CA PHE N 343 -8.46 -25.77 -28.80
C PHE N 343 -8.65 -26.54 -30.09
N ASP N 344 -9.87 -26.99 -30.36
CA ASP N 344 -10.15 -27.72 -31.59
C ASP N 344 -9.80 -26.86 -32.80
N GLU N 345 -10.07 -25.57 -32.71
CA GLU N 345 -9.77 -24.66 -33.81
C GLU N 345 -8.27 -24.60 -34.05
N TYR N 346 -7.50 -24.36 -32.99
CA TYR N 346 -6.08 -24.11 -33.13
C TYR N 346 -5.27 -25.39 -33.21
N LEU N 347 -5.70 -26.44 -32.53
CA LEU N 347 -4.90 -27.66 -32.49
C LEU N 347 -4.74 -28.27 -33.88
N LYS N 348 -5.67 -28.00 -34.79
CA LYS N 348 -5.57 -28.44 -36.18
C LYS N 348 -4.26 -28.03 -36.84
PG GNP O . -18.48 25.75 -33.92
O1G GNP O . -17.11 26.19 -34.28
O2G GNP O . -18.46 25.05 -32.63
O3G GNP O . -19.36 26.92 -33.83
N3B GNP O . -19.00 24.81 -35.07
PB GNP O . -20.35 24.09 -34.97
O1B GNP O . -21.42 25.09 -35.10
O2B GNP O . -20.48 23.33 -33.72
O3A GNP O . -20.42 23.09 -36.24
PA GNP O . -21.54 23.47 -37.34
O1A GNP O . -21.35 24.87 -37.77
O2A GNP O . -22.87 23.36 -36.71
O5' GNP O . -21.44 22.51 -38.65
C5' GNP O . -20.48 22.83 -39.65
C4' GNP O . -20.59 21.96 -40.93
O4' GNP O . -20.76 20.58 -40.43
C3' GNP O . -21.82 22.21 -41.80
O3' GNP O . -21.53 21.86 -43.17
C2' GNP O . -22.78 21.22 -41.21
O2' GNP O . -23.87 20.97 -42.10
C1' GNP O . -21.88 20.03 -41.14
N9 GNP O . -22.51 18.91 -40.42
C8 GNP O . -22.41 18.78 -39.11
N7 GNP O . -23.08 17.70 -38.75
C5 GNP O . -23.63 17.18 -39.84
C6 GNP O . -24.39 16.10 -39.99
O6 GNP O . -24.71 15.41 -39.03
N1 GNP O . -24.83 15.77 -41.27
C2 GNP O . -24.45 16.58 -42.33
N2 GNP O . -24.85 16.32 -43.59
N3 GNP O . -23.69 17.65 -42.11
C4 GNP O . -23.27 17.93 -40.87
HNB3 GNP O . -18.47 24.73 -35.88
H5'2 GNP O . -19.50 22.64 -39.22
H5'1 GNP O . -20.56 23.87 -39.92
H4' GNP O . -19.72 22.15 -41.54
H3' GNP O . -22.17 23.24 -41.75
HO3' GNP O . -22.35 21.94 -43.72
H2' GNP O . -23.07 21.53 -40.22
HO2' GNP O . -24.41 21.79 -42.22
H1' GNP O . -21.58 19.71 -42.14
H8 GNP O . -21.84 19.42 -38.45
HN1 GNP O . -25.41 14.97 -41.41
HN21 GNP O . -25.43 15.53 -43.78
HN22 GNP O . -24.57 16.92 -44.33
MG MG P . -20.87 27.03 -35.08
PG GNP Q . 6.26 38.56 -43.40
O1G GNP Q . 6.00 37.21 -42.89
O2G GNP Q . 7.25 39.24 -42.53
O3G GNP Q . 4.98 39.30 -43.38
N3B GNP Q . 6.79 38.58 -44.89
PB GNP Q . 6.21 37.69 -45.93
O1B GNP Q . 6.00 36.36 -45.40
O2B GNP Q . 4.95 38.29 -46.44
O3A GNP Q . 7.25 37.63 -47.13
PA GNP Q . 7.00 38.68 -48.30
O1A GNP Q . 5.82 38.30 -49.09
O2A GNP Q . 6.75 40.01 -47.71
O5' GNP Q . 8.31 38.70 -49.23
C5' GNP Q . 9.43 39.49 -48.83
C4' GNP Q . 10.52 39.66 -49.92
O4' GNP Q . 10.92 38.34 -50.48
C3' GNP Q . 10.09 40.47 -51.13
O3' GNP Q . 11.25 41.03 -51.76
C2' GNP Q . 9.52 39.39 -51.99
O2' GNP Q . 9.32 39.81 -53.35
C1' GNP Q . 10.62 38.39 -51.90
N9 GNP Q . 10.17 37.15 -52.49
C8 GNP Q . 9.60 36.13 -51.87
N7 GNP Q . 9.33 35.21 -52.78
C5 GNP Q . 9.73 35.66 -53.95
C6 GNP Q . 9.67 35.13 -55.17
O6 GNP Q . 9.20 34.00 -55.33
N1 GNP Q . 10.17 35.85 -56.26
C2 GNP Q . 10.72 37.12 -56.03
N2 GNP Q . 11.21 37.85 -57.03
N3 GNP Q . 10.73 37.60 -54.79
C4 GNP Q . 10.26 36.87 -53.78
HNB3 GNP Q . 7.47 39.22 -45.16
H5'2 GNP Q . 9.88 39.00 -47.97
H5'1 GNP Q . 9.07 40.46 -48.53
H4' GNP Q . 11.31 40.21 -49.44
H3' GNP Q . 9.39 41.25 -50.87
HO3' GNP Q . 10.99 41.52 -52.59
H2' GNP Q . 8.62 38.98 -51.56
HO2' GNP Q . 10.17 40.14 -53.72
H1' GNP Q . 11.51 38.75 -52.42
H8 GNP Q . 9.40 36.05 -50.81
HN1 GNP Q . 10.15 35.46 -57.18
HN21 GNP Q . 11.18 37.52 -57.97
HN22 GNP Q . 11.59 38.75 -56.82
MG MG R . 5.38 40.02 -45.56
PG GNP S . 22.10 54.97 -24.93
O1G GNP S . 21.87 53.82 -25.82
O2G GNP S . 21.96 54.54 -23.52
O3G GNP S . 21.13 56.05 -25.23
N3B GNP S . 23.56 55.50 -25.16
PB GNP S . 24.13 55.60 -26.58
O1B GNP S . 24.67 54.30 -27.02
O2B GNP S . 23.08 56.12 -27.47
O3A GNP S . 25.27 56.68 -26.44
PA GNP S . 24.87 58.13 -26.97
O1A GNP S . 24.64 58.04 -28.41
O2A GNP S . 23.63 58.60 -26.32
O5' GNP S . 26.05 59.15 -26.65
C5' GNP S . 26.32 59.24 -25.27
C4' GNP S . 27.56 60.05 -24.84
O4' GNP S . 28.83 59.50 -25.38
C3' GNP S . 27.57 61.51 -25.28
O3' GNP S . 28.42 62.24 -24.37
C2' GNP S . 28.24 61.38 -26.62
O2' GNP S . 28.69 62.64 -27.12
C1' GNP S . 29.42 60.53 -26.22
N9 GNP S . 30.13 60.05 -27.40
C8 GNP S . 29.97 58.92 -28.06
N7 GNP S . 30.81 58.92 -29.08
C5 GNP S . 31.46 60.07 -29.07
C6 GNP S . 32.40 60.57 -29.87
O6 GNP S . 32.80 59.93 -30.84
N1 GNP S . 32.91 61.83 -29.61
C2 GNP S . 32.43 62.55 -28.51
N2 GNP S . 32.89 63.76 -28.20
N3 GNP S . 31.50 61.99 -27.74
C4 GNP S . 31.04 60.78 -28.02
HNB3 GNP S . 24.12 55.76 -24.38
H5'2 GNP S . 26.42 58.22 -24.87
H5'1 GNP S . 25.45 59.68 -24.81
H4' GNP S . 27.52 60.04 -23.77
H3' GNP S . 26.59 61.95 -25.31
HO3' GNP S . 28.50 63.19 -24.67
H2' GNP S . 27.62 60.83 -27.31
HO2' GNP S . 29.29 63.06 -26.45
H1' GNP S . 30.12 61.12 -25.62
H8 GNP S . 29.30 58.11 -27.78
HN1 GNP S . 33.62 62.22 -30.20
HN21 GNP S . 33.58 64.20 -28.77
HN22 GNP S . 32.51 64.23 -27.40
MG MG T . 22.05 57.39 -26.40
PB GDP U . 15.34 60.53 5.22
O1B GDP U . 16.78 60.64 4.94
O2B GDP U . 15.01 59.09 5.36
O3B GDP U . 14.56 61.08 4.09
O3A GDP U . 14.96 61.29 6.58
PA GDP U . 14.31 62.78 6.58
O1A GDP U . 14.64 63.50 5.33
O2A GDP U . 12.83 62.61 6.68
O5' GDP U . 14.85 63.64 7.86
C5' GDP U . 14.04 63.75 9.04
C4' GDP U . 14.51 64.78 10.08
O4' GDP U . 15.91 64.42 10.42
C3' GDP U . 14.60 66.22 9.60
O3' GDP U . 14.40 67.09 10.74
C2' GDP U . 16.01 66.26 9.13
O2' GDP U . 16.47 67.59 8.97
C1' GDP U . 16.68 65.64 10.31
N9 GDP U . 18.10 65.41 9.96
C8 GDP U . 18.49 64.48 9.11
N7 GDP U . 19.81 64.53 9.00
C5 GDP U . 20.24 65.52 9.78
C6 GDP U . 21.46 65.98 9.99
O6 GDP U . 22.44 65.46 9.45
N1 GDP U . 21.64 67.04 10.85
C2 GDP U . 20.52 67.60 11.47
N2 GDP U . 20.66 68.61 12.30
N3 GDP U . 19.31 67.11 11.20
C4 GDP U . 19.17 66.07 10.37
H5' GDP U . 14.06 62.76 9.49
H5'' GDP U . 13.02 63.99 8.76
H4' GDP U . 13.82 64.77 10.90
H3' GDP U . 13.88 66.46 8.83
HO3' GDP U . 14.53 68.04 10.46
H2' GDP U . 16.12 65.64 8.25
HO2' GDP U . 16.36 68.09 9.81
H1' GDP U . 16.57 66.24 11.19
H8 GDP U . 17.84 63.76 8.60
HN1 GDP U . 22.56 67.39 11.03
HN21 GDP U . 21.58 68.96 12.48
HN22 GDP U . 19.86 69.03 12.75
PB GDP V . -16.68 46.72 14.36
O1B GDP V . -17.72 46.19 13.47
O2B GDP V . -15.56 45.75 14.45
O3B GDP V . -16.18 48.01 13.84
O3A GDP V . -17.30 46.95 15.82
PA GDP V . -16.29 47.40 16.98
O1A GDP V . -15.15 46.45 17.05
O2A GDP V . -15.78 48.76 16.70
O5' GDP V . -17.05 47.40 18.41
C5' GDP V . -17.89 48.50 18.78
C4' GDP V . -18.89 48.06 19.88
O4' GDP V . -18.18 47.52 21.07
C3' GDP V . -19.70 49.22 20.47
O3' GDP V . -20.87 48.69 21.14
C2' GDP V . -18.70 49.77 21.45
O2' GDP V . -19.31 50.71 22.34
C1' GDP V . -18.33 48.50 22.17
N9 GDP V . -17.11 48.70 22.99
C8 GDP V . -15.88 48.34 22.66
N7 GDP V . -15.06 48.69 23.64
C5 GDP V . -15.78 49.30 24.57
C6 GDP V . -15.42 49.84 25.73
O6 GDP V . -14.25 49.82 26.10
N1 GDP V . -16.40 50.43 26.54
C2 GDP V . -17.72 50.42 26.09
N2 GDP V . -18.68 50.97 26.82
N3 GDP V . -18.01 49.86 24.92
C4 GDP V . -17.05 49.30 24.17
H5' GDP V . -18.45 48.81 17.90
H5'' GDP V . -17.24 49.31 19.07
H4' GDP V . -19.55 47.34 19.41
H3' GDP V . -20.01 49.93 19.71
HO3' GDP V . -20.71 47.77 21.51
H2' GDP V . -17.84 50.19 20.97
HO2' GDP V . -20.10 50.29 22.78
H1' GDP V . -19.14 48.19 22.82
H8 GDP V . -15.62 47.81 21.75
HN1 GDP V . -16.15 50.84 27.41
HN21 GDP V . -18.46 51.39 27.70
HN22 GDP V . -19.63 50.95 26.49
PB GDP W . -33.54 28.73 -6.28
O1B GDP W . -33.02 27.88 -7.36
O2B GDP W . -32.73 28.51 -5.06
O3B GDP W . -33.41 30.16 -6.67
O3A GDP W . -35.11 28.39 -6.02
PA GDP W . -35.75 28.45 -4.53
O1A GDP W . -34.79 27.84 -3.57
O2A GDP W . -35.97 29.86 -4.18
O5' GDP W . -37.17 27.65 -4.44
C5' GDP W . -37.70 26.83 -5.49
C4' GDP W . -39.14 26.32 -5.19
O4' GDP W . -39.06 25.35 -4.05
C3' GDP W . -40.08 27.40 -4.68
O3' GDP W . -41.45 27.10 -5.07
C2' GDP W . -39.94 27.22 -3.19
O2' GDP W . -40.99 27.88 -2.48
C1' GDP W . -40.08 25.74 -3.11
N9 GDP W . -39.80 25.26 -1.74
C8 GDP W . -38.54 25.12 -1.38
N7 GDP W . -38.51 24.71 -0.13
C5 GDP W . -39.76 24.61 0.30
C6 GDP W . -40.24 24.24 1.47
O6 GDP W . -39.48 23.93 2.38
N1 GDP W . -41.62 24.21 1.67
C2 GDP W . -42.45 24.59 0.62
N2 GDP W . -43.77 24.58 0.77
N3 GDP W . -41.90 24.96 -0.55
C4 GDP W . -40.57 24.94 -0.71
H5' GDP W . -37.03 26.00 -5.63
H5'' GDP W . -37.72 27.43 -6.41
H4' GDP W . -39.54 25.89 -6.10
H3' GDP W . -39.82 28.40 -5.04
HO3' GDP W . -41.53 27.13 -6.06
H2' GDP W . -38.95 27.52 -2.87
HO2' GDP W . -41.87 27.55 -2.83
H1' GDP W . -41.06 25.41 -3.45
H8 GDP W . -37.68 25.29 -2.01
HN1 GDP W . -42.00 23.94 2.56
HN21 GDP W . -44.18 24.31 1.64
HN22 GDP W . -44.36 24.85 0.00
PG GNP X . 27.87 -36.43 7.67
O1G GNP X . 26.87 -37.28 7.01
O2G GNP X . 27.31 -35.10 7.94
O3G GNP X . 28.27 -37.05 8.96
N3B GNP X . 29.13 -36.34 6.74
PB GNP X . 30.33 -35.45 7.08
O1B GNP X . 31.03 -36.04 8.24
O2B GNP X . 29.93 -34.07 7.37
O3A GNP X . 31.31 -35.49 5.81
PA GNP X . 32.73 -36.22 6.05
O1A GNP X . 32.49 -37.58 6.60
O2A GNP X . 33.48 -35.45 7.06
O5' GNP X . 33.57 -36.35 4.68
C5' GNP X . 33.28 -37.43 3.79
C4' GNP X . 34.27 -37.56 2.61
O4' GNP X . 34.44 -36.19 2.11
C3' GNP X . 35.68 -38.03 2.97
O3' GNP X . 36.27 -38.70 1.84
C2' GNP X . 36.36 -36.71 3.19
O2' GNP X . 37.78 -36.85 3.14
C1' GNP X . 35.87 -35.98 1.99
N9 GNP X . 36.23 -34.55 2.04
C8 GNP X . 35.45 -33.65 2.60
N7 GNP X . 36.05 -32.47 2.49
C5 GNP X . 37.20 -32.65 1.87
C6 GNP X . 38.15 -31.79 1.53
O6 GNP X . 38.03 -30.59 1.80
N1 GNP X . 39.27 -32.25 0.87
C2 GNP X . 39.38 -33.61 0.59
N2 GNP X . 40.43 -34.11 -0.04
N3 GNP X . 38.39 -34.42 0.96
C4 GNP X . 37.31 -33.94 1.59
HNB3 GNP X . 29.17 -36.92 5.96
H5'2 GNP X . 32.30 -37.23 3.37
H5'1 GNP X . 33.27 -38.36 4.35
H4' GNP X . 33.86 -38.29 1.91
H3' GNP X . 35.70 -38.69 3.83
HO3' GNP X . 37.23 -38.93 2.03
H2' GNP X . 35.97 -36.25 4.09
HO2' GNP X . 38.09 -37.43 3.90
H1' GNP X . 36.24 -36.44 1.08
H8 GNP X . 34.49 -33.85 3.06
HN1 GNP X . 40.00 -31.61 0.61
HN21 GNP X . 41.19 -33.51 -0.33
HN22 GNP X . 40.47 -35.09 -0.23
MG MG Y . 30.14 -37.58 9.17
PG GNP Z . 10.10 -57.19 -3.48
O1G GNP Z . 10.34 -55.80 -3.91
O2G GNP Z . 8.68 -57.34 -3.12
O3G GNP Z . 10.96 -57.44 -2.31
N3B GNP Z . 10.48 -58.26 -4.57
PB GNP Z . 11.73 -58.14 -5.39
O1B GNP Z . 11.91 -56.76 -5.83
O2B GNP Z . 12.87 -58.63 -4.60
O3A GNP Z . 11.56 -59.07 -6.65
PA GNP Z . 12.14 -60.54 -6.50
O1A GNP Z . 13.62 -60.51 -6.52
O2A GNP Z . 11.72 -61.09 -5.20
O5' GNP Z . 11.59 -61.42 -7.72
C5' GNP Z . 10.29 -62.00 -7.62
C4' GNP Z . 9.96 -63.06 -8.70
O4' GNP Z . 10.25 -62.53 -10.06
C3' GNP Z . 10.78 -64.34 -8.63
O3' GNP Z . 10.07 -65.40 -9.25
C2' GNP Z . 11.97 -63.95 -9.46
O2' GNP Z . 12.77 -65.08 -9.83
C1' GNP Z . 11.25 -63.40 -10.65
N9 GNP Z . 12.22 -62.75 -11.51
C8 GNP Z . 12.59 -61.48 -11.49
N7 GNP Z . 13.51 -61.31 -12.43
C5 GNP Z . 13.72 -62.49 -13.00
C6 GNP Z . 14.55 -62.85 -13.97
O6 GNP Z . 15.28 -62.01 -14.51
N1 GNP Z . 14.56 -64.18 -14.39
C2 GNP Z . 13.71 -65.10 -13.77
N2 GNP Z . 13.69 -66.37 -14.12
N3 GNP Z . 12.92 -64.67 -12.79
C4 GNP Z . 12.92 -63.38 -12.44
HNB3 GNP Z . 9.92 -59.06 -4.69
H5'2 GNP Z . 9.58 -61.20 -7.71
H5'1 GNP Z . 10.20 -62.45 -6.64
H4' GNP Z . 8.94 -63.34 -8.53
H3' GNP Z . 11.03 -64.62 -7.61
HO3' GNP Z . 10.61 -66.23 -9.26
H2' GNP Z . 12.54 -63.19 -8.98
HO2' GNP Z . 12.20 -65.77 -10.30
H1' GNP Z . 10.74 -64.18 -11.20
H8 GNP Z . 12.18 -60.71 -10.85
HN1 GNP Z . 15.18 -64.47 -15.12
HN21 GNP Z . 14.30 -66.70 -14.85
HN22 GNP Z . 13.06 -67.00 -13.67
MG MG AA . 11.67 -59.44 -3.27
PG GNP BA . -16.37 -61.60 8.65
O1G GNP BA . -15.44 -61.25 7.56
O2G GNP BA . -16.93 -60.37 9.23
O3G GNP BA . -15.66 -62.37 9.69
N3B GNP BA . -17.53 -62.47 8.06
PB GNP BA . -17.23 -63.57 7.03
O1B GNP BA . -17.14 -62.99 5.67
O2B GNP BA . -16.00 -64.27 7.43
O3A GNP BA . -18.46 -64.54 7.17
PA GNP BA . -18.16 -65.86 8.00
O1A GNP BA . -17.16 -66.65 7.28
O2A GNP BA . -17.63 -65.52 9.34
O5' GNP BA . -19.50 -66.69 8.18
C5' GNP BA . -20.51 -65.94 8.84
C4' GNP BA . -21.92 -66.57 8.91
O4' GNP BA . -22.52 -66.79 7.58
C3' GNP BA . -22.01 -67.94 9.57
O3' GNP BA . -23.35 -68.10 10.08
C2' GNP BA . -21.78 -68.83 8.39
O2' GNP BA . -22.14 -70.18 8.67
C1' GNP BA . -22.76 -68.22 7.43
N9 GNP BA . -22.58 -68.77 6.10
C8 GNP BA . -21.84 -68.30 5.11
N7 GNP BA . -21.96 -69.13 4.09
C5 GNP BA . -22.74 -70.13 4.46
C6 GNP BA . -23.15 -71.21 3.83
O6 GNP BA . -22.80 -71.44 2.66
N1 GNP BA . -23.99 -72.11 4.48
C2 GNP BA . -24.37 -71.84 5.79
N2 GNP BA . -25.17 -72.65 6.48
N3 GNP BA . -23.92 -70.74 6.38
C4 GNP BA . -23.12 -69.90 5.71
HNB3 GNP BA . -18.47 -62.31 8.32
H5'2 GNP BA . -20.60 -64.97 8.36
H5'1 GNP BA . -20.16 -65.81 9.84
H4' GNP BA . -22.49 -65.88 9.51
H3' GNP BA . -21.30 -68.06 10.37
HO3' GNP BA . -23.45 -69.02 10.47
H2' GNP BA . -20.78 -68.72 8.02
HO2' GNP BA . -23.09 -70.22 8.99
H1' GNP BA . -23.78 -68.44 7.75
H8 GNP BA . -21.28 -67.37 5.13
HN1 GNP BA . -24.31 -72.93 4.01
HN21 GNP BA . -25.51 -73.49 6.06
HN22 GNP BA . -25.42 -72.42 7.42
MG MG CA . -16.05 -64.31 9.40
PB GDP DA . -28.61 -45.41 32.40
O1B GDP DA . -29.64 -45.99 31.53
O2B GDP DA . -28.10 -44.17 31.76
O3B GDP DA . -27.49 -46.36 32.55
O3A GDP DA . -29.22 -45.05 33.84
PA GDP DA . -29.04 -46.01 35.14
O1A GDP DA . -28.77 -47.40 34.71
O2A GDP DA . -27.87 -45.49 35.90
O5' GDP DA . -30.37 -45.97 36.08
C5' GDP DA . -30.39 -45.14 37.24
C4' GDP DA . -31.58 -45.36 38.20
O4' GDP DA . -32.81 -45.19 37.39
C3' GDP DA . -31.70 -46.75 38.79
O3' GDP DA . -32.36 -46.65 40.07
C2' GDP DA . -32.59 -47.39 37.78
O2' GDP DA . -33.16 -48.59 38.26
C1' GDP DA . -33.64 -46.34 37.66
N9 GDP DA . -34.54 -46.71 36.55
C8 GDP DA . -34.17 -46.62 35.28
N7 GDP DA . -35.19 -47.03 34.53
C5 GDP DA . -36.17 -47.38 35.34
C6 GDP DA . -37.37 -47.86 35.08
O6 GDP DA . -37.75 -48.03 33.91
N1 GDP DA . -38.24 -48.15 36.11
C2 GDP DA . -37.80 -47.93 37.42
N2 GDP DA . -38.60 -48.20 38.44
N3 GDP DA . -36.57 -47.46 37.63
C4 GDP DA . -35.77 -47.18 36.60
H5' GDP DA . -30.44 -44.12 36.86
H5'' GDP DA . -29.47 -45.27 37.80
H4' GDP DA . -31.46 -44.69 39.03
H3' GDP DA . -30.75 -47.25 38.91
HO3' GDP DA . -32.52 -47.56 40.44
H2' GDP DA . -32.05 -47.51 36.85
HO2' GDP DA . -33.65 -48.42 39.11
H1' GDP DA . -34.17 -46.21 38.59
H8 GDP DA . -33.21 -46.27 34.91
HN1 GDP DA . -39.15 -48.51 35.92
HN21 GDP DA . -39.52 -48.55 38.25
HN22 GDP DA . -38.29 -48.05 39.38
PB GDP EA . -4.74 -22.34 45.78
O1B GDP EA . -3.29 -22.28 45.52
O2B GDP EA . -5.47 -21.85 44.59
O3B GDP EA . -5.12 -23.74 46.04
O3A GDP EA . -5.10 -21.45 47.05
PA GDP EA . -6.64 -21.28 47.42
O1A GDP EA . -7.38 -20.81 46.22
O2A GDP EA . -7.18 -22.58 47.86
O5' GDP EA . -6.81 -20.20 48.60
C5' GDP EA . -6.58 -20.57 49.96
C4' GDP EA . -6.29 -19.32 50.83
O4' GDP EA . -7.41 -18.33 50.73
C3' GDP EA . -6.21 -19.60 52.32
O3' GDP EA . -5.53 -18.52 52.99
C2' GDP EA . -7.68 -19.63 52.67
O2' GDP EA . -7.88 -19.62 54.08
C1' GDP EA . -8.10 -18.32 52.04
N9 GDP EA . -9.58 -18.24 51.95
C8 GDP EA . -10.31 -18.47 50.86
N7 GDP EA . -11.58 -18.31 51.18
C5 GDP EA . -11.66 -17.99 52.46
C6 GDP EA . -12.70 -17.74 53.25
O6 GDP EA . -13.85 -17.78 52.80
N1 GDP EA . -12.49 -17.43 54.59
C2 GDP EA . -11.19 -17.40 55.07
N2 GDP EA . -10.93 -17.11 56.34
N3 GDP EA . -10.18 -17.66 54.23
C4 GDP EA . -10.42 -17.95 52.94
H5' GDP EA . -5.71 -21.22 49.99
H5'' GDP EA . -7.45 -21.15 50.28
H4' GDP EA . -5.34 -18.93 50.46
H3' GDP EA . -5.70 -20.54 52.54
HO3' GDP EA . -5.66 -17.65 52.52
H2' GDP EA . -8.19 -20.44 52.22
HO2' GDP EA . -7.41 -18.83 54.48
H1' GDP EA . -7.75 -17.50 52.63
H8 GDP EA . -9.91 -18.72 49.89
HN1 GDP EA . -13.26 -17.23 55.20
HN21 GDP EA . -11.68 -16.92 56.96
HN22 GDP EA . -9.98 -17.08 56.65
PB GDP FA . 24.09 -18.06 32.94
O1B GDP FA . 24.45 -18.21 31.51
O2B GDP FA . 22.83 -17.28 33.02
O3B GDP FA . 23.87 -19.38 33.54
O3A GDP FA . 25.29 -17.28 33.72
PA GDP FA . 24.97 -16.25 34.92
O1A GDP FA . 23.82 -15.40 34.55
O2A GDP FA . 24.65 -17.03 36.14
O5' GDP FA . 26.25 -15.29 35.24
C5' GDP FA . 27.44 -15.23 34.45
C4' GDP FA . 28.55 -14.33 35.09
O4' GDP FA . 28.08 -12.92 35.05
C3' GDP FA . 28.79 -14.61 36.57
O3' GDP FA . 30.16 -14.34 36.91
C2' GDP FA . 27.90 -13.57 37.19
O2' GDP FA . 28.22 -13.38 38.57
C1' GDP FA . 28.30 -12.38 36.38
N9 GDP FA . 27.45 -11.23 36.68
C8 GDP FA . 26.26 -11.17 36.09
N7 GDP FA . 25.65 -10.08 36.50
C5 GDP FA . 26.44 -9.47 37.35
C6 GDP FA . 26.27 -8.34 38.03
O6 GDP FA . 25.23 -7.70 37.92
N1 GDP FA . 27.28 -7.89 38.89
C2 GDP FA . 28.44 -8.65 38.99
N2 GDP FA . 29.42 -8.27 39.80
N3 GDP FA . 28.55 -9.78 38.30
C4 GDP FA . 27.57 -10.17 37.46
H5' GDP FA . 27.17 -14.85 33.47
H5'' GDP FA . 27.83 -16.24 34.34
H4' GDP FA . 29.48 -14.51 34.53
H3' GDP FA . 28.54 -15.64 36.85
HO3' GDP FA . 30.77 -14.97 36.43
H2' GDP FA . 26.86 -13.80 37.00
HO2' GDP FA . 29.18 -13.17 38.67
H1' GDP FA . 29.36 -12.14 36.52
H8 GDP FA . 25.88 -11.89 35.37
HN1 GDP FA . 27.16 -7.04 39.41
HN21 GDP FA . 29.33 -7.42 40.33
HN22 GDP FA . 30.26 -8.81 39.87
#